data_7RM4
#
_entry.id   7RM4
#
_cell.length_a   127.226
_cell.length_b   55.144
_cell.length_c   304.877
_cell.angle_alpha   90.000
_cell.angle_beta   98.740
_cell.angle_gamma   90.000
#
_symmetry.space_group_name_H-M   'P 1 21 1'
#
loop_
_entity.id
_entity.type
_entity.pdbx_description
1 polymer 'HLA class I histocompatibility antigen, A alpha chain'
2 polymer Beta-2-microglobulin
3 polymer 'Cellular tumor antigen p53 peptide'
4 polymer '6-11 T cell receptor beta chain'
5 polymer '6-11 T cell receptor alpha chain'
#
loop_
_entity_poly.entity_id
_entity_poly.type
_entity_poly.pdbx_seq_one_letter_code
_entity_poly.pdbx_strand_id
1 'polypeptide(L)'
;GSHSMRYFFTSVSRPGRGEPRFIAVGYVDDTQFVRFDSDAASQRMEPRAPWIEQEGPEYWDGETRKVKAHSQTHRVDLGT
LRGYYNQSEAGSHTVQRMYGCDVGSDWRFLRGYHQYAYDGKDYIALKEDLRSWTAADMAAQTTKHKWEAAHVAEQLRAYL
EGTCVEWLRRYLENGKETLQRTDAPKTHMTHHAVSDHEATLRCWALSFYPAEITLTWQRDGEDQTQDTELVETRPAGDGT
FQKWAAVVVPSGQEQRYTCHVQHEGLPKPLTLRWE
;
A,F,K,P
2 'polypeptide(L)'
;MIQRTPKIQVYSRHPAENGKSNFLNCYVSGFHPSDIEVDLLKNGERIEKVEHSDLSFSKDWSFYLLYYTEFTPTEKDEYA
CRVNHVTLSQPKIVKWDRDM
;
B,G,L,Q
3 'polypeptide(L)' HMTEVVRHC C,H,M,R
4 'polypeptide(L)'
;MEAGVAQSPRYKIIEKRQSVAFWCNPISGHATLYWYQQILGQGPKLLIQFQNNGVVDDSQLPKDRFSAERLKGVDSTLKI
QPAKLEDSAVYLCASSLDPGDTGELFFGEGSRLTVLEDLKNVFPPEVAVFEPSEAEISHTQKATLVCLATGFYPDHVELS
WWVNGKEVHSGVCTDPQPLKEQPALNDSRYALSSRLRVSATFWQNPRNHFRCQVQFYGLSENDEWTQDRAKPVTQIVSAE
AWGRAD
;
D,I,N,S
5 'polypeptide(L)'
;MSQKIEQNSEALNIQEGKTATLTCNYTNYSPAYLQWYRQDPGRGPVFLLLIRENEKEKRKERLKVTFDTTLKQSLFHITA
SQPADSATYLCALDIYPHDMRFGAGTRLTVKPNIQNPDPAVYQLRDSKSSDKSVCLFTDFDSQTNVSQSKDSDVYITDKC
VLDMRSMDFKSNSAVAWSNKSDFACANAFNNSIIPEDTFFPSPESS
;
E,J,O,T
#
# COMPACT_ATOMS: atom_id res chain seq x y z
N GLY A 1 -68.42 -2.27 -58.16
CA GLY A 1 -67.44 -1.92 -57.16
C GLY A 1 -67.03 -3.05 -56.24
N SER A 2 -65.78 -3.02 -55.79
CA SER A 2 -65.23 -4.01 -54.89
C SER A 2 -65.50 -3.59 -53.44
N HIS A 3 -65.15 -4.45 -52.48
CA HIS A 3 -65.47 -4.16 -51.09
C HIS A 3 -64.38 -4.70 -50.19
N SER A 4 -64.35 -4.18 -48.96
CA SER A 4 -63.30 -4.53 -48.02
C SER A 4 -63.79 -4.24 -46.60
N MET A 5 -63.44 -5.14 -45.68
CA MET A 5 -63.60 -4.95 -44.26
C MET A 5 -62.23 -4.89 -43.60
N ARG A 6 -61.99 -3.84 -42.81
CA ARG A 6 -60.70 -3.66 -42.16
C ARG A 6 -60.92 -3.38 -40.67
N TYR A 7 -59.90 -3.69 -39.89
CA TYR A 7 -59.89 -3.47 -38.44
C TYR A 7 -58.58 -2.77 -38.09
N PHE A 8 -58.68 -1.69 -37.33
CA PHE A 8 -57.53 -0.86 -36.97
C PHE A 8 -57.42 -0.81 -35.45
N PHE A 9 -56.26 -1.22 -34.94
CA PHE A 9 -56.01 -1.28 -33.50
C PHE A 9 -54.83 -0.39 -33.15
N THR A 10 -55.00 0.44 -32.12
CA THR A 10 -53.97 1.35 -31.65
C THR A 10 -53.83 1.21 -30.14
N SER A 11 -52.59 1.24 -29.65
CA SER A 11 -52.35 1.03 -28.22
C SER A 11 -51.17 1.93 -27.83
N VAL A 12 -51.43 2.92 -27.00
CA VAL A 12 -50.43 3.93 -26.62
C VAL A 12 -50.21 3.80 -25.12
N SER A 13 -48.95 3.64 -24.72
CA SER A 13 -48.61 3.42 -23.33
C SER A 13 -48.70 4.70 -22.53
N ARG A 14 -48.89 4.55 -21.21
CA ARG A 14 -48.99 5.68 -20.29
C ARG A 14 -48.17 5.35 -19.04
N PRO A 15 -46.92 5.81 -18.97
CA PRO A 15 -46.10 5.55 -17.78
C PRO A 15 -46.61 6.33 -16.58
N GLY A 16 -46.74 5.63 -15.45
CA GLY A 16 -47.22 6.24 -14.22
C GLY A 16 -48.71 6.50 -14.20
N ARG A 17 -49.34 6.51 -15.37
CA ARG A 17 -50.77 6.74 -15.50
C ARG A 17 -51.54 5.44 -15.68
N GLY A 18 -50.99 4.33 -15.23
CA GLY A 18 -51.69 3.06 -15.22
C GLY A 18 -51.53 2.22 -16.47
N GLU A 19 -52.62 1.60 -16.91
CA GLU A 19 -52.60 0.69 -18.04
C GLU A 19 -52.64 1.50 -19.34
N PRO A 20 -52.04 0.98 -20.40
CA PRO A 20 -52.02 1.71 -21.67
C PRO A 20 -53.40 1.85 -22.28
N ARG A 21 -53.61 2.98 -22.94
CA ARG A 21 -54.89 3.24 -23.59
C ARG A 21 -54.99 2.43 -24.86
N PHE A 22 -56.13 1.74 -25.02
CA PHE A 22 -56.35 0.88 -26.18
C PHE A 22 -57.61 1.33 -26.90
N ILE A 23 -57.51 1.44 -28.23
CA ILE A 23 -58.64 1.83 -29.06
C ILE A 23 -58.64 0.99 -30.32
N ALA A 24 -59.76 0.33 -30.59
CA ALA A 24 -59.95 -0.47 -31.79
C ALA A 24 -61.20 0.02 -32.51
N VAL A 25 -61.14 0.03 -33.84
CA VAL A 25 -62.25 0.48 -34.68
C VAL A 25 -62.29 -0.38 -35.93
N GLY A 26 -63.48 -0.65 -36.41
CA GLY A 26 -63.69 -1.51 -37.57
C GLY A 26 -64.43 -0.78 -38.67
N TYR A 27 -64.05 -1.08 -39.91
CA TYR A 27 -64.62 -0.45 -41.09
C TYR A 27 -65.12 -1.54 -42.04
N VAL A 28 -66.23 -1.25 -42.71
CA VAL A 28 -66.62 -1.93 -43.93
C VAL A 28 -66.57 -0.90 -45.05
N ASP A 29 -65.71 -1.14 -46.03
CA ASP A 29 -65.33 -0.11 -46.99
C ASP A 29 -64.91 1.15 -46.24
N ASP A 30 -65.67 2.24 -46.43
CA ASP A 30 -65.35 3.52 -45.80
C ASP A 30 -66.28 3.87 -44.66
N THR A 31 -67.17 2.95 -44.28
CA THR A 31 -68.15 3.18 -43.23
C THR A 31 -67.72 2.44 -41.97
N GLN A 32 -67.50 3.18 -40.88
CA GLN A 32 -67.16 2.57 -39.60
C GLN A 32 -68.41 1.96 -38.99
N PHE A 33 -68.25 0.78 -38.38
CA PHE A 33 -69.41 0.05 -37.86
C PHE A 33 -69.26 -0.53 -36.46
N VAL A 34 -68.05 -0.54 -35.88
CA VAL A 34 -67.83 -0.96 -34.49
C VAL A 34 -66.68 -0.16 -33.92
N ARG A 35 -66.61 -0.07 -32.60
CA ARG A 35 -65.49 0.58 -31.94
C ARG A 35 -65.35 0.08 -30.51
N PHE A 36 -64.17 0.33 -29.95
CA PHE A 36 -63.85 0.03 -28.55
C PHE A 36 -62.90 1.10 -28.05
N ASP A 37 -63.00 1.41 -26.75
CA ASP A 37 -62.21 2.50 -26.17
C ASP A 37 -61.97 2.15 -24.71
N SER A 38 -60.71 1.86 -24.35
CA SER A 38 -60.41 1.37 -23.01
C SER A 38 -60.72 2.39 -21.93
N ASP A 39 -60.73 3.68 -22.26
CA ASP A 39 -61.08 4.70 -21.29
C ASP A 39 -62.58 4.92 -21.19
N ALA A 40 -63.37 4.35 -22.10
CA ALA A 40 -64.81 4.56 -22.11
C ALA A 40 -65.47 3.74 -21.01
N ALA A 41 -66.76 4.03 -20.78
CA ALA A 41 -67.47 3.45 -19.65
C ALA A 41 -67.74 1.96 -19.82
N SER A 42 -68.33 1.58 -20.96
CA SER A 42 -68.98 0.27 -21.09
C SER A 42 -68.00 -0.89 -20.98
N GLN A 43 -66.71 -0.67 -21.22
CA GLN A 43 -65.72 -1.76 -21.34
C GLN A 43 -66.20 -2.84 -22.31
N ARG A 44 -66.88 -2.43 -23.37
CA ARG A 44 -67.53 -3.42 -24.23
C ARG A 44 -67.63 -2.86 -25.64
N MET A 45 -67.49 -3.74 -26.63
CA MET A 45 -67.47 -3.33 -28.03
C MET A 45 -68.84 -2.78 -28.43
N GLU A 46 -68.87 -1.55 -28.92
CA GLU A 46 -70.09 -0.82 -29.25
C GLU A 46 -70.38 -0.89 -30.74
N PRO A 47 -71.64 -0.70 -31.13
CA PRO A 47 -71.97 -0.51 -32.55
C PRO A 47 -71.90 0.96 -32.87
N ARG A 48 -71.84 1.21 -34.19
CA ARG A 48 -71.72 2.55 -34.80
C ARG A 48 -72.37 2.63 -36.17
N ALA A 49 -73.28 1.72 -36.50
CA ALA A 49 -74.02 1.71 -37.74
C ALA A 49 -75.30 0.93 -37.41
N PRO A 50 -76.46 1.41 -37.86
CA PRO A 50 -77.71 0.74 -37.46
C PRO A 50 -77.75 -0.74 -37.84
N TRP A 51 -77.19 -1.09 -38.99
CA TRP A 51 -77.31 -2.46 -39.47
C TRP A 51 -76.48 -3.46 -38.68
N ILE A 52 -75.72 -3.02 -37.67
CA ILE A 52 -74.96 -3.94 -36.83
C ILE A 52 -75.56 -4.07 -35.44
N GLU A 53 -76.56 -3.25 -35.10
CA GLU A 53 -77.36 -3.53 -33.91
C GLU A 53 -78.25 -4.74 -34.13
N GLN A 54 -78.35 -5.22 -35.38
CA GLN A 54 -79.11 -6.42 -35.70
C GLN A 54 -78.60 -7.65 -34.97
N GLU A 55 -77.36 -7.61 -34.48
CA GLU A 55 -76.75 -8.79 -33.90
C GLU A 55 -77.23 -9.04 -32.47
N GLY A 56 -77.38 -10.32 -32.14
CA GLY A 56 -77.74 -10.72 -30.81
C GLY A 56 -76.58 -10.56 -29.85
N PRO A 57 -76.81 -10.94 -28.59
CA PRO A 57 -75.72 -10.88 -27.60
C PRO A 57 -74.66 -11.93 -27.81
N GLU A 58 -74.93 -13.01 -28.55
CA GLU A 58 -73.90 -14.00 -28.84
C GLU A 58 -72.71 -13.38 -29.57
N TYR A 59 -72.97 -12.35 -30.37
CA TYR A 59 -71.93 -11.70 -31.17
C TYR A 59 -71.20 -10.64 -30.36
N TRP A 60 -71.95 -9.77 -29.69
CA TRP A 60 -71.35 -8.66 -28.97
C TRP A 60 -70.49 -9.13 -27.82
N ASP A 61 -70.90 -10.23 -27.16
CA ASP A 61 -70.02 -10.89 -26.20
C ASP A 61 -68.70 -11.26 -26.84
N GLY A 62 -68.74 -11.82 -28.04
CA GLY A 62 -67.55 -12.25 -28.75
C GLY A 62 -66.60 -11.12 -29.08
N GLU A 63 -67.01 -10.19 -29.94
CA GLU A 63 -66.16 -9.04 -30.26
C GLU A 63 -65.72 -8.27 -29.03
N THR A 64 -66.38 -8.45 -27.88
CA THR A 64 -65.86 -7.86 -26.65
C THR A 64 -64.76 -8.72 -26.04
N ARG A 65 -64.95 -10.05 -26.02
CA ARG A 65 -63.89 -10.92 -25.54
C ARG A 65 -62.69 -10.88 -26.46
N LYS A 66 -62.93 -10.88 -27.77
CA LYS A 66 -61.82 -10.83 -28.73
C LYS A 66 -61.06 -9.52 -28.63
N VAL A 67 -61.77 -8.40 -28.49
CA VAL A 67 -61.08 -7.10 -28.46
C VAL A 67 -60.33 -6.93 -27.16
N LYS A 68 -60.84 -7.52 -26.07
CA LYS A 68 -60.08 -7.54 -24.83
C LYS A 68 -58.83 -8.39 -24.96
N ALA A 69 -58.85 -9.40 -25.86
CA ALA A 69 -57.65 -10.18 -26.13
C ALA A 69 -56.61 -9.35 -26.86
N HIS A 70 -57.00 -8.70 -27.96
CA HIS A 70 -56.11 -7.75 -28.62
C HIS A 70 -55.55 -6.75 -27.62
N SER A 71 -56.42 -6.22 -26.75
CA SER A 71 -56.01 -5.20 -25.79
C SER A 71 -54.89 -5.69 -24.88
N GLN A 72 -55.06 -6.87 -24.29
CA GLN A 72 -54.03 -7.41 -23.40
C GLN A 72 -52.86 -8.05 -24.14
N THR A 73 -52.93 -8.17 -25.46
CA THR A 73 -51.71 -8.48 -26.22
C THR A 73 -50.86 -7.24 -26.41
N HIS A 74 -51.46 -6.18 -26.93
CA HIS A 74 -50.74 -4.92 -27.08
C HIS A 74 -50.24 -4.42 -25.73
N ARG A 75 -50.96 -4.75 -24.64
CA ARG A 75 -50.51 -4.37 -23.31
C ARG A 75 -49.15 -4.98 -22.99
N VAL A 76 -48.99 -6.27 -23.28
CA VAL A 76 -47.71 -6.94 -23.08
C VAL A 76 -46.69 -6.54 -24.14
N ASP A 77 -47.14 -6.41 -25.40
CA ASP A 77 -46.20 -6.14 -26.49
C ASP A 77 -45.45 -4.85 -26.28
N LEU A 78 -46.12 -3.81 -25.76
CA LEU A 78 -45.42 -2.56 -25.48
C LEU A 78 -44.23 -2.80 -24.55
N GLY A 79 -44.44 -3.55 -23.48
CA GLY A 79 -43.33 -3.93 -22.61
C GLY A 79 -42.35 -4.85 -23.29
N THR A 80 -42.82 -5.66 -24.24
CA THR A 80 -41.92 -6.54 -24.99
C THR A 80 -41.03 -5.72 -25.91
N LEU A 81 -41.62 -4.81 -26.69
CA LEU A 81 -40.83 -4.03 -27.65
C LEU A 81 -39.88 -3.10 -26.91
N ARG A 82 -40.31 -2.53 -25.79
CA ARG A 82 -39.43 -1.71 -24.96
C ARG A 82 -38.17 -2.47 -24.57
N GLY A 83 -38.29 -3.77 -24.32
CA GLY A 83 -37.13 -4.60 -24.05
C GLY A 83 -36.40 -4.98 -25.33
N TYR A 84 -37.16 -5.25 -26.39
CA TYR A 84 -36.56 -5.52 -27.69
C TYR A 84 -35.65 -4.38 -28.14
N TYR A 85 -36.05 -3.14 -27.87
CA TYR A 85 -35.32 -1.98 -28.36
C TYR A 85 -34.46 -1.32 -27.29
N ASN A 86 -34.44 -1.89 -26.08
CA ASN A 86 -33.60 -1.40 -24.98
C ASN A 86 -33.93 0.07 -24.65
N GLN A 87 -35.22 0.34 -24.51
CA GLN A 87 -35.73 1.66 -24.14
C GLN A 87 -36.18 1.64 -22.69
N SER A 88 -36.23 2.83 -22.10
CA SER A 88 -36.72 2.95 -20.74
C SER A 88 -38.24 3.07 -20.73
N GLU A 89 -38.84 2.71 -19.61
CA GLU A 89 -40.27 2.85 -19.40
C GLU A 89 -40.61 4.25 -18.91
N ALA A 90 -40.00 5.25 -19.52
CA ALA A 90 -40.26 6.65 -19.24
C ALA A 90 -40.94 7.37 -20.39
N GLY A 91 -40.68 6.97 -21.63
CA GLY A 91 -41.34 7.56 -22.76
C GLY A 91 -42.56 6.74 -23.15
N SER A 92 -43.54 7.43 -23.74
CA SER A 92 -44.76 6.79 -24.20
C SER A 92 -44.53 6.22 -25.59
N HIS A 93 -44.93 4.99 -25.79
CA HIS A 93 -44.71 4.29 -27.05
C HIS A 93 -46.03 3.78 -27.60
N THR A 94 -46.05 3.57 -28.92
CA THR A 94 -47.28 3.35 -29.66
C THR A 94 -47.19 2.09 -30.49
N VAL A 95 -48.15 1.21 -30.31
CA VAL A 95 -48.29 -0.02 -31.09
C VAL A 95 -49.56 0.06 -31.92
N GLN A 96 -49.45 -0.23 -33.21
CA GLN A 96 -50.58 -0.27 -34.10
C GLN A 96 -50.67 -1.63 -34.79
N ARG A 97 -51.87 -2.03 -35.21
CA ARG A 97 -52.11 -3.32 -35.88
C ARG A 97 -53.27 -3.14 -36.82
N MET A 98 -53.23 -3.77 -37.98
CA MET A 98 -54.21 -3.59 -39.05
C MET A 98 -54.40 -4.90 -39.78
N TYR A 99 -55.66 -5.28 -39.99
CA TYR A 99 -55.94 -6.45 -40.82
C TYR A 99 -57.35 -6.37 -41.40
N GLY A 100 -57.53 -7.07 -42.51
CA GLY A 100 -58.81 -7.10 -43.18
C GLY A 100 -58.73 -7.92 -44.44
N CYS A 101 -59.79 -7.84 -45.25
CA CYS A 101 -59.89 -8.67 -46.44
C CYS A 101 -60.70 -7.95 -47.52
N ASP A 102 -60.29 -8.12 -48.77
CA ASP A 102 -60.95 -7.51 -49.92
C ASP A 102 -61.65 -8.55 -50.77
N VAL A 103 -62.69 -8.12 -51.48
CA VAL A 103 -63.45 -8.96 -52.39
C VAL A 103 -63.69 -8.20 -53.69
N GLY A 104 -64.01 -8.96 -54.73
CA GLY A 104 -64.29 -8.38 -56.04
C GLY A 104 -65.73 -7.93 -56.14
N SER A 105 -66.16 -7.68 -57.39
CA SER A 105 -67.56 -7.35 -57.62
C SER A 105 -68.44 -8.57 -57.39
N ASP A 106 -67.89 -9.76 -57.63
CA ASP A 106 -68.52 -11.04 -57.33
C ASP A 106 -68.39 -11.46 -55.87
N TRP A 107 -67.90 -10.57 -55.00
CA TRP A 107 -67.74 -10.81 -53.57
C TRP A 107 -66.84 -12.00 -53.27
N ARG A 108 -66.05 -12.46 -54.22
CA ARG A 108 -65.09 -13.53 -53.96
C ARG A 108 -63.82 -12.95 -53.34
N PHE A 109 -63.17 -13.74 -52.49
CA PHE A 109 -61.93 -13.30 -51.86
C PHE A 109 -60.93 -12.83 -52.90
N LEU A 110 -60.24 -11.74 -52.58
CA LEU A 110 -59.29 -11.12 -53.50
C LEU A 110 -57.89 -11.01 -52.89
N ARG A 111 -57.79 -10.57 -51.65
CA ARG A 111 -56.51 -10.36 -51.00
C ARG A 111 -56.76 -10.03 -49.53
N GLY A 112 -55.81 -10.45 -48.69
CA GLY A 112 -55.86 -10.18 -47.28
C GLY A 112 -54.62 -9.41 -46.85
N TYR A 113 -54.67 -8.92 -45.61
CA TYR A 113 -53.49 -8.23 -45.06
C TYR A 113 -53.55 -8.11 -43.56
N HIS A 114 -52.41 -8.29 -42.93
CA HIS A 114 -52.24 -8.18 -41.49
C HIS A 114 -50.85 -7.61 -41.26
N GLN A 115 -50.75 -6.59 -40.42
CA GLN A 115 -49.44 -5.97 -40.23
C GLN A 115 -49.41 -5.11 -38.97
N TYR A 116 -48.22 -5.05 -38.39
CA TYR A 116 -47.94 -4.50 -37.07
C TYR A 116 -47.00 -3.31 -37.22
N ALA A 117 -47.02 -2.40 -36.24
CA ALA A 117 -46.15 -1.23 -36.30
C ALA A 117 -45.85 -0.75 -34.89
N TYR A 118 -44.60 -0.31 -34.68
CA TYR A 118 -44.16 0.23 -33.41
C TYR A 118 -43.70 1.67 -33.61
N ASP A 119 -44.34 2.60 -32.89
CA ASP A 119 -43.91 4.00 -32.83
C ASP A 119 -43.88 4.67 -34.21
N GLY A 120 -44.87 4.35 -35.04
CA GLY A 120 -45.03 5.04 -36.30
C GLY A 120 -44.29 4.46 -37.49
N LYS A 121 -43.48 3.42 -37.28
CA LYS A 121 -42.71 2.79 -38.33
C LYS A 121 -43.09 1.31 -38.42
N ASP A 122 -42.83 0.73 -39.59
CA ASP A 122 -43.15 -0.68 -39.83
C ASP A 122 -42.44 -1.58 -38.83
N TYR A 123 -43.09 -2.68 -38.46
CA TYR A 123 -42.43 -3.67 -37.61
C TYR A 123 -42.49 -5.06 -38.23
N ILE A 124 -43.69 -5.62 -38.39
CA ILE A 124 -43.85 -6.92 -39.04
C ILE A 124 -45.13 -6.90 -39.87
N ALA A 125 -45.20 -7.81 -40.83
CA ALA A 125 -46.29 -7.80 -41.80
C ALA A 125 -46.36 -9.13 -42.52
N LEU A 126 -47.58 -9.66 -42.64
CA LEU A 126 -47.83 -10.83 -43.46
C LEU A 126 -47.53 -10.53 -44.92
N LYS A 127 -46.83 -11.45 -45.58
CA LYS A 127 -46.46 -11.31 -47.00
C LYS A 127 -47.74 -11.40 -47.82
N GLU A 128 -47.80 -10.78 -48.99
CA GLU A 128 -49.08 -10.71 -49.70
C GLU A 128 -49.67 -12.08 -49.99
N ASP A 129 -48.83 -13.12 -50.08
CA ASP A 129 -49.35 -14.46 -50.30
C ASP A 129 -49.86 -15.11 -49.02
N LEU A 130 -49.87 -14.38 -47.90
CA LEU A 130 -50.44 -14.81 -46.63
C LEU A 130 -49.82 -16.09 -46.07
N ARG A 131 -48.59 -16.43 -46.44
CA ARG A 131 -47.95 -17.64 -45.94
C ARG A 131 -46.60 -17.40 -45.26
N SER A 132 -46.11 -16.17 -45.20
CA SER A 132 -44.92 -15.87 -44.42
C SER A 132 -44.87 -14.38 -44.10
N TRP A 133 -43.96 -14.01 -43.21
CA TRP A 133 -43.85 -12.67 -42.68
C TRP A 133 -42.68 -11.91 -43.30
N THR A 134 -42.76 -10.58 -43.19
CA THR A 134 -41.66 -9.67 -43.52
C THR A 134 -41.40 -8.84 -42.28
N ALA A 135 -40.29 -9.14 -41.60
CA ALA A 135 -39.85 -8.35 -40.47
C ALA A 135 -39.05 -7.15 -40.96
N ALA A 136 -39.34 -5.98 -40.41
CA ALA A 136 -38.66 -4.76 -40.83
C ALA A 136 -37.42 -4.44 -40.01
N ASP A 137 -37.11 -5.26 -39.03
CA ASP A 137 -35.97 -4.89 -38.20
C ASP A 137 -35.23 -6.13 -37.74
N MET A 138 -34.13 -5.89 -37.08
CA MET A 138 -33.44 -6.99 -36.42
C MET A 138 -34.27 -7.51 -35.26
N ALA A 139 -34.93 -6.61 -34.53
CA ALA A 139 -35.76 -7.01 -33.41
C ALA A 139 -36.97 -7.81 -33.87
N ALA A 140 -37.63 -7.36 -34.94
CA ALA A 140 -38.81 -8.03 -35.46
C ALA A 140 -38.52 -9.45 -35.92
N GLN A 141 -37.26 -9.77 -36.19
CA GLN A 141 -36.89 -11.15 -36.48
C GLN A 141 -37.25 -12.07 -35.32
N THR A 142 -36.98 -11.61 -34.09
CA THR A 142 -37.33 -12.40 -32.91
C THR A 142 -38.83 -12.71 -32.88
N THR A 143 -39.66 -11.72 -33.21
CA THR A 143 -41.10 -11.95 -33.33
C THR A 143 -41.38 -12.96 -34.43
N LYS A 144 -40.78 -12.73 -35.61
CA LYS A 144 -40.95 -13.62 -36.75
C LYS A 144 -40.71 -15.08 -36.38
N HIS A 145 -39.57 -15.37 -35.73
CA HIS A 145 -39.25 -16.73 -35.33
C HIS A 145 -40.33 -17.30 -34.41
N LYS A 146 -40.75 -16.47 -33.49
CA LYS A 146 -41.71 -16.88 -32.46
C LYS A 146 -43.00 -17.29 -33.14
N TRP A 147 -43.41 -16.51 -34.12
CA TRP A 147 -44.67 -16.72 -34.83
C TRP A 147 -44.56 -17.76 -35.94
N GLU A 148 -43.40 -17.90 -36.55
CA GLU A 148 -43.18 -19.03 -37.46
C GLU A 148 -43.32 -20.35 -36.71
N ALA A 149 -42.88 -20.38 -35.45
CA ALA A 149 -42.93 -21.58 -34.64
C ALA A 149 -44.34 -21.93 -34.20
N ALA A 150 -45.26 -20.97 -34.21
CA ALA A 150 -46.63 -21.20 -33.79
C ALA A 150 -47.60 -21.27 -34.97
N HIS A 151 -47.10 -21.24 -36.20
CA HIS A 151 -47.91 -21.34 -37.41
C HIS A 151 -48.98 -20.25 -37.49
N VAL A 152 -48.65 -19.05 -37.01
CA VAL A 152 -49.64 -17.96 -36.96
C VAL A 152 -50.13 -17.64 -38.37
N ALA A 153 -49.22 -17.63 -39.34
CA ALA A 153 -49.59 -17.34 -40.72
C ALA A 153 -50.66 -18.28 -41.24
N GLU A 154 -50.53 -19.56 -40.94
CA GLU A 154 -51.49 -20.55 -41.47
C GLU A 154 -52.85 -20.32 -40.84
N GLN A 155 -52.92 -19.54 -39.78
CA GLN A 155 -54.21 -19.34 -39.04
C GLN A 155 -54.76 -17.95 -39.31
N LEU A 156 -53.93 -16.98 -39.62
CA LEU A 156 -54.49 -15.67 -39.98
C LEU A 156 -54.95 -15.82 -41.39
N ARG A 157 -54.27 -16.62 -42.17
CA ARG A 157 -54.80 -16.82 -43.54
C ARG A 157 -56.17 -17.46 -43.45
N ALA A 158 -56.31 -18.53 -42.68
CA ALA A 158 -57.60 -19.19 -42.51
C ALA A 158 -58.68 -18.19 -42.15
N TYR A 159 -58.38 -17.27 -41.22
CA TYR A 159 -59.34 -16.23 -40.91
C TYR A 159 -59.52 -15.27 -42.08
N LEU A 160 -58.44 -14.93 -42.77
CA LEU A 160 -58.50 -13.91 -43.81
C LEU A 160 -59.25 -14.41 -45.03
N GLU A 161 -58.91 -15.62 -45.51
CA GLU A 161 -59.53 -16.17 -46.70
C GLU A 161 -60.91 -16.74 -46.43
N GLY A 162 -61.23 -17.06 -45.18
CA GLY A 162 -62.51 -17.66 -44.87
C GLY A 162 -63.45 -16.78 -44.08
N THR A 163 -63.37 -16.90 -42.75
CA THR A 163 -64.29 -16.19 -41.85
C THR A 163 -64.39 -14.71 -42.16
N CYS A 164 -63.29 -14.09 -42.63
CA CYS A 164 -63.29 -12.65 -42.84
C CYS A 164 -64.20 -12.24 -43.99
N VAL A 165 -64.11 -12.95 -45.11
CA VAL A 165 -64.90 -12.59 -46.28
C VAL A 165 -66.34 -13.06 -46.15
N GLU A 166 -66.60 -14.10 -45.36
CA GLU A 166 -67.98 -14.49 -45.10
C GLU A 166 -68.72 -13.39 -44.35
N TRP A 167 -68.18 -12.97 -43.21
CA TRP A 167 -68.84 -11.93 -42.43
C TRP A 167 -68.90 -10.60 -43.19
N LEU A 168 -67.95 -10.37 -44.10
CA LEU A 168 -68.07 -9.21 -44.97
C LEU A 168 -69.29 -9.34 -45.86
N ARG A 169 -69.52 -10.54 -46.40
CA ARG A 169 -70.74 -10.79 -47.17
C ARG A 169 -71.98 -10.58 -46.32
N ARG A 170 -72.01 -11.20 -45.12
CA ARG A 170 -73.06 -10.92 -44.16
C ARG A 170 -73.23 -9.42 -43.94
N TYR A 171 -72.13 -8.72 -43.70
CA TYR A 171 -72.21 -7.30 -43.40
C TYR A 171 -72.77 -6.52 -44.58
N LEU A 172 -72.29 -6.81 -45.79
CA LEU A 172 -72.82 -6.15 -46.97
C LEU A 172 -74.28 -6.51 -47.18
N GLU A 173 -74.66 -7.76 -46.90
CA GLU A 173 -76.03 -8.20 -47.11
C GLU A 173 -76.97 -7.61 -46.07
N ASN A 174 -76.50 -7.46 -44.83
CA ASN A 174 -77.33 -6.89 -43.78
C ASN A 174 -77.57 -5.39 -44.02
N GLY A 175 -76.55 -4.69 -44.51
CA GLY A 175 -76.64 -3.26 -44.71
C GLY A 175 -76.60 -2.84 -46.16
N LYS A 176 -77.24 -3.64 -47.03
CA LYS A 176 -77.34 -3.31 -48.44
C LYS A 176 -77.96 -1.93 -48.63
N GLU A 177 -78.72 -1.46 -47.64
CA GLU A 177 -79.19 -0.07 -47.59
C GLU A 177 -78.02 0.90 -47.79
N THR A 178 -76.98 0.77 -46.98
CA THR A 178 -75.92 1.76 -46.87
C THR A 178 -74.64 1.38 -47.60
N LEU A 179 -74.08 0.20 -47.29
CA LEU A 179 -72.74 -0.14 -47.77
C LEU A 179 -72.68 -0.36 -49.27
N GLN A 180 -73.80 -0.62 -49.94
CA GLN A 180 -73.82 -0.88 -51.36
C GLN A 180 -74.34 0.30 -52.17
N ARG A 181 -74.52 1.46 -51.52
CA ARG A 181 -74.99 2.61 -52.25
C ARG A 181 -73.86 3.22 -53.06
N THR A 182 -74.21 4.19 -53.91
CA THR A 182 -73.21 4.86 -54.74
C THR A 182 -73.69 6.30 -54.93
N ASP A 183 -73.24 7.19 -54.05
CA ASP A 183 -73.63 8.60 -54.11
C ASP A 183 -72.63 9.32 -55.00
N ALA A 184 -73.13 9.92 -56.07
CA ALA A 184 -72.25 10.57 -57.03
C ALA A 184 -71.97 12.02 -56.61
N PRO A 185 -70.84 12.58 -57.02
CA PRO A 185 -70.46 13.91 -56.53
C PRO A 185 -71.32 15.00 -57.13
N LYS A 186 -71.52 16.06 -56.35
CA LYS A 186 -72.27 17.24 -56.77
C LYS A 186 -71.23 18.27 -57.16
N THR A 187 -70.81 18.21 -58.43
CA THR A 187 -69.63 18.90 -58.90
C THR A 187 -69.95 20.30 -59.40
N HIS A 188 -68.99 21.21 -59.21
CA HIS A 188 -69.05 22.55 -59.78
C HIS A 188 -67.64 23.14 -59.77
N MET A 189 -67.50 24.29 -60.41
CA MET A 189 -66.23 24.97 -60.53
C MET A 189 -66.39 26.43 -60.11
N THR A 190 -65.53 26.89 -59.22
CA THR A 190 -65.49 28.29 -58.82
C THR A 190 -64.24 28.95 -59.37
N HIS A 191 -64.26 30.28 -59.41
CA HIS A 191 -63.25 31.07 -60.10
C HIS A 191 -62.87 32.27 -59.25
N HIS A 192 -61.64 32.30 -58.76
CA HIS A 192 -61.17 33.33 -57.84
C HIS A 192 -60.02 34.08 -58.48
N ALA A 193 -60.23 35.36 -58.79
CA ALA A 193 -59.20 36.18 -59.40
C ALA A 193 -58.16 36.57 -58.34
N VAL A 194 -56.93 36.10 -58.52
CA VAL A 194 -55.84 36.43 -57.61
C VAL A 194 -55.38 37.86 -57.84
N SER A 195 -54.83 38.13 -59.02
CA SER A 195 -54.39 39.48 -59.38
C SER A 195 -55.04 39.86 -60.71
N ASP A 196 -54.42 40.79 -61.43
CA ASP A 196 -54.87 41.10 -62.78
C ASP A 196 -54.38 40.07 -63.80
N HIS A 197 -53.47 39.19 -63.39
CA HIS A 197 -52.79 38.28 -64.30
C HIS A 197 -53.22 36.83 -64.15
N GLU A 198 -53.31 36.32 -62.92
CA GLU A 198 -53.69 34.94 -62.67
C GLU A 198 -55.08 34.87 -62.06
N ALA A 199 -55.68 33.68 -62.15
CA ALA A 199 -57.00 33.41 -61.61
C ALA A 199 -57.06 31.94 -61.23
N THR A 200 -57.63 31.66 -60.05
CA THR A 200 -57.70 30.31 -59.51
C THR A 200 -58.98 29.62 -59.94
N LEU A 201 -58.84 28.45 -60.54
CA LEU A 201 -59.97 27.61 -60.93
C LEU A 201 -60.06 26.46 -59.93
N ARG A 202 -61.10 26.46 -59.11
CA ARG A 202 -61.32 25.40 -58.13
C ARG A 202 -62.47 24.51 -58.58
N CYS A 203 -62.22 23.21 -58.59
CA CYS A 203 -63.16 22.21 -59.11
C CYS A 203 -63.55 21.30 -57.95
N TRP A 204 -64.80 21.42 -57.49
CA TRP A 204 -65.27 20.76 -56.28
C TRP A 204 -65.96 19.44 -56.60
N ALA A 205 -65.95 18.54 -55.62
CA ALA A 205 -66.75 17.32 -55.65
C ALA A 205 -67.22 17.08 -54.23
N LEU A 206 -68.52 17.23 -53.99
CA LEU A 206 -69.08 17.15 -52.65
C LEU A 206 -70.09 16.01 -52.55
N SER A 207 -70.18 15.44 -51.35
CA SER A 207 -71.22 14.49 -50.96
C SER A 207 -71.23 13.26 -51.90
N PHE A 208 -70.20 12.43 -51.72
CA PHE A 208 -70.11 11.19 -52.47
C PHE A 208 -69.65 10.04 -51.58
N TYR A 209 -69.95 8.82 -52.04
CA TYR A 209 -69.56 7.55 -51.43
C TYR A 209 -69.64 6.47 -52.50
N PRO A 210 -68.63 5.59 -52.61
CA PRO A 210 -67.44 5.48 -51.76
C PRO A 210 -66.42 6.59 -52.02
N ALA A 211 -65.35 6.66 -51.24
CA ALA A 211 -64.48 7.82 -51.43
C ALA A 211 -63.33 7.63 -52.40
N GLU A 212 -63.25 6.56 -53.16
CA GLU A 212 -62.13 6.54 -54.11
C GLU A 212 -62.60 7.34 -55.30
N ILE A 213 -62.09 8.55 -55.46
CA ILE A 213 -62.48 9.43 -56.58
C ILE A 213 -61.18 9.99 -57.15
N THR A 214 -61.24 10.45 -58.39
CA THR A 214 -60.08 10.91 -59.16
C THR A 214 -60.37 12.26 -59.80
N LEU A 215 -59.65 13.28 -59.36
CA LEU A 215 -59.73 14.63 -59.93
C LEU A 215 -58.49 14.92 -60.77
N THR A 216 -58.70 15.52 -61.94
CA THR A 216 -57.60 15.79 -62.86
C THR A 216 -57.90 17.06 -63.65
N TRP A 217 -56.84 17.78 -64.00
CA TRP A 217 -56.91 18.96 -64.84
C TRP A 217 -56.28 18.68 -66.21
N GLN A 218 -56.78 19.36 -67.24
CA GLN A 218 -56.28 19.15 -68.60
C GLN A 218 -56.30 20.46 -69.37
N ARG A 219 -55.11 21.03 -69.58
CA ARG A 219 -54.94 22.22 -70.41
C ARG A 219 -54.80 21.81 -71.87
N ASP A 220 -55.59 22.44 -72.73
CA ASP A 220 -55.63 22.17 -74.18
C ASP A 220 -55.99 20.73 -74.51
N GLY A 221 -56.41 19.94 -73.52
CA GLY A 221 -56.76 18.55 -73.74
C GLY A 221 -55.85 17.54 -73.09
N GLU A 222 -54.54 17.80 -73.06
CA GLU A 222 -53.60 16.89 -72.44
C GLU A 222 -53.30 17.36 -71.02
N ASP A 223 -52.94 16.40 -70.16
CA ASP A 223 -52.94 16.60 -68.72
C ASP A 223 -52.08 17.78 -68.30
N GLN A 224 -52.66 18.63 -67.44
CA GLN A 224 -51.96 19.71 -66.77
C GLN A 224 -51.69 19.28 -65.33
N THR A 225 -50.44 19.41 -64.90
CA THR A 225 -50.06 19.02 -63.54
C THR A 225 -49.19 20.07 -62.85
N GLN A 226 -48.64 21.03 -63.56
CA GLN A 226 -47.95 22.16 -62.95
C GLN A 226 -48.96 23.16 -62.42
N ASP A 227 -48.56 23.87 -61.36
CA ASP A 227 -49.36 24.96 -60.78
C ASP A 227 -50.71 24.47 -60.26
N THR A 228 -50.77 23.25 -59.73
CA THR A 228 -52.02 22.68 -59.23
C THR A 228 -51.96 22.45 -57.73
N GLU A 229 -53.13 22.30 -57.13
CA GLU A 229 -53.31 21.95 -55.73
C GLU A 229 -54.36 20.86 -55.62
N LEU A 230 -54.20 19.96 -54.65
CA LEU A 230 -55.08 18.80 -54.54
C LEU A 230 -55.19 18.39 -53.08
N VAL A 231 -56.29 18.78 -52.42
CA VAL A 231 -56.49 18.49 -51.01
C VAL A 231 -56.93 17.03 -50.85
N GLU A 232 -56.58 16.45 -49.70
CA GLU A 232 -56.92 15.07 -49.40
C GLU A 232 -58.43 14.91 -49.20
N THR A 233 -58.98 13.82 -49.73
CA THR A 233 -60.40 13.54 -49.57
C THR A 233 -60.80 13.61 -48.11
N ARG A 234 -61.86 14.37 -47.83
CA ARG A 234 -62.20 14.65 -46.45
C ARG A 234 -63.61 14.18 -46.12
N PRO A 235 -63.84 13.70 -44.90
CA PRO A 235 -65.20 13.26 -44.53
C PRO A 235 -66.11 14.44 -44.28
N ALA A 236 -67.31 14.39 -44.87
CA ALA A 236 -68.29 15.43 -44.65
C ALA A 236 -68.81 15.39 -43.22
N GLY A 237 -69.14 14.21 -42.73
CA GLY A 237 -69.75 14.07 -41.42
C GLY A 237 -71.01 13.24 -41.51
N ASP A 238 -71.76 13.44 -42.58
CA ASP A 238 -72.96 12.66 -42.87
C ASP A 238 -72.67 11.34 -43.55
N GLY A 239 -71.42 10.87 -43.54
CA GLY A 239 -71.07 9.64 -44.22
C GLY A 239 -70.79 9.80 -45.69
N THR A 240 -70.71 11.03 -46.18
CA THR A 240 -70.27 11.31 -47.54
C THR A 240 -68.90 11.96 -47.47
N PHE A 241 -68.36 12.32 -48.64
CA PHE A 241 -67.00 12.84 -48.70
C PHE A 241 -66.93 14.03 -49.64
N GLN A 242 -65.89 14.84 -49.42
CA GLN A 242 -65.64 16.06 -50.17
C GLN A 242 -64.18 16.07 -50.61
N LYS A 243 -63.93 16.65 -51.78
CA LYS A 243 -62.58 16.77 -52.33
C LYS A 243 -62.60 17.81 -53.43
N TRP A 244 -61.56 18.62 -53.51
CA TRP A 244 -61.45 19.56 -54.63
C TRP A 244 -60.02 19.56 -55.17
N ALA A 245 -59.88 20.16 -56.36
CA ALA A 245 -58.61 20.30 -57.04
C ALA A 245 -58.58 21.68 -57.69
N ALA A 246 -57.50 22.41 -57.49
CA ALA A 246 -57.37 23.76 -58.02
C ALA A 246 -56.24 23.83 -59.05
N VAL A 247 -56.29 24.86 -59.88
CA VAL A 247 -55.23 25.13 -60.84
C VAL A 247 -55.16 26.64 -61.07
N VAL A 248 -53.95 27.17 -61.08
CA VAL A 248 -53.72 28.60 -61.30
C VAL A 248 -53.40 28.81 -62.77
N VAL A 249 -54.06 29.80 -63.38
CA VAL A 249 -54.01 29.98 -64.83
C VAL A 249 -53.81 31.44 -65.16
N PRO A 250 -53.22 31.72 -66.32
CA PRO A 250 -53.10 33.11 -66.76
C PRO A 250 -54.46 33.68 -67.16
N SER A 251 -54.58 35.00 -67.07
CA SER A 251 -55.82 35.67 -67.41
C SER A 251 -56.19 35.43 -68.87
N GLY A 252 -57.45 35.09 -69.10
CA GLY A 252 -57.98 34.92 -70.44
C GLY A 252 -57.93 33.50 -70.97
N GLN A 253 -57.10 32.63 -70.40
CA GLN A 253 -56.94 31.26 -70.87
C GLN A 253 -57.77 30.26 -70.08
N GLU A 254 -58.78 30.73 -69.34
CA GLU A 254 -59.55 29.86 -68.45
C GLU A 254 -60.16 28.67 -69.19
N GLN A 255 -60.58 28.88 -70.44
CA GLN A 255 -61.30 27.84 -71.17
C GLN A 255 -60.39 26.72 -71.63
N ARG A 256 -59.07 26.94 -71.68
CA ARG A 256 -58.16 25.88 -72.06
C ARG A 256 -58.15 24.73 -71.05
N TYR A 257 -58.54 25.01 -69.81
CA TYR A 257 -58.45 24.04 -68.73
C TYR A 257 -59.80 23.37 -68.46
N THR A 258 -59.76 22.06 -68.25
CA THR A 258 -60.97 21.29 -67.98
C THR A 258 -60.71 20.33 -66.84
N CYS A 259 -61.62 20.30 -65.88
CA CYS A 259 -61.53 19.39 -64.74
C CYS A 259 -62.31 18.13 -65.07
N HIS A 260 -61.76 16.99 -64.70
CA HIS A 260 -62.34 15.69 -65.02
C HIS A 260 -62.59 14.93 -63.73
N VAL A 261 -63.83 14.48 -63.54
CA VAL A 261 -64.25 13.78 -62.34
C VAL A 261 -64.58 12.35 -62.72
N GLN A 262 -63.97 11.40 -62.01
CA GLN A 262 -64.23 9.98 -62.21
C GLN A 262 -64.66 9.37 -60.89
N HIS A 263 -65.77 8.64 -60.91
CA HIS A 263 -66.29 8.00 -59.72
C HIS A 263 -67.01 6.73 -60.11
N GLU A 264 -67.10 5.78 -59.18
CA GLU A 264 -67.90 4.60 -59.44
C GLU A 264 -69.38 4.93 -59.53
N GLY A 265 -69.79 6.09 -59.02
CA GLY A 265 -71.16 6.54 -59.15
C GLY A 265 -71.41 7.35 -60.40
N LEU A 266 -70.47 7.36 -61.33
CA LEU A 266 -70.56 8.12 -62.55
C LEU A 266 -70.54 7.15 -63.74
N PRO A 267 -71.50 7.26 -64.67
CA PRO A 267 -71.46 6.38 -65.85
C PRO A 267 -70.19 6.56 -66.66
N LYS A 268 -70.03 7.75 -67.22
CA LYS A 268 -68.82 8.24 -67.87
C LYS A 268 -68.37 9.53 -67.18
N PRO A 269 -67.09 9.84 -67.23
CA PRO A 269 -66.58 10.98 -66.45
C PRO A 269 -67.27 12.29 -66.79
N LEU A 270 -67.40 13.14 -65.77
CA LEU A 270 -67.89 14.49 -65.95
C LEU A 270 -66.72 15.38 -66.35
N THR A 271 -67.02 16.41 -67.14
CA THR A 271 -66.02 17.39 -67.53
C THR A 271 -66.61 18.78 -67.30
N LEU A 272 -65.80 19.68 -66.73
CA LEU A 272 -66.26 21.02 -66.40
C LEU A 272 -65.27 22.03 -66.97
N ARG A 273 -65.81 23.01 -67.71
CA ARG A 273 -65.11 24.22 -68.08
C ARG A 273 -65.56 25.37 -67.18
N TRP A 274 -64.84 26.48 -67.27
CA TRP A 274 -65.31 27.72 -66.68
C TRP A 274 -66.31 28.39 -67.62
N GLU A 275 -67.30 29.06 -67.03
CA GLU A 275 -68.38 29.67 -67.80
C GLU A 275 -68.66 31.09 -67.34
N MET B 1 -38.21 6.04 -34.02
CA MET B 1 -39.50 6.58 -33.60
C MET B 1 -39.84 7.82 -34.42
N ILE B 2 -40.85 7.67 -35.28
CA ILE B 2 -41.18 8.65 -36.31
C ILE B 2 -42.24 9.62 -35.80
N GLN B 3 -42.11 10.88 -36.20
CA GLN B 3 -43.13 11.89 -35.93
C GLN B 3 -43.48 12.64 -37.22
N ARG B 4 -44.78 12.81 -37.43
CA ARG B 4 -45.30 13.54 -38.58
C ARG B 4 -46.33 14.54 -38.08
N THR B 5 -46.33 15.75 -38.68
CA THR B 5 -47.14 16.91 -38.30
C THR B 5 -48.50 16.84 -38.99
N PRO B 6 -49.56 17.41 -38.39
CA PRO B 6 -50.91 17.13 -38.86
C PRO B 6 -51.27 17.87 -40.15
N LYS B 7 -52.46 17.56 -40.65
CA LYS B 7 -53.01 18.14 -41.87
C LYS B 7 -54.40 18.66 -41.52
N ILE B 8 -54.50 19.95 -41.25
CA ILE B 8 -55.76 20.53 -40.78
C ILE B 8 -56.57 21.03 -41.96
N GLN B 9 -57.81 20.54 -42.07
CA GLN B 9 -58.80 21.08 -42.99
C GLN B 9 -59.98 21.57 -42.16
N VAL B 10 -60.33 22.85 -42.33
CA VAL B 10 -61.47 23.46 -41.63
C VAL B 10 -62.52 23.81 -42.68
N TYR B 11 -63.72 23.27 -42.50
CA TYR B 11 -64.76 23.38 -43.52
C TYR B 11 -66.11 23.08 -42.89
N SER B 12 -67.16 23.32 -43.65
CA SER B 12 -68.51 22.98 -43.25
C SER B 12 -68.95 21.70 -43.94
N ARG B 13 -69.87 20.97 -43.29
CA ARG B 13 -70.39 19.76 -43.89
C ARG B 13 -71.20 20.08 -45.14
N HIS B 14 -72.20 20.86 -44.98
CA HIS B 14 -72.98 21.29 -46.13
C HIS B 14 -72.47 22.63 -46.63
N PRO B 15 -72.61 22.90 -47.93
CA PRO B 15 -72.26 24.22 -48.48
C PRO B 15 -72.86 25.35 -47.66
N ALA B 16 -71.98 26.14 -47.03
CA ALA B 16 -72.42 27.12 -46.04
C ALA B 16 -73.31 28.19 -46.66
N GLU B 17 -74.39 28.52 -45.93
CA GLU B 17 -75.31 29.59 -46.31
C GLU B 17 -75.70 30.33 -45.04
N ASN B 18 -75.58 31.66 -45.07
CA ASN B 18 -75.73 32.46 -43.85
C ASN B 18 -77.12 32.30 -43.26
N GLY B 19 -77.18 32.26 -41.93
CA GLY B 19 -78.43 32.15 -41.20
C GLY B 19 -78.99 30.76 -41.09
N LYS B 20 -78.60 29.84 -41.96
CA LYS B 20 -79.13 28.48 -41.96
C LYS B 20 -78.17 27.56 -41.21
N SER B 21 -78.75 26.65 -40.42
CA SER B 21 -77.96 25.79 -39.55
C SER B 21 -77.13 24.80 -40.36
N ASN B 22 -75.91 24.56 -39.89
CA ASN B 22 -74.95 23.71 -40.60
C ASN B 22 -74.07 23.02 -39.57
N PHE B 23 -72.94 22.47 -40.02
CA PHE B 23 -71.97 21.80 -39.18
C PHE B 23 -70.58 22.26 -39.55
N LEU B 24 -69.76 22.59 -38.54
CA LEU B 24 -68.38 22.99 -38.74
C LEU B 24 -67.45 21.82 -38.44
N ASN B 25 -66.69 21.39 -39.43
CA ASN B 25 -65.76 20.28 -39.29
C ASN B 25 -64.32 20.76 -39.28
N CYS B 26 -63.49 20.10 -38.50
CA CYS B 26 -62.05 20.27 -38.54
C CYS B 26 -61.44 18.89 -38.73
N TYR B 27 -60.93 18.62 -39.92
CA TYR B 27 -60.41 17.30 -40.25
C TYR B 27 -58.91 17.30 -40.04
N VAL B 28 -58.47 16.61 -38.98
CA VAL B 28 -57.07 16.55 -38.59
C VAL B 28 -56.54 15.18 -39.00
N SER B 29 -55.46 15.17 -39.78
CA SER B 29 -54.97 13.95 -40.41
C SER B 29 -53.47 14.05 -40.60
N GLY B 30 -52.85 12.90 -40.91
CA GLY B 30 -51.45 12.85 -41.26
C GLY B 30 -50.47 12.94 -40.11
N PHE B 31 -50.95 13.08 -38.87
CA PHE B 31 -50.05 13.28 -37.74
C PHE B 31 -49.65 11.95 -37.10
N HIS B 32 -48.67 12.03 -36.21
CA HIS B 32 -48.18 10.92 -35.40
C HIS B 32 -47.18 11.46 -34.39
N PRO B 33 -47.28 11.08 -33.10
CA PRO B 33 -48.24 10.14 -32.50
C PRO B 33 -49.65 10.70 -32.32
N SER B 34 -50.45 10.01 -31.51
CA SER B 34 -51.89 10.25 -31.49
C SER B 34 -52.31 11.39 -30.57
N ASP B 35 -51.61 11.58 -29.46
CA ASP B 35 -51.95 12.66 -28.53
C ASP B 35 -51.96 14.00 -29.24
N ILE B 36 -53.14 14.62 -29.29
CA ILE B 36 -53.32 15.86 -30.04
C ILE B 36 -54.48 16.65 -29.43
N GLU B 37 -54.30 17.96 -29.37
CA GLU B 37 -55.33 18.90 -28.92
C GLU B 37 -56.02 19.49 -30.15
N VAL B 38 -57.35 19.50 -30.15
CA VAL B 38 -58.11 20.11 -31.23
C VAL B 38 -59.30 20.83 -30.61
N ASP B 39 -59.33 22.16 -30.73
CA ASP B 39 -60.46 22.97 -30.31
C ASP B 39 -61.01 23.74 -31.51
N LEU B 40 -62.31 23.98 -31.49
CA LEU B 40 -62.96 24.80 -32.50
C LEU B 40 -63.26 26.17 -31.90
N LEU B 41 -63.12 27.21 -32.72
CA LEU B 41 -63.16 28.59 -32.25
C LEU B 41 -64.23 29.38 -33.00
N LYS B 42 -65.10 30.03 -32.24
CA LYS B 42 -66.00 31.05 -32.77
C LYS B 42 -65.37 32.41 -32.50
N ASN B 43 -65.05 33.13 -33.57
CA ASN B 43 -64.33 34.39 -33.50
C ASN B 43 -62.98 34.12 -32.84
N GLY B 44 -62.90 34.35 -31.54
CA GLY B 44 -61.68 34.08 -30.80
C GLY B 44 -61.89 32.94 -29.82
N GLU B 45 -63.06 32.91 -29.21
CA GLU B 45 -63.32 32.05 -28.07
C GLU B 45 -63.37 30.58 -28.50
N ARG B 46 -63.47 29.69 -27.53
CA ARG B 46 -63.50 28.25 -27.78
C ARG B 46 -64.92 27.72 -27.64
N ILE B 47 -65.40 27.02 -28.67
CA ILE B 47 -66.69 26.34 -28.59
C ILE B 47 -66.59 25.12 -27.67
N GLU B 48 -67.68 24.83 -26.96
CA GLU B 48 -67.68 23.83 -25.89
C GLU B 48 -68.23 22.48 -26.33
N LYS B 49 -69.43 22.45 -26.90
CA LYS B 49 -70.04 21.20 -27.33
C LYS B 49 -69.46 20.78 -28.69
N VAL B 50 -68.20 20.35 -28.64
CA VAL B 50 -67.46 19.95 -29.83
C VAL B 50 -67.06 18.49 -29.65
N GLU B 51 -67.64 17.61 -30.45
CA GLU B 51 -67.32 16.19 -30.40
C GLU B 51 -66.51 15.82 -31.65
N HIS B 52 -65.80 14.70 -31.55
CA HIS B 52 -64.91 14.26 -32.62
C HIS B 52 -65.25 12.83 -33.05
N SER B 53 -64.45 12.30 -33.96
CA SER B 53 -64.65 10.95 -34.47
C SER B 53 -63.81 9.99 -33.63
N ASP B 54 -63.65 8.76 -34.10
CA ASP B 54 -62.83 7.77 -33.42
C ASP B 54 -61.47 7.63 -34.09
N LEU B 55 -60.45 7.35 -33.27
CA LEU B 55 -59.08 7.32 -33.74
C LEU B 55 -58.83 6.11 -34.62
N SER B 56 -58.48 6.36 -35.88
CA SER B 56 -58.11 5.35 -36.86
C SER B 56 -56.86 5.86 -37.58
N PHE B 57 -56.30 5.04 -38.47
CA PHE B 57 -55.07 5.46 -39.13
C PHE B 57 -55.08 5.05 -40.60
N SER B 58 -54.23 5.74 -41.35
CA SER B 58 -54.09 5.52 -42.79
C SER B 58 -53.15 4.34 -43.03
N LYS B 59 -52.83 4.10 -44.31
CA LYS B 59 -51.98 2.97 -44.63
C LYS B 59 -50.56 3.15 -44.10
N ASP B 60 -50.09 4.39 -43.99
CA ASP B 60 -48.75 4.71 -43.51
C ASP B 60 -48.70 4.91 -41.99
N TRP B 61 -49.73 4.47 -41.26
CA TRP B 61 -49.89 4.60 -39.81
C TRP B 61 -50.17 6.03 -39.34
N SER B 62 -50.36 6.98 -40.24
CA SER B 62 -50.69 8.32 -39.79
C SER B 62 -52.13 8.36 -39.30
N PHE B 63 -52.35 9.07 -38.19
CA PHE B 63 -53.67 9.07 -37.58
C PHE B 63 -54.55 10.10 -38.28
N TYR B 64 -55.86 9.97 -38.05
CA TYR B 64 -56.79 10.98 -38.55
C TYR B 64 -57.99 11.07 -37.63
N LEU B 65 -58.30 12.28 -37.19
CA LEU B 65 -59.48 12.58 -36.42
C LEU B 65 -60.35 13.57 -37.17
N LEU B 66 -61.62 13.64 -36.77
CA LEU B 66 -62.56 14.64 -37.29
C LEU B 66 -63.32 15.21 -36.11
N TYR B 67 -63.03 16.47 -35.76
CA TYR B 67 -63.75 17.19 -34.74
C TYR B 67 -64.84 18.01 -35.40
N TYR B 68 -65.99 18.13 -34.73
CA TYR B 68 -67.13 18.76 -35.37
C TYR B 68 -68.13 19.25 -34.33
N THR B 69 -68.89 20.28 -34.68
CA THR B 69 -69.91 20.81 -33.75
C THR B 69 -70.95 21.57 -34.54
N GLU B 70 -72.16 21.64 -34.06
CA GLU B 70 -73.26 22.31 -34.78
C GLU B 70 -73.02 23.81 -34.75
N PHE B 71 -73.36 24.52 -35.83
CA PHE B 71 -73.16 25.98 -35.89
C PHE B 71 -74.01 26.57 -37.01
N THR B 72 -74.26 27.88 -36.94
CA THR B 72 -75.04 28.62 -37.94
C THR B 72 -74.18 29.81 -38.35
N PRO B 73 -73.65 29.82 -39.57
CA PRO B 73 -72.71 30.88 -39.95
C PRO B 73 -73.42 32.21 -40.14
N THR B 74 -72.83 33.26 -39.58
CA THR B 74 -73.32 34.63 -39.73
C THR B 74 -72.38 35.37 -40.67
N GLU B 75 -72.82 36.56 -41.11
CA GLU B 75 -71.95 37.39 -41.94
C GLU B 75 -70.80 37.97 -41.13
N LYS B 76 -71.05 38.32 -39.87
CA LYS B 76 -70.04 38.99 -39.05
C LYS B 76 -69.36 38.02 -38.09
N ASP B 77 -69.43 36.72 -38.36
CA ASP B 77 -68.82 35.71 -37.51
C ASP B 77 -67.65 35.07 -38.23
N GLU B 78 -66.68 34.60 -37.45
CA GLU B 78 -65.43 34.06 -37.98
C GLU B 78 -65.08 32.80 -37.19
N TYR B 79 -64.96 31.67 -37.87
CA TYR B 79 -64.67 30.41 -37.20
C TYR B 79 -63.29 29.91 -37.58
N ALA B 80 -62.70 29.10 -36.69
CA ALA B 80 -61.33 28.63 -36.86
C ALA B 80 -61.13 27.35 -36.07
N CYS B 81 -60.08 26.62 -36.43
CA CYS B 81 -59.71 25.38 -35.74
C CYS B 81 -58.31 25.54 -35.18
N ARG B 82 -58.17 25.32 -33.88
CA ARG B 82 -56.90 25.43 -33.18
C ARG B 82 -56.40 24.03 -32.83
N VAL B 83 -55.17 23.74 -33.22
CA VAL B 83 -54.57 22.41 -33.04
C VAL B 83 -53.21 22.56 -32.41
N ASN B 84 -52.94 21.78 -31.36
CA ASN B 84 -51.60 21.64 -30.81
C ASN B 84 -51.21 20.17 -30.81
N HIS B 85 -50.00 19.89 -31.29
CA HIS B 85 -49.42 18.56 -31.34
C HIS B 85 -48.06 18.61 -30.67
N VAL B 86 -47.39 17.46 -30.59
CA VAL B 86 -46.04 17.42 -30.07
C VAL B 86 -45.03 17.96 -31.08
N THR B 87 -45.37 17.97 -32.37
CA THR B 87 -44.50 18.48 -33.42
C THR B 87 -44.64 19.98 -33.67
N LEU B 88 -45.56 20.66 -33.00
CA LEU B 88 -45.73 22.10 -33.16
C LEU B 88 -45.18 22.81 -31.93
N SER B 89 -44.23 23.73 -32.14
CA SER B 89 -43.76 24.57 -31.05
C SER B 89 -44.84 25.57 -30.65
N GLN B 90 -45.43 26.25 -31.64
CA GLN B 90 -46.54 27.16 -31.41
C GLN B 90 -47.81 26.56 -31.97
N PRO B 91 -48.90 26.55 -31.21
CA PRO B 91 -50.15 25.94 -31.70
C PRO B 91 -50.63 26.58 -32.99
N LYS B 92 -50.95 25.74 -33.97
CA LYS B 92 -51.37 26.20 -35.29
C LYS B 92 -52.85 26.57 -35.29
N ILE B 93 -53.17 27.66 -35.98
CA ILE B 93 -54.54 28.17 -36.05
C ILE B 93 -54.89 28.34 -37.52
N VAL B 94 -55.71 27.45 -38.05
CA VAL B 94 -56.27 27.59 -39.37
C VAL B 94 -57.67 28.19 -39.23
N LYS B 95 -57.92 29.28 -39.95
CA LYS B 95 -59.24 29.85 -39.89
C LYS B 95 -60.14 29.23 -40.96
N TRP B 96 -61.45 29.37 -40.76
CA TRP B 96 -62.43 28.79 -41.66
C TRP B 96 -62.68 29.77 -42.80
N ASP B 97 -62.50 29.27 -44.02
CA ASP B 97 -62.74 30.08 -45.25
C ASP B 97 -63.89 29.41 -45.99
N ARG B 98 -64.88 30.16 -46.42
CA ARG B 98 -66.07 29.54 -47.05
C ARG B 98 -65.73 28.78 -48.32
N ASP B 99 -65.29 29.44 -49.38
CA ASP B 99 -65.05 28.73 -50.67
C ASP B 99 -63.65 28.11 -50.77
N MET B 100 -63.17 27.44 -49.71
CA MET B 100 -61.87 26.74 -49.69
C MET B 100 -61.80 25.94 -48.39
N HIS C 1 -66.80 -8.89 -37.44
CA HIS C 1 -66.24 -10.13 -36.93
C HIS C 1 -64.74 -10.20 -37.15
N MET C 2 -63.98 -9.68 -36.19
CA MET C 2 -62.54 -9.69 -36.29
C MET C 2 -62.00 -11.07 -35.93
N THR C 3 -60.68 -11.23 -36.04
CA THR C 3 -60.06 -12.53 -35.85
C THR C 3 -59.97 -12.87 -34.37
N GLU C 4 -59.70 -14.14 -34.12
CA GLU C 4 -59.44 -14.61 -32.76
C GLU C 4 -57.95 -14.90 -32.67
N VAL C 5 -57.26 -14.87 -33.80
CA VAL C 5 -55.83 -15.24 -33.88
C VAL C 5 -54.93 -14.05 -33.57
N VAL C 6 -54.74 -13.80 -32.30
CA VAL C 6 -53.81 -12.74 -31.89
C VAL C 6 -52.79 -13.44 -31.03
N ARG C 7 -51.50 -13.19 -31.30
CA ARG C 7 -50.43 -13.76 -30.45
C ARG C 7 -49.45 -12.66 -30.02
N HIS C 8 -48.56 -12.96 -29.08
CA HIS C 8 -47.57 -12.02 -28.51
C HIS C 8 -46.38 -11.76 -29.44
N CYS C 9 -45.39 -10.97 -28.99
CA CYS C 9 -44.21 -10.61 -29.82
C CYS C 9 -42.91 -11.22 -29.27
N ALA D 3 -32.20 -27.34 -15.57
CA ALA D 3 -32.36 -28.74 -15.19
C ALA D 3 -33.28 -28.87 -13.99
N GLY D 4 -34.56 -28.55 -14.19
CA GLY D 4 -35.52 -28.69 -13.11
C GLY D 4 -36.12 -27.35 -12.70
N VAL D 5 -37.36 -27.37 -12.26
CA VAL D 5 -38.04 -26.17 -11.78
C VAL D 5 -38.15 -26.27 -10.27
N ALA D 6 -37.56 -25.31 -9.57
CA ALA D 6 -37.36 -25.43 -8.14
C ALA D 6 -38.49 -24.75 -7.39
N GLN D 7 -38.95 -25.40 -6.33
CA GLN D 7 -40.08 -24.92 -5.56
C GLN D 7 -39.85 -25.17 -4.08
N SER D 8 -40.17 -24.16 -3.27
CA SER D 8 -39.95 -24.18 -1.83
C SER D 8 -41.19 -23.66 -1.11
N PRO D 9 -41.63 -24.33 -0.03
CA PRO D 9 -41.05 -25.57 0.48
C PRO D 9 -41.79 -26.81 -0.03
N ARG D 10 -41.20 -27.99 0.14
CA ARG D 10 -41.90 -29.23 -0.19
C ARG D 10 -43.31 -29.22 0.41
N TYR D 11 -43.39 -28.96 1.71
CA TYR D 11 -44.64 -28.94 2.47
C TYR D 11 -44.56 -27.80 3.47
N LYS D 12 -45.71 -27.19 3.75
CA LYS D 12 -45.75 -26.07 4.70
C LYS D 12 -47.08 -26.10 5.44
N ILE D 13 -47.00 -26.11 6.78
CA ILE D 13 -48.16 -26.05 7.65
C ILE D 13 -48.26 -24.65 8.22
N ILE D 14 -49.42 -24.03 8.12
CA ILE D 14 -49.69 -22.75 8.76
C ILE D 14 -51.12 -22.74 9.30
N GLU D 15 -51.32 -21.95 10.36
CA GLU D 15 -52.63 -21.75 10.97
C GLU D 15 -53.41 -20.73 10.14
N LYS D 16 -54.69 -20.58 10.46
CA LYS D 16 -55.50 -19.57 9.79
C LYS D 16 -55.00 -18.18 10.14
N ARG D 17 -55.27 -17.23 9.25
CA ARG D 17 -54.87 -15.83 9.31
C ARG D 17 -53.36 -15.63 9.20
N GLN D 18 -52.58 -16.69 8.98
CA GLN D 18 -51.14 -16.53 8.90
C GLN D 18 -50.73 -16.13 7.49
N SER D 19 -49.42 -15.96 7.31
CA SER D 19 -48.82 -15.69 6.01
C SER D 19 -47.97 -16.87 5.58
N VAL D 20 -47.81 -17.01 4.27
CA VAL D 20 -46.97 -18.05 3.69
C VAL D 20 -46.54 -17.57 2.31
N ALA D 21 -45.28 -17.87 1.96
CA ALA D 21 -44.73 -17.43 0.70
C ALA D 21 -44.00 -18.60 0.06
N PHE D 22 -44.30 -18.86 -1.21
CA PHE D 22 -43.70 -19.95 -1.95
C PHE D 22 -42.74 -19.36 -2.97
N TRP D 23 -41.54 -19.90 -3.04
CA TRP D 23 -40.54 -19.44 -3.99
C TRP D 23 -40.40 -20.45 -5.11
N CYS D 24 -40.18 -19.95 -6.32
CA CYS D 24 -40.04 -20.79 -7.49
C CYS D 24 -38.99 -20.21 -8.42
N ASN D 25 -38.12 -21.08 -8.92
CA ASN D 25 -37.12 -20.69 -9.91
C ASN D 25 -37.39 -21.49 -11.17
N PRO D 26 -37.57 -20.85 -12.32
CA PRO D 26 -38.03 -21.58 -13.51
C PRO D 26 -36.89 -22.23 -14.28
N ILE D 27 -37.22 -22.82 -15.42
CA ILE D 27 -36.19 -23.33 -16.32
C ILE D 27 -35.39 -22.16 -16.86
N SER D 28 -34.07 -22.30 -16.84
CA SER D 28 -33.18 -21.22 -17.29
C SER D 28 -33.55 -20.74 -18.69
N GLY D 29 -33.90 -19.46 -18.79
CA GLY D 29 -34.18 -18.83 -20.05
C GLY D 29 -35.63 -18.78 -20.45
N HIS D 30 -36.55 -19.31 -19.63
CA HIS D 30 -37.96 -19.29 -19.96
C HIS D 30 -38.54 -17.93 -19.59
N ALA D 31 -39.16 -17.26 -20.57
CA ALA D 31 -39.70 -15.92 -20.33
C ALA D 31 -41.04 -15.95 -19.60
N THR D 32 -41.80 -17.03 -19.75
CA THR D 32 -43.18 -17.09 -19.26
C THR D 32 -43.22 -17.99 -18.04
N LEU D 33 -43.73 -17.46 -16.92
CA LEU D 33 -43.87 -18.22 -15.69
C LEU D 33 -45.31 -18.16 -15.22
N TYR D 34 -45.80 -19.28 -14.73
CA TYR D 34 -47.18 -19.38 -14.24
C TYR D 34 -47.20 -19.87 -12.80
N TRP D 35 -48.14 -19.31 -12.02
CA TRP D 35 -48.57 -19.89 -10.77
C TRP D 35 -49.95 -20.49 -10.98
N TYR D 36 -50.13 -21.74 -10.55
CA TYR D 36 -51.38 -22.46 -10.67
C TYR D 36 -51.76 -23.01 -9.32
N GLN D 37 -53.06 -23.03 -9.03
CA GLN D 37 -53.59 -23.65 -7.83
C GLN D 37 -54.31 -24.94 -8.20
N GLN D 38 -54.07 -25.99 -7.43
CA GLN D 38 -54.64 -27.31 -7.69
C GLN D 38 -55.25 -27.82 -6.40
N ILE D 39 -56.57 -27.96 -6.38
CA ILE D 39 -57.33 -28.35 -5.21
C ILE D 39 -57.54 -29.85 -5.26
N LEU D 40 -57.39 -30.51 -4.10
CA LEU D 40 -57.53 -31.95 -3.87
C LEU D 40 -57.65 -32.77 -5.14
N GLY D 41 -58.77 -32.64 -5.85
CA GLY D 41 -59.05 -33.49 -6.99
C GLY D 41 -59.12 -32.78 -8.33
N GLN D 42 -59.30 -31.46 -8.31
CA GLN D 42 -59.49 -30.72 -9.55
C GLN D 42 -58.19 -30.67 -10.34
N GLY D 43 -58.25 -30.03 -11.51
CA GLY D 43 -57.07 -29.74 -12.28
C GLY D 43 -56.50 -28.40 -11.86
N PRO D 44 -55.35 -28.03 -12.42
CA PRO D 44 -54.75 -26.75 -12.08
C PRO D 44 -55.55 -25.58 -12.65
N LYS D 45 -55.83 -24.59 -11.80
CA LYS D 45 -56.43 -23.33 -12.19
C LYS D 45 -55.40 -22.23 -12.02
N LEU D 46 -55.27 -21.37 -13.02
CA LEU D 46 -54.21 -20.37 -13.00
C LEU D 46 -54.48 -19.34 -11.91
N LEU D 47 -53.40 -18.90 -11.25
CA LEU D 47 -53.48 -17.79 -10.31
C LEU D 47 -53.03 -16.50 -10.97
N ILE D 48 -51.72 -16.40 -11.24
CA ILE D 48 -51.15 -15.25 -11.95
C ILE D 48 -50.17 -15.79 -12.98
N GLN D 49 -49.98 -15.03 -14.07
CA GLN D 49 -49.09 -15.43 -15.16
C GLN D 49 -48.19 -14.26 -15.54
N PHE D 50 -46.88 -14.49 -15.53
CA PHE D 50 -45.92 -13.48 -15.95
C PHE D 50 -45.37 -13.79 -17.33
N GLN D 51 -45.03 -12.73 -18.05
CA GLN D 51 -44.16 -12.80 -19.22
C GLN D 51 -43.04 -11.81 -18.90
N ASN D 52 -41.86 -12.32 -18.63
CA ASN D 52 -40.72 -11.53 -18.11
C ASN D 52 -41.16 -10.97 -16.75
N ASN D 53 -40.85 -9.71 -16.45
CA ASN D 53 -41.21 -9.09 -15.18
C ASN D 53 -42.59 -8.44 -15.19
N GLY D 54 -43.41 -8.72 -16.20
CA GLY D 54 -44.70 -8.08 -16.30
C GLY D 54 -45.84 -9.08 -16.23
N VAL D 55 -47.04 -8.56 -16.02
CA VAL D 55 -48.23 -9.41 -15.81
C VAL D 55 -49.08 -9.56 -17.06
N VAL D 56 -49.31 -10.82 -17.37
CA VAL D 56 -50.15 -11.19 -18.52
C VAL D 56 -51.56 -11.40 -18.01
N ASP D 57 -51.75 -12.29 -17.06
CA ASP D 57 -53.09 -12.57 -16.56
C ASP D 57 -53.01 -12.70 -15.05
N ASP D 58 -53.74 -11.82 -14.35
CA ASP D 58 -53.95 -11.96 -12.93
C ASP D 58 -55.37 -11.58 -12.53
N SER D 59 -56.29 -11.47 -13.50
CA SER D 59 -57.70 -11.28 -13.17
C SER D 59 -58.26 -12.43 -12.36
N GLN D 60 -57.63 -13.60 -12.41
CA GLN D 60 -58.04 -14.75 -11.63
C GLN D 60 -57.43 -14.76 -10.25
N LEU D 61 -56.55 -13.80 -9.96
CA LEU D 61 -55.76 -13.82 -8.73
C LEU D 61 -56.54 -13.08 -7.67
N PRO D 62 -57.05 -13.76 -6.63
CA PRO D 62 -57.80 -13.04 -5.58
C PRO D 62 -56.89 -12.11 -4.81
N LYS D 63 -56.95 -10.82 -5.15
CA LYS D 63 -56.04 -9.85 -4.57
C LYS D 63 -56.42 -9.49 -3.13
N ASP D 64 -57.46 -10.11 -2.60
CA ASP D 64 -57.76 -10.02 -1.18
C ASP D 64 -56.57 -10.47 -0.35
N ARG D 65 -55.89 -11.53 -0.80
CA ARG D 65 -54.88 -12.21 -0.01
C ARG D 65 -53.63 -12.53 -0.84
N PHE D 66 -53.84 -13.02 -2.06
CA PHE D 66 -52.71 -13.48 -2.87
C PHE D 66 -51.96 -12.30 -3.46
N SER D 67 -50.65 -12.47 -3.63
CA SER D 67 -49.84 -11.48 -4.30
C SER D 67 -48.57 -12.17 -4.81
N ALA D 68 -48.08 -11.69 -5.94
CA ALA D 68 -46.91 -12.31 -6.55
C ALA D 68 -46.28 -11.32 -7.53
N GLU D 69 -44.96 -11.35 -7.62
CA GLU D 69 -44.26 -10.51 -8.59
C GLU D 69 -42.92 -11.16 -8.92
N ARG D 70 -42.46 -10.92 -10.15
CA ARG D 70 -41.23 -11.51 -10.65
C ARG D 70 -40.03 -10.57 -10.62
N LEU D 71 -40.26 -9.26 -10.49
CA LEU D 71 -39.19 -8.29 -10.27
C LEU D 71 -38.08 -8.39 -11.31
N LYS D 72 -37.27 -9.44 -11.22
CA LYS D 72 -36.13 -9.63 -12.09
C LYS D 72 -36.51 -10.25 -13.42
N GLY D 73 -37.70 -10.83 -13.52
CA GLY D 73 -38.10 -11.52 -14.73
C GLY D 73 -37.60 -12.95 -14.76
N VAL D 74 -37.15 -13.46 -13.61
CA VAL D 74 -36.64 -14.81 -13.48
C VAL D 74 -37.26 -15.90 -12.61
N ASP D 75 -37.00 -15.82 -11.31
CA ASP D 75 -37.78 -16.43 -10.24
C ASP D 75 -38.83 -15.46 -9.72
N SER D 76 -39.87 -16.03 -9.11
CA SER D 76 -40.94 -15.25 -8.52
C SER D 76 -41.42 -15.93 -7.25
N THR D 77 -42.13 -15.16 -6.43
CA THR D 77 -42.63 -15.63 -5.15
C THR D 77 -44.12 -15.32 -5.07
N LEU D 78 -44.85 -16.18 -4.38
CA LEU D 78 -46.30 -16.07 -4.27
C LEU D 78 -46.66 -16.03 -2.79
N LYS D 79 -47.24 -14.92 -2.36
CA LYS D 79 -47.56 -14.69 -0.96
C LYS D 79 -49.05 -14.82 -0.73
N ILE D 80 -49.42 -15.17 0.49
CA ILE D 80 -50.81 -15.27 0.91
C ILE D 80 -50.90 -14.54 2.23
N GLN D 81 -51.41 -13.30 2.19
CA GLN D 81 -51.65 -12.51 3.40
C GLN D 81 -53.11 -12.09 3.46
N PRO D 82 -53.93 -12.69 4.33
CA PRO D 82 -53.61 -13.86 5.14
C PRO D 82 -54.19 -15.11 4.48
N ALA D 83 -53.86 -16.29 4.97
CA ALA D 83 -54.30 -17.52 4.34
C ALA D 83 -55.65 -17.94 4.92
N LYS D 84 -56.62 -18.17 4.04
CA LYS D 84 -57.90 -18.71 4.47
C LYS D 84 -57.84 -20.23 4.54
N LEU D 85 -58.80 -20.81 5.25
CA LEU D 85 -58.81 -22.27 5.38
C LEU D 85 -59.10 -22.94 4.04
N GLU D 86 -59.78 -22.25 3.13
CA GLU D 86 -60.05 -22.75 1.79
C GLU D 86 -58.81 -22.74 0.89
N ASP D 87 -57.67 -22.30 1.40
CA ASP D 87 -56.47 -22.17 0.57
C ASP D 87 -55.60 -23.41 0.58
N SER D 88 -55.87 -24.37 1.46
CA SER D 88 -55.12 -25.62 1.46
C SER D 88 -55.24 -26.30 0.10
N ALA D 89 -54.11 -26.47 -0.56
CA ALA D 89 -54.06 -26.98 -1.93
C ALA D 89 -52.59 -27.19 -2.30
N VAL D 90 -52.38 -27.67 -3.51
CA VAL D 90 -51.05 -27.67 -4.12
C VAL D 90 -50.90 -26.39 -4.91
N TYR D 91 -49.73 -25.77 -4.82
CA TYR D 91 -49.44 -24.54 -5.55
C TYR D 91 -48.30 -24.85 -6.52
N LEU D 92 -48.61 -24.81 -7.82
CA LEU D 92 -47.70 -25.24 -8.86
C LEU D 92 -47.09 -24.03 -9.54
N CYS D 93 -45.78 -24.11 -9.79
CA CYS D 93 -45.06 -23.17 -10.62
C CYS D 93 -44.70 -23.82 -11.93
N ALA D 94 -44.82 -23.05 -13.02
CA ALA D 94 -44.51 -23.59 -14.32
C ALA D 94 -43.90 -22.51 -15.19
N SER D 95 -43.01 -22.91 -16.08
CA SER D 95 -42.35 -22.00 -17.01
C SER D 95 -42.47 -22.55 -18.41
N SER D 96 -42.80 -21.71 -19.36
CA SER D 96 -42.89 -22.24 -20.73
C SER D 96 -42.21 -21.27 -21.65
N LEU D 97 -41.96 -21.74 -22.83
CA LEU D 97 -41.43 -20.86 -23.87
C LEU D 97 -42.63 -20.39 -24.70
N ASP D 98 -42.38 -19.86 -25.86
CA ASP D 98 -43.46 -19.36 -26.74
C ASP D 98 -44.44 -20.49 -27.01
N PRO D 99 -45.75 -20.23 -27.00
CA PRO D 99 -46.69 -21.25 -27.29
C PRO D 99 -46.46 -21.52 -28.76
N GLY D 100 -46.26 -22.78 -29.10
CA GLY D 100 -46.09 -23.22 -30.49
C GLY D 100 -45.65 -24.66 -30.45
N ASP D 101 -44.82 -25.10 -31.40
CA ASP D 101 -44.40 -26.52 -31.43
C ASP D 101 -43.55 -26.84 -30.20
N THR D 102 -43.05 -25.83 -29.51
CA THR D 102 -42.24 -26.00 -28.30
C THR D 102 -42.79 -25.19 -27.15
N GLY D 103 -44.11 -25.13 -27.04
CA GLY D 103 -44.82 -24.39 -26.01
C GLY D 103 -45.18 -25.22 -24.81
N GLU D 104 -44.57 -26.39 -24.67
CA GLU D 104 -44.80 -27.25 -23.52
C GLU D 104 -44.55 -26.50 -22.22
N LEU D 105 -45.30 -26.86 -21.19
CA LEU D 105 -45.14 -26.27 -19.87
C LEU D 105 -44.24 -27.15 -19.02
N PHE D 106 -43.50 -26.52 -18.11
CA PHE D 106 -42.52 -27.18 -17.27
C PHE D 106 -42.89 -26.94 -15.81
N PHE D 107 -43.34 -27.98 -15.12
CA PHE D 107 -43.87 -27.81 -13.78
C PHE D 107 -42.84 -28.22 -12.73
N GLY D 108 -42.90 -27.54 -11.59
CA GLY D 108 -42.11 -27.90 -10.44
C GLY D 108 -42.80 -28.99 -9.63
N GLU D 109 -42.09 -29.44 -8.59
CA GLU D 109 -42.64 -30.51 -7.77
C GLU D 109 -43.89 -30.08 -7.00
N GLY D 110 -44.17 -28.79 -6.93
CA GLY D 110 -45.36 -28.38 -6.22
C GLY D 110 -45.06 -28.05 -4.77
N SER D 111 -45.87 -27.17 -4.20
CA SER D 111 -45.68 -26.69 -2.84
C SER D 111 -46.97 -26.94 -2.07
N ARG D 112 -46.96 -27.99 -1.25
CA ARG D 112 -48.18 -28.46 -0.61
C ARG D 112 -48.48 -27.60 0.60
N LEU D 113 -49.53 -26.79 0.51
CA LEU D 113 -49.96 -25.94 1.62
C LEU D 113 -51.10 -26.62 2.38
N THR D 114 -51.02 -26.58 3.71
CA THR D 114 -52.07 -27.08 4.57
C THR D 114 -52.37 -26.04 5.64
N VAL D 115 -53.59 -25.52 5.64
CA VAL D 115 -54.02 -24.47 6.55
C VAL D 115 -54.92 -25.09 7.60
N LEU D 116 -54.61 -24.87 8.88
CA LEU D 116 -55.31 -25.54 9.96
C LEU D 116 -55.99 -24.57 10.91
N GLU D 117 -57.05 -25.09 11.55
CA GLU D 117 -57.73 -24.39 12.64
C GLU D 117 -56.74 -23.96 13.72
N ASP D 118 -56.12 -24.95 14.36
CA ASP D 118 -55.06 -24.76 15.35
C ASP D 118 -54.03 -25.87 15.17
N LEU D 119 -52.80 -25.58 15.54
CA LEU D 119 -51.72 -26.55 15.41
C LEU D 119 -51.80 -27.64 16.47
N LYS D 120 -52.87 -27.64 17.26
CA LYS D 120 -53.02 -28.61 18.36
C LYS D 120 -53.00 -30.06 17.89
N ASN D 121 -53.41 -30.33 16.64
CA ASN D 121 -53.57 -31.72 16.20
C ASN D 121 -52.35 -32.26 15.45
N VAL D 122 -51.43 -31.39 15.03
CA VAL D 122 -50.27 -31.81 14.25
C VAL D 122 -49.41 -32.71 15.11
N PHE D 123 -49.43 -34.01 14.83
CA PHE D 123 -48.59 -34.95 15.56
C PHE D 123 -47.91 -35.94 14.62
N PRO D 124 -46.65 -36.28 14.89
CA PRO D 124 -45.85 -37.07 13.94
C PRO D 124 -46.28 -38.52 13.96
N PRO D 125 -45.90 -39.29 12.94
CA PRO D 125 -46.32 -40.70 12.86
C PRO D 125 -45.55 -41.61 13.79
N GLU D 126 -46.12 -42.80 13.98
CA GLU D 126 -45.46 -43.94 14.59
C GLU D 126 -45.26 -45.00 13.53
N VAL D 127 -44.07 -45.58 13.48
CA VAL D 127 -43.71 -46.54 12.43
C VAL D 127 -43.40 -47.88 13.08
N ALA D 128 -43.81 -48.96 12.41
CA ALA D 128 -43.46 -50.29 12.86
C ALA D 128 -43.62 -51.26 11.71
N VAL D 129 -42.71 -52.22 11.62
CA VAL D 129 -42.74 -53.22 10.55
C VAL D 129 -43.08 -54.55 11.18
N PHE D 130 -43.65 -55.43 10.36
CA PHE D 130 -44.11 -56.75 10.81
C PHE D 130 -43.45 -57.78 9.90
N GLU D 131 -42.77 -58.75 10.50
CA GLU D 131 -41.95 -59.66 9.70
C GLU D 131 -42.82 -60.54 8.82
N PRO D 132 -42.26 -61.10 7.74
CA PRO D 132 -43.06 -61.88 6.79
C PRO D 132 -43.69 -63.08 7.49
N SER D 133 -44.77 -63.57 6.92
CA SER D 133 -45.41 -64.74 7.50
C SER D 133 -44.51 -65.95 7.31
N GLU D 134 -44.23 -66.65 8.40
CA GLU D 134 -43.54 -67.93 8.29
C GLU D 134 -44.42 -68.97 7.65
N ALA D 135 -45.73 -68.73 7.59
CA ALA D 135 -46.66 -69.62 6.91
C ALA D 135 -46.73 -69.33 5.42
N GLU D 136 -46.35 -68.13 5.00
CA GLU D 136 -46.33 -67.77 3.59
C GLU D 136 -45.07 -68.26 2.90
N ILE D 137 -43.91 -68.07 3.54
CA ILE D 137 -42.62 -68.35 2.90
C ILE D 137 -42.54 -69.80 2.47
N SER D 138 -43.30 -70.68 3.12
CA SER D 138 -43.32 -72.09 2.80
C SER D 138 -44.37 -72.45 1.75
N HIS D 139 -45.40 -71.62 1.60
CA HIS D 139 -46.36 -71.82 0.52
C HIS D 139 -45.79 -71.33 -0.81
N THR D 140 -45.52 -70.04 -0.91
CA THR D 140 -44.85 -69.47 -2.07
C THR D 140 -43.33 -69.63 -1.95
N GLN D 141 -42.59 -68.88 -2.74
CA GLN D 141 -41.15 -68.77 -2.59
C GLN D 141 -40.75 -67.31 -2.36
N LYS D 142 -41.65 -66.54 -1.76
CA LYS D 142 -41.44 -65.13 -1.52
C LYS D 142 -41.77 -64.81 -0.06
N ALA D 143 -41.29 -63.66 0.40
CA ALA D 143 -41.46 -63.23 1.79
C ALA D 143 -41.76 -61.74 1.78
N THR D 144 -42.95 -61.36 2.23
CA THR D 144 -43.40 -59.97 2.16
C THR D 144 -43.44 -59.36 3.56
N LEU D 145 -42.80 -58.20 3.69
CA LEU D 145 -42.84 -57.36 4.87
C LEU D 145 -43.94 -56.32 4.72
N VAL D 146 -44.43 -55.83 5.86
CA VAL D 146 -45.44 -54.77 5.86
C VAL D 146 -45.04 -53.70 6.87
N CYS D 147 -45.20 -52.44 6.47
CA CYS D 147 -44.89 -51.30 7.32
C CYS D 147 -46.16 -50.49 7.55
N LEU D 148 -46.30 -49.96 8.76
CA LEU D 148 -47.49 -49.23 9.17
C LEU D 148 -47.08 -47.86 9.69
N ALA D 149 -47.60 -46.81 9.07
CA ALA D 149 -47.40 -45.44 9.54
C ALA D 149 -48.71 -44.98 10.15
N THR D 150 -48.79 -45.02 11.48
CA THR D 150 -50.03 -44.83 12.20
C THR D 150 -50.03 -43.52 12.96
N GLY D 151 -51.21 -42.90 13.05
CA GLY D 151 -51.44 -41.79 13.95
C GLY D 151 -50.60 -40.56 13.69
N PHE D 152 -50.73 -39.97 12.50
CA PHE D 152 -50.03 -38.74 12.15
C PHE D 152 -51.02 -37.75 11.56
N TYR D 153 -50.68 -36.47 11.65
CA TYR D 153 -51.54 -35.43 11.12
C TYR D 153 -50.72 -34.18 10.95
N PRO D 154 -50.84 -33.46 9.82
CA PRO D 154 -51.71 -33.73 8.67
C PRO D 154 -51.15 -34.82 7.77
N ASP D 155 -51.67 -34.91 6.54
CA ASP D 155 -51.21 -35.91 5.59
C ASP D 155 -49.94 -35.41 4.90
N HIS D 156 -48.86 -35.36 5.67
CA HIS D 156 -47.55 -34.95 5.18
C HIS D 156 -46.57 -36.08 5.49
N VAL D 157 -46.60 -37.14 4.68
CA VAL D 157 -45.75 -38.30 4.90
C VAL D 157 -45.15 -38.78 3.58
N GLU D 158 -43.86 -39.07 3.61
CA GLU D 158 -43.17 -39.79 2.54
C GLU D 158 -42.60 -41.07 3.13
N LEU D 159 -43.02 -42.21 2.60
CA LEU D 159 -42.55 -43.50 3.07
C LEU D 159 -41.66 -44.15 2.02
N SER D 160 -40.54 -44.72 2.47
CA SER D 160 -39.58 -45.36 1.59
C SER D 160 -39.05 -46.62 2.29
N TRP D 161 -38.57 -47.56 1.48
CA TRP D 161 -38.01 -48.80 1.98
C TRP D 161 -36.53 -48.85 1.67
N TRP D 162 -35.74 -49.29 2.65
CA TRP D 162 -34.28 -49.30 2.53
C TRP D 162 -33.76 -50.68 2.93
N VAL D 163 -33.26 -51.42 1.95
CA VAL D 163 -32.68 -52.74 2.17
C VAL D 163 -31.17 -52.61 2.17
N ASN D 164 -30.54 -52.95 3.30
CA ASN D 164 -29.08 -52.97 3.44
C ASN D 164 -28.47 -51.60 3.13
N GLY D 165 -29.14 -50.53 3.57
CA GLY D 165 -28.61 -49.19 3.49
C GLY D 165 -28.96 -48.44 2.23
N LYS D 166 -29.42 -49.13 1.20
CA LYS D 166 -29.76 -48.53 -0.08
C LYS D 166 -31.27 -48.52 -0.24
N GLU D 167 -31.81 -47.41 -0.78
CA GLU D 167 -33.24 -47.35 -1.01
C GLU D 167 -33.63 -48.37 -2.07
N VAL D 168 -34.85 -48.88 -1.96
CA VAL D 168 -35.35 -49.89 -2.87
C VAL D 168 -36.71 -49.45 -3.40
N HIS D 169 -36.99 -49.86 -4.63
CA HIS D 169 -38.29 -49.63 -5.26
C HIS D 169 -38.90 -50.90 -5.81
N SER D 170 -38.09 -51.81 -6.35
CA SER D 170 -38.62 -53.06 -6.90
C SER D 170 -39.23 -53.90 -5.79
N GLY D 171 -40.48 -54.33 -6.00
CA GLY D 171 -41.17 -55.12 -5.02
C GLY D 171 -41.84 -54.34 -3.92
N VAL D 172 -42.17 -53.07 -4.16
CA VAL D 172 -42.77 -52.20 -3.16
C VAL D 172 -44.13 -51.73 -3.63
N CYS D 173 -45.12 -51.80 -2.75
CA CYS D 173 -46.33 -51.00 -2.85
C CYS D 173 -46.47 -50.15 -1.60
N THR D 174 -46.91 -48.90 -1.80
CA THR D 174 -47.40 -48.07 -0.72
C THR D 174 -48.78 -47.58 -1.09
N ASP D 175 -49.64 -47.43 -0.10
CA ASP D 175 -51.02 -47.06 -0.33
C ASP D 175 -51.09 -45.73 -1.08
N PRO D 176 -51.85 -45.64 -2.17
CA PRO D 176 -51.95 -44.35 -2.89
C PRO D 176 -52.47 -43.22 -2.01
N GLN D 177 -53.30 -43.53 -1.02
CA GLN D 177 -53.87 -42.52 -0.15
C GLN D 177 -54.01 -43.07 1.25
N PRO D 178 -53.86 -42.23 2.28
CA PRO D 178 -54.06 -42.67 3.66
C PRO D 178 -55.54 -42.75 4.03
N LEU D 179 -55.79 -43.51 5.10
CA LEU D 179 -57.11 -43.60 5.72
C LEU D 179 -57.09 -42.99 7.12
N LYS D 180 -58.23 -42.43 7.53
CA LYS D 180 -58.32 -41.88 8.87
C LYS D 180 -58.63 -42.98 9.89
N GLU D 181 -58.27 -42.71 11.15
CA GLU D 181 -58.53 -43.62 12.24
C GLU D 181 -59.89 -43.39 12.88
N GLN D 182 -60.45 -42.19 12.74
CA GLN D 182 -61.82 -41.87 13.13
C GLN D 182 -62.44 -41.23 11.90
N PRO D 183 -62.89 -42.05 10.94
CA PRO D 183 -63.20 -41.53 9.60
C PRO D 183 -64.25 -40.42 9.55
N ALA D 184 -65.12 -40.33 10.56
CA ALA D 184 -66.12 -39.28 10.59
C ALA D 184 -65.63 -38.00 11.27
N LEU D 185 -64.72 -38.14 12.24
CA LEU D 185 -64.18 -36.98 12.95
C LEU D 185 -63.62 -35.94 11.99
N ASN D 186 -63.71 -34.67 12.43
CA ASN D 186 -63.34 -33.55 11.57
C ASN D 186 -61.82 -33.34 11.57
N ASP D 187 -61.22 -33.15 12.74
CA ASP D 187 -59.77 -33.02 12.85
C ASP D 187 -59.09 -34.38 13.02
N SER D 188 -59.48 -35.33 12.17
CA SER D 188 -59.12 -36.73 12.40
C SER D 188 -57.65 -36.98 12.07
N ARG D 189 -57.09 -38.00 12.71
CA ARG D 189 -55.68 -38.36 12.61
C ARG D 189 -55.51 -39.56 11.67
N TYR D 190 -54.46 -39.52 10.84
CA TYR D 190 -54.29 -40.41 9.70
C TYR D 190 -53.46 -41.65 10.01
N ALA D 191 -53.48 -42.60 9.07
CA ALA D 191 -52.70 -43.83 9.15
C ALA D 191 -52.45 -44.36 7.74
N LEU D 192 -51.24 -44.86 7.50
CA LEU D 192 -50.82 -45.33 6.19
C LEU D 192 -50.11 -46.68 6.33
N SER D 193 -50.04 -47.41 5.21
CA SER D 193 -49.53 -48.78 5.17
C SER D 193 -48.66 -48.97 3.93
N SER D 194 -47.76 -49.95 3.99
CA SER D 194 -46.86 -50.27 2.88
C SER D 194 -46.42 -51.72 2.96
N ARG D 195 -45.91 -52.22 1.83
CA ARG D 195 -45.56 -53.62 1.65
C ARG D 195 -44.23 -53.71 0.91
N LEU D 196 -43.30 -54.52 1.41
CA LEU D 196 -42.08 -54.85 0.70
C LEU D 196 -41.97 -56.36 0.55
N ARG D 197 -41.89 -56.83 -0.69
CA ARG D 197 -41.82 -58.25 -0.98
C ARG D 197 -40.49 -58.60 -1.62
N VAL D 198 -39.87 -59.67 -1.13
CA VAL D 198 -38.62 -60.20 -1.64
C VAL D 198 -38.75 -61.72 -1.71
N SER D 199 -37.68 -62.38 -2.16
CA SER D 199 -37.69 -63.83 -2.18
C SER D 199 -37.57 -64.36 -0.75
N ALA D 200 -37.86 -65.65 -0.59
CA ALA D 200 -37.70 -66.31 0.69
C ALA D 200 -36.22 -66.46 1.06
N THR D 201 -35.41 -66.91 0.10
CA THR D 201 -33.98 -67.11 0.35
C THR D 201 -33.29 -65.82 0.78
N PHE D 202 -33.80 -64.67 0.30
CA PHE D 202 -33.22 -63.39 0.67
C PHE D 202 -33.56 -63.05 2.12
N TRP D 203 -34.84 -63.16 2.48
CA TRP D 203 -35.26 -62.88 3.84
C TRP D 203 -34.59 -63.79 4.86
N GLN D 204 -34.26 -65.01 4.46
CA GLN D 204 -33.69 -65.99 5.37
C GLN D 204 -32.20 -65.81 5.59
N ASN D 205 -31.61 -64.72 5.08
CA ASN D 205 -30.19 -64.47 5.23
C ASN D 205 -30.00 -63.41 6.29
N PRO D 206 -29.43 -63.75 7.46
CA PRO D 206 -29.46 -62.84 8.61
C PRO D 206 -28.58 -61.60 8.48
N ARG D 207 -27.64 -61.54 7.54
CA ARG D 207 -26.81 -60.35 7.40
C ARG D 207 -27.53 -59.24 6.64
N ASN D 208 -28.81 -59.41 6.33
CA ASN D 208 -29.57 -58.51 5.47
C ASN D 208 -30.47 -57.64 6.33
N HIS D 209 -30.43 -56.32 6.10
CA HIS D 209 -31.06 -55.35 6.97
C HIS D 209 -32.16 -54.61 6.20
N PHE D 210 -33.37 -54.64 6.74
CA PHE D 210 -34.54 -54.00 6.15
C PHE D 210 -34.99 -52.87 7.06
N ARG D 211 -35.29 -51.72 6.48
CA ARG D 211 -35.75 -50.58 7.26
C ARG D 211 -36.81 -49.81 6.49
N CYS D 212 -37.96 -49.62 7.12
CA CYS D 212 -39.01 -48.78 6.57
C CYS D 212 -38.87 -47.38 7.15
N GLN D 213 -38.85 -46.37 6.29
CA GLN D 213 -38.59 -45.01 6.69
C GLN D 213 -39.75 -44.10 6.30
N VAL D 214 -40.29 -43.38 7.27
CA VAL D 214 -41.34 -42.40 7.05
C VAL D 214 -40.76 -41.02 7.37
N GLN D 215 -40.73 -40.15 6.37
CA GLN D 215 -40.42 -38.75 6.58
C GLN D 215 -41.70 -37.97 6.85
N PHE D 216 -41.70 -37.18 7.92
CA PHE D 216 -42.84 -36.36 8.30
C PHE D 216 -42.47 -34.90 8.11
N TYR D 217 -43.41 -34.13 7.56
CA TYR D 217 -43.24 -32.69 7.31
C TYR D 217 -44.16 -31.96 8.29
N GLY D 218 -43.57 -31.41 9.34
CA GLY D 218 -44.34 -30.74 10.35
C GLY D 218 -44.17 -29.24 10.38
N LEU D 219 -43.60 -28.72 11.46
CA LEU D 219 -43.45 -27.29 11.67
C LEU D 219 -42.00 -26.85 11.52
N SER D 220 -41.82 -25.59 11.14
CA SER D 220 -40.52 -24.94 11.20
C SER D 220 -40.26 -24.50 12.63
N GLU D 221 -39.07 -23.95 12.88
CA GLU D 221 -38.75 -23.48 14.22
C GLU D 221 -39.54 -22.22 14.57
N ASN D 222 -39.94 -21.42 13.57
CA ASN D 222 -40.68 -20.20 13.86
C ASN D 222 -42.02 -20.48 14.52
N ASP D 223 -42.65 -21.59 14.18
CA ASP D 223 -43.88 -21.93 14.89
C ASP D 223 -43.52 -22.30 16.33
N GLU D 224 -44.44 -22.03 17.24
CA GLU D 224 -44.21 -22.23 18.66
C GLU D 224 -45.09 -23.35 19.19
N TRP D 225 -44.48 -24.25 19.94
CA TRP D 225 -45.16 -25.40 20.52
C TRP D 225 -45.18 -25.18 22.02
N THR D 226 -46.36 -25.16 22.59
CA THR D 226 -46.53 -24.92 24.02
C THR D 226 -47.60 -25.87 24.54
N GLN D 227 -47.46 -27.13 24.16
CA GLN D 227 -48.19 -28.25 24.74
C GLN D 227 -47.30 -28.99 25.73
N ASP D 228 -46.00 -28.65 25.75
CA ASP D 228 -44.96 -29.36 26.50
C ASP D 228 -44.95 -30.87 26.24
N ARG D 229 -45.38 -31.31 25.06
CA ARG D 229 -45.48 -32.72 24.72
C ARG D 229 -44.73 -33.02 23.42
N ALA D 230 -43.53 -32.45 23.28
CA ALA D 230 -42.60 -32.72 22.19
C ALA D 230 -43.07 -32.10 20.88
N LYS D 231 -42.34 -31.10 20.40
CA LYS D 231 -42.72 -30.33 19.22
C LYS D 231 -42.75 -31.22 17.98
N PRO D 232 -43.87 -31.25 17.25
CA PRO D 232 -43.97 -32.13 16.07
C PRO D 232 -43.44 -31.46 14.81
N VAL D 233 -42.14 -31.61 14.59
CA VAL D 233 -41.45 -30.92 13.51
C VAL D 233 -41.13 -31.91 12.39
N THR D 234 -40.65 -31.37 11.28
CA THR D 234 -40.20 -32.20 10.17
C THR D 234 -39.11 -33.15 10.64
N GLN D 235 -39.39 -34.45 10.55
CA GLN D 235 -38.53 -35.45 11.16
C GLN D 235 -38.66 -36.73 10.36
N ILE D 236 -37.96 -37.77 10.83
CA ILE D 236 -37.96 -39.07 10.20
C ILE D 236 -38.21 -40.12 11.27
N VAL D 237 -39.14 -41.04 10.99
CA VAL D 237 -39.46 -42.15 11.88
C VAL D 237 -39.25 -43.43 11.10
N SER D 238 -38.42 -44.33 11.63
CA SER D 238 -38.07 -45.56 10.95
C SER D 238 -38.38 -46.77 11.83
N ALA D 239 -38.39 -47.94 11.19
CA ALA D 239 -38.49 -49.21 11.89
C ALA D 239 -37.76 -50.26 11.07
N GLU D 240 -37.13 -51.21 11.76
CA GLU D 240 -36.18 -52.10 11.12
C GLU D 240 -36.51 -53.56 11.38
N ALA D 241 -35.75 -54.43 10.72
CA ALA D 241 -35.73 -55.86 10.96
C ALA D 241 -34.54 -56.45 10.22
N TRP D 242 -33.99 -57.52 10.79
CA TRP D 242 -32.93 -58.30 10.16
C TRP D 242 -33.45 -59.67 9.74
N GLY D 243 -32.70 -60.31 8.84
CA GLY D 243 -33.10 -61.60 8.35
C GLY D 243 -33.15 -62.65 9.43
N ARG D 244 -33.93 -63.70 9.17
CA ARG D 244 -34.21 -64.72 10.17
C ARG D 244 -34.15 -66.06 9.48
N ALA D 245 -33.15 -66.88 9.82
CA ALA D 245 -32.98 -68.18 9.17
C ALA D 245 -33.89 -69.23 9.79
N LYS E 4 -68.59 -21.98 -21.47
CA LYS E 4 -67.24 -22.28 -21.85
C LYS E 4 -66.61 -23.17 -20.85
N ILE E 5 -66.46 -24.44 -21.15
CA ILE E 5 -65.94 -25.39 -20.17
C ILE E 5 -65.03 -26.40 -20.85
N GLU E 6 -64.49 -27.34 -20.05
CA GLU E 6 -63.52 -28.32 -20.53
C GLU E 6 -63.74 -29.61 -19.74
N GLN E 7 -64.37 -30.60 -20.37
CA GLN E 7 -64.76 -31.83 -19.70
C GLN E 7 -63.84 -32.99 -20.11
N ASN E 8 -63.31 -33.69 -19.11
CA ASN E 8 -62.45 -34.85 -19.34
C ASN E 8 -63.31 -36.11 -19.30
N SER E 9 -62.83 -37.14 -18.60
CA SER E 9 -63.58 -38.38 -18.38
C SER E 9 -64.02 -38.40 -16.91
N GLU E 10 -64.23 -39.60 -16.35
CA GLU E 10 -64.47 -39.74 -14.92
C GLU E 10 -64.00 -41.13 -14.46
N ALA E 11 -62.73 -41.20 -14.06
CA ALA E 11 -62.15 -42.36 -13.39
C ALA E 11 -62.23 -43.62 -14.23
N LEU E 12 -61.21 -43.87 -15.04
CA LEU E 12 -61.17 -45.05 -15.90
C LEU E 12 -60.13 -46.04 -15.40
N ASN E 13 -60.29 -47.29 -15.81
CA ASN E 13 -59.32 -48.33 -15.49
C ASN E 13 -59.51 -49.50 -16.45
N ILE E 14 -58.41 -50.11 -16.85
CA ILE E 14 -58.40 -51.19 -17.83
C ILE E 14 -57.38 -52.24 -17.40
N GLN E 15 -57.30 -53.31 -18.19
CA GLN E 15 -56.34 -54.38 -17.97
C GLN E 15 -55.07 -54.08 -18.75
N GLU E 16 -53.98 -54.79 -18.38
CA GLU E 16 -52.73 -54.73 -19.12
C GLU E 16 -52.93 -55.06 -20.59
N GLY E 17 -52.01 -54.62 -21.45
CA GLY E 17 -52.08 -54.90 -22.86
C GLY E 17 -53.15 -54.13 -23.61
N LYS E 18 -54.38 -54.12 -23.09
CA LYS E 18 -55.43 -53.31 -23.69
C LYS E 18 -55.03 -51.84 -23.71
N THR E 19 -55.43 -51.14 -24.78
CA THR E 19 -55.05 -49.75 -24.95
C THR E 19 -56.07 -48.84 -24.28
N ALA E 20 -55.55 -47.80 -23.62
CA ALA E 20 -56.37 -46.84 -22.90
C ALA E 20 -56.75 -45.69 -23.81
N THR E 21 -58.01 -45.27 -23.72
CA THR E 21 -58.52 -44.12 -24.45
C THR E 21 -59.03 -43.10 -23.44
N LEU E 22 -58.44 -41.92 -23.44
CA LEU E 22 -58.87 -40.81 -22.59
C LEU E 22 -59.45 -39.74 -23.49
N THR E 23 -60.60 -39.20 -23.11
CA THR E 23 -61.28 -38.21 -23.93
C THR E 23 -61.24 -36.85 -23.25
N CYS E 24 -61.23 -35.81 -24.07
CA CYS E 24 -61.23 -34.42 -23.60
C CYS E 24 -62.09 -33.61 -24.56
N ASN E 25 -63.23 -33.15 -24.08
CA ASN E 25 -64.12 -32.31 -24.88
C ASN E 25 -64.12 -30.90 -24.32
N TYR E 26 -64.17 -29.92 -25.22
CA TYR E 26 -64.28 -28.52 -24.84
C TYR E 26 -65.41 -27.87 -25.63
N THR E 27 -66.04 -26.88 -25.01
CA THR E 27 -67.15 -26.15 -25.62
C THR E 27 -66.90 -24.65 -25.50
N ASN E 28 -67.28 -23.91 -26.54
CA ASN E 28 -67.13 -22.45 -26.59
C ASN E 28 -65.66 -22.03 -26.62
N TYR E 29 -64.84 -22.76 -27.38
CA TYR E 29 -63.41 -22.48 -27.46
C TYR E 29 -62.96 -22.59 -28.90
N SER E 30 -61.66 -22.37 -29.10
CA SER E 30 -60.95 -22.50 -30.37
C SER E 30 -59.46 -22.38 -30.08
N PRO E 31 -58.72 -23.50 -30.13
CA PRO E 31 -57.43 -23.57 -29.45
C PRO E 31 -56.23 -23.40 -30.36
N ALA E 32 -56.19 -24.18 -31.44
CA ALA E 32 -55.05 -24.30 -32.35
C ALA E 32 -53.92 -25.12 -31.75
N TYR E 33 -53.97 -25.40 -30.44
CA TYR E 33 -52.98 -26.27 -29.82
C TYR E 33 -53.60 -27.01 -28.63
N LEU E 34 -53.44 -28.33 -28.63
CA LEU E 34 -53.76 -29.20 -27.49
C LEU E 34 -52.50 -29.81 -26.90
N GLN E 35 -52.54 -30.05 -25.59
CA GLN E 35 -51.44 -30.67 -24.86
C GLN E 35 -51.99 -31.66 -23.84
N TRP E 36 -51.22 -32.70 -23.57
CA TRP E 36 -51.62 -33.71 -22.62
C TRP E 36 -50.50 -33.90 -21.60
N TYR E 37 -50.88 -34.11 -20.35
CA TYR E 37 -49.92 -34.18 -19.25
C TYR E 37 -50.23 -35.37 -18.38
N ARG E 38 -49.20 -35.84 -17.67
CA ARG E 38 -49.31 -36.97 -16.75
C ARG E 38 -48.83 -36.54 -15.38
N GLN E 39 -49.72 -36.55 -14.40
CA GLN E 39 -49.38 -36.14 -13.04
C GLN E 39 -49.51 -37.35 -12.11
N ASP E 40 -48.49 -37.57 -11.32
CA ASP E 40 -48.53 -38.68 -10.39
C ASP E 40 -48.92 -38.20 -9.00
N PRO E 41 -49.57 -39.06 -8.21
CA PRO E 41 -49.71 -38.75 -6.79
C PRO E 41 -48.34 -38.52 -6.17
N GLY E 42 -48.20 -37.38 -5.51
CA GLY E 42 -46.90 -36.82 -5.25
C GLY E 42 -46.53 -35.64 -6.11
N ARG E 43 -47.48 -35.08 -6.86
CA ARG E 43 -47.38 -33.73 -7.40
C ARG E 43 -46.43 -33.63 -8.59
N GLY E 44 -46.71 -32.70 -9.50
CA GLY E 44 -45.84 -32.40 -10.61
C GLY E 44 -46.32 -32.94 -11.94
N PRO E 45 -47.08 -32.12 -12.67
CA PRO E 45 -47.43 -32.51 -14.04
C PRO E 45 -46.17 -32.60 -14.89
N VAL E 46 -46.14 -33.59 -15.77
CA VAL E 46 -45.02 -33.77 -16.71
C VAL E 46 -45.61 -33.89 -18.12
N PHE E 47 -45.04 -33.12 -19.05
CA PHE E 47 -45.61 -32.99 -20.38
C PHE E 47 -45.46 -34.28 -21.17
N LEU E 48 -46.39 -34.49 -22.11
CA LEU E 48 -46.44 -35.72 -22.91
C LEU E 48 -46.46 -35.44 -24.40
N LEU E 49 -47.60 -35.02 -24.93
CA LEU E 49 -47.76 -34.76 -26.35
C LEU E 49 -48.36 -33.37 -26.58
N LEU E 50 -48.29 -32.94 -27.84
CA LEU E 50 -48.62 -31.57 -28.22
C LEU E 50 -49.03 -31.61 -29.69
N ILE E 51 -50.31 -31.34 -29.96
CA ILE E 51 -50.88 -31.51 -31.29
C ILE E 51 -51.56 -30.21 -31.71
N ARG E 52 -51.23 -29.75 -32.91
CA ARG E 52 -51.74 -28.51 -33.55
C ARG E 52 -53.08 -28.80 -34.20
N GLU E 53 -53.81 -27.78 -34.57
CA GLU E 53 -55.17 -28.02 -35.12
C GLU E 53 -55.14 -28.58 -36.52
N ASN E 54 -54.21 -28.18 -37.38
CA ASN E 54 -54.24 -28.66 -38.77
C ASN E 54 -53.72 -30.09 -38.86
N GLU E 55 -52.97 -30.54 -37.87
CA GLU E 55 -52.55 -31.94 -37.87
C GLU E 55 -53.68 -32.78 -37.30
N LYS E 56 -53.59 -34.08 -37.53
CA LYS E 56 -54.46 -35.07 -36.91
C LYS E 56 -53.65 -36.33 -36.69
N GLU E 57 -53.81 -36.90 -35.49
CA GLU E 57 -53.01 -38.02 -35.00
C GLU E 57 -51.53 -37.70 -34.93
N LYS E 58 -50.95 -37.91 -33.78
CA LYS E 58 -49.52 -37.72 -33.56
C LYS E 58 -49.12 -38.89 -32.68
N ARG E 59 -48.06 -39.59 -33.02
CA ARG E 59 -47.74 -40.78 -32.24
C ARG E 59 -46.31 -40.64 -31.73
N LYS E 60 -46.11 -41.14 -30.52
CA LYS E 60 -44.79 -41.22 -29.88
C LYS E 60 -44.86 -42.46 -29.03
N GLU E 61 -43.89 -43.36 -29.14
CA GLU E 61 -43.85 -44.62 -28.38
C GLU E 61 -45.19 -45.31 -28.54
N ARG E 62 -45.89 -45.42 -27.43
CA ARG E 62 -47.23 -45.99 -27.23
C ARG E 62 -48.31 -44.95 -27.14
N LEU E 63 -47.99 -43.67 -27.36
CA LEU E 63 -48.95 -42.59 -27.23
C LEU E 63 -49.52 -42.20 -28.59
N LYS E 64 -50.84 -42.05 -28.63
CA LYS E 64 -51.60 -41.80 -29.84
C LYS E 64 -52.61 -40.72 -29.46
N VAL E 65 -52.45 -39.51 -29.98
CA VAL E 65 -53.32 -38.41 -29.63
C VAL E 65 -53.92 -37.82 -30.89
N THR E 66 -55.17 -37.37 -30.78
CA THR E 66 -55.90 -36.82 -31.91
C THR E 66 -56.52 -35.49 -31.52
N PHE E 67 -56.71 -34.62 -32.51
CA PHE E 67 -57.27 -33.29 -32.28
C PHE E 67 -58.28 -33.01 -33.38
N ASP E 68 -59.56 -32.99 -33.02
CA ASP E 68 -60.65 -32.75 -33.95
C ASP E 68 -61.12 -31.31 -33.78
N THR E 69 -60.76 -30.45 -34.75
CA THR E 69 -61.14 -29.05 -34.68
C THR E 69 -62.65 -28.87 -34.65
N THR E 70 -63.36 -29.59 -35.52
CA THR E 70 -64.79 -29.37 -35.66
C THR E 70 -65.59 -30.09 -34.59
N LEU E 71 -65.13 -31.24 -34.12
CA LEU E 71 -65.81 -31.91 -33.01
C LEU E 71 -65.53 -31.26 -31.66
N LYS E 72 -64.52 -30.39 -31.57
CA LYS E 72 -64.14 -29.75 -30.32
C LYS E 72 -63.81 -30.81 -29.27
N GLN E 73 -62.86 -31.68 -29.62
CA GLN E 73 -62.57 -32.86 -28.83
C GLN E 73 -61.17 -33.36 -29.15
N SER E 74 -60.49 -33.87 -28.13
CA SER E 74 -59.20 -34.53 -28.29
C SER E 74 -59.25 -35.89 -27.61
N LEU E 75 -58.62 -36.88 -28.25
CA LEU E 75 -58.59 -38.24 -27.75
C LEU E 75 -57.14 -38.64 -27.52
N PHE E 76 -56.87 -39.22 -26.35
CA PHE E 76 -55.52 -39.60 -25.95
C PHE E 76 -55.48 -41.10 -25.76
N HIS E 77 -54.50 -41.76 -26.38
CA HIS E 77 -54.41 -43.22 -26.38
C HIS E 77 -53.05 -43.65 -25.85
N ILE E 78 -53.05 -44.44 -24.79
CA ILE E 78 -51.90 -45.25 -24.43
C ILE E 78 -52.16 -46.65 -24.96
N THR E 79 -51.30 -47.13 -25.86
CA THR E 79 -51.41 -48.48 -26.36
C THR E 79 -50.47 -49.42 -25.61
N ALA E 80 -50.82 -50.70 -25.60
CA ALA E 80 -50.03 -51.73 -24.91
C ALA E 80 -49.81 -51.35 -23.45
N SER E 81 -50.89 -50.91 -22.81
CA SER E 81 -50.80 -50.27 -21.51
C SER E 81 -50.09 -51.15 -20.49
N GLN E 82 -49.23 -50.50 -19.67
CA GLN E 82 -48.47 -51.03 -18.55
C GLN E 82 -49.10 -50.58 -17.24
N PRO E 83 -48.94 -51.34 -16.15
CA PRO E 83 -49.39 -50.82 -14.84
C PRO E 83 -48.60 -49.61 -14.39
N ALA E 84 -47.37 -49.44 -14.86
CA ALA E 84 -46.62 -48.23 -14.59
C ALA E 84 -47.30 -46.99 -15.19
N ASP E 85 -48.14 -47.17 -16.21
CA ASP E 85 -48.84 -46.05 -16.82
C ASP E 85 -49.95 -45.50 -15.94
N SER E 86 -50.29 -46.18 -14.86
CA SER E 86 -51.43 -45.77 -14.03
C SER E 86 -51.09 -44.48 -13.28
N ALA E 87 -51.83 -43.43 -13.59
CA ALA E 87 -51.75 -42.12 -12.93
C ALA E 87 -52.95 -41.31 -13.41
N THR E 88 -52.98 -40.02 -13.08
CA THR E 88 -54.02 -39.14 -13.59
C THR E 88 -53.46 -38.39 -14.79
N TYR E 89 -54.34 -38.06 -15.73
CA TYR E 89 -53.92 -37.51 -17.00
C TYR E 89 -54.71 -36.25 -17.31
N LEU E 90 -53.99 -35.19 -17.66
CA LEU E 90 -54.57 -33.86 -17.77
C LEU E 90 -54.63 -33.40 -19.22
N CYS E 91 -55.74 -32.79 -19.57
CA CYS E 91 -55.95 -32.12 -20.85
C CYS E 91 -55.69 -30.63 -20.67
N ALA E 92 -55.20 -29.99 -21.73
CA ALA E 92 -54.90 -28.57 -21.64
C ALA E 92 -55.05 -27.91 -23.00
N LEU E 93 -55.78 -26.80 -23.03
CA LEU E 93 -55.97 -26.03 -24.25
C LEU E 93 -55.13 -24.77 -24.22
N ASP E 94 -54.84 -24.26 -25.41
CA ASP E 94 -54.03 -23.07 -25.61
C ASP E 94 -54.91 -22.03 -26.29
N ILE E 95 -55.47 -21.12 -25.53
CA ILE E 95 -56.33 -20.08 -26.08
C ILE E 95 -55.50 -18.85 -26.32
N TYR E 96 -55.71 -18.18 -27.43
CA TYR E 96 -54.88 -17.00 -27.75
C TYR E 96 -55.05 -15.92 -26.70
N PRO E 97 -54.02 -15.13 -26.30
CA PRO E 97 -52.69 -15.17 -26.84
C PRO E 97 -51.82 -16.26 -26.18
N HIS E 98 -51.95 -16.46 -24.90
CA HIS E 98 -51.08 -17.46 -24.25
C HIS E 98 -51.75 -17.92 -22.98
N ASP E 99 -53.01 -18.27 -23.09
CA ASP E 99 -53.77 -18.72 -21.91
C ASP E 99 -53.81 -20.22 -22.01
N MET E 100 -53.02 -20.91 -21.22
CA MET E 100 -53.11 -22.38 -21.25
C MET E 100 -54.01 -22.71 -20.08
N ARG E 101 -55.21 -23.22 -20.38
CA ARG E 101 -56.23 -23.60 -19.39
C ARG E 101 -56.26 -25.10 -19.30
N PHE E 102 -56.41 -25.67 -18.12
CA PHE E 102 -56.33 -27.11 -17.90
C PHE E 102 -57.73 -27.64 -17.60
N GLY E 103 -57.99 -28.86 -18.07
CA GLY E 103 -59.16 -29.59 -17.63
C GLY E 103 -58.89 -30.23 -16.28
N ALA E 104 -59.88 -30.97 -15.80
CA ALA E 104 -59.67 -31.74 -14.59
C ALA E 104 -58.90 -33.01 -14.95
N GLY E 105 -58.77 -33.92 -13.99
CA GLY E 105 -58.06 -35.15 -14.23
C GLY E 105 -58.97 -36.26 -14.72
N THR E 106 -58.39 -37.12 -15.57
CA THR E 106 -58.89 -38.47 -15.75
C THR E 106 -57.84 -39.38 -15.13
N ARG E 107 -58.24 -40.11 -14.10
CA ARG E 107 -57.32 -40.98 -13.39
C ARG E 107 -57.37 -42.37 -14.02
N LEU E 108 -56.22 -42.83 -14.50
CA LEU E 108 -56.10 -44.15 -15.10
C LEU E 108 -55.44 -45.09 -14.11
N THR E 109 -55.93 -46.33 -14.07
CA THR E 109 -55.28 -47.39 -13.30
C THR E 109 -55.29 -48.65 -14.15
N VAL E 110 -54.11 -49.13 -14.52
CA VAL E 110 -53.98 -50.27 -15.41
C VAL E 110 -53.75 -51.48 -14.51
N LYS E 111 -54.81 -52.25 -14.29
CA LYS E 111 -54.73 -53.40 -13.42
C LYS E 111 -53.84 -54.48 -14.03
N PRO E 112 -53.02 -55.15 -13.23
CA PRO E 112 -52.04 -56.08 -13.78
C PRO E 112 -52.65 -57.40 -14.23
N ASN E 113 -52.01 -57.99 -15.23
CA ASN E 113 -52.30 -59.36 -15.63
C ASN E 113 -51.74 -60.33 -14.59
N ILE E 114 -52.56 -60.72 -13.62
CA ILE E 114 -52.12 -61.72 -12.64
C ILE E 114 -52.01 -63.05 -13.38
N GLN E 115 -50.79 -63.55 -13.50
CA GLN E 115 -50.51 -64.70 -14.37
C GLN E 115 -51.22 -65.95 -13.85
N ASN E 116 -50.98 -66.29 -12.60
CA ASN E 116 -51.58 -67.47 -11.99
C ASN E 116 -51.97 -67.14 -10.56
N PRO E 117 -53.27 -67.10 -10.25
CA PRO E 117 -53.70 -66.61 -8.94
C PRO E 117 -53.20 -67.54 -7.84
N ASP E 118 -53.23 -67.03 -6.63
CA ASP E 118 -52.75 -67.78 -5.49
C ASP E 118 -53.35 -67.15 -4.23
N PRO E 119 -54.68 -67.15 -4.09
CA PRO E 119 -55.29 -66.35 -3.03
C PRO E 119 -54.94 -66.92 -1.66
N ALA E 120 -54.63 -66.02 -0.73
CA ALA E 120 -54.23 -66.41 0.61
C ALA E 120 -54.36 -65.22 1.53
N VAL E 121 -54.53 -65.51 2.82
CA VAL E 121 -54.52 -64.50 3.86
C VAL E 121 -53.50 -64.96 4.89
N TYR E 122 -52.40 -64.24 4.99
CA TYR E 122 -51.32 -64.62 5.90
C TYR E 122 -51.39 -63.75 7.15
N GLN E 123 -50.96 -64.32 8.27
CA GLN E 123 -50.74 -63.55 9.48
C GLN E 123 -49.27 -63.19 9.58
N LEU E 124 -49.00 -61.92 9.81
CA LEU E 124 -47.65 -61.42 9.92
C LEU E 124 -47.26 -61.36 11.38
N ARG E 125 -46.01 -61.72 11.66
CA ARG E 125 -45.55 -61.76 13.04
C ARG E 125 -45.67 -60.37 13.66
N ASP E 126 -46.22 -60.32 14.87
CA ASP E 126 -46.41 -59.04 15.54
C ASP E 126 -45.08 -58.33 15.71
N SER E 127 -45.11 -57.01 15.63
CA SER E 127 -43.95 -56.25 16.05
C SER E 127 -43.87 -56.27 17.57
N LYS E 128 -42.66 -56.45 18.09
CA LYS E 128 -42.48 -56.38 19.53
C LYS E 128 -42.65 -54.96 20.06
N SER E 129 -43.01 -54.00 19.20
CA SER E 129 -43.05 -52.59 19.56
C SER E 129 -44.37 -51.91 19.23
N SER E 130 -45.39 -52.65 18.78
CA SER E 130 -46.71 -52.09 18.56
C SER E 130 -47.77 -53.07 19.05
N ASP E 131 -48.95 -52.53 19.34
CA ASP E 131 -50.06 -53.32 19.87
C ASP E 131 -50.88 -54.02 18.79
N LYS E 132 -50.68 -53.67 17.52
CA LYS E 132 -51.54 -54.14 16.44
C LYS E 132 -51.19 -55.57 16.05
N SER E 133 -52.16 -56.22 15.41
CA SER E 133 -51.96 -57.48 14.69
C SER E 133 -52.37 -57.28 13.25
N VAL E 134 -51.59 -57.82 12.31
CA VAL E 134 -51.72 -57.50 10.89
C VAL E 134 -51.89 -58.78 10.09
N CYS E 135 -52.98 -58.86 9.31
CA CYS E 135 -53.17 -59.90 8.32
C CYS E 135 -52.97 -59.30 6.93
N LEU E 136 -52.57 -60.14 5.98
CA LEU E 136 -52.25 -59.70 4.64
C LEU E 136 -52.97 -60.57 3.62
N PHE E 137 -53.75 -59.93 2.76
CA PHE E 137 -54.50 -60.59 1.70
C PHE E 137 -53.75 -60.33 0.39
N THR E 138 -53.26 -61.40 -0.24
CA THR E 138 -52.32 -61.23 -1.34
C THR E 138 -52.51 -62.32 -2.40
N ASP E 139 -52.02 -62.01 -3.61
CA ASP E 139 -51.81 -62.96 -4.70
C ASP E 139 -53.10 -63.38 -5.40
N PHE E 140 -54.08 -62.49 -5.47
CA PHE E 140 -55.33 -62.77 -6.16
C PHE E 140 -55.35 -61.99 -7.47
N ASP E 141 -56.23 -62.39 -8.37
CA ASP E 141 -56.28 -61.63 -9.62
C ASP E 141 -57.15 -60.39 -9.42
N SER E 142 -56.97 -59.42 -10.32
CA SER E 142 -57.55 -58.10 -10.12
C SER E 142 -59.07 -58.09 -10.13
N GLN E 143 -59.71 -59.16 -10.58
CA GLN E 143 -61.17 -59.24 -10.53
C GLN E 143 -61.69 -59.02 -9.12
N THR E 144 -61.02 -59.60 -8.12
CA THR E 144 -61.49 -59.50 -6.75
C THR E 144 -61.45 -58.03 -6.32
N ASN E 145 -62.47 -57.61 -5.57
CA ASN E 145 -62.51 -56.27 -5.03
C ASN E 145 -62.45 -56.34 -3.51
N VAL E 146 -61.83 -55.32 -2.93
CA VAL E 146 -61.54 -55.28 -1.50
C VAL E 146 -62.34 -54.13 -0.90
N SER E 147 -63.11 -54.43 0.14
CA SER E 147 -63.99 -53.47 0.78
C SER E 147 -63.44 -53.06 2.14
N GLN E 148 -63.86 -51.88 2.60
CA GLN E 148 -63.55 -51.48 3.96
C GLN E 148 -64.27 -52.43 4.93
N SER E 149 -63.85 -52.39 6.19
CA SER E 149 -64.46 -53.24 7.19
C SER E 149 -65.65 -52.54 7.83
N LYS E 150 -66.60 -53.35 8.30
CA LYS E 150 -67.76 -52.80 8.99
C LYS E 150 -67.44 -52.43 10.43
N ASP E 151 -66.36 -52.98 10.98
CA ASP E 151 -65.92 -52.59 12.31
C ASP E 151 -65.29 -51.21 12.25
N SER E 152 -65.54 -50.40 13.28
CA SER E 152 -64.91 -49.09 13.34
C SER E 152 -63.46 -49.18 13.79
N ASP E 153 -63.11 -50.23 14.54
CA ASP E 153 -61.76 -50.42 15.07
C ASP E 153 -60.96 -51.44 14.26
N VAL E 154 -61.36 -51.71 13.02
CA VAL E 154 -60.61 -52.58 12.12
C VAL E 154 -60.37 -51.81 10.83
N TYR E 155 -59.11 -51.74 10.41
CA TYR E 155 -58.70 -50.94 9.27
C TYR E 155 -58.29 -51.86 8.13
N ILE E 156 -58.68 -51.49 6.91
CA ILE E 156 -58.41 -52.28 5.72
C ILE E 156 -58.06 -51.31 4.59
N THR E 157 -56.91 -51.51 3.98
CA THR E 157 -56.43 -50.65 2.91
C THR E 157 -56.78 -51.27 1.56
N ASP E 158 -56.95 -50.41 0.57
CA ASP E 158 -57.35 -50.87 -0.76
C ASP E 158 -56.19 -51.63 -1.41
N LYS E 159 -56.53 -52.49 -2.37
CA LYS E 159 -55.53 -53.37 -2.96
C LYS E 159 -54.49 -52.55 -3.71
N CYS E 160 -53.42 -53.23 -4.13
CA CYS E 160 -52.27 -52.51 -4.65
C CYS E 160 -51.34 -53.48 -5.35
N VAL E 161 -50.59 -52.95 -6.32
CA VAL E 161 -49.77 -53.76 -7.21
C VAL E 161 -48.34 -53.78 -6.71
N LEU E 162 -47.58 -54.80 -7.13
CA LEU E 162 -46.27 -55.13 -6.57
C LEU E 162 -45.36 -55.54 -7.71
N ASP E 163 -44.58 -54.60 -8.25
CA ASP E 163 -43.71 -54.89 -9.38
C ASP E 163 -42.40 -55.48 -8.86
N MET E 164 -42.40 -56.81 -8.68
CA MET E 164 -41.17 -57.55 -8.37
C MET E 164 -40.35 -57.69 -9.66
N ARG E 165 -39.74 -56.56 -10.05
CA ARG E 165 -39.13 -56.42 -11.37
C ARG E 165 -38.12 -57.53 -11.62
N SER E 166 -37.26 -57.80 -10.64
CA SER E 166 -36.15 -58.74 -10.80
C SER E 166 -36.57 -60.06 -11.44
N MET E 167 -37.75 -60.57 -11.10
CA MET E 167 -38.19 -61.87 -11.60
C MET E 167 -39.54 -61.79 -12.32
N ASP E 168 -39.77 -60.69 -13.04
CA ASP E 168 -40.96 -60.49 -13.88
C ASP E 168 -42.23 -60.93 -13.14
N PHE E 169 -42.46 -60.31 -12.00
CA PHE E 169 -43.54 -60.74 -11.11
C PHE E 169 -44.31 -59.53 -10.63
N LYS E 170 -45.63 -59.61 -10.76
CA LYS E 170 -46.55 -58.63 -10.19
C LYS E 170 -47.55 -59.38 -9.35
N SER E 171 -48.01 -58.73 -8.27
CA SER E 171 -48.98 -59.36 -7.40
C SER E 171 -49.80 -58.30 -6.69
N ASN E 172 -51.05 -58.65 -6.39
CA ASN E 172 -51.92 -57.79 -5.61
C ASN E 172 -51.76 -58.07 -4.12
N SER E 173 -52.18 -57.11 -3.31
CA SER E 173 -52.09 -57.24 -1.86
C SER E 173 -52.93 -56.15 -1.20
N ALA E 174 -53.53 -56.51 -0.05
CA ALA E 174 -54.28 -55.58 0.77
C ALA E 174 -54.15 -55.98 2.24
N VAL E 175 -53.99 -54.98 3.10
CA VAL E 175 -53.57 -55.18 4.49
C VAL E 175 -54.71 -54.83 5.43
N ALA E 176 -54.87 -55.63 6.49
CA ALA E 176 -55.85 -55.40 7.54
C ALA E 176 -55.18 -55.51 8.90
N TRP E 177 -55.32 -54.47 9.73
CA TRP E 177 -54.76 -54.48 11.08
C TRP E 177 -55.79 -54.01 12.10
N SER E 178 -55.73 -54.62 13.29
CA SER E 178 -56.53 -54.21 14.44
C SER E 178 -55.87 -54.78 15.68
N ASN E 179 -56.19 -54.20 16.84
CA ASN E 179 -55.58 -54.64 18.08
C ASN E 179 -56.55 -55.29 19.08
N LYS E 180 -57.81 -55.49 18.71
CA LYS E 180 -58.70 -56.24 19.58
C LYS E 180 -58.23 -57.69 19.69
N SER E 181 -58.35 -58.25 20.89
CA SER E 181 -57.88 -59.63 21.11
C SER E 181 -58.71 -60.64 20.33
N ASP E 182 -60.01 -60.39 20.18
CA ASP E 182 -60.89 -61.30 19.46
C ASP E 182 -60.85 -61.09 17.95
N PHE E 183 -59.79 -60.46 17.43
CA PHE E 183 -59.66 -60.21 16.00
C PHE E 183 -58.72 -61.24 15.41
N ALA E 184 -59.04 -61.73 14.23
CA ALA E 184 -58.23 -62.77 13.63
C ALA E 184 -58.35 -62.74 12.12
N CYS E 185 -57.37 -63.37 11.46
CA CYS E 185 -57.28 -63.34 10.01
C CYS E 185 -58.45 -64.09 9.38
N ALA E 186 -58.80 -65.26 9.94
CA ALA E 186 -59.74 -66.18 9.30
C ALA E 186 -61.00 -65.49 8.82
N ASN E 187 -61.43 -64.41 9.49
CA ASN E 187 -62.47 -63.57 8.91
C ASN E 187 -62.27 -62.14 9.42
N ALA E 188 -61.34 -61.44 8.77
CA ALA E 188 -61.30 -59.99 8.79
C ALA E 188 -61.59 -59.38 7.43
N PHE E 189 -61.42 -60.18 6.39
CA PHE E 189 -61.71 -59.74 5.01
C PHE E 189 -62.98 -60.43 4.59
N ASN E 190 -63.89 -60.61 5.54
CA ASN E 190 -65.14 -61.36 5.31
C ASN E 190 -66.28 -60.38 5.06
N ASN E 191 -65.96 -59.22 4.52
CA ASN E 191 -66.92 -58.19 4.08
C ASN E 191 -66.51 -57.97 2.64
N SER E 192 -65.97 -59.02 2.04
CA SER E 192 -65.53 -58.92 0.66
C SER E 192 -65.74 -60.26 -0.04
N ILE E 193 -65.84 -60.20 -1.36
CA ILE E 193 -65.99 -61.42 -2.17
C ILE E 193 -64.60 -61.99 -2.39
N ILE E 194 -64.19 -62.88 -1.49
CA ILE E 194 -62.88 -63.51 -1.54
C ILE E 194 -62.98 -64.68 -2.53
N PRO E 195 -61.94 -64.96 -3.31
CA PRO E 195 -61.92 -66.20 -4.08
C PRO E 195 -62.23 -67.38 -3.17
N GLU E 196 -63.02 -68.32 -3.69
CA GLU E 196 -63.54 -69.38 -2.84
C GLU E 196 -62.42 -70.26 -2.30
N ASP E 197 -61.41 -70.53 -3.12
CA ASP E 197 -60.26 -71.35 -2.71
C ASP E 197 -59.15 -70.49 -2.11
N THR E 198 -59.48 -69.65 -1.13
CA THR E 198 -58.47 -68.79 -0.50
C THR E 198 -57.92 -69.50 0.73
N PHE E 199 -56.60 -69.65 0.77
CA PHE E 199 -55.94 -70.48 1.76
C PHE E 199 -55.73 -69.72 3.06
N PHE E 200 -56.07 -70.36 4.18
CA PHE E 200 -55.90 -69.80 5.51
C PHE E 200 -54.96 -70.71 6.28
N PRO E 201 -53.75 -70.27 6.61
CA PRO E 201 -52.77 -71.16 7.26
C PRO E 201 -53.17 -71.49 8.69
N SER E 202 -52.40 -72.40 9.27
CA SER E 202 -52.64 -72.96 10.58
C SER E 202 -51.45 -72.72 11.49
N PRO E 203 -51.66 -72.25 12.73
CA PRO E 203 -50.63 -71.93 13.72
C PRO E 203 -49.68 -73.08 14.01
N GLY F 1 77.13 -21.75 30.15
CA GLY F 1 75.80 -21.24 30.44
C GLY F 1 75.28 -20.29 29.37
N SER F 2 73.97 -20.30 29.18
CA SER F 2 73.31 -19.45 28.22
C SER F 2 72.95 -18.11 28.85
N HIS F 3 72.47 -17.18 28.03
CA HIS F 3 72.19 -15.83 28.49
C HIS F 3 71.02 -15.24 27.71
N SER F 4 70.46 -14.17 28.26
CA SER F 4 69.30 -13.52 27.68
C SER F 4 69.23 -12.08 28.17
N MET F 5 68.86 -11.17 27.28
CA MET F 5 68.54 -9.79 27.62
C MET F 5 67.06 -9.56 27.34
N ARG F 6 66.34 -9.04 28.35
CA ARG F 6 64.91 -8.82 28.22
C ARG F 6 64.57 -7.40 28.64
N TYR F 7 63.43 -6.92 28.14
CA TYR F 7 62.93 -5.59 28.44
C TYR F 7 61.45 -5.68 28.81
N PHE F 8 61.07 -5.02 29.90
CA PHE F 8 59.71 -5.06 30.41
C PHE F 8 59.20 -3.62 30.50
N PHE F 9 58.09 -3.37 29.82
CA PHE F 9 57.47 -2.05 29.77
C PHE F 9 56.06 -2.15 30.32
N THR F 10 55.69 -1.22 31.22
CA THR F 10 54.37 -1.19 31.82
C THR F 10 53.81 0.22 31.71
N SER F 11 52.51 0.31 31.41
CA SER F 11 51.86 1.59 31.18
C SER F 11 50.44 1.52 31.72
N VAL F 12 50.16 2.31 32.76
CA VAL F 12 48.89 2.28 33.46
C VAL F 12 48.23 3.65 33.30
N SER F 13 46.97 3.65 32.86
CA SER F 13 46.28 4.90 32.58
C SER F 13 45.82 5.56 33.87
N ARG F 14 45.66 6.88 33.80
CA ARG F 14 45.19 7.69 34.93
C ARG F 14 44.20 8.72 34.42
N PRO F 15 42.90 8.42 34.47
CA PRO F 15 41.89 9.37 33.98
C PRO F 15 41.79 10.60 34.88
N GLY F 16 41.80 11.78 34.24
CA GLY F 16 41.68 13.02 34.98
C GLY F 16 42.90 13.42 35.77
N ARG F 17 43.80 12.47 36.01
CA ARG F 17 45.02 12.70 36.76
C ARG F 17 46.22 12.89 35.84
N GLY F 18 45.97 13.35 34.62
CA GLY F 18 47.03 13.72 33.69
C GLY F 18 47.50 12.58 32.81
N GLU F 19 48.81 12.53 32.56
CA GLU F 19 49.31 11.53 31.66
C GLU F 19 49.50 10.19 32.37
N PRO F 20 49.34 9.09 31.64
CA PRO F 20 49.48 7.77 32.26
C PRO F 20 50.90 7.49 32.72
N ARG F 21 51.01 6.72 33.80
CA ARG F 21 52.31 6.37 34.36
C ARG F 21 52.97 5.32 33.49
N PHE F 22 54.23 5.56 33.14
CA PHE F 22 55.00 4.66 32.31
C PHE F 22 56.25 4.26 33.09
N ILE F 23 56.53 2.96 33.13
CA ILE F 23 57.72 2.44 33.81
C ILE F 23 58.30 1.34 32.95
N ALA F 24 59.59 1.47 32.60
CA ALA F 24 60.31 0.50 31.81
C ALA F 24 61.54 0.05 32.58
N VAL F 25 61.87 -1.23 32.45
CA VAL F 25 63.02 -1.81 33.15
C VAL F 25 63.69 -2.80 32.21
N GLY F 26 65.02 -2.87 32.28
CA GLY F 26 65.80 -3.74 31.43
C GLY F 26 66.61 -4.72 32.25
N TYR F 27 66.71 -5.96 31.75
CA TYR F 27 67.42 -7.04 32.40
C TYR F 27 68.41 -7.68 31.45
N VAL F 28 69.57 -8.08 31.98
CA VAL F 28 70.44 -9.05 31.35
C VAL F 28 70.50 -10.26 32.27
N ASP F 29 70.11 -11.43 31.75
CA ASP F 29 69.81 -12.61 32.57
C ASP F 29 68.87 -12.24 33.70
N ASP F 30 69.31 -12.40 34.93
CA ASP F 30 68.50 -12.09 36.10
C ASP F 30 68.93 -10.79 36.76
N THR F 31 69.88 -10.07 36.17
CA THR F 31 70.41 -8.83 36.73
C THR F 31 69.85 -7.66 35.93
N GLN F 32 69.14 -6.78 36.62
CA GLN F 32 68.59 -5.57 36.01
C GLN F 32 69.71 -4.53 35.83
N PHE F 33 69.69 -3.83 34.69
CA PHE F 33 70.77 -2.91 34.39
C PHE F 33 70.36 -1.52 33.92
N VAL F 34 69.09 -1.28 33.62
CA VAL F 34 68.59 0.06 33.30
C VAL F 34 67.16 0.14 33.79
N ARG F 35 66.68 1.37 33.98
CA ARG F 35 65.29 1.58 34.35
C ARG F 35 64.87 2.99 33.96
N PHE F 36 63.56 3.19 33.91
CA PHE F 36 62.95 4.48 33.64
C PHE F 36 61.65 4.58 34.42
N ASP F 37 61.29 5.81 34.80
CA ASP F 37 60.10 6.03 35.62
C ASP F 37 59.54 7.39 35.26
N SER F 38 58.36 7.40 34.62
CA SER F 38 57.80 8.65 34.11
C SER F 38 57.48 9.64 35.23
N ASP F 39 57.30 9.17 36.46
CA ASP F 39 57.05 10.04 37.60
C ASP F 39 58.35 10.58 38.21
N ALA F 40 59.50 10.05 37.82
CA ALA F 40 60.77 10.41 38.42
C ALA F 40 61.23 11.79 37.94
N ALA F 41 62.28 12.28 38.60
CA ALA F 41 62.77 13.64 38.36
C ALA F 41 63.43 13.74 36.99
N SER F 42 64.36 12.82 36.69
CA SER F 42 65.28 13.00 35.58
C SER F 42 64.60 12.98 34.22
N GLN F 43 63.42 12.38 34.09
CA GLN F 43 62.82 12.12 32.78
C GLN F 43 63.85 11.49 31.85
N ARG F 44 64.70 10.62 32.42
CA ARG F 44 65.86 10.18 31.66
C ARG F 44 66.24 8.78 32.12
N MET F 45 66.67 7.97 31.17
CA MET F 45 66.95 6.56 31.45
C MET F 45 68.17 6.42 32.37
N GLU F 46 67.96 5.79 33.51
CA GLU F 46 68.99 5.68 34.53
C GLU F 46 69.66 4.31 34.48
N PRO F 47 70.88 4.21 35.00
CA PRO F 47 71.52 2.91 35.21
C PRO F 47 71.16 2.37 36.58
N ARG F 48 71.38 1.05 36.69
CA ARG F 48 71.11 0.26 37.91
C ARG F 48 72.07 -0.91 38.02
N ALA F 49 73.27 -0.80 37.43
CA ALA F 49 74.35 -1.77 37.58
C ALA F 49 75.61 -1.00 37.24
N PRO F 50 76.70 -1.23 37.98
CA PRO F 50 77.92 -0.42 37.77
C PRO F 50 78.48 -0.52 36.36
N TRP F 51 78.43 -1.71 35.74
CA TRP F 51 79.07 -1.87 34.45
C TRP F 51 78.33 -1.18 33.32
N ILE F 52 77.19 -0.54 33.58
CA ILE F 52 76.48 0.20 32.54
C ILE F 52 76.60 1.70 32.73
N GLU F 53 77.17 2.15 33.84
CA GLU F 53 77.57 3.55 33.98
C GLU F 53 78.77 3.86 33.10
N GLN F 54 79.39 2.81 32.56
CA GLN F 54 80.52 2.91 31.64
C GLN F 54 80.19 3.65 30.35
N GLU F 55 78.92 3.73 29.98
CA GLU F 55 78.55 4.25 28.68
C GLU F 55 78.61 5.77 28.65
N GLY F 56 79.00 6.32 27.50
CA GLY F 56 79.00 7.74 27.32
C GLY F 56 77.60 8.28 27.17
N PRO F 57 77.49 9.60 27.01
CA PRO F 57 76.15 10.19 26.82
C PRO F 57 75.54 9.89 25.46
N GLU F 58 76.34 9.53 24.45
CA GLU F 58 75.78 9.14 23.16
C GLU F 58 74.82 7.95 23.30
N TYR F 59 75.06 7.10 24.29
CA TYR F 59 74.20 5.95 24.55
C TYR F 59 73.01 6.35 25.40
N TRP F 60 73.28 7.06 26.50
CA TRP F 60 72.21 7.43 27.42
C TRP F 60 71.23 8.40 26.78
N ASP F 61 71.72 9.31 25.93
CA ASP F 61 70.81 10.11 25.10
C ASP F 61 69.90 9.21 24.28
N GLY F 62 70.46 8.16 23.68
CA GLY F 62 69.71 7.24 22.85
C GLY F 62 68.60 6.52 23.59
N GLU F 63 68.97 5.67 24.56
CA GLU F 63 67.97 4.98 25.37
C GLU F 63 66.99 5.91 26.05
N THR F 64 67.30 7.21 26.16
CA THR F 64 66.29 8.15 26.65
C THR F 64 65.32 8.54 25.54
N ARG F 65 65.83 8.73 24.33
CA ARG F 65 64.95 9.02 23.20
C ARG F 65 64.03 7.84 22.91
N LYS F 66 64.60 6.62 22.92
CA LYS F 66 63.81 5.43 22.61
C LYS F 66 62.75 5.16 23.67
N VAL F 67 63.09 5.30 24.96
CA VAL F 67 62.10 4.97 25.99
C VAL F 67 61.01 6.03 26.02
N LYS F 68 61.35 7.28 25.70
CA LYS F 68 60.32 8.29 25.52
C LYS F 68 59.45 7.96 24.31
N ALA F 69 60.01 7.26 23.32
CA ALA F 69 59.24 6.81 22.17
C ALA F 69 58.25 5.71 22.55
N HIS F 70 58.73 4.63 23.20
CA HIS F 70 57.82 3.61 23.72
C HIS F 70 56.69 4.25 24.53
N SER F 71 57.06 5.19 25.41
CA SER F 71 56.09 5.80 26.32
C SER F 71 54.94 6.46 25.56
N GLN F 72 55.26 7.28 24.56
CA GLN F 72 54.21 7.95 23.79
C GLN F 72 53.55 7.05 22.76
N THR F 73 54.01 5.81 22.59
CA THR F 73 53.22 4.83 21.87
C THR F 73 52.14 4.25 22.76
N HIS F 74 52.54 3.74 23.93
CA HIS F 74 51.56 3.22 24.89
C HIS F 74 50.56 4.30 25.28
N ARG F 75 50.99 5.56 25.31
CA ARG F 75 50.06 6.65 25.62
C ARG F 75 48.93 6.72 24.59
N VAL F 76 49.27 6.60 23.32
CA VAL F 76 48.24 6.55 22.29
C VAL F 76 47.51 5.21 22.31
N ASP F 77 48.26 4.12 22.52
CA ASP F 77 47.66 2.78 22.45
C ASP F 77 46.56 2.60 23.50
N LEU F 78 46.75 3.15 24.71
CA LEU F 78 45.70 3.07 25.72
C LEU F 78 44.40 3.66 25.16
N GLY F 79 44.49 4.84 24.55
CA GLY F 79 43.33 5.43 23.91
C GLY F 79 42.85 4.63 22.71
N THR F 80 43.78 3.96 22.01
CA THR F 80 43.41 3.12 20.89
C THR F 80 42.67 1.88 21.38
N LEU F 81 43.24 1.17 22.36
CA LEU F 81 42.61 -0.06 22.84
C LEU F 81 41.30 0.23 23.55
N ARG F 82 41.23 1.32 24.32
CA ARG F 82 39.97 1.73 24.95
C ARG F 82 38.87 1.88 23.91
N GLY F 83 39.20 2.38 22.72
CA GLY F 83 38.24 2.47 21.64
C GLY F 83 38.02 1.15 20.96
N TYR F 84 39.11 0.38 20.80
CA TYR F 84 39.00 -0.98 20.26
C TYR F 84 38.01 -1.82 21.05
N TYR F 85 38.00 -1.67 22.38
CA TYR F 85 37.18 -2.49 23.24
C TYR F 85 35.91 -1.77 23.68
N ASN F 86 35.70 -0.54 23.21
CA ASN F 86 34.48 0.22 23.47
C ASN F 86 34.25 0.40 24.97
N GLN F 87 35.31 0.84 25.65
CA GLN F 87 35.32 1.11 27.08
C GLN F 87 35.28 2.62 27.31
N SER F 88 34.86 3.00 28.51
CA SER F 88 34.84 4.39 28.89
C SER F 88 36.20 4.83 29.41
N GLU F 89 36.48 6.11 29.29
CA GLU F 89 37.71 6.69 29.82
C GLU F 89 37.55 7.11 31.28
N ALA F 90 36.88 6.26 32.07
CA ALA F 90 36.75 6.46 33.51
C ALA F 90 37.49 5.42 34.33
N GLY F 91 37.68 4.21 33.80
CA GLY F 91 38.44 3.20 34.50
C GLY F 91 39.89 3.20 34.06
N SER F 92 40.76 2.74 34.96
CA SER F 92 42.18 2.66 34.69
C SER F 92 42.50 1.35 34.00
N HIS F 93 43.25 1.42 32.90
CA HIS F 93 43.57 0.25 32.11
C HIS F 93 45.09 0.17 31.93
N THR F 94 45.57 -1.05 31.67
CA THR F 94 47.00 -1.34 31.75
C THR F 94 47.49 -2.03 30.50
N VAL F 95 48.53 -1.47 29.88
CA VAL F 95 49.22 -2.05 28.74
C VAL F 95 50.64 -2.42 29.14
N GLN F 96 51.06 -3.65 28.81
CA GLN F 96 52.41 -4.12 29.05
C GLN F 96 53.03 -4.60 27.73
N ARG F 97 54.36 -4.64 27.71
CA ARG F 97 55.10 -4.98 26.52
C ARG F 97 56.45 -5.57 26.92
N MET F 98 56.86 -6.63 26.21
CA MET F 98 58.06 -7.39 26.57
C MET F 98 58.76 -7.87 25.30
N TYR F 99 60.08 -7.69 25.24
CA TYR F 99 60.85 -8.26 24.15
C TYR F 99 62.30 -8.45 24.58
N GLY F 100 62.96 -9.37 23.89
CA GLY F 100 64.35 -9.67 24.18
C GLY F 100 64.85 -10.78 23.29
N CYS F 101 66.05 -11.28 23.61
CA CYS F 101 66.70 -12.29 22.77
C CYS F 101 67.55 -13.18 23.66
N ASP F 102 67.61 -14.46 23.31
CA ASP F 102 68.43 -15.44 24.03
C ASP F 102 69.58 -15.89 23.15
N VAL F 103 70.67 -16.30 23.78
CA VAL F 103 71.84 -16.80 23.06
C VAL F 103 72.30 -18.08 23.73
N GLY F 104 73.09 -18.86 22.99
CA GLY F 104 73.56 -20.12 23.49
C GLY F 104 74.81 -19.98 24.34
N SER F 105 75.45 -21.12 24.61
CA SER F 105 76.71 -21.11 25.34
C SER F 105 77.81 -20.49 24.50
N ASP F 106 77.73 -20.64 23.19
CA ASP F 106 78.61 -19.99 22.23
C ASP F 106 78.21 -18.55 21.94
N TRP F 107 77.28 -18.00 22.70
CA TRP F 107 76.78 -16.62 22.55
C TRP F 107 76.17 -16.34 21.18
N ARG F 108 75.83 -17.37 20.42
CA ARG F 108 75.12 -17.17 19.16
C ARG F 108 73.62 -17.08 19.44
N PHE F 109 72.90 -16.33 18.60
CA PHE F 109 71.46 -16.17 18.78
C PHE F 109 70.78 -17.53 18.86
N LEU F 110 69.79 -17.63 19.74
CA LEU F 110 69.08 -18.89 19.99
C LEU F 110 67.58 -18.77 19.78
N ARG F 111 66.95 -17.71 20.27
CA ARG F 111 65.51 -17.49 20.14
C ARG F 111 65.19 -16.07 20.58
N GLY F 112 64.17 -15.48 19.96
CA GLY F 112 63.72 -14.15 20.29
C GLY F 112 62.26 -14.13 20.72
N TYR F 113 61.84 -12.98 21.25
CA TYR F 113 60.44 -12.81 21.60
C TYR F 113 60.09 -11.33 21.66
N HIS F 114 58.83 -11.04 21.33
CA HIS F 114 58.22 -9.72 21.45
C HIS F 114 56.73 -9.93 21.65
N GLN F 115 56.15 -9.23 22.62
CA GLN F 115 54.73 -9.48 22.87
C GLN F 115 54.11 -8.37 23.71
N TYR F 116 52.83 -8.15 23.44
CA TYR F 116 52.03 -7.03 23.92
C TYR F 116 50.90 -7.58 24.79
N ALA F 117 50.38 -6.76 25.70
CA ALA F 117 49.31 -7.22 26.56
C ALA F 117 48.46 -6.05 27.03
N TYR F 118 47.15 -6.26 27.08
CA TYR F 118 46.21 -5.25 27.57
C TYR F 118 45.45 -5.82 28.76
N ASP F 119 45.57 -5.16 29.91
CA ASP F 119 44.79 -5.47 31.10
C ASP F 119 44.97 -6.91 31.56
N GLY F 120 46.21 -7.41 31.48
CA GLY F 120 46.54 -8.69 32.05
C GLY F 120 46.33 -9.89 31.15
N LYS F 121 45.81 -9.71 29.94
CA LYS F 121 45.55 -10.80 29.02
C LYS F 121 46.33 -10.55 27.74
N ASP F 122 46.61 -11.63 27.01
CA ASP F 122 47.32 -11.52 25.75
C ASP F 122 46.57 -10.61 24.77
N TYR F 123 47.34 -9.91 23.94
CA TYR F 123 46.76 -9.11 22.87
C TYR F 123 47.37 -9.52 21.53
N ILE F 124 48.68 -9.30 21.38
CA ILE F 124 49.41 -9.69 20.18
C ILE F 124 50.79 -10.17 20.61
N ALA F 125 51.42 -10.93 19.73
CA ALA F 125 52.71 -11.52 20.04
C ALA F 125 53.37 -11.97 18.75
N LEU F 126 54.64 -11.60 18.57
CA LEU F 126 55.42 -12.13 17.47
C LEU F 126 55.58 -13.63 17.68
N LYS F 127 55.32 -14.41 16.62
CA LYS F 127 55.43 -15.85 16.75
C LYS F 127 56.90 -16.23 16.95
N GLU F 128 57.12 -17.48 17.37
CA GLU F 128 58.47 -17.90 17.74
C GLU F 128 59.43 -17.81 16.56
N ASP F 129 58.93 -17.92 15.33
CA ASP F 129 59.78 -17.80 14.16
C ASP F 129 60.03 -16.35 13.74
N LEU F 130 59.55 -15.38 14.50
CA LEU F 130 59.83 -13.95 14.31
C LEU F 130 59.47 -13.43 12.92
N ARG F 131 58.55 -14.09 12.22
CA ARG F 131 58.19 -13.66 10.87
C ARG F 131 56.70 -13.41 10.69
N SER F 132 55.87 -13.63 11.71
CA SER F 132 54.46 -13.26 11.65
C SER F 132 53.91 -13.15 13.06
N TRP F 133 52.71 -12.58 13.15
CA TRP F 133 52.09 -12.26 14.43
C TRP F 133 51.01 -13.28 14.79
N THR F 134 50.69 -13.29 16.08
CA THR F 134 49.54 -14.03 16.62
C THR F 134 48.68 -13.03 17.36
N ALA F 135 47.54 -12.69 16.76
CA ALA F 135 46.55 -11.87 17.44
C ALA F 135 45.66 -12.78 18.28
N ALA F 136 45.43 -12.40 19.53
CA ALA F 136 44.63 -13.21 20.44
C ALA F 136 43.16 -12.83 20.44
N ASP F 137 42.79 -11.76 19.75
CA ASP F 137 41.47 -11.19 19.85
C ASP F 137 40.92 -10.95 18.45
N MET F 138 39.62 -10.69 18.39
CA MET F 138 39.07 -10.05 17.20
C MET F 138 39.60 -8.63 17.09
N ALA F 139 39.74 -7.94 18.23
CA ALA F 139 40.26 -6.58 18.24
C ALA F 139 41.72 -6.55 17.80
N ALA F 140 42.53 -7.49 18.31
CA ALA F 140 43.95 -7.54 17.99
C ALA F 140 44.22 -7.75 16.51
N GLN F 141 43.24 -8.25 15.75
CA GLN F 141 43.38 -8.35 14.30
C GLN F 141 43.63 -6.97 13.67
N THR F 142 42.91 -5.95 14.13
CA THR F 142 43.08 -4.62 13.57
C THR F 142 44.52 -4.15 13.65
N THR F 143 45.17 -4.39 14.80
CA THR F 143 46.59 -4.10 14.93
C THR F 143 47.41 -4.98 13.99
N LYS F 144 47.13 -6.28 13.99
CA LYS F 144 47.85 -7.24 13.16
C LYS F 144 47.94 -6.76 11.71
N HIS F 145 46.80 -6.38 11.12
CA HIS F 145 46.79 -5.88 9.75
C HIS F 145 47.62 -4.61 9.63
N LYS F 146 47.46 -3.67 10.57
CA LYS F 146 48.21 -2.42 10.53
C LYS F 146 49.71 -2.66 10.55
N TRP F 147 50.17 -3.64 11.33
CA TRP F 147 51.59 -3.91 11.43
C TRP F 147 52.11 -4.78 10.30
N GLU F 148 51.27 -5.68 9.77
CA GLU F 148 51.63 -6.38 8.55
C GLU F 148 51.82 -5.42 7.39
N ALA F 149 51.05 -4.32 7.37
CA ALA F 149 51.15 -3.34 6.30
C ALA F 149 52.43 -2.51 6.38
N ALA F 150 53.07 -2.46 7.55
CA ALA F 150 54.30 -1.70 7.74
C ALA F 150 55.53 -2.59 7.83
N HIS F 151 55.38 -3.90 7.60
CA HIS F 151 56.50 -4.85 7.66
C HIS F 151 57.17 -4.82 9.03
N VAL F 152 56.38 -4.60 10.08
CA VAL F 152 56.91 -4.45 11.42
C VAL F 152 57.68 -5.70 11.85
N ALA F 153 57.17 -6.88 11.49
CA ALA F 153 57.83 -8.14 11.85
C ALA F 153 59.27 -8.20 11.35
N GLU F 154 59.53 -7.81 10.10
CA GLU F 154 60.90 -7.83 9.59
C GLU F 154 61.84 -6.97 10.43
N GLN F 155 61.35 -5.81 10.86
CA GLN F 155 62.21 -4.83 11.52
C GLN F 155 62.38 -5.14 12.98
N LEU F 156 61.37 -5.74 13.62
CA LEU F 156 61.56 -6.24 14.97
C LEU F 156 62.51 -7.44 14.98
N ARG F 157 62.42 -8.30 13.96
CA ARG F 157 63.34 -9.42 13.86
C ARG F 157 64.77 -8.94 13.63
N ALA F 158 64.94 -7.95 12.75
CA ALA F 158 66.26 -7.35 12.53
C ALA F 158 66.89 -6.92 13.85
N TYR F 159 66.10 -6.29 14.72
CA TYR F 159 66.62 -5.95 16.04
C TYR F 159 66.89 -7.18 16.88
N LEU F 160 66.01 -8.18 16.83
CA LEU F 160 66.15 -9.33 17.72
C LEU F 160 67.31 -10.22 17.33
N GLU F 161 67.40 -10.59 16.05
CA GLU F 161 68.46 -11.48 15.60
C GLU F 161 69.79 -10.77 15.43
N GLY F 162 69.79 -9.46 15.32
CA GLY F 162 71.02 -8.71 15.12
C GLY F 162 71.45 -7.89 16.31
N THR F 163 71.02 -6.62 16.35
CA THR F 163 71.45 -5.67 17.38
C THR F 163 71.30 -6.22 18.80
N CYS F 164 70.28 -7.03 19.05
CA CYS F 164 70.02 -7.48 20.41
C CYS F 164 71.11 -8.40 20.91
N VAL F 165 71.55 -9.35 20.06
CA VAL F 165 72.57 -10.29 20.51
C VAL F 165 73.96 -9.68 20.48
N GLU F 166 74.20 -8.65 19.66
CA GLU F 166 75.48 -7.95 19.70
C GLU F 166 75.65 -7.21 21.02
N TRP F 167 74.70 -6.34 21.38
CA TRP F 167 74.82 -5.56 22.61
C TRP F 167 74.79 -6.45 23.84
N LEU F 168 74.12 -7.62 23.77
CA LEU F 168 74.17 -8.55 24.89
C LEU F 168 75.58 -9.09 25.09
N ARG F 169 76.27 -9.43 23.99
CA ARG F 169 77.66 -9.84 24.10
C ARG F 169 78.50 -8.74 24.73
N ARG F 170 78.37 -7.52 24.20
CA ARG F 170 78.98 -6.35 24.82
C ARG F 170 78.66 -6.28 26.30
N TYR F 171 77.38 -6.44 26.65
CA TYR F 171 76.96 -6.30 28.05
C TYR F 171 77.61 -7.38 28.92
N LEU F 172 77.59 -8.63 28.47
CA LEU F 172 78.25 -9.70 29.23
C LEU F 172 79.74 -9.45 29.31
N GLU F 173 80.33 -8.90 28.24
CA GLU F 173 81.77 -8.69 28.21
C GLU F 173 82.17 -7.53 29.12
N ASN F 174 81.34 -6.49 29.17
CA ASN F 174 81.62 -5.36 30.05
C ASN F 174 81.45 -5.76 31.51
N GLY F 175 80.46 -6.62 31.79
CA GLY F 175 80.20 -7.01 33.16
C GLY F 175 80.50 -8.47 33.41
N LYS F 176 81.56 -8.99 32.78
CA LYS F 176 81.99 -10.37 33.03
C LYS F 176 82.27 -10.57 34.50
N GLU F 177 82.60 -9.49 35.22
CA GLU F 177 82.62 -9.49 36.67
C GLU F 177 81.32 -10.04 37.24
N THR F 178 80.19 -9.47 36.83
CA THR F 178 78.91 -9.71 37.47
C THR F 178 78.03 -10.70 36.70
N LEU F 179 77.74 -10.41 35.42
CA LEU F 179 76.76 -11.19 34.69
C LEU F 179 77.22 -12.61 34.38
N GLN F 180 78.53 -12.88 34.45
CA GLN F 180 79.06 -14.19 34.14
C GLN F 180 79.46 -14.98 35.38
N ARG F 181 79.10 -14.51 36.57
CA ARG F 181 79.46 -15.25 37.77
C ARG F 181 78.52 -16.44 37.93
N THR F 182 78.86 -17.30 38.89
CA THR F 182 78.05 -18.49 39.17
C THR F 182 78.16 -18.79 40.66
N ASP F 183 77.24 -18.24 41.44
CA ASP F 183 77.22 -18.45 42.88
C ASP F 183 76.39 -19.70 43.19
N ALA F 184 77.02 -20.68 43.82
CA ALA F 184 76.35 -21.95 44.09
C ALA F 184 75.56 -21.88 45.39
N PRO F 185 74.51 -22.68 45.53
CA PRO F 185 73.63 -22.53 46.69
C PRO F 185 74.30 -23.01 47.97
N LYS F 186 73.94 -22.35 49.07
CA LYS F 186 74.45 -22.70 50.39
C LYS F 186 73.34 -23.51 51.06
N THR F 187 73.35 -24.81 50.81
CA THR F 187 72.20 -25.67 51.10
C THR F 187 72.29 -26.27 52.50
N HIS F 188 71.12 -26.48 53.10
CA HIS F 188 71.01 -27.21 54.35
C HIS F 188 69.56 -27.66 54.51
N MET F 189 69.33 -28.49 55.52
CA MET F 189 68.02 -29.05 55.80
C MET F 189 67.65 -28.82 57.25
N THR F 190 66.43 -28.31 57.48
CA THR F 190 65.88 -28.16 58.80
C THR F 190 64.74 -29.16 59.02
N HIS F 191 64.41 -29.38 60.28
CA HIS F 191 63.47 -30.44 60.67
C HIS F 191 62.54 -29.86 61.73
N HIS F 192 61.27 -29.70 61.40
CA HIS F 192 60.29 -29.04 62.26
C HIS F 192 59.22 -30.05 62.66
N ALA F 193 59.17 -30.38 63.95
CA ALA F 193 58.18 -31.31 64.45
C ALA F 193 56.81 -30.62 64.50
N VAL F 194 55.87 -31.08 63.67
CA VAL F 194 54.52 -30.53 63.72
C VAL F 194 53.77 -31.07 64.93
N SER F 195 53.55 -32.38 64.94
CA SER F 195 52.91 -33.04 66.06
C SER F 195 53.83 -34.18 66.51
N ASP F 196 53.25 -35.17 67.17
CA ASP F 196 53.98 -36.38 67.53
C ASP F 196 54.07 -37.38 66.38
N HIS F 197 53.33 -37.16 65.29
CA HIS F 197 53.20 -38.12 64.20
C HIS F 197 53.97 -37.70 62.95
N GLU F 198 53.80 -36.45 62.52
CA GLU F 198 54.43 -35.94 61.31
C GLU F 198 55.53 -34.95 61.67
N ALA F 199 56.42 -34.71 60.70
CA ALA F 199 57.52 -33.79 60.87
C ALA F 199 57.86 -33.16 59.53
N THR F 200 58.08 -31.85 59.54
CA THR F 200 58.37 -31.11 58.31
C THR F 200 59.86 -31.10 58.04
N LEU F 201 60.25 -31.54 56.85
CA LEU F 201 61.63 -31.48 56.40
C LEU F 201 61.76 -30.34 55.40
N ARG F 202 62.46 -29.28 55.78
CA ARG F 202 62.65 -28.14 54.88
C ARG F 202 64.08 -28.15 54.36
N CYS F 203 64.22 -28.06 53.05
CA CYS F 203 65.50 -28.16 52.35
C CYS F 203 65.75 -26.83 51.67
N TRP F 204 66.72 -26.07 52.19
CA TRP F 204 66.95 -24.70 51.78
C TRP F 204 68.04 -24.61 50.72
N ALA F 205 67.94 -23.55 49.90
CA ALA F 205 68.99 -23.17 48.97
C ALA F 205 69.03 -21.66 48.96
N LEU F 206 70.10 -21.08 49.49
CA LEU F 206 70.20 -19.63 49.65
C LEU F 206 71.39 -19.08 48.88
N SER F 207 71.24 -17.82 48.43
CA SER F 207 72.32 -17.03 47.87
C SER F 207 72.98 -17.75 46.68
N PHE F 208 72.24 -17.76 45.58
CA PHE F 208 72.74 -18.34 44.34
C PHE F 208 72.40 -17.43 43.16
N TYR F 209 73.13 -17.63 42.06
CA TYR F 209 72.94 -16.92 40.80
C TYR F 209 73.53 -17.75 39.67
N PRO F 210 72.82 -17.93 38.55
CA PRO F 210 71.51 -17.34 38.26
C PRO F 210 70.38 -18.01 39.04
N ALA F 211 69.17 -17.46 38.97
CA ALA F 211 68.07 -17.90 39.82
C ALA F 211 67.40 -19.19 39.35
N GLU F 212 67.76 -19.71 38.18
CA GLU F 212 67.11 -20.91 37.66
C GLU F 212 67.67 -22.11 38.40
N ILE F 213 66.85 -22.74 39.25
CA ILE F 213 67.26 -23.85 40.11
C ILE F 213 66.13 -24.87 40.17
N THR F 214 66.48 -26.08 40.65
CA THR F 214 65.52 -27.19 40.70
C THR F 214 65.68 -27.94 42.00
N LEU F 215 64.65 -27.89 42.85
CA LEU F 215 64.58 -28.64 44.09
C LEU F 215 63.62 -29.81 43.93
N THR F 216 64.01 -30.97 44.45
CA THR F 216 63.20 -32.17 44.28
C THR F 216 63.33 -33.04 45.52
N TRP F 217 62.24 -33.76 45.83
CA TRP F 217 62.24 -34.73 46.90
C TRP F 217 62.18 -36.13 46.30
N GLN F 218 62.78 -37.09 47.01
CA GLN F 218 62.86 -38.46 46.53
C GLN F 218 62.73 -39.37 47.75
N ARG F 219 61.58 -40.00 47.90
CA ARG F 219 61.37 -40.99 48.95
C ARG F 219 61.85 -42.34 48.46
N ASP F 220 62.74 -42.96 49.22
CA ASP F 220 63.35 -44.26 48.91
C ASP F 220 64.10 -44.26 47.57
N GLY F 221 64.32 -43.09 46.97
CA GLY F 221 65.01 -43.01 45.70
C GLY F 221 64.19 -42.54 44.51
N GLU F 222 62.91 -42.91 44.46
CA GLU F 222 62.04 -42.48 43.38
C GLU F 222 61.28 -41.23 43.82
N ASP F 223 60.95 -40.37 42.85
CA ASP F 223 60.51 -39.02 43.15
C ASP F 223 59.29 -38.98 44.05
N GLN F 224 59.36 -38.16 45.09
CA GLN F 224 58.25 -37.87 45.97
C GLN F 224 57.68 -36.50 45.61
N THR F 225 56.37 -36.43 45.42
CA THR F 225 55.70 -35.20 45.07
C THR F 225 54.44 -34.93 45.89
N GLN F 226 53.95 -35.93 46.61
CA GLN F 226 52.85 -35.74 47.54
C GLN F 226 53.34 -35.07 48.82
N ASP F 227 52.44 -34.30 49.45
CA ASP F 227 52.73 -33.67 50.74
C ASP F 227 53.94 -32.76 50.68
N THR F 228 54.13 -32.07 49.55
CA THR F 228 55.27 -31.19 49.37
C THR F 228 54.82 -29.74 49.26
N GLU F 229 55.77 -28.84 49.50
CA GLU F 229 55.59 -27.40 49.32
C GLU F 229 56.81 -26.87 48.61
N LEU F 230 56.60 -25.86 47.77
CA LEU F 230 57.69 -25.36 46.92
C LEU F 230 57.46 -23.87 46.68
N VAL F 231 58.17 -23.03 47.43
CA VAL F 231 57.99 -21.59 47.35
C VAL F 231 58.68 -21.05 46.10
N GLU F 232 58.16 -19.94 45.59
CA GLU F 232 58.73 -19.31 44.40
C GLU F 232 60.11 -18.74 44.71
N THR F 233 61.05 -18.95 43.78
CA THR F 233 62.40 -18.44 43.92
C THR F 233 62.35 -16.95 44.24
N ARG F 234 63.06 -16.55 45.30
CA ARG F 234 62.87 -15.19 45.78
C ARG F 234 64.17 -14.42 45.79
N PRO F 235 64.12 -13.11 45.53
CA PRO F 235 65.34 -12.29 45.53
C PRO F 235 65.82 -12.02 46.94
N ALA F 236 67.12 -12.21 47.17
CA ALA F 236 67.69 -11.95 48.48
C ALA F 236 67.71 -10.46 48.79
N GLY F 237 68.15 -9.65 47.83
CA GLY F 237 68.35 -8.23 48.05
C GLY F 237 69.74 -7.83 47.63
N ASP F 238 70.71 -8.69 47.94
CA ASP F 238 72.07 -8.51 47.48
C ASP F 238 72.29 -9.03 46.06
N GLY F 239 71.22 -9.28 45.31
CA GLY F 239 71.33 -9.80 43.97
C GLY F 239 71.48 -11.30 43.86
N THR F 240 71.31 -12.03 44.95
CA THR F 240 71.26 -13.48 44.91
C THR F 240 69.83 -13.95 45.17
N PHE F 241 69.64 -15.26 45.23
CA PHE F 241 68.31 -15.81 45.30
C PHE F 241 68.22 -16.93 46.33
N GLN F 242 66.99 -17.16 46.79
CA GLN F 242 66.68 -18.15 47.82
C GLN F 242 65.49 -18.99 47.35
N LYS F 243 65.47 -20.25 47.77
CA LYS F 243 64.36 -21.13 47.46
C LYS F 243 64.42 -22.33 48.40
N TRP F 244 63.25 -22.76 48.88
CA TRP F 244 63.22 -23.99 49.66
C TRP F 244 62.06 -24.85 49.22
N ALA F 245 62.10 -26.11 49.65
CA ALA F 245 61.09 -27.11 49.36
C ALA F 245 60.93 -27.99 50.58
N ALA F 246 59.69 -28.19 51.01
CA ALA F 246 59.41 -28.97 52.20
C ALA F 246 58.62 -30.22 51.85
N VAL F 247 58.64 -31.18 52.76
CA VAL F 247 57.84 -32.39 52.63
C VAL F 247 57.51 -32.87 54.04
N VAL F 248 56.26 -33.24 54.25
CA VAL F 248 55.82 -33.69 55.57
C VAL F 248 55.90 -35.21 55.62
N VAL F 249 56.50 -35.72 56.69
CA VAL F 249 56.87 -37.13 56.77
C VAL F 249 56.47 -37.68 58.13
N PRO F 250 56.22 -38.99 58.18
CA PRO F 250 55.88 -39.63 59.46
C PRO F 250 57.09 -39.74 60.38
N SER F 251 56.80 -39.83 61.69
CA SER F 251 57.85 -39.99 62.68
C SER F 251 58.64 -41.27 62.44
N GLY F 252 59.96 -41.15 62.46
CA GLY F 252 60.84 -42.29 62.31
C GLY F 252 61.28 -42.58 60.89
N GLN F 253 60.54 -42.09 59.89
CA GLN F 253 60.88 -42.35 58.49
C GLN F 253 61.64 -41.20 57.83
N GLU F 254 62.22 -40.30 58.63
CA GLU F 254 62.87 -39.12 58.05
C GLU F 254 63.96 -39.49 57.05
N GLN F 255 64.66 -40.61 57.28
CA GLN F 255 65.81 -40.97 56.46
C GLN F 255 65.42 -41.48 55.09
N ARG F 256 64.17 -41.92 54.91
CA ARG F 256 63.69 -42.38 53.61
C ARG F 256 63.69 -41.26 52.58
N TYR F 257 63.61 -40.01 53.02
CA TYR F 257 63.44 -38.86 52.14
C TYR F 257 64.77 -38.17 51.89
N THR F 258 65.00 -37.78 50.64
CA THR F 258 66.24 -37.09 50.26
C THR F 258 65.91 -35.93 49.35
N CYS F 259 66.49 -34.77 49.66
CA CYS F 259 66.33 -33.58 48.85
C CYS F 259 67.47 -33.46 47.86
N HIS F 260 67.15 -33.05 46.63
CA HIS F 260 68.11 -32.99 45.55
C HIS F 260 68.15 -31.58 44.97
N VAL F 261 69.35 -31.01 44.90
CA VAL F 261 69.56 -29.65 44.42
C VAL F 261 70.37 -29.71 43.13
N GLN F 262 69.89 -29.04 42.08
CA GLN F 262 70.59 -28.95 40.80
C GLN F 262 70.81 -27.49 40.45
N HIS F 263 72.04 -27.13 40.10
CA HIS F 263 72.33 -25.75 39.75
C HIS F 263 73.46 -25.69 38.73
N GLU F 264 73.49 -24.59 37.97
CA GLU F 264 74.62 -24.32 37.09
C GLU F 264 75.91 -24.05 37.86
N GLY F 265 75.83 -23.69 39.13
CA GLY F 265 77.00 -23.50 39.95
C GLY F 265 77.45 -24.75 40.69
N LEU F 266 76.90 -25.90 40.34
CA LEU F 266 77.18 -27.14 41.04
C LEU F 266 77.84 -28.13 40.09
N PRO F 267 78.97 -28.74 40.48
CA PRO F 267 79.59 -29.77 39.62
C PRO F 267 78.64 -30.93 39.36
N LYS F 268 78.27 -31.64 40.43
CA LYS F 268 77.21 -32.64 40.33
C LYS F 268 76.11 -32.27 41.32
N PRO F 269 74.87 -32.68 41.07
CA PRO F 269 73.78 -32.29 41.97
C PRO F 269 74.04 -32.74 43.39
N LEU F 270 73.59 -31.93 44.33
CA LEU F 270 73.71 -32.24 45.75
C LEU F 270 72.55 -33.11 46.22
N THR F 271 72.83 -33.92 47.24
CA THR F 271 71.82 -34.73 47.90
C THR F 271 71.94 -34.48 49.40
N LEU F 272 70.80 -34.27 50.06
CA LEU F 272 70.79 -33.94 51.48
C LEU F 272 69.85 -34.88 52.20
N ARG F 273 70.34 -35.51 53.26
CA ARG F 273 69.52 -36.27 54.20
C ARG F 273 69.30 -35.44 55.46
N TRP F 274 68.36 -35.90 56.29
CA TRP F 274 68.25 -35.39 57.65
C TRP F 274 69.22 -36.13 58.57
N GLU F 275 69.74 -35.42 59.56
CA GLU F 275 70.74 -35.99 60.45
C GLU F 275 70.44 -35.67 61.92
N MET G 1 39.42 -7.48 31.46
CA MET G 1 40.38 -7.01 32.45
C MET G 1 40.59 -8.04 33.55
N ILE G 2 41.78 -8.62 33.59
CA ILE G 2 42.08 -9.76 34.45
C ILE G 2 42.65 -9.24 35.76
N GLN G 3 42.29 -9.88 36.87
CA GLN G 3 42.86 -9.56 38.17
C GLN G 3 43.35 -10.83 38.86
N ARG G 4 44.58 -10.75 39.40
CA ARG G 4 45.19 -11.84 40.14
C ARG G 4 45.75 -11.25 41.44
N THR G 5 45.59 -12.01 42.56
CA THR G 5 45.91 -11.59 43.92
C THR G 5 47.37 -11.92 44.24
N PRO G 6 48.03 -11.16 45.12
CA PRO G 6 49.48 -11.26 45.27
C PRO G 6 49.92 -12.48 46.07
N LYS G 7 51.24 -12.66 46.14
CA LYS G 7 51.88 -13.77 46.84
C LYS G 7 52.94 -13.17 47.76
N ILE G 8 52.64 -13.04 49.04
CA ILE G 8 53.53 -12.35 49.98
C ILE G 8 54.50 -13.35 50.59
N GLN G 9 55.79 -13.04 50.48
CA GLN G 9 56.86 -13.74 51.21
C GLN G 9 57.56 -12.73 52.11
N VAL G 10 57.61 -13.02 53.41
CA VAL G 10 58.28 -12.18 54.39
C VAL G 10 59.47 -12.94 54.96
N TYR G 11 60.65 -12.35 54.84
CA TYR G 11 61.89 -13.06 55.18
C TYR G 11 63.01 -12.04 55.34
N SER G 12 64.15 -12.52 55.81
CA SER G 12 65.36 -11.73 55.90
C SER G 12 66.30 -12.08 54.75
N ARG G 13 67.13 -11.12 54.36
CA ARG G 13 68.07 -11.36 53.26
C ARG G 13 69.12 -12.39 53.66
N HIS G 14 69.87 -12.11 54.69
CA HIS G 14 70.88 -13.01 55.20
C HIS G 14 70.30 -13.86 56.33
N PRO G 15 70.83 -15.08 56.54
CA PRO G 15 70.40 -15.88 57.69
C PRO G 15 70.40 -15.07 58.98
N ALA G 16 69.20 -14.82 59.50
CA ALA G 16 69.01 -13.89 60.61
C ALA G 16 69.69 -14.39 61.88
N GLU G 17 70.34 -13.46 62.58
CA GLU G 17 70.92 -13.73 63.89
C GLU G 17 70.67 -12.52 64.78
N ASN G 18 70.18 -12.78 66.00
CA ASN G 18 69.75 -11.72 66.88
C ASN G 18 70.90 -10.77 67.19
N GLY G 19 70.58 -9.48 67.25
CA GLY G 19 71.56 -8.46 67.54
C GLY G 19 72.42 -8.03 66.37
N LYS G 20 72.53 -8.86 65.33
CA LYS G 20 73.35 -8.54 64.17
C LYS G 20 72.49 -7.94 63.07
N SER G 21 73.02 -6.92 62.39
CA SER G 21 72.26 -6.19 61.40
C SER G 21 71.94 -7.04 60.18
N ASN G 22 70.73 -6.88 59.65
CA ASN G 22 70.26 -7.69 58.54
C ASN G 22 69.32 -6.84 57.69
N PHE G 23 68.54 -7.50 56.84
CA PHE G 23 67.55 -6.85 55.97
C PHE G 23 66.24 -7.62 56.03
N LEU G 24 65.13 -6.90 56.17
CA LEU G 24 63.81 -7.50 56.17
C LEU G 24 63.20 -7.31 54.79
N ASN G 25 62.92 -8.42 54.11
CA ASN G 25 62.37 -8.39 52.76
C ASN G 25 60.92 -8.82 52.75
N CYS G 26 60.12 -8.16 51.91
CA CYS G 26 58.77 -8.57 51.59
C CYS G 26 58.66 -8.66 50.08
N TYR G 27 58.65 -9.88 49.55
CA TYR G 27 58.61 -10.10 48.10
C TYR G 27 57.16 -10.34 47.72
N VAL G 28 56.55 -9.34 47.07
CA VAL G 28 55.16 -9.40 46.67
C VAL G 28 55.11 -9.67 45.18
N SER G 29 54.37 -10.71 44.79
CA SER G 29 54.45 -11.21 43.42
C SER G 29 53.11 -11.77 43.00
N GLY G 30 52.98 -12.00 41.69
CA GLY G 30 51.82 -12.66 41.13
C GLY G 30 50.57 -11.82 41.03
N PHE G 31 50.61 -10.55 41.44
CA PHE G 31 49.41 -9.73 41.45
C PHE G 31 49.21 -9.01 40.12
N HIS G 32 47.99 -8.48 39.95
CA HIS G 32 47.59 -7.69 38.79
C HIS G 32 46.20 -7.12 39.06
N PRO G 33 45.96 -5.82 38.82
CA PRO G 33 46.92 -4.85 38.27
C PRO G 33 48.01 -4.39 39.25
N SER G 34 48.71 -3.31 38.88
CA SER G 34 49.97 -2.95 39.51
C SER G 34 49.81 -2.13 40.79
N ASP G 35 48.81 -1.27 40.87
CA ASP G 35 48.60 -0.44 42.05
C ASP G 35 48.48 -1.32 43.30
N ILE G 36 49.43 -1.15 44.22
CA ILE G 36 49.51 -2.04 45.38
C ILE G 36 50.16 -1.30 46.55
N GLU G 37 49.60 -1.51 47.73
CA GLU G 37 50.13 -0.96 48.99
C GLU G 37 50.95 -2.03 49.69
N VAL G 38 52.15 -1.66 50.14
CA VAL G 38 53.02 -2.57 50.88
C VAL G 38 53.70 -1.79 52.00
N ASP G 39 53.42 -2.16 53.23
CA ASP G 39 54.10 -1.62 54.39
C ASP G 39 54.79 -2.74 55.15
N LEU G 40 55.92 -2.40 55.77
CA LEU G 40 56.61 -3.33 56.65
C LEU G 40 56.34 -2.90 58.08
N LEU G 41 56.19 -3.88 58.97
CA LEU G 41 55.71 -3.61 60.32
C LEU G 41 56.69 -4.13 61.35
N LYS G 42 57.11 -3.25 62.26
CA LYS G 42 57.84 -3.63 63.46
C LYS G 42 56.83 -3.70 64.59
N ASN G 43 56.65 -4.91 65.14
CA ASN G 43 55.64 -5.15 66.17
C ASN G 43 54.28 -4.82 65.59
N GLY G 44 53.84 -3.58 65.81
CA GLY G 44 52.56 -3.10 65.33
C GLY G 44 52.73 -2.08 64.23
N GLU G 45 53.49 -1.03 64.52
CA GLU G 45 53.54 0.17 63.70
C GLU G 45 54.21 -0.10 62.35
N ARG G 46 54.25 0.94 61.53
CA ARG G 46 54.79 0.88 60.17
C ARG G 46 56.21 1.45 60.16
N ILE G 47 57.14 0.69 59.59
CA ILE G 47 58.50 1.17 59.40
C ILE G 47 58.51 2.27 58.33
N GLU G 48 59.41 3.24 58.51
CA GLU G 48 59.42 4.46 57.70
C GLU G 48 60.41 4.41 56.55
N LYS G 49 61.66 4.09 56.82
CA LYS G 49 62.69 4.01 55.77
C LYS G 49 62.57 2.67 55.06
N VAL G 50 61.50 2.55 54.26
CA VAL G 50 61.18 1.32 53.53
C VAL G 50 61.18 1.66 52.05
N GLU G 51 62.16 1.14 51.32
CA GLU G 51 62.26 1.30 49.88
C GLU G 51 61.95 -0.02 49.19
N HIS G 52 61.54 0.06 47.93
CA HIS G 52 61.16 -1.11 47.15
C HIS G 52 61.96 -1.15 45.86
N SER G 53 61.63 -2.13 45.01
CA SER G 53 62.33 -2.33 43.77
C SER G 53 61.63 -1.58 42.65
N ASP G 54 61.97 -1.91 41.41
CA ASP G 54 61.34 -1.32 40.23
C ASP G 54 60.31 -2.29 39.68
N LEU G 55 59.23 -1.74 39.13
CA LEU G 55 58.12 -2.58 38.69
C LEU G 55 58.50 -3.35 37.43
N SER G 56 58.51 -4.68 37.55
CA SER G 56 58.73 -5.61 36.45
C SER G 56 57.66 -6.69 36.56
N PHE G 57 57.58 -7.57 35.57
CA PHE G 57 56.53 -8.58 35.59
C PHE G 57 57.05 -9.90 35.05
N SER G 58 56.35 -10.97 35.43
CA SER G 58 56.70 -12.32 35.05
C SER G 58 56.17 -12.65 33.66
N LYS G 59 56.32 -13.91 33.25
CA LYS G 59 55.94 -14.30 31.89
C LYS G 59 54.43 -14.25 31.67
N ASP G 60 53.63 -14.47 32.70
CA ASP G 60 52.18 -14.42 32.57
C ASP G 60 51.61 -13.02 32.79
N TRP G 61 52.46 -12.00 32.72
CA TRP G 61 52.13 -10.59 32.94
C TRP G 61 51.81 -10.26 34.39
N SER G 62 51.98 -11.20 35.32
CA SER G 62 51.81 -10.88 36.72
C SER G 62 53.03 -10.11 37.23
N PHE G 63 52.77 -9.14 38.10
CA PHE G 63 53.80 -8.22 38.56
C PHE G 63 54.57 -8.83 39.73
N TYR G 64 55.73 -8.23 40.02
CA TYR G 64 56.49 -8.57 41.22
C TYR G 64 57.31 -7.36 41.67
N LEU G 65 57.16 -7.00 42.93
CA LEU G 65 57.94 -5.97 43.60
C LEU G 65 58.71 -6.60 44.75
N LEU G 66 59.72 -5.89 45.24
CA LEU G 66 60.44 -6.32 46.44
C LEU G 66 60.59 -5.11 47.35
N TYR G 67 59.87 -5.11 48.46
CA TYR G 67 60.02 -4.08 49.47
C TYR G 67 60.99 -4.57 50.54
N TYR G 68 61.79 -3.66 51.07
CA TYR G 68 62.86 -4.08 51.97
C TYR G 68 63.35 -2.89 52.79
N THR G 69 63.88 -3.20 53.98
CA THR G 69 64.50 -2.20 54.82
C THR G 69 65.57 -2.87 55.67
N GLU G 70 66.48 -2.05 56.18
CA GLU G 70 67.51 -2.54 57.07
C GLU G 70 66.92 -2.66 58.47
N PHE G 71 67.31 -3.70 59.19
CA PHE G 71 66.75 -3.90 60.52
C PHE G 71 67.68 -4.82 61.31
N THR G 72 67.41 -4.91 62.60
CA THR G 72 68.23 -5.70 63.52
C THR G 72 67.29 -6.54 64.36
N PRO G 73 67.23 -7.84 64.15
CA PRO G 73 66.22 -8.66 64.84
C PRO G 73 66.54 -8.83 66.32
N THR G 74 65.52 -8.69 67.13
CA THR G 74 65.60 -8.89 68.57
C THR G 74 64.89 -10.19 68.94
N GLU G 75 65.11 -10.63 70.17
CA GLU G 75 64.40 -11.81 70.67
C GLU G 75 62.93 -11.50 70.92
N LYS G 76 62.63 -10.30 71.40
CA LYS G 76 61.28 -9.93 71.82
C LYS G 76 60.56 -9.05 70.79
N ASP G 77 61.01 -9.08 69.54
CA ASP G 77 60.44 -8.24 68.48
C ASP G 77 59.70 -9.10 67.45
N GLU G 78 58.75 -8.47 66.77
CA GLU G 78 57.87 -9.14 65.83
C GLU G 78 57.77 -8.31 64.57
N TYR G 79 58.19 -8.85 63.43
CA TYR G 79 58.13 -8.14 62.17
C TYR G 79 57.15 -8.82 61.22
N ALA G 80 56.56 -8.01 60.33
CA ALA G 80 55.52 -8.49 59.42
C ALA G 80 55.43 -7.55 58.23
N CYS G 81 54.78 -8.03 57.16
CA CYS G 81 54.55 -7.26 55.94
C CYS G 81 53.05 -7.14 55.70
N ARG G 82 52.57 -5.90 55.57
CA ARG G 82 51.16 -5.60 55.35
C ARG G 82 50.94 -5.17 53.91
N VAL G 83 49.99 -5.82 53.23
CA VAL G 83 49.74 -5.60 51.81
C VAL G 83 48.24 -5.39 51.57
N ASN G 84 47.89 -4.35 50.80
CA ASN G 84 46.54 -4.20 50.29
C ASN G 84 46.56 -4.03 48.78
N HIS G 85 45.70 -4.79 48.11
CA HIS G 85 45.50 -4.75 46.66
C HIS G 85 44.02 -4.55 46.41
N VAL G 86 43.63 -4.45 45.14
CA VAL G 86 42.20 -4.38 44.82
C VAL G 86 41.56 -5.75 44.93
N THR G 87 42.34 -6.82 44.88
CA THR G 87 41.83 -8.18 45.01
C THR G 87 41.69 -8.63 46.45
N LEU G 88 42.13 -7.81 47.41
CA LEU G 88 41.97 -8.08 48.83
C LEU G 88 40.91 -7.14 49.36
N SER G 89 39.85 -7.70 49.96
CA SER G 89 38.86 -6.87 50.63
C SER G 89 39.43 -6.27 51.90
N GLN G 90 40.06 -7.09 52.74
CA GLN G 90 40.73 -6.65 53.95
C GLN G 90 42.23 -6.77 53.76
N PRO G 91 43.01 -5.75 54.15
CA PRO G 91 44.47 -5.81 53.92
C PRO G 91 45.09 -7.02 54.61
N LYS G 92 45.88 -7.77 53.84
CA LYS G 92 46.53 -8.98 54.32
C LYS G 92 47.81 -8.67 55.07
N ILE G 93 48.03 -9.40 56.17
CA ILE G 93 49.19 -9.23 57.04
C ILE G 93 49.86 -10.59 57.19
N VAL G 94 51.00 -10.77 56.53
CA VAL G 94 51.82 -11.96 56.71
C VAL G 94 52.93 -11.62 57.70
N LYS G 95 53.07 -12.43 58.74
CA LYS G 95 54.13 -12.19 59.70
C LYS G 95 55.41 -12.92 59.30
N TRP G 96 56.52 -12.44 59.86
CA TRP G 96 57.84 -12.96 59.55
C TRP G 96 58.18 -14.13 60.44
N ASP G 97 58.53 -15.26 59.84
CA ASP G 97 59.01 -16.43 60.56
C ASP G 97 60.46 -16.63 60.15
N ARG G 98 61.31 -16.88 61.14
CA ARG G 98 62.74 -16.99 60.89
C ARG G 98 63.10 -18.30 60.20
N ASP G 99 62.49 -19.40 60.61
CA ASP G 99 62.74 -20.71 60.01
C ASP G 99 61.97 -20.95 58.72
N MET G 100 61.27 -19.96 58.18
CA MET G 100 60.44 -20.15 57.00
C MET G 100 60.21 -18.84 56.26
N HIS H 1 70.56 -1.53 25.61
CA HIS H 1 70.21 -1.13 24.25
C HIS H 1 68.92 -1.78 23.74
N MET H 2 67.79 -1.14 24.01
CA MET H 2 66.51 -1.65 23.54
C MET H 2 66.29 -1.29 22.07
N THR H 3 65.15 -1.71 21.53
CA THR H 3 64.88 -1.50 20.12
C THR H 3 64.50 -0.05 19.84
N GLU H 4 64.42 0.27 18.55
CA GLU H 4 63.95 1.56 18.06
C GLU H 4 62.62 1.41 17.33
N VAL H 5 62.16 0.18 17.16
CA VAL H 5 61.02 -0.14 16.30
C VAL H 5 59.79 -0.26 17.18
N VAL H 6 59.04 0.84 17.29
CA VAL H 6 57.74 0.85 17.98
C VAL H 6 56.72 1.48 17.05
N ARG H 7 55.51 0.92 17.03
CA ARG H 7 54.46 1.45 16.19
C ARG H 7 53.15 1.47 16.97
N HIS H 8 52.17 2.17 16.42
CA HIS H 8 50.87 2.36 17.06
C HIS H 8 50.06 1.07 16.99
N CYS H 9 48.79 1.17 17.40
CA CYS H 9 47.89 0.02 17.35
C CYS H 9 46.71 0.25 16.42
N ALA I 3 37.58 12.15 -1.31
CA ALA I 3 37.75 12.92 -2.53
C ALA I 3 38.03 14.39 -2.21
N GLY I 4 39.19 14.63 -1.62
CA GLY I 4 39.63 15.99 -1.34
C GLY I 4 39.82 16.27 0.14
N VAL I 5 40.81 17.09 0.47
CA VAL I 5 41.07 17.50 1.84
C VAL I 5 40.73 18.99 1.94
N ALA I 6 39.79 19.31 2.83
CA ALA I 6 39.18 20.63 2.85
C ALA I 6 39.86 21.54 3.86
N GLN I 7 40.08 22.79 3.45
CA GLN I 7 40.77 23.78 4.26
C GLN I 7 40.13 25.14 4.04
N SER I 8 39.91 25.87 5.13
CA SER I 8 39.26 27.18 5.10
C SER I 8 40.06 28.13 5.97
N PRO I 9 40.34 29.35 5.52
CA PRO I 9 40.02 29.90 4.19
C PRO I 9 41.20 29.80 3.23
N ARG I 10 40.95 30.00 1.94
CA ARG I 10 42.03 30.08 0.95
C ARG I 10 43.13 31.04 1.43
N TYR I 11 42.74 32.26 1.77
CA TYR I 11 43.64 33.32 2.20
C TYR I 11 42.99 34.07 3.34
N LYS I 12 43.81 34.58 4.27
CA LYS I 12 43.26 35.35 5.38
C LYS I 12 44.24 36.42 5.81
N ILE I 13 43.75 37.67 5.83
CA ILE I 13 44.52 38.81 6.32
C ILE I 13 44.01 39.21 7.69
N ILE I 14 44.90 39.34 8.66
CA ILE I 14 44.57 39.89 9.98
C ILE I 14 45.75 40.72 10.48
N GLU I 15 45.44 41.70 11.33
CA GLU I 15 46.44 42.56 11.94
C GLU I 15 47.17 41.81 13.06
N LYS I 16 48.25 42.42 13.55
CA LYS I 16 48.95 41.86 14.69
C LYS I 16 48.04 41.92 15.91
N ARG I 17 48.29 41.01 16.85
CA ARG I 17 47.55 40.82 18.09
C ARG I 17 46.12 40.34 17.85
N GLN I 18 45.73 40.07 16.60
CA GLN I 18 44.38 39.62 16.32
C GLN I 18 44.29 38.10 16.51
N SER I 19 43.11 37.55 16.24
CA SER I 19 42.87 36.12 16.27
C SER I 19 42.58 35.59 14.88
N VAL I 20 42.87 34.30 14.67
CA VAL I 20 42.56 33.64 13.41
C VAL I 20 42.45 32.15 13.68
N ALA I 21 41.48 31.50 13.02
CA ALA I 21 41.22 30.08 13.23
C ALA I 21 40.99 29.42 11.88
N PHE I 22 41.67 28.29 11.66
CA PHE I 22 41.56 27.53 10.44
C PHE I 22 40.85 26.21 10.68
N TRP I 23 39.92 25.86 9.80
CA TRP I 23 39.19 24.60 9.86
C TRP I 23 39.68 23.66 8.78
N CYS I 24 39.71 22.37 9.09
CA CYS I 24 40.14 21.37 8.13
C CYS I 24 39.33 20.09 8.29
N ASN I 25 38.90 19.52 7.17
CA ASN I 25 38.19 18.25 7.14
C ASN I 25 39.00 17.24 6.34
N PRO I 26 39.34 16.08 6.92
CA PRO I 26 40.26 15.15 6.25
C PRO I 26 39.59 14.21 5.26
N ILE I 27 40.40 13.30 4.71
CA ILE I 27 39.90 12.25 3.84
C ILE I 27 38.97 11.34 4.63
N SER I 28 37.86 10.92 4.00
CA SER I 28 36.88 10.08 4.67
C SER I 28 37.53 8.87 5.34
N GLY I 29 37.46 8.82 6.67
CA GLY I 29 37.94 7.67 7.40
C GLY I 29 39.38 7.71 7.89
N HIS I 30 40.11 8.79 7.63
CA HIS I 30 41.51 8.85 8.02
C HIS I 30 41.64 9.14 9.51
N ALA I 31 42.36 8.26 10.22
CA ALA I 31 42.49 8.39 11.66
C ALA I 31 43.51 9.43 12.09
N THR I 32 44.53 9.68 11.28
CA THR I 32 45.65 10.52 11.69
C THR I 32 45.56 11.85 10.94
N LEU I 33 45.51 12.95 11.69
CA LEU I 33 45.47 14.28 11.11
C LEU I 33 46.62 15.10 11.65
N TYR I 34 47.27 15.87 10.77
CA TYR I 34 48.40 16.71 11.13
C TYR I 34 48.13 18.15 10.73
N TRP I 35 48.59 19.07 11.56
CA TRP I 35 48.76 20.46 11.16
C TRP I 35 50.24 20.74 11.00
N TYR I 36 50.61 21.37 9.88
CA TYR I 36 51.99 21.71 9.56
C TYR I 36 52.07 23.19 9.23
N GLN I 37 53.17 23.81 9.63
CA GLN I 37 53.45 25.20 9.30
C GLN I 37 54.56 25.26 8.26
N GLN I 38 54.39 26.11 7.25
CA GLN I 38 55.34 26.21 6.15
C GLN I 38 55.63 27.67 5.87
N ILE I 39 56.88 28.07 6.08
CA ILE I 39 57.32 29.45 5.97
C ILE I 39 57.90 29.68 4.57
N LEU I 40 57.58 30.84 3.99
CA LEU I 40 57.99 31.31 2.67
C LEU I 40 58.61 30.23 1.78
N GLY I 41 59.83 29.81 2.10
CA GLY I 41 60.57 28.91 1.26
C GLY I 41 60.85 27.55 1.86
N GLN I 42 60.75 27.45 3.19
CA GLN I 42 61.10 26.22 3.88
C GLN I 42 60.05 25.13 3.61
N GLY I 43 60.30 23.95 4.18
CA GLY I 43 59.35 22.87 4.13
C GLY I 43 58.40 22.87 5.31
N PRO I 44 57.45 21.93 5.32
CA PRO I 44 56.52 21.85 6.44
C PRO I 44 57.19 21.34 7.71
N LYS I 45 56.99 22.07 8.80
CA LYS I 45 57.37 21.65 10.14
C LYS I 45 56.10 21.47 10.97
N LEU I 46 56.02 20.37 11.71
CA LEU I 46 54.80 19.99 12.39
C LEU I 46 54.42 20.97 13.50
N LEU I 47 53.12 21.21 13.63
CA LEU I 47 52.56 21.99 14.73
C LEU I 47 51.97 21.05 15.77
N ILE I 48 50.87 20.39 15.42
CA ILE I 48 50.22 19.41 16.27
C ILE I 48 49.81 18.21 15.41
N GLN I 49 49.74 17.04 16.03
CA GLN I 49 49.35 15.81 15.36
C GLN I 49 48.31 15.08 16.17
N PHE I 50 47.17 14.76 15.55
CA PHE I 50 46.12 13.99 16.19
C PHE I 50 46.12 12.54 15.70
N GLN I 51 45.71 11.64 16.58
CA GLN I 51 45.29 10.30 16.21
C GLN I 51 43.90 10.11 16.81
N ASN I 52 42.88 10.06 15.95
CA ASN I 52 41.48 10.07 16.40
C ASN I 52 41.27 11.39 17.15
N ASN I 53 40.61 11.39 18.30
CA ASN I 53 40.38 12.61 19.07
C ASN I 53 41.50 12.92 20.05
N GLY I 54 42.64 12.24 19.94
CA GLY I 54 43.72 12.44 20.89
C GLY I 54 45.00 12.94 20.25
N VAL I 55 45.91 13.48 21.07
CA VAL I 55 47.11 14.16 20.58
C VAL I 55 48.28 13.20 20.66
N VAL I 56 48.98 13.05 19.53
CA VAL I 56 50.19 12.24 19.47
C VAL I 56 51.38 13.12 19.79
N ASP I 57 51.58 14.17 18.99
CA ASP I 57 52.71 15.06 19.16
C ASP I 57 52.22 16.49 19.02
N ASP I 58 52.40 17.27 20.09
CA ASP I 58 52.22 18.73 20.06
C ASP I 58 53.29 19.40 20.90
N SER I 59 54.36 18.67 21.22
CA SER I 59 55.51 19.28 21.87
C SER I 59 56.11 20.40 21.04
N GLN I 60 55.81 20.43 19.72
CA GLN I 60 56.24 21.49 18.83
C GLN I 60 55.30 22.68 18.83
N LEU I 61 54.16 22.60 19.53
CA LEU I 61 53.08 23.56 19.36
C LEU I 61 53.26 24.71 20.34
N PRO I 62 53.55 25.93 19.86
CA PRO I 62 53.72 27.06 20.78
C PRO I 62 52.42 27.43 21.48
N LYS I 63 52.26 26.99 22.73
CA LYS I 63 51.03 27.24 23.46
C LYS I 63 50.95 28.66 23.97
N ASP I 64 51.94 29.50 23.65
CA ASP I 64 51.79 30.93 23.83
C ASP I 64 50.55 31.44 23.11
N ARG I 65 50.28 30.89 21.92
CA ARG I 65 49.25 31.40 21.03
C ARG I 65 48.43 30.29 20.38
N PHE I 66 49.10 29.26 19.88
CA PHE I 66 48.44 28.23 19.08
C PHE I 66 47.64 27.26 19.94
N SER I 67 46.56 26.75 19.38
CA SER I 67 45.74 25.74 20.04
C SER I 67 44.94 24.99 18.98
N ALA I 68 44.67 23.71 19.24
CA ALA I 68 43.96 22.89 18.27
C ALA I 68 43.36 21.68 18.98
N GLU I 69 42.18 21.26 18.51
CA GLU I 69 41.55 20.05 19.04
C GLU I 69 40.60 19.46 18.01
N ARG I 70 40.49 18.14 18.03
CA ARG I 70 39.65 17.40 17.10
C ARG I 70 38.31 16.98 17.71
N LEU I 71 38.17 17.04 19.04
CA LEU I 71 36.92 16.79 19.76
C LEU I 71 36.22 15.52 19.26
N LYS I 72 35.59 15.60 18.08
CA LYS I 72 34.87 14.45 17.55
C LYS I 72 35.79 13.47 16.83
N GLY I 73 37.02 13.86 16.53
CA GLY I 73 37.98 12.99 15.88
C GLY I 73 37.92 12.96 14.37
N VAL I 74 37.23 13.90 13.75
CA VAL I 74 37.15 13.95 12.29
C VAL I 74 37.75 15.16 11.59
N ASP I 75 37.01 16.25 11.56
CA ASP I 75 37.54 17.57 11.25
C ASP I 75 38.19 18.17 12.51
N SER I 76 39.09 19.11 12.29
CA SER I 76 39.78 19.78 13.39
C SER I 76 39.98 21.25 13.06
N THR I 77 40.22 22.03 14.12
CA THR I 77 40.38 23.47 14.00
C THR I 77 41.66 23.88 14.71
N LEU I 78 42.32 24.90 14.17
CA LEU I 78 43.59 25.40 14.68
C LEU I 78 43.47 26.90 14.89
N LYS I 79 43.61 27.35 16.14
CA LYS I 79 43.42 28.74 16.50
C LYS I 79 44.76 29.41 16.81
N ILE I 80 44.82 30.71 16.60
CA ILE I 80 45.99 31.53 16.90
C ILE I 80 45.49 32.77 17.64
N GLN I 81 45.63 32.78 18.96
CA GLN I 81 45.32 33.97 19.75
C GLN I 81 46.53 34.34 20.63
N PRO I 82 47.23 35.44 20.33
CA PRO I 82 47.06 36.26 19.13
C PRO I 82 48.13 35.93 18.11
N ALA I 83 48.02 36.45 16.89
CA ALA I 83 48.97 36.12 15.85
C ALA I 83 50.13 37.11 15.87
N LYS I 84 51.34 36.58 15.96
CA LYS I 84 52.53 37.41 15.88
C LYS I 84 52.91 37.61 14.41
N LEU I 85 53.73 38.62 14.18
CA LEU I 85 54.13 38.94 12.80
C LEU I 85 54.98 37.84 12.19
N GLU I 86 55.66 37.06 13.03
CA GLU I 86 56.43 35.90 12.57
C GLU I 86 55.55 34.71 12.19
N ASP I 87 54.23 34.82 12.31
CA ASP I 87 53.34 33.70 12.06
C ASP I 87 52.84 33.63 10.62
N SER I 88 53.01 34.70 9.84
CA SER I 88 52.60 34.70 8.45
C SER I 88 53.26 33.57 7.69
N ALA I 89 52.45 32.69 7.12
CA ALA I 89 52.95 31.49 6.46
C ALA I 89 51.77 30.80 5.77
N VAL I 90 52.06 29.68 5.14
CA VAL I 90 51.03 28.74 4.67
C VAL I 90 50.80 27.72 5.77
N TYR I 91 49.54 27.36 6.00
CA TYR I 91 49.19 26.38 7.02
C TYR I 91 48.54 25.18 6.36
N LEU I 92 49.21 24.03 6.48
CA LEU I 92 48.80 22.82 5.78
C LEU I 92 48.11 21.84 6.73
N CYS I 93 47.03 21.25 6.26
CA CYS I 93 46.36 20.14 6.92
C CYS I 93 46.62 18.86 6.14
N ALA I 94 46.67 17.75 6.84
CA ALA I 94 46.91 16.49 6.14
C ALA I 94 46.37 15.38 6.98
N SER I 95 46.01 14.30 6.32
CA SER I 95 45.47 13.10 6.97
C SER I 95 46.07 11.91 6.25
N SER I 96 46.39 10.85 6.96
CA SER I 96 46.91 9.63 6.32
C SER I 96 46.35 8.43 7.05
N LEU I 97 46.55 7.26 6.51
CA LEU I 97 46.10 6.01 7.17
C LEU I 97 47.30 5.52 8.00
N ASP I 98 47.27 4.30 8.49
CA ASP I 98 48.37 3.85 9.38
C ASP I 98 49.70 3.89 8.63
N PRO I 99 50.88 4.06 9.25
CA PRO I 99 52.11 4.13 8.51
C PRO I 99 52.43 2.81 7.82
N GLY I 100 53.10 2.84 6.68
CA GLY I 100 53.41 1.58 6.00
C GLY I 100 53.22 1.69 4.52
N ASP I 101 53.07 0.55 3.85
CA ASP I 101 52.90 0.48 2.38
C ASP I 101 51.82 1.45 1.92
N THR I 102 50.95 1.90 2.82
CA THR I 102 49.84 2.81 2.58
C THR I 102 49.84 3.95 3.59
N GLY I 103 51.03 4.42 3.96
CA GLY I 103 51.19 5.50 4.91
C GLY I 103 51.36 6.87 4.28
N GLU I 104 51.06 7.00 3.00
CA GLU I 104 51.15 8.28 2.31
C GLU I 104 50.28 9.34 2.99
N LEU I 105 50.73 10.59 2.91
CA LEU I 105 49.99 11.71 3.48
C LEU I 105 49.12 12.37 2.41
N PHE I 106 48.01 12.95 2.86
CA PHE I 106 47.04 13.60 1.98
C PHE I 106 46.89 15.05 2.45
N PHE I 107 47.34 15.99 1.61
CA PHE I 107 47.40 17.40 1.99
C PHE I 107 46.23 18.19 1.40
N GLY I 108 45.83 19.24 2.11
CA GLY I 108 44.88 20.20 1.58
C GLY I 108 45.58 21.27 0.74
N GLU I 109 44.77 22.11 0.10
CA GLU I 109 45.31 23.17 -0.74
C GLU I 109 46.06 24.24 0.04
N GLY I 110 45.95 24.26 1.35
CA GLY I 110 46.66 25.21 2.19
C GLY I 110 45.83 26.43 2.55
N SER I 111 46.16 27.03 3.70
CA SER I 111 45.43 28.17 4.24
C SER I 111 46.45 29.29 4.49
N ARG I 112 46.47 30.28 3.61
CA ARG I 112 47.51 31.30 3.59
C ARG I 112 47.19 32.40 4.60
N LEU I 113 47.98 32.46 5.68
CA LEU I 113 47.84 33.51 6.68
C LEU I 113 48.85 34.63 6.40
N THR I 114 48.39 35.87 6.47
CA THR I 114 49.24 37.04 6.33
C THR I 114 48.91 38.03 7.45
N VAL I 115 49.88 38.29 8.31
CA VAL I 115 49.71 39.16 9.48
C VAL I 115 50.42 40.48 9.20
N LEU I 116 49.70 41.59 9.39
CA LEU I 116 50.23 42.91 9.04
C LEU I 116 50.31 43.85 10.24
N GLU I 117 51.23 44.80 10.15
CA GLU I 117 51.36 45.89 11.11
C GLU I 117 50.03 46.63 11.28
N ASP I 118 49.55 47.25 10.21
CA ASP I 118 48.26 47.92 10.19
C ASP I 118 47.62 47.67 8.83
N LEU I 119 46.28 47.63 8.82
CA LEU I 119 45.59 47.33 7.57
C LEU I 119 45.60 48.49 6.59
N LYS I 120 46.28 49.59 6.92
CA LYS I 120 46.28 50.76 6.03
C LYS I 120 46.87 50.47 4.65
N ASN I 121 47.69 49.43 4.49
CA ASN I 121 48.37 49.18 3.22
C ASN I 121 47.64 48.20 2.29
N VAL I 122 46.67 47.44 2.80
CA VAL I 122 45.97 46.43 2.00
C VAL I 122 45.19 47.10 0.87
N PHE I 123 45.69 47.01 -0.36
CA PHE I 123 44.93 47.57 -1.46
C PHE I 123 44.89 46.64 -2.66
N PRO I 124 43.74 46.54 -3.31
CA PRO I 124 43.54 45.54 -4.35
C PRO I 124 44.25 45.93 -5.63
N PRO I 125 44.42 45.01 -6.57
CA PRO I 125 45.17 45.29 -7.79
C PRO I 125 44.38 46.14 -8.78
N GLU I 126 45.13 46.71 -9.72
CA GLU I 126 44.59 47.32 -10.92
C GLU I 126 45.04 46.46 -12.10
N VAL I 127 44.11 46.15 -12.99
CA VAL I 127 44.36 45.22 -14.08
C VAL I 127 44.20 45.95 -15.41
N ALA I 128 45.08 45.64 -16.36
CA ALA I 128 44.95 46.15 -17.72
C ALA I 128 45.78 45.26 -18.64
N VAL I 129 45.25 45.00 -19.83
CA VAL I 129 45.91 44.15 -20.80
C VAL I 129 46.37 44.99 -21.98
N PHE I 130 47.37 44.47 -22.69
CA PHE I 130 47.98 45.17 -23.81
C PHE I 130 47.94 44.27 -25.04
N GLU I 131 47.36 44.75 -26.13
CA GLU I 131 47.12 43.93 -27.30
C GLU I 131 48.43 43.62 -28.01
N PRO I 132 48.46 42.54 -28.80
CA PRO I 132 49.72 42.07 -29.39
C PRO I 132 50.35 43.10 -30.32
N SER I 133 51.66 42.97 -30.51
CA SER I 133 52.37 43.83 -31.44
C SER I 133 51.98 43.48 -32.86
N GLU I 134 51.58 44.49 -33.65
CA GLU I 134 51.35 44.27 -35.07
C GLU I 134 52.66 44.02 -35.81
N ALA I 135 53.80 44.34 -35.20
CA ALA I 135 55.10 44.06 -35.79
C ALA I 135 55.51 42.61 -35.54
N GLU I 136 54.94 41.98 -34.52
CA GLU I 136 55.24 40.58 -34.23
C GLU I 136 54.42 39.64 -35.11
N ILE I 137 53.11 39.92 -35.25
CA ILE I 137 52.21 39.00 -35.95
C ILE I 137 52.66 38.79 -37.38
N SER I 138 53.39 39.77 -37.94
CA SER I 138 53.86 39.69 -39.31
C SER I 138 55.24 39.07 -39.45
N HIS I 139 56.07 39.12 -38.40
CA HIS I 139 57.33 38.39 -38.45
C HIS I 139 57.09 36.90 -38.17
N THR I 140 56.55 36.59 -36.98
CA THR I 140 56.15 35.23 -36.68
C THR I 140 54.80 34.95 -37.31
N GLN I 141 54.12 33.89 -36.87
CA GLN I 141 52.73 33.67 -37.20
C GLN I 141 51.90 33.58 -35.93
N LYS I 142 52.33 34.27 -34.87
CA LYS I 142 51.70 34.22 -33.57
C LYS I 142 51.44 35.62 -33.04
N ALA I 143 50.55 35.70 -32.05
CA ALA I 143 50.11 36.98 -31.48
C ALA I 143 50.00 36.81 -29.97
N THR I 144 50.83 37.54 -29.21
CA THR I 144 50.85 37.41 -27.77
C THR I 144 50.31 38.67 -27.09
N LEU I 145 49.38 38.46 -26.18
CA LEU I 145 48.85 39.49 -25.28
C LEU I 145 49.65 39.50 -23.98
N VAL I 146 49.62 40.63 -23.31
CA VAL I 146 50.27 40.79 -22.01
C VAL I 146 49.29 41.44 -21.05
N CYS I 147 49.22 40.91 -19.83
CA CYS I 147 48.35 41.40 -18.78
C CYS I 147 49.19 41.87 -17.61
N LEU I 148 48.77 42.96 -16.99
CA LEU I 148 49.50 43.59 -15.88
C LEU I 148 48.58 43.75 -14.69
N ALA I 149 48.95 43.16 -13.56
CA ALA I 149 48.26 43.33 -12.28
C ALA I 149 49.17 44.21 -11.42
N THR I 150 48.84 45.49 -11.35
CA THR I 150 49.73 46.48 -10.79
C THR I 150 49.21 46.99 -9.45
N GLY I 151 50.14 47.31 -8.56
CA GLY I 151 49.85 48.04 -7.33
C GLY I 151 48.88 47.38 -6.37
N PHE I 152 49.23 46.21 -5.86
CA PHE I 152 48.39 45.51 -4.89
C PHE I 152 49.21 45.06 -3.70
N TYR I 153 48.54 44.90 -2.56
CA TYR I 153 49.17 44.45 -1.33
C TYR I 153 48.06 43.94 -0.42
N PRO I 154 48.26 42.79 0.25
CA PRO I 154 49.45 41.93 0.20
C PRO I 154 49.51 41.08 -1.07
N ASP I 155 50.38 40.08 -1.08
CA ASP I 155 50.53 39.22 -2.25
C ASP I 155 49.51 38.08 -2.19
N HIS I 156 48.25 38.45 -2.40
CA HIS I 156 47.12 37.52 -2.47
C HIS I 156 46.42 37.72 -3.81
N VAL I 157 46.99 37.15 -4.86
CA VAL I 157 46.47 37.31 -6.21
C VAL I 157 46.46 35.96 -6.91
N GLU I 158 45.35 35.65 -7.57
CA GLU I 158 45.23 34.55 -8.51
C GLU I 158 44.89 35.17 -9.85
N LEU I 159 45.75 34.95 -10.86
CA LEU I 159 45.53 35.50 -12.19
C LEU I 159 45.18 34.37 -13.14
N SER I 160 44.16 34.59 -13.96
CA SER I 160 43.67 33.59 -14.90
C SER I 160 43.30 34.27 -16.21
N TRP I 161 43.32 33.48 -17.28
CA TRP I 161 42.98 33.94 -18.63
C TRP I 161 41.73 33.24 -19.12
N TRP I 162 40.84 34.01 -19.75
CA TRP I 162 39.54 33.50 -20.21
C TRP I 162 39.32 33.93 -21.65
N VAL I 163 39.33 32.96 -22.57
CA VAL I 163 39.09 33.21 -23.98
C VAL I 163 37.63 32.86 -24.28
N ASN I 164 36.86 33.87 -24.71
CA ASN I 164 35.47 33.70 -25.11
C ASN I 164 34.62 33.04 -24.02
N GLY I 165 34.87 33.45 -22.77
CA GLY I 165 34.05 33.06 -21.64
C GLY I 165 34.51 31.83 -20.90
N LYS I 166 35.38 31.02 -21.50
CA LYS I 166 35.88 29.79 -20.89
C LYS I 166 37.33 29.99 -20.48
N GLU I 167 37.71 29.46 -19.32
CA GLU I 167 39.10 29.61 -18.89
C GLU I 167 40.03 28.88 -19.86
N VAL I 168 41.24 29.42 -20.01
CA VAL I 168 42.22 28.89 -20.94
C VAL I 168 43.55 28.71 -20.22
N HIS I 169 44.32 27.70 -20.66
CA HIS I 169 45.65 27.46 -20.13
C HIS I 169 46.73 27.31 -21.20
N SER I 170 46.41 26.71 -22.34
CA SER I 170 47.42 26.52 -23.38
C SER I 170 47.90 27.86 -23.90
N GLY I 171 49.22 28.05 -23.90
CA GLY I 171 49.77 29.32 -24.33
C GLY I 171 49.77 30.38 -23.25
N VAL I 172 49.75 29.98 -21.98
CA VAL I 172 49.68 30.91 -20.86
C VAL I 172 50.94 30.77 -20.02
N CYS I 173 51.54 31.90 -19.68
CA CYS I 173 52.47 32.01 -18.57
C CYS I 173 51.99 33.06 -17.59
N THR I 174 52.19 32.78 -16.31
CA THR I 174 52.08 33.78 -15.26
C THR I 174 53.38 33.78 -14.48
N ASP I 175 53.82 34.96 -14.05
CA ASP I 175 55.07 35.09 -13.33
C ASP I 175 55.02 34.28 -12.05
N PRO I 176 56.03 33.46 -11.74
CA PRO I 176 55.99 32.67 -10.51
C PRO I 176 55.86 33.50 -9.25
N GLN I 177 56.42 34.71 -9.22
CA GLN I 177 56.39 35.57 -8.06
C GLN I 177 56.29 37.01 -8.51
N PRO I 178 55.66 37.87 -7.73
CA PRO I 178 55.60 39.30 -8.07
C PRO I 178 56.89 40.03 -7.74
N LEU I 179 57.03 41.19 -8.35
CA LEU I 179 58.08 42.15 -8.04
C LEU I 179 57.46 43.40 -7.40
N LYS I 180 58.19 44.02 -6.48
CA LYS I 180 57.65 45.23 -5.87
C LYS I 180 57.93 46.44 -6.76
N GLU I 181 57.12 47.47 -6.56
CA GLU I 181 57.31 48.72 -7.29
C GLU I 181 58.26 49.68 -6.60
N GLN I 182 58.42 49.56 -5.27
CA GLN I 182 59.44 50.28 -4.53
C GLN I 182 60.15 49.26 -3.64
N PRO I 183 61.11 48.51 -4.19
CA PRO I 183 61.67 47.36 -3.45
C PRO I 183 62.31 47.70 -2.13
N ALA I 184 62.70 48.96 -1.91
CA ALA I 184 63.33 49.33 -0.65
C ALA I 184 62.29 49.65 0.42
N LEU I 185 61.13 50.17 0.03
CA LEU I 185 60.05 50.39 0.99
C LEU I 185 59.74 49.09 1.71
N ASN I 186 59.33 49.20 2.97
CA ASN I 186 59.12 48.01 3.78
C ASN I 186 57.76 47.37 3.47
N ASP I 187 56.69 48.14 3.57
CA ASP I 187 55.33 47.68 3.27
C ASP I 187 54.97 47.92 1.80
N SER I 188 55.87 47.55 0.89
CA SER I 188 55.76 47.97 -0.50
C SER I 188 54.62 47.23 -1.22
N ARG I 189 54.13 47.85 -2.28
CA ARG I 189 53.00 47.35 -3.06
C ARG I 189 53.50 46.62 -4.31
N TYR I 190 52.86 45.51 -4.62
CA TYR I 190 53.35 44.52 -5.57
C TYR I 190 52.82 44.78 -6.99
N ALA I 191 53.39 44.04 -7.95
CA ALA I 191 52.98 44.07 -9.34
C ALA I 191 53.33 42.74 -10.00
N LEU I 192 52.41 42.23 -10.83
CA LEU I 192 52.55 40.92 -11.45
C LEU I 192 52.23 41.02 -12.94
N SER I 193 52.71 40.04 -13.70
CA SER I 193 52.60 40.06 -15.15
C SER I 193 52.22 38.68 -15.67
N SER I 194 51.60 38.65 -16.85
CA SER I 194 51.21 37.38 -17.45
C SER I 194 51.10 37.56 -18.95
N ARG I 195 51.13 36.42 -19.66
CA ARG I 195 51.20 36.40 -21.11
C ARG I 195 50.26 35.32 -21.64
N LEU I 196 49.46 35.68 -22.65
CA LEU I 196 48.65 34.71 -23.38
C LEU I 196 49.03 34.79 -24.86
N ARG I 197 49.49 33.68 -25.40
CA ARG I 197 49.93 33.63 -26.79
C ARG I 197 49.01 32.72 -27.59
N VAL I 198 48.58 33.21 -28.76
CA VAL I 198 47.72 32.47 -29.68
C VAL I 198 48.26 32.65 -31.09
N SER I 199 47.60 32.03 -32.05
CA SER I 199 47.99 32.20 -33.44
C SER I 199 47.62 33.61 -33.92
N ALA I 200 48.17 33.97 -35.08
CA ALA I 200 47.81 35.25 -35.68
C ALA I 200 46.38 35.21 -36.22
N THR I 201 46.02 34.14 -36.93
CA THR I 201 44.67 34.03 -37.48
C THR I 201 43.60 34.09 -36.41
N PHE I 202 43.92 33.64 -35.19
CA PHE I 202 42.94 33.68 -34.11
C PHE I 202 42.77 35.11 -33.61
N TRP I 203 43.87 35.80 -33.34
CA TRP I 203 43.78 37.18 -32.87
C TRP I 203 43.11 38.09 -33.90
N GLN I 204 43.22 37.77 -35.18
CA GLN I 204 42.69 38.61 -36.23
C GLN I 204 41.20 38.41 -36.48
N ASN I 205 40.51 37.64 -35.64
CA ASN I 205 39.08 37.41 -35.83
C ASN I 205 38.31 38.23 -34.80
N PRO I 206 37.54 39.24 -35.21
CA PRO I 206 37.01 40.20 -34.24
C PRO I 206 35.94 39.67 -33.28
N ARG I 207 35.34 38.50 -33.54
CA ARG I 207 34.35 37.96 -32.62
C ARG I 207 34.97 37.25 -31.43
N ASN I 208 36.29 37.33 -31.28
CA ASN I 208 37.01 36.57 -30.29
C ASN I 208 37.36 37.48 -29.11
N HIS I 209 37.01 37.04 -27.90
CA HIS I 209 37.04 37.87 -26.72
C HIS I 209 38.06 37.34 -25.72
N PHE I 210 39.00 38.19 -25.32
CA PHE I 210 40.06 37.84 -24.38
C PHE I 210 39.87 38.68 -23.13
N ARG I 211 39.98 38.04 -21.97
CA ARG I 211 39.83 38.75 -20.70
C ARG I 211 40.81 38.18 -19.69
N CYS I 212 41.63 39.04 -19.12
CA CYS I 212 42.53 38.67 -18.04
C CYS I 212 41.85 38.97 -16.71
N GLN I 213 41.82 37.98 -15.82
CA GLN I 213 41.09 38.09 -14.57
C GLN I 213 42.04 37.88 -13.40
N VAL I 214 42.06 38.85 -12.49
CA VAL I 214 42.85 38.76 -11.27
C VAL I 214 41.90 38.70 -10.08
N GLN I 215 41.97 37.61 -9.32
CA GLN I 215 41.25 37.51 -8.06
C GLN I 215 42.15 38.00 -6.93
N PHE I 216 41.60 38.89 -6.11
CA PHE I 216 42.30 39.46 -4.96
C PHE I 216 41.64 38.97 -3.68
N TYR I 217 42.45 38.59 -2.70
CA TYR I 217 41.97 38.14 -1.39
C TYR I 217 42.36 39.20 -0.36
N GLY I 218 41.38 40.00 0.05
CA GLY I 218 41.65 41.07 0.99
C GLY I 218 41.05 40.82 2.36
N LEU I 219 40.10 41.66 2.75
CA LEU I 219 39.47 41.58 4.07
C LEU I 219 38.05 41.04 3.95
N SER I 220 37.59 40.40 5.02
CA SER I 220 36.20 40.03 5.15
C SER I 220 35.38 41.26 5.56
N GLU I 221 34.06 41.10 5.65
CA GLU I 221 33.22 42.21 6.10
C GLU I 221 33.40 42.49 7.59
N ASN I 222 33.81 41.49 8.36
CA ASN I 222 33.97 41.70 9.81
C ASN I 222 35.02 42.75 10.12
N ASP I 223 36.07 42.85 9.30
CA ASP I 223 37.03 43.90 9.53
C ASP I 223 36.37 45.25 9.24
N GLU I 224 36.85 46.29 9.89
CA GLU I 224 36.23 47.61 9.80
C GLU I 224 37.16 48.54 9.06
N TRP I 225 36.62 49.23 8.05
CA TRP I 225 37.39 50.10 7.19
C TRP I 225 36.91 51.53 7.39
N THR I 226 37.84 52.41 7.74
CA THR I 226 37.55 53.81 8.01
C THR I 226 38.69 54.65 7.44
N GLN I 227 39.01 54.40 6.18
CA GLN I 227 39.90 55.24 5.39
C GLN I 227 39.12 56.19 4.52
N ASP I 228 37.79 56.02 4.45
CA ASP I 228 36.92 56.70 3.49
C ASP I 228 37.46 56.59 2.07
N ARG I 229 38.23 55.54 1.80
CA ARG I 229 38.89 55.35 0.51
C ARG I 229 38.59 53.98 -0.07
N ALA I 230 37.33 53.54 0.04
CA ALA I 230 36.83 52.33 -0.61
C ALA I 230 37.39 51.06 0.02
N LYS I 231 36.54 50.28 0.68
CA LYS I 231 36.99 49.10 1.42
C LYS I 231 37.62 48.07 0.49
N PRO I 232 38.86 47.64 0.76
CA PRO I 232 39.54 46.67 -0.13
C PRO I 232 39.27 45.22 0.25
N VAL I 233 38.20 44.64 -0.30
CA VAL I 233 37.78 43.30 0.08
C VAL I 233 38.14 42.32 -1.03
N THR I 234 37.96 41.03 -0.73
CA THR I 234 38.15 39.99 -1.72
C THR I 234 37.24 40.25 -2.91
N GLN I 235 37.84 40.45 -4.08
CA GLN I 235 37.11 40.92 -5.25
C GLN I 235 37.80 40.41 -6.50
N ILE I 236 37.27 40.79 -7.65
CA ILE I 236 37.81 40.40 -8.94
C ILE I 236 37.95 41.64 -9.80
N VAL I 237 39.13 41.81 -10.43
CA VAL I 237 39.41 42.91 -11.34
C VAL I 237 39.83 42.30 -12.67
N SER I 238 39.15 42.68 -13.74
CA SER I 238 39.37 42.10 -15.05
C SER I 238 39.73 43.19 -16.07
N ALA I 239 40.26 42.75 -17.21
CA ALA I 239 40.51 43.62 -18.34
C ALA I 239 40.39 42.80 -19.62
N GLU I 240 39.90 43.44 -20.68
CA GLU I 240 39.49 42.72 -21.87
C GLU I 240 40.14 43.29 -23.12
N ALA I 241 39.90 42.61 -24.24
CA ALA I 241 40.21 43.04 -25.59
C ALA I 241 39.52 42.10 -26.56
N TRP I 242 39.12 42.63 -27.71
CA TRP I 242 38.57 41.84 -28.81
C TRP I 242 39.56 41.82 -29.97
N GLY I 243 39.40 40.83 -30.85
CA GLY I 243 40.29 40.70 -31.98
C GLY I 243 40.16 41.83 -32.97
N ARG I 244 41.24 42.06 -33.73
CA ARG I 244 41.30 43.18 -34.67
C ARG I 244 42.00 42.72 -35.94
N ALA I 245 41.27 42.69 -37.05
CA ALA I 245 41.84 42.26 -38.33
C ALA I 245 42.60 43.39 -39.01
N LYS J 4 71.27 15.84 14.03
CA LYS J 4 70.05 15.20 13.56
C LYS J 4 69.23 16.15 12.69
N ILE J 5 69.47 16.12 11.38
CA ILE J 5 68.91 17.08 10.43
C ILE J 5 68.53 16.35 9.14
N GLU J 6 68.04 17.13 8.17
CA GLU J 6 67.54 16.58 6.91
C GLU J 6 67.88 17.59 5.81
N GLN J 7 68.91 17.30 5.04
CA GLN J 7 69.41 18.24 4.04
C GLN J 7 69.00 17.77 2.64
N ASN J 8 68.36 18.66 1.89
CA ASN J 8 67.94 18.41 0.51
C ASN J 8 69.03 18.92 -0.43
N SER J 9 68.73 19.62 -1.52
CA SER J 9 69.70 20.23 -2.40
C SER J 9 69.63 21.76 -2.22
N GLU J 10 70.00 22.51 -3.25
CA GLU J 10 69.80 23.96 -3.25
C GLU J 10 69.65 24.45 -4.70
N ALA J 11 68.38 24.50 -5.13
CA ALA J 11 68.00 25.15 -6.39
C ALA J 11 68.64 24.51 -7.62
N LEU J 12 67.96 23.53 -8.22
CA LEU J 12 68.47 22.86 -9.40
C LEU J 12 67.65 23.24 -10.64
N ASN J 13 68.27 23.05 -11.80
CA ASN J 13 67.62 23.29 -13.07
C ASN J 13 68.40 22.58 -14.17
N ILE J 14 67.68 22.02 -15.14
CA ILE J 14 68.26 21.25 -16.22
C ILE J 14 67.49 21.53 -17.51
N GLN J 15 67.95 20.90 -18.59
CA GLN J 15 67.30 20.97 -19.88
C GLN J 15 66.26 19.86 -20.01
N GLU J 16 65.36 20.00 -20.98
CA GLU J 16 64.44 18.94 -21.32
C GLU J 16 65.19 17.66 -21.66
N GLY J 17 64.49 16.53 -21.53
CA GLY J 17 65.05 15.24 -21.86
C GLY J 17 66.07 14.70 -20.88
N LYS J 18 67.07 15.51 -20.52
CA LYS J 18 68.01 15.12 -19.49
C LYS J 18 67.29 14.80 -18.19
N THR J 19 67.78 13.80 -17.46
CA THR J 19 67.12 13.33 -16.25
C THR J 19 67.60 14.11 -15.03
N ALA J 20 66.65 14.44 -14.16
CA ALA J 20 66.93 15.20 -12.95
C ALA J 20 67.22 14.27 -11.80
N THR J 21 68.22 14.63 -11.00
CA THR J 21 68.56 13.90 -9.78
C THR J 21 68.45 14.86 -8.61
N LEU J 22 67.56 14.55 -7.68
CA LEU J 22 67.41 15.30 -6.44
C LEU J 22 67.89 14.42 -5.31
N THR J 23 68.68 14.98 -4.41
CA THR J 23 69.28 14.20 -3.33
C THR J 23 68.65 14.56 -1.99
N CYS J 24 68.65 13.58 -1.09
CA CYS J 24 68.14 13.76 0.27
C CYS J 24 69.02 12.95 1.22
N ASN J 25 69.77 13.65 2.06
CA ASN J 25 70.61 13.01 3.07
C ASN J 25 70.05 13.33 4.45
N TYR J 26 70.10 12.35 5.35
CA TYR J 26 69.70 12.53 6.73
C TYR J 26 70.81 12.00 7.64
N THR J 27 70.92 12.61 8.82
CA THR J 27 71.92 12.25 9.80
C THR J 27 71.28 12.04 11.16
N ASN J 28 71.77 11.04 11.91
CA ASN J 28 71.28 10.71 13.25
C ASN J 28 69.84 10.23 13.22
N TYR J 29 69.50 9.42 12.21
CA TYR J 29 68.14 8.92 12.02
C TYR J 29 68.18 7.44 11.70
N SER J 30 66.99 6.89 11.48
CA SER J 30 66.74 5.53 11.03
C SER J 30 65.24 5.43 10.71
N PRO J 31 64.89 5.38 9.42
CA PRO J 31 63.52 5.72 9.02
C PRO J 31 62.62 4.50 8.84
N ALA J 32 63.11 3.54 8.05
CA ALA J 32 62.35 2.37 7.59
C ALA J 32 61.37 2.77 6.49
N TYR J 33 61.18 4.07 6.28
CA TYR J 33 60.34 4.53 5.18
C TYR J 33 60.79 5.90 4.70
N LEU J 34 60.98 6.01 3.39
CA LEU J 34 61.18 7.29 2.70
C LEU J 34 59.97 7.59 1.83
N GLN J 35 59.68 8.89 1.71
CA GLN J 35 58.56 9.38 0.90
C GLN J 35 59.01 10.63 0.17
N TRP J 36 58.43 10.83 -1.01
CA TRP J 36 58.75 11.99 -1.84
C TRP J 36 57.46 12.69 -2.23
N TYR J 37 57.50 14.02 -2.22
CA TYR J 37 56.33 14.85 -2.50
C TYR J 37 56.70 15.94 -3.49
N ARG J 38 55.69 16.42 -4.20
CA ARG J 38 55.85 17.47 -5.19
C ARG J 38 54.87 18.59 -4.86
N GLN J 39 55.40 19.77 -4.55
CA GLN J 39 54.58 20.92 -4.19
C GLN J 39 54.76 22.02 -5.23
N ASP J 40 53.66 22.56 -5.66
CA ASP J 40 53.71 23.64 -6.64
C ASP J 40 53.53 24.98 -5.94
N PRO J 41 54.13 26.05 -6.47
CA PRO J 41 53.76 27.39 -6.03
C PRO J 41 52.26 27.58 -6.21
N GLY J 42 51.60 27.97 -5.13
CA GLY J 42 50.17 27.80 -5.01
C GLY J 42 49.77 26.69 -4.08
N ARG J 43 50.71 26.12 -3.32
CA ARG J 43 50.45 25.38 -2.09
C ARG J 43 49.87 23.99 -2.33
N GLY J 44 50.17 23.06 -1.43
CA GLY J 44 49.62 21.72 -1.46
C GLY J 44 50.57 20.67 -1.96
N PRO J 45 51.29 20.03 -1.05
CA PRO J 45 52.11 18.87 -1.43
C PRO J 45 51.23 17.74 -1.93
N VAL J 46 51.73 17.01 -2.93
CA VAL J 46 51.04 15.84 -3.47
C VAL J 46 52.01 14.66 -3.46
N PHE J 47 51.54 13.52 -2.97
CA PHE J 47 52.41 12.38 -2.76
C PHE J 47 52.89 11.81 -4.09
N LEU J 48 54.09 11.20 -4.06
CA LEU J 48 54.71 10.69 -5.27
C LEU J 48 55.08 9.22 -5.13
N LEU J 49 56.16 8.94 -4.41
CA LEU J 49 56.65 7.58 -4.24
C LEU J 49 56.84 7.27 -2.76
N LEU J 50 57.02 5.99 -2.47
CA LEU J 50 57.05 5.50 -1.10
C LEU J 50 57.89 4.23 -1.11
N ILE J 51 59.07 4.29 -0.49
CA ILE J 51 60.04 3.22 -0.56
C ILE J 51 60.45 2.84 0.85
N ARG J 52 60.41 1.56 1.17
CA ARG J 52 60.78 1.05 2.49
C ARG J 52 62.25 0.66 2.53
N GLU J 53 62.73 0.34 3.73
CA GLU J 53 64.16 0.24 3.97
C GLU J 53 64.77 -1.03 3.38
N ASN J 54 64.04 -2.14 3.37
CA ASN J 54 64.58 -3.35 2.76
C ASN J 54 64.50 -3.34 1.24
N GLU J 55 63.73 -2.42 0.66
CA GLU J 55 63.73 -2.30 -0.79
C GLU J 55 64.91 -1.45 -1.23
N LYS J 56 65.16 -1.46 -2.54
CA LYS J 56 66.06 -0.50 -3.14
C LYS J 56 65.62 -0.34 -4.58
N GLU J 57 65.54 0.92 -5.02
CA GLU J 57 64.97 1.28 -6.32
C GLU J 57 63.50 0.91 -6.44
N LYS J 58 62.66 1.91 -6.72
CA LYS J 58 61.24 1.72 -6.99
C LYS J 58 60.88 2.63 -8.16
N ARG J 59 60.24 2.07 -9.17
CA ARG J 59 59.98 2.80 -10.41
C ARG J 59 58.49 3.07 -10.59
N LYS J 60 58.18 4.29 -11.01
CA LYS J 60 56.82 4.69 -11.37
C LYS J 60 56.92 5.64 -12.56
N GLU J 61 56.60 5.14 -13.74
CA GLU J 61 56.82 5.82 -15.01
C GLU J 61 58.24 6.36 -15.12
N ARG J 62 58.38 7.68 -15.10
CA ARG J 62 59.67 8.34 -15.22
C ARG J 62 60.33 8.62 -13.87
N LEU J 63 59.73 8.15 -12.77
CA LEU J 63 60.27 8.38 -11.44
C LEU J 63 61.07 7.17 -10.97
N LYS J 64 62.25 7.44 -10.43
CA LYS J 64 63.21 6.42 -10.03
C LYS J 64 63.74 6.86 -8.67
N VAL J 65 63.38 6.13 -7.61
CA VAL J 65 63.76 6.50 -6.26
C VAL J 65 64.51 5.34 -5.63
N THR J 66 65.51 5.67 -4.81
CA THR J 66 66.36 4.68 -4.16
C THR J 66 66.47 5.02 -2.68
N PHE J 67 66.71 3.99 -1.87
CA PHE J 67 66.78 4.15 -0.42
C PHE J 67 67.95 3.36 0.13
N ASP J 68 69.00 4.07 0.54
CA ASP J 68 70.19 3.46 1.13
C ASP J 68 70.18 3.69 2.65
N THR J 69 69.86 2.63 3.40
CA THR J 69 69.86 2.74 4.86
C THR J 69 71.24 3.10 5.39
N THR J 70 72.28 2.46 4.85
CA THR J 70 73.63 2.62 5.41
C THR J 70 74.29 3.92 4.97
N LEU J 71 73.99 4.40 3.77
CA LEU J 71 74.47 5.71 3.37
C LEU J 71 73.67 6.84 4.01
N LYS J 72 72.50 6.52 4.60
CA LYS J 72 71.60 7.49 5.19
C LYS J 72 71.23 8.54 4.13
N GLN J 73 70.68 8.04 3.03
CA GLN J 73 70.46 8.88 1.85
C GLN J 73 69.43 8.23 0.94
N SER J 74 68.60 9.08 0.32
CA SER J 74 67.65 8.67 -0.70
C SER J 74 67.81 9.58 -1.91
N LEU J 75 67.71 9.01 -3.10
CA LEU J 75 67.90 9.72 -4.35
C LEU J 75 66.64 9.66 -5.19
N PHE J 76 66.25 10.80 -5.77
CA PHE J 76 65.04 10.92 -6.56
C PHE J 76 65.38 11.29 -8.00
N HIS J 77 64.82 10.55 -8.95
CA HIS J 77 65.14 10.70 -10.36
C HIS J 77 63.87 10.94 -11.16
N ILE J 78 63.79 12.07 -11.84
CA ILE J 78 62.85 12.27 -12.94
C ILE J 78 63.62 12.07 -14.23
N THR J 79 63.23 11.07 -15.01
CA THR J 79 63.83 10.82 -16.31
C THR J 79 62.99 11.41 -17.43
N ALA J 80 63.67 11.68 -18.55
CA ALA J 80 63.02 12.24 -19.73
C ALA J 80 62.27 13.52 -19.34
N SER J 81 62.94 14.35 -18.53
CA SER J 81 62.30 15.46 -17.86
C SER J 81 61.58 16.38 -18.84
N GLN J 82 60.40 16.82 -18.45
CA GLN J 82 59.49 17.75 -19.08
C GLN J 82 59.56 19.10 -18.36
N PRO J 83 59.28 20.20 -19.05
CA PRO J 83 59.14 21.49 -18.35
C PRO J 83 57.93 21.53 -17.43
N ALA J 84 56.91 20.71 -17.70
CA ALA J 84 55.80 20.57 -16.77
C ALA J 84 56.23 20.01 -15.42
N ASP J 85 57.36 19.30 -15.39
CA ASP J 85 57.86 18.74 -14.14
C ASP J 85 58.45 19.78 -13.20
N SER J 86 58.64 21.01 -13.66
CA SER J 86 59.33 22.02 -12.87
C SER J 86 58.47 22.46 -11.69
N ALA J 87 58.94 22.18 -10.49
CA ALA J 87 58.34 22.57 -9.22
C ALA J 87 59.36 22.26 -8.13
N THR J 88 58.94 22.38 -6.87
CA THR J 88 59.80 22.00 -5.76
C THR J 88 59.45 20.60 -5.28
N TYR J 89 60.45 19.90 -4.74
CA TYR J 89 60.33 18.49 -4.40
C TYR J 89 60.83 18.25 -2.98
N LEU J 90 60.03 17.53 -2.19
CA LEU J 90 60.23 17.40 -0.76
C LEU J 90 60.66 15.99 -0.39
N CYS J 91 61.59 15.90 0.55
CA CYS J 91 61.96 14.63 1.18
C CYS J 91 61.20 14.50 2.48
N ALA J 92 60.88 13.25 2.86
CA ALA J 92 60.12 13.02 4.07
C ALA J 92 60.48 11.66 4.66
N LEU J 93 60.78 11.65 5.96
CA LEU J 93 61.11 10.44 6.69
C LEU J 93 59.96 10.06 7.61
N ASP J 94 59.89 8.77 7.93
CA ASP J 94 58.87 8.20 8.79
C ASP J 94 59.58 7.61 10.00
N ILE J 95 59.64 8.36 11.09
CA ILE J 95 60.32 7.93 12.31
C ILE J 95 59.30 7.31 13.24
N TYR J 96 59.69 6.21 13.88
CA TYR J 96 58.78 5.50 14.77
C TYR J 96 58.28 6.44 15.86
N PRO J 97 56.97 6.42 16.19
CA PRO J 97 55.93 5.52 15.68
C PRO J 97 55.25 6.07 14.43
N HIS J 98 55.12 7.40 14.37
CA HIS J 98 54.37 8.07 13.32
C HIS J 98 54.86 9.50 13.14
N ASP J 99 56.18 9.70 13.24
CA ASP J 99 56.77 11.01 13.02
C ASP J 99 57.09 11.16 11.55
N MET J 100 56.39 12.07 10.88
CA MET J 100 56.63 12.35 9.48
C MET J 100 57.35 13.69 9.43
N ARG J 101 58.67 13.64 9.35
CA ARG J 101 59.50 14.84 9.38
C ARG J 101 59.93 15.16 7.96
N PHE J 102 59.66 16.38 7.51
CA PHE J 102 59.89 16.78 6.14
C PHE J 102 61.23 17.48 6.03
N GLY J 103 61.88 17.30 4.89
CA GLY J 103 63.03 18.10 4.57
C GLY J 103 62.61 19.45 4.07
N ALA J 104 63.60 20.25 3.71
CA ALA J 104 63.34 21.54 3.07
C ALA J 104 63.01 21.28 1.61
N GLY J 105 62.89 22.34 0.82
CA GLY J 105 62.62 22.19 -0.59
C GLY J 105 63.88 22.09 -1.41
N THR J 106 63.81 21.28 -2.46
CA THR J 106 64.69 21.40 -3.61
C THR J 106 63.81 21.82 -4.78
N ARG J 107 64.08 23.01 -5.32
CA ARG J 107 63.26 23.54 -6.41
C ARG J 107 63.88 23.17 -7.75
N LEU J 108 63.11 22.47 -8.57
CA LEU J 108 63.53 22.08 -9.91
C LEU J 108 62.85 22.99 -10.93
N THR J 109 63.60 23.38 -11.96
CA THR J 109 63.05 24.08 -13.11
C THR J 109 63.67 23.48 -14.36
N VAL J 110 62.83 22.89 -15.21
CA VAL J 110 63.30 22.18 -16.40
C VAL J 110 63.22 23.17 -17.56
N LYS J 111 64.35 23.73 -17.94
CA LYS J 111 64.36 24.72 -19.00
C LYS J 111 63.92 24.05 -20.30
N PRO J 112 63.12 24.72 -21.11
CA PRO J 112 62.56 24.08 -22.30
C PRO J 112 63.58 23.98 -23.41
N ASN J 113 63.43 22.94 -24.23
CA ASN J 113 64.18 22.85 -25.47
C ASN J 113 63.62 23.85 -26.48
N ILE J 114 64.18 25.05 -26.53
CA ILE J 114 63.74 26.00 -27.55
C ILE J 114 64.24 25.46 -28.89
N GLN J 115 63.31 25.03 -29.73
CA GLN J 115 63.67 24.28 -30.93
C GLN J 115 64.46 25.14 -31.90
N ASN J 116 63.92 26.29 -32.30
CA ASN J 116 64.68 27.19 -33.16
C ASN J 116 64.42 28.63 -32.74
N PRO J 117 65.43 29.33 -32.22
CA PRO J 117 65.21 30.65 -31.63
C PRO J 117 64.82 31.68 -32.69
N ASP J 118 64.32 32.80 -32.19
CA ASP J 118 63.86 33.92 -32.99
C ASP J 118 63.82 35.18 -32.13
N PRO J 119 64.96 35.64 -31.63
CA PRO J 119 64.93 36.69 -30.60
C PRO J 119 64.41 38.01 -31.15
N ALA J 120 63.60 38.68 -30.34
CA ALA J 120 62.99 39.95 -30.73
C ALA J 120 62.49 40.64 -29.48
N VAL J 121 62.36 41.96 -29.58
CA VAL J 121 61.75 42.78 -28.55
C VAL J 121 60.63 43.55 -29.23
N TYR J 122 59.39 43.23 -28.87
CA TYR J 122 58.24 43.83 -29.52
C TYR J 122 57.67 44.94 -28.64
N GLN J 123 57.10 45.95 -29.29
CA GLN J 123 56.31 46.95 -28.58
C GLN J 123 54.84 46.56 -28.71
N LEU J 124 54.19 46.44 -27.56
CA LEU J 124 52.78 46.07 -27.52
C LEU J 124 51.94 47.32 -27.42
N ARG J 125 50.80 47.30 -28.10
CA ARG J 125 49.93 48.46 -28.15
C ARG J 125 49.50 48.85 -26.74
N ASP J 126 49.61 50.14 -26.42
CA ASP J 126 49.27 50.63 -25.10
C ASP J 126 47.79 50.41 -24.82
N SER J 127 47.48 50.20 -23.54
CA SER J 127 46.09 50.25 -23.12
C SER J 127 45.62 51.69 -23.08
N LYS J 128 44.40 51.92 -23.56
CA LYS J 128 43.80 53.24 -23.45
C LYS J 128 43.46 53.59 -22.00
N SER J 129 43.79 52.70 -21.07
CA SER J 129 43.39 52.82 -19.67
C SER J 129 44.57 52.74 -18.71
N SER J 130 45.81 52.75 -19.21
CA SER J 130 46.98 52.78 -18.35
C SER J 130 47.99 53.78 -18.90
N ASP J 131 48.86 54.26 -18.00
CA ASP J 131 49.92 55.18 -18.35
C ASP J 131 51.17 54.49 -18.86
N LYS J 132 51.24 53.17 -18.71
CA LYS J 132 52.45 52.40 -18.97
C LYS J 132 52.68 52.20 -20.46
N SER J 133 53.94 51.90 -20.79
CA SER J 133 54.34 51.36 -22.08
C SER J 133 55.04 50.04 -21.84
N VAL J 134 54.75 49.05 -22.68
CA VAL J 134 55.18 47.67 -22.43
C VAL J 134 55.92 47.15 -23.65
N CYS J 135 57.15 46.71 -23.45
CA CYS J 135 57.91 45.96 -24.44
C CYS J 135 57.98 44.50 -24.02
N LEU J 136 58.10 43.60 -25.00
CA LEU J 136 58.09 42.18 -24.75
C LEU J 136 59.28 41.52 -25.42
N PHE J 137 60.09 40.84 -24.62
CA PHE J 137 61.26 40.10 -25.10
C PHE J 137 60.91 38.62 -25.11
N THR J 138 60.90 38.01 -26.30
CA THR J 138 60.37 36.67 -26.46
C THR J 138 61.12 35.93 -27.56
N ASP J 139 61.01 34.60 -27.52
CA ASP J 139 61.43 33.69 -28.59
C ASP J 139 62.94 33.48 -28.64
N PHE J 140 63.60 33.51 -27.48
CA PHE J 140 65.03 33.23 -27.39
C PHE J 140 65.20 31.87 -26.75
N ASP J 141 66.41 31.30 -26.87
CA ASP J 141 66.60 30.00 -26.26
C ASP J 141 66.92 30.15 -24.78
N SER J 142 66.74 29.05 -24.04
CA SER J 142 66.76 29.11 -22.58
C SER J 142 68.11 29.50 -21.99
N GLN J 143 69.18 29.42 -22.78
CA GLN J 143 70.50 29.84 -22.29
C GLN J 143 70.50 31.30 -21.86
N THR J 144 69.82 32.17 -22.60
CA THR J 144 69.86 33.61 -22.34
C THR J 144 69.30 33.90 -20.95
N ASN J 145 69.90 34.87 -20.27
CA ASN J 145 69.43 35.30 -18.96
C ASN J 145 68.90 36.73 -19.01
N VAL J 146 67.90 36.98 -18.17
CA VAL J 146 67.20 38.26 -18.12
C VAL J 146 67.49 38.87 -16.75
N SER J 147 67.97 40.11 -16.74
CA SER J 147 68.37 40.80 -15.53
C SER J 147 67.40 41.90 -15.18
N GLN J 148 67.40 42.26 -13.90
CA GLN J 148 66.65 43.42 -13.45
C GLN J 148 67.23 44.67 -14.09
N SER J 149 66.46 45.76 -14.04
CA SER J 149 66.93 47.02 -14.59
C SER J 149 67.66 47.80 -13.52
N LYS J 150 68.60 48.64 -13.95
CA LYS J 150 69.28 49.48 -12.99
C LYS J 150 68.42 50.67 -12.58
N ASP J 151 67.42 51.01 -13.40
CA ASP J 151 66.45 52.04 -13.05
C ASP J 151 65.45 51.50 -12.04
N SER J 152 65.06 52.37 -11.10
CA SER J 152 64.01 52.02 -10.16
C SER J 152 62.62 52.18 -10.78
N ASP J 153 62.49 53.02 -11.81
CA ASP J 153 61.20 53.30 -12.44
C ASP J 153 61.00 52.51 -13.73
N VAL J 154 61.76 51.43 -13.93
CA VAL J 154 61.57 50.52 -15.05
C VAL J 154 61.48 49.12 -14.46
N TYR J 155 60.43 48.39 -14.81
CA TYR J 155 60.17 47.06 -14.25
C TYR J 155 60.39 46.01 -15.32
N ILE J 156 61.03 44.91 -14.92
CA ILE J 156 61.38 43.82 -15.82
C ILE J 156 61.14 42.52 -15.08
N THR J 157 60.33 41.63 -15.65
CA THR J 157 59.99 40.37 -15.02
C THR J 157 60.91 39.27 -15.54
N ASP J 158 61.12 38.27 -14.69
CA ASP J 158 62.01 37.18 -15.07
C ASP J 158 61.35 36.34 -16.17
N LYS J 159 62.18 35.64 -16.94
CA LYS J 159 61.67 34.94 -18.10
C LYS J 159 60.72 33.82 -17.69
N CYS J 160 60.06 33.24 -18.68
CA CYS J 160 58.97 32.32 -18.38
C CYS J 160 58.63 31.53 -19.64
N VAL J 161 58.13 30.31 -19.42
CA VAL J 161 57.89 29.35 -20.48
C VAL J 161 56.42 29.39 -20.88
N LEU J 162 56.13 28.91 -22.10
CA LEU J 162 54.83 29.09 -22.76
C LEU J 162 54.49 27.81 -23.52
N ASP J 163 53.74 26.92 -22.90
CA ASP J 163 53.39 25.65 -23.55
C ASP J 163 52.18 25.89 -24.43
N MET J 164 52.44 26.33 -25.66
CA MET J 164 51.41 26.49 -26.68
C MET J 164 51.08 25.12 -27.28
N ARG J 165 50.35 24.33 -26.46
CA ARG J 165 50.18 22.90 -26.69
C ARG J 165 49.62 22.59 -28.09
N SER J 166 48.57 23.32 -28.50
CA SER J 166 47.86 23.01 -29.73
C SER J 166 48.80 22.75 -30.91
N MET J 167 49.92 23.47 -30.97
CA MET J 167 50.87 23.31 -32.06
C MET J 167 52.27 22.97 -31.55
N ASP J 168 52.33 22.20 -30.47
CA ASP J 168 53.56 21.64 -29.88
C ASP J 168 54.69 22.68 -29.90
N PHE J 169 54.43 23.80 -29.23
CA PHE J 169 55.30 24.95 -29.31
C PHE J 169 55.52 25.53 -27.92
N LYS J 170 56.78 25.76 -27.58
CA LYS J 170 57.16 26.45 -26.35
C LYS J 170 58.03 27.63 -26.69
N SER J 171 57.95 28.67 -25.86
CA SER J 171 58.75 29.85 -26.09
C SER J 171 59.02 30.54 -24.77
N ASN J 172 60.16 31.20 -24.68
CA ASN J 172 60.49 32.00 -23.52
C ASN J 172 59.99 33.42 -23.74
N SER J 173 59.86 34.16 -22.64
CA SER J 173 59.38 35.52 -22.71
C SER J 173 59.65 36.22 -21.39
N ALA J 174 59.93 37.53 -21.48
CA ALA J 174 60.09 38.38 -20.31
C ALA J 174 59.59 39.77 -20.66
N VAL J 175 58.89 40.38 -19.73
CA VAL J 175 58.10 41.59 -19.98
C VAL J 175 58.74 42.75 -19.24
N ALA J 176 58.79 43.91 -19.90
CA ALA J 176 59.28 45.14 -19.31
C ALA J 176 58.26 46.25 -19.50
N TRP J 177 57.86 46.88 -18.41
CA TRP J 177 56.93 48.01 -18.48
C TRP J 177 57.46 49.18 -17.67
N SER J 178 57.21 50.38 -18.17
CA SER J 178 57.57 51.62 -17.49
C SER J 178 56.71 52.73 -18.07
N ASN J 179 56.58 53.81 -17.30
CA ASN J 179 55.78 54.95 -17.75
C ASN J 179 56.61 56.21 -17.99
N LYS J 180 57.94 56.13 -17.90
CA LYS J 180 58.75 57.27 -18.27
C LYS J 180 58.58 57.58 -19.76
N SER J 181 58.52 58.88 -20.08
CA SER J 181 58.34 59.27 -21.48
C SER J 181 59.55 58.90 -22.33
N ASP J 182 60.74 58.96 -21.76
CA ASP J 182 61.99 58.64 -22.44
C ASP J 182 62.28 57.15 -22.47
N PHE J 183 61.27 56.30 -22.32
CA PHE J 183 61.47 54.86 -22.26
C PHE J 183 61.12 54.26 -23.62
N ALA J 184 61.92 53.29 -24.07
CA ALA J 184 61.69 52.70 -25.37
C ALA J 184 62.27 51.30 -25.41
N CYS J 185 61.78 50.52 -26.37
CA CYS J 185 62.14 49.10 -26.47
C CYS J 185 63.60 48.93 -26.85
N ALA J 186 64.09 49.72 -27.82
CA ALA J 186 65.40 49.50 -28.43
C ALA J 186 66.50 49.31 -27.40
N ASN J 187 66.34 49.91 -26.21
CA ASN J 187 67.24 49.57 -25.10
C ASN J 187 66.45 49.75 -23.79
N ALA J 188 65.66 48.74 -23.47
CA ALA J 188 65.20 48.52 -22.11
C ALA J 188 65.74 47.24 -21.52
N PHE J 189 66.14 46.28 -22.36
CA PHE J 189 66.77 45.05 -21.95
C PHE J 189 68.29 45.08 -22.06
N ASN J 190 68.89 46.25 -22.31
CA ASN J 190 70.34 46.28 -22.51
C ASN J 190 71.10 46.38 -21.19
N ASN J 191 70.56 45.74 -20.15
CA ASN J 191 71.31 45.37 -18.97
C ASN J 191 71.35 43.85 -18.91
N SER J 192 71.23 43.23 -20.08
CA SER J 192 71.16 41.78 -20.24
C SER J 192 71.92 41.42 -21.51
N ILE J 193 72.41 40.18 -21.55
CA ILE J 193 73.15 39.68 -22.72
C ILE J 193 72.10 39.15 -23.70
N ILE J 194 71.68 40.03 -24.60
CA ILE J 194 70.70 39.70 -25.64
C ILE J 194 71.44 39.04 -26.80
N PRO J 195 70.87 38.01 -27.43
CA PRO J 195 71.44 37.52 -28.69
C PRO J 195 71.67 38.64 -29.69
N GLU J 196 72.79 38.57 -30.41
CA GLU J 196 73.17 39.68 -31.28
C GLU J 196 72.18 39.86 -32.42
N ASP J 197 71.67 38.76 -32.97
CA ASP J 197 70.71 38.83 -34.07
C ASP J 197 69.28 38.99 -33.55
N THR J 198 69.08 39.93 -32.64
CA THR J 198 67.76 40.19 -32.07
C THR J 198 67.09 41.32 -32.83
N PHE J 199 65.90 41.04 -33.36
CA PHE J 199 65.21 41.95 -34.26
C PHE J 199 64.44 43.00 -33.47
N PHE J 200 64.62 44.27 -33.86
CA PHE J 200 63.89 45.39 -33.25
C PHE J 200 63.08 46.05 -34.35
N PRO J 201 61.76 45.91 -34.38
CA PRO J 201 60.97 46.48 -35.48
C PRO J 201 60.84 47.99 -35.39
N SER J 202 60.30 48.56 -36.48
CA SER J 202 60.15 50.00 -36.67
C SER J 202 58.70 50.33 -36.98
N PRO J 203 58.11 51.35 -36.33
CA PRO J 203 56.71 51.76 -36.49
C PRO J 203 56.34 52.07 -37.95
N GLY K 1 -7.72 -45.35 46.76
CA GLY K 1 -8.20 -44.25 47.60
C GLY K 1 -8.76 -43.10 46.81
N SER K 2 -9.75 -42.41 47.36
CA SER K 2 -10.37 -41.27 46.70
C SER K 2 -9.60 -39.99 47.01
N HIS K 3 -9.92 -38.92 46.28
CA HIS K 3 -9.19 -37.66 46.38
C HIS K 3 -10.13 -36.51 46.01
N SER K 4 -9.70 -35.30 46.33
CA SER K 4 -10.54 -34.12 46.11
C SER K 4 -9.68 -32.87 45.98
N MET K 5 -10.07 -31.98 45.06
CA MET K 5 -9.51 -30.64 44.94
C MET K 5 -10.59 -29.62 45.26
N ARG K 6 -10.31 -28.69 46.17
CA ARG K 6 -11.28 -27.70 46.61
C ARG K 6 -10.66 -26.30 46.61
N TYR K 7 -11.53 -25.29 46.53
CA TYR K 7 -11.14 -23.88 46.55
C TYR K 7 -12.03 -23.11 47.51
N PHE K 8 -11.41 -22.29 48.37
CA PHE K 8 -12.08 -21.52 49.41
C PHE K 8 -11.77 -20.04 49.23
N PHE K 9 -12.81 -19.22 49.09
CA PHE K 9 -12.66 -17.78 48.87
C PHE K 9 -13.35 -16.99 49.99
N THR K 10 -12.68 -15.98 50.52
CA THR K 10 -13.24 -15.14 51.57
C THR K 10 -13.07 -13.67 51.23
N SER K 11 -14.10 -12.87 51.51
CA SER K 11 -14.09 -11.45 51.16
C SER K 11 -14.87 -10.69 52.23
N VAL K 12 -14.18 -9.83 52.99
CA VAL K 12 -14.77 -9.13 54.13
C VAL K 12 -14.69 -7.62 53.88
N SER K 13 -15.84 -6.94 54.00
CA SER K 13 -15.93 -5.53 53.70
C SER K 13 -15.35 -4.68 54.84
N ARG K 14 -14.90 -3.48 54.49
CA ARG K 14 -14.32 -2.54 55.45
C ARG K 14 -14.77 -1.12 55.14
N PRO K 15 -15.80 -0.63 55.83
CA PRO K 15 -16.24 0.77 55.60
C PRO K 15 -15.19 1.74 56.13
N GLY K 16 -14.85 2.73 55.30
CA GLY K 16 -13.84 3.71 55.63
C GLY K 16 -12.41 3.23 55.55
N ARG K 17 -12.17 1.92 55.54
CA ARG K 17 -10.83 1.36 55.43
C ARG K 17 -10.52 0.84 54.03
N GLY K 18 -11.19 1.35 53.00
CA GLY K 18 -10.84 1.03 51.63
C GLY K 18 -11.54 -0.18 51.04
N GLU K 19 -10.79 -0.99 50.25
CA GLU K 19 -11.37 -2.13 49.56
C GLU K 19 -11.49 -3.34 50.47
N PRO K 20 -12.48 -4.20 50.24
CA PRO K 20 -12.63 -5.40 51.08
C PRO K 20 -11.48 -6.38 50.85
N ARG K 21 -11.07 -7.04 51.93
CA ARG K 21 -9.95 -7.98 51.88
C ARG K 21 -10.40 -9.30 51.29
N PHE K 22 -9.62 -9.82 50.35
CA PHE K 22 -9.93 -11.07 49.65
C PHE K 22 -8.80 -12.05 49.89
N ILE K 23 -9.16 -13.28 50.28
CA ILE K 23 -8.18 -14.33 50.53
C ILE K 23 -8.73 -15.64 49.97
N ALA K 24 -7.95 -16.29 49.10
CA ALA K 24 -8.33 -17.55 48.49
C ALA K 24 -7.26 -18.61 48.73
N VAL K 25 -7.70 -19.87 48.89
CA VAL K 25 -6.80 -20.99 49.14
C VAL K 25 -7.33 -22.22 48.39
N GLY K 26 -6.41 -23.04 47.92
CA GLY K 26 -6.73 -24.25 47.18
C GLY K 26 -6.14 -25.47 47.86
N TYR K 27 -6.89 -26.57 47.86
CA TYR K 27 -6.47 -27.80 48.50
C TYR K 27 -6.61 -28.97 47.54
N VAL K 28 -5.66 -29.89 47.61
CA VAL K 28 -5.82 -31.25 47.08
C VAL K 28 -5.76 -32.19 48.27
N ASP K 29 -6.83 -32.97 48.45
CA ASP K 29 -7.05 -33.67 49.72
C ASP K 29 -6.97 -32.68 50.89
N ASP K 30 -6.00 -32.88 51.77
CA ASP K 30 -5.83 -32.05 52.95
C ASP K 30 -4.64 -31.10 52.85
N THR K 31 -3.98 -31.06 51.70
CA THR K 31 -2.76 -30.27 51.54
C THR K 31 -3.08 -28.99 50.76
N GLN K 32 -2.85 -27.85 51.40
CA GLN K 32 -3.02 -26.57 50.73
C GLN K 32 -1.84 -26.32 49.80
N PHE K 33 -2.12 -25.80 48.60
CA PHE K 33 -1.10 -25.67 47.57
C PHE K 33 -1.06 -24.33 46.84
N VAL K 34 -2.05 -23.46 47.02
CA VAL K 34 -2.03 -22.13 46.44
C VAL K 34 -2.73 -21.18 47.39
N ARG K 35 -2.43 -19.89 47.25
CA ARG K 35 -3.14 -18.89 48.03
C ARG K 35 -3.03 -17.54 47.36
N PHE K 36 -3.90 -16.63 47.80
CA PHE K 36 -3.91 -15.25 47.36
C PHE K 36 -4.37 -14.41 48.54
N ASP K 37 -3.87 -13.18 48.61
CA ASP K 37 -4.16 -12.31 49.75
C ASP K 37 -4.14 -10.89 49.25
N SER K 38 -5.31 -10.25 49.23
CA SER K 38 -5.43 -8.93 48.63
C SER K 38 -4.57 -7.88 49.34
N ASP K 39 -4.25 -8.10 50.61
CA ASP K 39 -3.37 -7.20 51.35
C ASP K 39 -1.90 -7.52 51.16
N ALA K 40 -1.57 -8.65 50.55
CA ALA K 40 -0.18 -9.05 50.43
C ALA K 40 0.52 -8.22 49.35
N ALA K 41 1.86 -8.34 49.33
CA ALA K 41 2.66 -7.49 48.46
C ALA K 41 2.48 -7.84 46.99
N SER K 42 2.58 -9.13 46.65
CA SER K 42 2.76 -9.54 45.27
C SER K 42 1.57 -9.18 44.37
N GLN K 43 0.38 -9.02 44.93
CA GLN K 43 -0.85 -8.89 44.13
C GLN K 43 -0.90 -9.98 43.06
N ARG K 44 -0.41 -11.17 43.42
CA ARG K 44 -0.20 -12.24 42.46
C ARG K 44 -0.37 -13.57 43.18
N MET K 45 -0.96 -14.55 42.49
CA MET K 45 -1.25 -15.83 43.11
C MET K 45 0.05 -16.58 43.41
N GLU K 46 0.24 -16.92 44.68
CA GLU K 46 1.46 -17.55 45.18
C GLU K 46 1.28 -19.06 45.33
N PRO K 47 2.37 -19.81 45.29
CA PRO K 47 2.31 -21.23 45.65
C PRO K 47 2.51 -21.46 47.14
N ARG K 48 2.08 -22.64 47.60
CA ARG K 48 2.25 -23.04 48.99
C ARG K 48 2.56 -24.52 49.15
N ALA K 49 2.90 -25.23 48.06
CA ALA K 49 3.33 -26.61 48.13
C ALA K 49 4.45 -26.82 47.13
N PRO K 50 5.45 -27.64 47.48
CA PRO K 50 6.63 -27.77 46.59
C PRO K 50 6.30 -28.25 45.19
N TRP K 51 5.34 -29.17 45.07
CA TRP K 51 5.01 -29.83 43.81
C TRP K 51 4.25 -28.93 42.82
N ILE K 52 3.95 -27.68 43.17
CA ILE K 52 3.21 -26.80 42.27
C ILE K 52 4.07 -25.68 41.66
N GLU K 53 5.30 -25.51 42.11
CA GLU K 53 6.20 -24.56 41.46
C GLU K 53 6.71 -25.05 40.12
N GLN K 54 6.48 -26.32 39.78
CA GLN K 54 6.84 -26.87 38.48
C GLN K 54 6.12 -26.17 37.33
N GLU K 55 5.08 -25.38 37.62
CA GLU K 55 4.29 -24.73 36.59
C GLU K 55 5.04 -23.53 36.02
N GLY K 56 4.91 -23.34 34.70
CA GLY K 56 5.45 -22.18 34.05
C GLY K 56 4.61 -20.95 34.31
N PRO K 57 5.03 -19.82 33.72
CA PRO K 57 4.21 -18.61 33.83
C PRO K 57 2.93 -18.69 33.03
N GLU K 58 2.82 -19.61 32.07
CA GLU K 58 1.55 -19.82 31.38
C GLU K 58 0.44 -20.15 32.36
N TYR K 59 0.80 -20.82 33.46
CA TYR K 59 -0.14 -21.16 34.53
C TYR K 59 -0.25 -20.02 35.55
N TRP K 60 0.89 -19.54 36.05
CA TRP K 60 0.86 -18.54 37.11
C TRP K 60 0.29 -17.21 36.64
N ASP K 61 0.53 -16.83 35.37
CA ASP K 61 -0.21 -15.70 34.81
C ASP K 61 -1.71 -15.93 34.92
N GLY K 62 -2.16 -17.15 34.60
CA GLY K 62 -3.56 -17.51 34.62
C GLY K 62 -4.25 -17.40 35.97
N GLU K 63 -3.83 -18.23 36.94
CA GLU K 63 -4.37 -18.16 38.29
C GLU K 63 -4.29 -16.77 38.92
N THR K 64 -3.47 -15.88 38.37
CA THR K 64 -3.51 -14.49 38.83
C THR K 64 -4.67 -13.74 38.18
N ARG K 65 -4.91 -13.98 36.89
CA ARG K 65 -6.05 -13.34 36.22
C ARG K 65 -7.37 -13.86 36.77
N LYS K 66 -7.49 -15.17 36.96
CA LYS K 66 -8.75 -15.75 37.41
C LYS K 66 -9.12 -15.31 38.83
N VAL K 67 -8.14 -15.29 39.74
CA VAL K 67 -8.47 -14.99 41.12
C VAL K 67 -8.79 -13.50 41.30
N LYS K 68 -8.16 -12.62 40.53
CA LYS K 68 -8.58 -11.23 40.56
C LYS K 68 -9.99 -11.06 40.00
N ALA K 69 -10.41 -11.97 39.12
CA ALA K 69 -11.80 -11.98 38.67
C ALA K 69 -12.72 -12.37 39.83
N HIS K 70 -12.43 -13.50 40.48
CA HIS K 70 -13.13 -13.85 41.73
C HIS K 70 -13.11 -12.68 42.70
N SER K 71 -11.93 -12.05 42.88
CA SER K 71 -11.79 -10.96 43.84
C SER K 71 -12.76 -9.82 43.52
N GLN K 72 -12.78 -9.37 42.26
CA GLN K 72 -13.69 -8.30 41.85
C GLN K 72 -15.11 -8.78 41.58
N THR K 73 -15.38 -10.07 41.67
CA THR K 73 -16.78 -10.50 41.71
C THR K 73 -17.36 -10.30 43.10
N HIS K 74 -16.69 -10.84 44.12
CA HIS K 74 -17.12 -10.64 45.50
C HIS K 74 -17.10 -9.16 45.88
N ARG K 75 -16.21 -8.37 45.27
CA ARG K 75 -16.16 -6.95 45.56
C ARG K 75 -17.47 -6.27 45.19
N VAL K 76 -18.04 -6.63 44.03
CA VAL K 76 -19.34 -6.09 43.64
C VAL K 76 -20.44 -6.71 44.48
N ASP K 77 -20.31 -8.01 44.80
CA ASP K 77 -21.36 -8.73 45.50
C ASP K 77 -21.66 -8.12 46.87
N LEU K 78 -20.62 -7.73 47.61
CA LEU K 78 -20.86 -7.11 48.92
C LEU K 78 -21.72 -5.86 48.78
N GLY K 79 -21.38 -4.98 47.82
CA GLY K 79 -22.22 -3.83 47.58
C GLY K 79 -23.59 -4.20 47.06
N THR K 80 -23.69 -5.31 46.32
CA THR K 80 -24.98 -5.79 45.82
C THR K 80 -25.83 -6.35 46.96
N LEU K 81 -25.27 -7.28 47.75
CA LEU K 81 -26.04 -7.94 48.79
C LEU K 81 -26.46 -6.97 49.89
N ARG K 82 -25.60 -6.01 50.20
CA ARG K 82 -25.95 -4.98 51.18
C ARG K 82 -27.28 -4.32 50.83
N GLY K 83 -27.53 -4.09 49.54
CA GLY K 83 -28.79 -3.52 49.08
C GLY K 83 -29.92 -4.53 49.04
N TYR K 84 -29.60 -5.76 48.63
CA TYR K 84 -30.59 -6.83 48.66
C TYR K 84 -31.19 -7.00 50.05
N TYR K 85 -30.37 -6.82 51.08
CA TYR K 85 -30.76 -7.05 52.46
C TYR K 85 -31.08 -5.77 53.24
N ASN K 86 -31.01 -4.60 52.62
CA ASN K 86 -31.30 -3.33 53.29
C ASN K 86 -30.37 -3.10 54.48
N GLN K 87 -29.07 -3.27 54.23
CA GLN K 87 -28.06 -3.01 55.24
C GLN K 87 -27.36 -1.70 54.89
N SER K 88 -26.79 -1.06 55.90
CA SER K 88 -26.01 0.14 55.66
C SER K 88 -24.56 -0.24 55.38
N GLU K 89 -23.87 0.62 54.64
CA GLU K 89 -22.45 0.41 54.36
C GLU K 89 -21.57 1.00 55.46
N ALA K 90 -21.96 0.78 56.72
CA ALA K 90 -21.18 1.14 57.88
C ALA K 90 -20.69 -0.08 58.66
N GLY K 91 -21.43 -1.19 58.58
CA GLY K 91 -21.01 -2.42 59.20
C GLY K 91 -20.29 -3.32 58.21
N SER K 92 -19.43 -4.18 58.75
CA SER K 92 -18.64 -5.11 57.95
C SER K 92 -19.42 -6.39 57.65
N HIS K 93 -19.37 -6.82 56.40
CA HIS K 93 -20.12 -7.97 55.92
C HIS K 93 -19.15 -8.94 55.26
N THR K 94 -19.54 -10.22 55.20
CA THR K 94 -18.63 -11.31 54.87
C THR K 94 -19.23 -12.18 53.77
N VAL K 95 -18.50 -12.35 52.67
CA VAL K 95 -18.85 -13.27 51.60
C VAL K 95 -17.82 -14.38 51.52
N GLN K 96 -18.29 -15.63 51.46
CA GLN K 96 -17.44 -16.81 51.31
C GLN K 96 -17.87 -17.60 50.08
N ARG K 97 -16.96 -18.42 49.58
CA ARG K 97 -17.21 -19.18 48.36
C ARG K 97 -16.39 -20.47 48.37
N MET K 98 -17.00 -21.56 47.94
CA MET K 98 -16.37 -22.87 48.01
C MET K 98 -16.80 -23.73 46.83
N TYR K 99 -15.83 -24.34 46.16
CA TYR K 99 -16.16 -25.30 45.12
C TYR K 99 -15.01 -26.29 44.93
N GLY K 100 -15.35 -27.46 44.40
CA GLY K 100 -14.36 -28.48 44.17
C GLY K 100 -14.99 -29.75 43.60
N CYS K 101 -14.18 -30.79 43.51
CA CYS K 101 -14.60 -32.04 42.87
C CYS K 101 -13.85 -33.20 43.50
N ASP K 102 -14.53 -34.34 43.64
CA ASP K 102 -13.95 -35.56 44.19
C ASP K 102 -13.85 -36.64 43.12
N VAL K 103 -12.88 -37.55 43.28
CA VAL K 103 -12.70 -38.68 42.38
C VAL K 103 -12.52 -39.95 43.19
N GLY K 104 -12.75 -41.09 42.53
CA GLY K 104 -12.69 -42.39 43.18
C GLY K 104 -11.31 -43.01 43.26
N SER K 105 -11.31 -44.31 43.59
CA SER K 105 -10.06 -45.08 43.65
C SER K 105 -9.48 -45.33 42.26
N ASP K 106 -10.33 -45.50 41.26
CA ASP K 106 -9.92 -45.57 39.86
C ASP K 106 -9.72 -44.18 39.26
N TRP K 107 -9.74 -43.15 40.10
CA TRP K 107 -9.57 -41.74 39.70
C TRP K 107 -10.64 -41.28 38.72
N ARG K 108 -11.77 -41.97 38.65
CA ARG K 108 -12.92 -41.50 37.90
C ARG K 108 -13.65 -40.42 38.68
N PHE K 109 -14.29 -39.51 37.97
CA PHE K 109 -15.11 -38.47 38.59
C PHE K 109 -16.11 -39.10 39.55
N LEU K 110 -16.35 -38.43 40.67
CA LEU K 110 -17.24 -38.94 41.70
C LEU K 110 -18.42 -38.02 41.98
N ARG K 111 -18.16 -36.73 42.19
CA ARG K 111 -19.18 -35.75 42.55
C ARG K 111 -18.57 -34.36 42.62
N GLY K 112 -19.35 -33.32 42.33
CA GLY K 112 -18.88 -31.95 42.40
C GLY K 112 -19.69 -31.12 43.38
N TYR K 113 -19.16 -29.93 43.69
CA TYR K 113 -19.89 -28.98 44.53
C TYR K 113 -19.39 -27.57 44.29
N HIS K 114 -20.31 -26.61 44.42
CA HIS K 114 -20.06 -25.18 44.38
C HIS K 114 -21.12 -24.49 45.22
N GLN K 115 -20.73 -23.55 46.08
CA GLN K 115 -21.72 -22.95 46.96
C GLN K 115 -21.19 -21.66 47.60
N TYR K 116 -22.14 -20.76 47.87
CA TYR K 116 -21.93 -19.38 48.26
C TYR K 116 -22.53 -19.16 49.65
N ALA K 117 -22.05 -18.13 50.35
CA ALA K 117 -22.54 -17.82 51.68
C ALA K 117 -22.38 -16.34 51.99
N TYR K 118 -23.38 -15.76 52.65
CA TYR K 118 -23.35 -14.37 53.07
C TYR K 118 -23.48 -14.29 54.58
N ASP K 119 -22.50 -13.65 55.21
CA ASP K 119 -22.54 -13.34 56.65
C ASP K 119 -22.70 -14.61 57.49
N GLY K 120 -22.08 -15.69 57.06
CA GLY K 120 -22.03 -16.91 57.84
C GLY K 120 -23.18 -17.86 57.63
N LYS K 121 -24.17 -17.49 56.83
CA LYS K 121 -25.34 -18.31 56.59
C LYS K 121 -25.43 -18.63 55.11
N ASP K 122 -26.13 -19.72 54.80
CA ASP K 122 -26.29 -20.14 53.42
C ASP K 122 -26.91 -19.02 52.59
N TYR K 123 -26.50 -18.96 51.32
CA TYR K 123 -27.11 -18.03 50.38
C TYR K 123 -27.60 -18.79 49.16
N ILE K 124 -26.68 -19.39 48.41
CA ILE K 124 -27.02 -20.21 47.25
C ILE K 124 -26.01 -21.35 47.18
N ALA K 125 -26.37 -22.41 46.45
CA ALA K 125 -25.52 -23.59 46.37
C ALA K 125 -25.95 -24.44 45.18
N LEU K 126 -24.98 -24.80 44.34
CA LEU K 126 -25.25 -25.75 43.28
C LEU K 126 -25.53 -27.13 43.86
N LYS K 127 -26.64 -27.73 43.44
CA LYS K 127 -27.04 -29.05 43.92
C LYS K 127 -26.14 -30.15 43.34
N GLU K 128 -26.28 -31.36 43.88
CA GLU K 128 -25.39 -32.46 43.50
C GLU K 128 -25.50 -32.81 42.01
N ASP K 129 -26.65 -32.59 41.39
CA ASP K 129 -26.75 -32.90 39.97
C ASP K 129 -26.16 -31.79 39.10
N LEU K 130 -25.61 -30.75 39.72
CA LEU K 130 -24.91 -29.67 39.04
C LEU K 130 -25.77 -29.03 37.96
N ARG K 131 -27.10 -29.21 38.08
CA ARG K 131 -28.05 -28.74 37.09
C ARG K 131 -29.17 -27.89 37.68
N SER K 132 -29.15 -27.61 38.98
CA SER K 132 -30.11 -26.67 39.54
C SER K 132 -29.52 -26.07 40.81
N TRP K 133 -30.09 -24.93 41.22
CA TRP K 133 -29.62 -24.14 42.33
C TRP K 133 -30.54 -24.29 43.53
N THR K 134 -30.01 -23.97 44.71
CA THR K 134 -30.78 -23.96 45.95
C THR K 134 -30.68 -22.58 46.59
N ALA K 135 -31.78 -21.83 46.53
CA ALA K 135 -31.87 -20.56 47.24
C ALA K 135 -32.35 -20.79 48.66
N ALA K 136 -31.65 -20.19 49.63
CA ALA K 136 -32.02 -20.28 51.04
C ALA K 136 -32.84 -19.08 51.50
N ASP K 137 -32.98 -18.06 50.66
CA ASP K 137 -33.51 -16.77 51.06
C ASP K 137 -34.56 -16.31 50.05
N MET K 138 -35.30 -15.27 50.43
CA MET K 138 -36.07 -14.52 49.44
C MET K 138 -35.14 -13.81 48.46
N ALA K 139 -34.06 -13.23 48.97
CA ALA K 139 -33.10 -12.54 48.12
C ALA K 139 -32.37 -13.51 47.19
N ALA K 140 -32.00 -14.69 47.72
CA ALA K 140 -31.25 -15.65 46.92
C ALA K 140 -32.01 -16.10 45.67
N GLN K 141 -33.34 -15.97 45.65
CA GLN K 141 -34.07 -16.17 44.41
C GLN K 141 -33.67 -15.16 43.35
N THR K 142 -33.49 -13.90 43.75
CA THR K 142 -33.08 -12.87 42.78
C THR K 142 -31.78 -13.25 42.09
N THR K 143 -30.80 -13.74 42.85
CA THR K 143 -29.57 -14.24 42.24
C THR K 143 -29.82 -15.47 41.38
N LYS K 144 -30.57 -16.44 41.91
CA LYS K 144 -30.89 -17.67 41.17
C LYS K 144 -31.38 -17.37 39.76
N HIS K 145 -32.34 -16.45 39.64
CA HIS K 145 -32.84 -16.08 38.33
C HIS K 145 -31.71 -15.54 37.45
N LYS K 146 -30.89 -14.67 38.01
CA LYS K 146 -29.78 -14.07 37.28
C LYS K 146 -28.82 -15.13 36.76
N TRP K 147 -28.56 -16.18 37.55
CA TRP K 147 -27.63 -17.21 37.12
C TRP K 147 -28.28 -18.25 36.22
N GLU K 148 -29.58 -18.51 36.39
CA GLU K 148 -30.29 -19.31 35.40
C GLU K 148 -30.29 -18.64 34.04
N ALA K 149 -30.37 -17.30 34.01
CA ALA K 149 -30.43 -16.58 32.75
C ALA K 149 -29.12 -16.61 31.98
N ALA K 150 -28.00 -16.87 32.65
CA ALA K 150 -26.71 -16.95 32.00
C ALA K 150 -26.22 -18.38 31.85
N HIS K 151 -27.05 -19.36 32.23
CA HIS K 151 -26.70 -20.78 32.13
C HIS K 151 -25.42 -21.08 32.88
N VAL K 152 -25.20 -20.36 33.99
CA VAL K 152 -23.97 -20.53 34.76
C VAL K 152 -23.84 -21.95 35.26
N ALA K 153 -24.96 -22.54 35.71
CA ALA K 153 -24.95 -23.94 36.14
C ALA K 153 -24.44 -24.83 35.01
N GLU K 154 -24.87 -24.58 33.77
CA GLU K 154 -24.37 -25.32 32.63
C GLU K 154 -22.86 -25.15 32.49
N GLN K 155 -22.35 -23.95 32.73
CA GLN K 155 -20.94 -23.64 32.52
C GLN K 155 -20.07 -24.02 33.71
N LEU K 156 -20.59 -23.89 34.94
CA LEU K 156 -19.87 -24.38 36.11
C LEU K 156 -19.76 -25.90 36.11
N ARG K 157 -20.78 -26.59 35.61
CA ARG K 157 -20.74 -28.05 35.54
C ARG K 157 -19.60 -28.54 34.67
N ALA K 158 -19.40 -27.90 33.52
CA ALA K 158 -18.28 -28.24 32.65
C ALA K 158 -16.97 -28.22 33.42
N TYR K 159 -16.78 -27.21 34.27
CA TYR K 159 -15.58 -27.19 35.10
C TYR K 159 -15.61 -28.32 36.12
N LEU K 160 -16.77 -28.59 36.73
CA LEU K 160 -16.82 -29.58 37.79
C LEU K 160 -16.67 -30.98 37.24
N GLU K 161 -17.40 -31.30 36.18
CA GLU K 161 -17.36 -32.63 35.58
C GLU K 161 -16.14 -32.83 34.69
N GLY K 162 -15.54 -31.74 34.20
CA GLY K 162 -14.40 -31.82 33.30
C GLY K 162 -13.09 -31.30 33.84
N THR K 163 -12.83 -30.00 33.60
CA THR K 163 -11.54 -29.38 33.92
C THR K 163 -11.05 -29.68 35.34
N CYS K 164 -11.98 -29.81 36.30
CA CYS K 164 -11.56 -29.96 37.69
C CYS K 164 -10.86 -31.31 37.91
N VAL K 165 -11.42 -32.39 37.36
CA VAL K 165 -10.85 -33.71 37.58
C VAL K 165 -9.62 -33.96 36.71
N GLU K 166 -9.48 -33.25 35.59
CA GLU K 166 -8.27 -33.35 34.78
C GLU K 166 -7.06 -32.83 35.56
N TRP K 167 -7.14 -31.58 36.01
CA TRP K 167 -6.04 -30.98 36.76
C TRP K 167 -5.81 -31.68 38.09
N LEU K 168 -6.85 -32.28 38.67
CA LEU K 168 -6.69 -33.04 39.91
C LEU K 168 -5.82 -34.27 39.70
N ARG K 169 -6.04 -35.01 38.61
CA ARG K 169 -5.16 -36.13 38.29
C ARG K 169 -3.74 -35.64 38.07
N ARG K 170 -3.59 -34.56 37.30
CA ARG K 170 -2.31 -33.88 37.17
C ARG K 170 -1.66 -33.62 38.53
N TYR K 171 -2.42 -33.03 39.46
CA TYR K 171 -1.85 -32.62 40.73
C TYR K 171 -1.34 -33.80 41.54
N LEU K 172 -2.12 -34.88 41.63
CA LEU K 172 -1.66 -36.06 42.35
C LEU K 172 -0.43 -36.65 41.69
N GLU K 173 -0.38 -36.63 40.36
CA GLU K 173 0.74 -37.23 39.64
C GLU K 173 2.00 -36.37 39.76
N ASN K 174 1.84 -35.04 39.82
CA ASN K 174 2.99 -34.17 40.01
C ASN K 174 3.56 -34.28 41.42
N GLY K 175 2.69 -34.43 42.42
CA GLY K 175 3.11 -34.47 43.81
C GLY K 175 2.86 -35.80 44.49
N LYS K 176 3.06 -36.89 43.74
CA LYS K 176 2.88 -38.24 44.29
C LYS K 176 3.72 -38.47 45.53
N GLU K 177 4.82 -37.73 45.69
CA GLU K 177 5.54 -37.69 46.96
C GLU K 177 4.60 -37.38 48.12
N THR K 178 3.83 -36.30 48.01
CA THR K 178 3.06 -35.74 49.13
C THR K 178 1.59 -36.16 49.08
N LEU K 179 0.90 -35.86 47.98
CA LEU K 179 -0.54 -36.05 47.93
C LEU K 179 -0.96 -37.51 47.91
N GLN K 180 -0.06 -38.42 47.52
CA GLN K 180 -0.39 -39.84 47.40
C GLN K 180 0.22 -40.69 48.52
N ARG K 181 0.78 -40.07 49.55
CA ARG K 181 1.37 -40.81 50.66
C ARG K 181 0.28 -41.32 51.60
N THR K 182 0.71 -42.15 52.57
CA THR K 182 -0.22 -42.75 53.53
C THR K 182 0.52 -42.93 54.85
N ASP K 183 0.41 -41.93 55.73
CA ASP K 183 1.04 -41.96 57.05
C ASP K 183 0.08 -42.59 58.06
N ALA K 184 0.51 -43.67 58.70
CA ALA K 184 -0.32 -44.41 59.64
C ALA K 184 -0.22 -43.79 61.03
N PRO K 185 -1.24 -43.96 61.87
CA PRO K 185 -1.28 -43.24 63.14
C PRO K 185 -0.25 -43.73 64.14
N LYS K 186 0.23 -42.80 64.96
CA LYS K 186 1.19 -43.07 66.03
C LYS K 186 0.43 -43.12 67.34
N THR K 187 -0.10 -44.30 67.66
CA THR K 187 -1.06 -44.43 68.75
C THR K 187 -0.38 -44.77 70.08
N HIS K 188 -0.97 -44.27 71.16
CA HIS K 188 -0.61 -44.70 72.51
C HIS K 188 -1.75 -44.31 73.43
N MET K 189 -1.71 -44.81 74.66
CA MET K 189 -2.75 -44.54 75.65
C MET K 189 -2.11 -44.05 76.94
N THR K 190 -2.63 -42.94 77.46
CA THR K 190 -2.20 -42.41 78.75
C THR K 190 -3.30 -42.64 79.78
N HIS K 191 -2.92 -42.54 81.04
CA HIS K 191 -3.80 -42.90 82.15
C HIS K 191 -3.63 -41.82 83.22
N HIS K 192 -4.67 -41.04 83.44
CA HIS K 192 -4.63 -39.89 84.33
C HIS K 192 -5.62 -40.12 85.46
N ALA K 193 -5.11 -40.27 86.67
CA ALA K 193 -5.95 -40.52 87.83
C ALA K 193 -6.69 -39.25 88.23
N VAL K 194 -8.01 -39.33 88.17
CA VAL K 194 -8.87 -38.17 88.51
C VAL K 194 -8.83 -38.01 90.02
N SER K 195 -9.23 -39.05 90.74
CA SER K 195 -9.09 -39.15 92.44
C SER K 195 -9.09 -40.62 92.53
N ASP K 196 -9.28 -41.07 93.92
CA ASP K 196 -9.08 -42.49 94.21
C ASP K 196 -10.23 -43.35 93.27
N HIS K 197 -11.25 -42.73 92.67
CA HIS K 197 -12.40 -43.44 92.12
C HIS K 197 -12.41 -43.50 90.59
N GLU K 198 -12.19 -42.36 89.93
CA GLU K 198 -12.22 -42.28 88.48
C GLU K 198 -10.82 -42.06 87.92
N ALA K 199 -10.70 -42.35 86.62
CA ALA K 199 -9.46 -42.17 85.89
C ALA K 199 -9.79 -41.89 84.43
N THR K 200 -9.12 -40.90 83.85
CA THR K 200 -9.36 -40.51 82.46
C THR K 200 -8.42 -41.33 81.58
N LEU K 201 -9.00 -42.05 80.62
CA LEU K 201 -8.23 -42.83 79.65
C LEU K 201 -8.22 -42.09 78.33
N ARG K 202 -7.05 -41.60 77.94
CA ARG K 202 -6.88 -40.86 76.69
C ARG K 202 -6.20 -41.73 75.66
N CYS K 203 -6.78 -41.77 74.45
CA CYS K 203 -6.29 -42.62 73.37
C CYS K 203 -5.81 -41.70 72.25
N TRP K 204 -4.50 -41.62 72.07
CA TRP K 204 -3.87 -40.67 71.16
C TRP K 204 -3.61 -41.31 69.80
N ALA K 205 -3.60 -40.47 68.78
CA ALA K 205 -3.15 -40.85 67.44
C ALA K 205 -2.46 -39.61 66.86
N LEU K 206 -1.14 -39.70 66.65
CA LEU K 206 -0.35 -38.54 66.24
C LEU K 206 0.29 -38.76 64.88
N SER K 207 0.46 -37.66 64.16
CA SER K 207 1.25 -37.61 62.92
C SER K 207 0.73 -38.62 61.90
N PHE K 208 -0.43 -38.31 61.35
CA PHE K 208 -1.04 -39.12 60.30
C PHE K 208 -1.59 -38.23 59.20
N TYR K 209 -1.80 -38.85 58.03
CA TYR K 209 -2.37 -38.22 56.85
C TYR K 209 -2.99 -39.33 56.00
N PRO K 210 -4.21 -39.15 55.50
CA PRO K 210 -5.10 -37.97 55.54
C PRO K 210 -5.75 -37.74 56.89
N ALA K 211 -6.47 -36.61 57.02
CA ALA K 211 -7.04 -36.22 58.31
C ALA K 211 -8.29 -37.02 58.65
N GLU K 212 -8.75 -37.87 57.74
CA GLU K 212 -9.93 -38.69 57.98
C GLU K 212 -9.54 -39.85 58.88
N ILE K 213 -10.02 -39.84 60.12
CA ILE K 213 -9.71 -40.87 61.09
C ILE K 213 -10.96 -41.14 61.92
N THR K 214 -10.95 -42.27 62.62
CA THR K 214 -12.11 -42.72 63.38
C THR K 214 -11.65 -43.25 64.73
N LEU K 215 -11.98 -42.52 65.79
CA LEU K 215 -11.70 -42.95 67.16
C LEU K 215 -13.00 -43.36 67.81
N THR K 216 -12.97 -44.52 68.49
CA THR K 216 -14.15 -45.08 69.12
C THR K 216 -13.74 -45.84 70.37
N TRP K 217 -14.62 -45.83 71.36
CA TRP K 217 -14.44 -46.58 72.60
C TRP K 217 -15.42 -47.74 72.67
N GLN K 218 -15.02 -48.80 73.36
CA GLN K 218 -15.84 -50.00 73.48
C GLN K 218 -15.66 -50.58 74.89
N ARG K 219 -16.67 -50.41 75.73
CA ARG K 219 -16.68 -51.00 77.06
C ARG K 219 -17.25 -52.42 76.96
N ASP K 220 -16.51 -53.39 77.50
CA ASP K 220 -16.87 -54.80 77.48
C ASP K 220 -17.07 -55.35 76.08
N GLY K 221 -16.73 -54.59 75.03
CA GLY K 221 -16.95 -54.99 73.65
C GLY K 221 -18.00 -54.14 72.94
N GLU K 222 -18.98 -53.65 73.68
CA GLU K 222 -20.05 -52.83 73.11
C GLU K 222 -19.66 -51.36 73.18
N ASP K 223 -20.12 -50.59 72.19
CA ASP K 223 -19.65 -49.21 72.05
C ASP K 223 -20.04 -48.41 73.28
N GLN K 224 -19.06 -47.71 73.85
CA GLN K 224 -19.33 -46.75 74.91
C GLN K 224 -19.25 -45.35 74.33
N THR K 225 -20.27 -44.55 74.60
CA THR K 225 -20.34 -43.20 74.11
C THR K 225 -20.68 -42.20 75.21
N GLN K 226 -21.12 -42.67 76.37
CA GLN K 226 -21.28 -41.84 77.54
C GLN K 226 -19.93 -41.57 78.17
N ASP K 227 -19.81 -40.41 78.82
CA ASP K 227 -18.58 -40.02 79.53
C ASP K 227 -17.37 -39.97 78.62
N THR K 228 -17.54 -39.57 77.37
CA THR K 228 -16.45 -39.53 76.42
C THR K 228 -16.14 -38.10 75.98
N GLU K 229 -14.92 -37.92 75.49
CA GLU K 229 -14.50 -36.68 74.86
C GLU K 229 -13.73 -37.02 73.60
N LEU K 230 -13.87 -36.17 72.58
CA LEU K 230 -13.30 -36.47 71.28
C LEU K 230 -12.98 -35.12 70.62
N VAL K 231 -11.71 -34.73 70.66
CA VAL K 231 -11.32 -33.42 70.18
C VAL K 231 -11.31 -33.39 68.66
N GLU K 232 -11.52 -32.20 68.10
CA GLU K 232 -11.56 -32.04 66.66
C GLU K 232 -10.18 -32.32 66.07
N THR K 233 -10.16 -33.08 64.98
CA THR K 233 -8.90 -33.42 64.31
C THR K 233 -8.10 -32.15 64.02
N ARG K 234 -6.84 -32.15 64.46
CA ARG K 234 -6.08 -30.92 64.47
C ARG K 234 -4.80 -31.02 63.65
N PRO K 235 -4.38 -29.91 63.03
CA PRO K 235 -3.14 -29.92 62.23
C PRO K 235 -1.91 -29.91 63.13
N ALA K 236 -0.97 -30.82 62.84
CA ALA K 236 0.29 -30.84 63.56
C ALA K 236 1.17 -29.65 63.17
N GLY K 237 1.31 -29.41 61.87
CA GLY K 237 2.21 -28.38 61.38
C GLY K 237 3.17 -28.93 60.35
N ASP K 238 3.64 -30.16 60.58
CA ASP K 238 4.51 -30.87 59.66
C ASP K 238 3.76 -31.57 58.53
N GLY K 239 2.51 -31.16 58.28
CA GLY K 239 1.69 -31.76 57.24
C GLY K 239 0.97 -33.02 57.64
N THR K 240 1.03 -33.40 58.91
CA THR K 240 0.23 -34.49 59.44
C THR K 240 -0.81 -33.91 60.40
N PHE K 241 -1.58 -34.79 61.02
CA PHE K 241 -2.69 -34.38 61.88
C PHE K 241 -2.70 -35.20 63.16
N GLN K 242 -3.37 -34.65 64.17
CA GLN K 242 -3.45 -35.23 65.51
C GLN K 242 -4.90 -35.26 65.96
N LYS K 243 -5.23 -36.26 66.77
CA LYS K 243 -6.56 -36.42 67.33
C LYS K 243 -6.47 -37.37 68.52
N TRP K 244 -7.23 -37.10 69.58
CA TRP K 244 -7.32 -38.05 70.69
C TRP K 244 -8.77 -38.20 71.12
N ALA K 245 -9.01 -39.21 71.94
CA ALA K 245 -10.34 -39.51 72.46
C ALA K 245 -10.20 -39.94 73.92
N ALA K 246 -11.03 -39.37 74.80
CA ALA K 246 -10.96 -39.65 76.22
C ALA K 246 -12.23 -40.33 76.70
N VAL K 247 -12.09 -41.00 77.85
CA VAL K 247 -13.21 -41.62 78.53
C VAL K 247 -12.89 -41.63 80.02
N VAL K 248 -13.86 -41.26 80.85
CA VAL K 248 -13.71 -41.28 82.29
C VAL K 248 -14.28 -42.60 82.79
N VAL K 249 -13.50 -43.31 83.61
CA VAL K 249 -13.81 -44.69 83.93
C VAL K 249 -13.63 -44.93 85.41
N PRO K 250 -14.35 -45.90 85.97
CA PRO K 250 -14.16 -46.23 87.37
C PRO K 250 -12.82 -46.93 87.60
N SER K 251 -12.27 -46.74 88.79
CA SER K 251 -11.00 -47.39 89.14
C SER K 251 -11.16 -48.90 89.15
N GLY K 252 -10.20 -49.58 88.54
CA GLY K 252 -10.20 -51.02 88.48
C GLY K 252 -10.82 -51.58 87.21
N GLN K 253 -11.63 -50.77 86.52
CA GLN K 253 -12.27 -51.18 85.28
C GLN K 253 -11.53 -50.67 84.05
N GLU K 254 -10.27 -50.26 84.21
CA GLU K 254 -9.54 -49.63 83.11
C GLU K 254 -9.50 -50.54 81.88
N GLN K 255 -9.34 -51.83 82.09
CA GLN K 255 -9.22 -52.81 81.01
C GLN K 255 -10.56 -53.17 80.36
N ARG K 256 -11.70 -52.86 80.99
CA ARG K 256 -12.97 -53.08 80.29
C ARG K 256 -13.06 -52.23 79.04
N TYR K 257 -12.32 -51.14 78.96
CA TYR K 257 -12.40 -50.18 77.87
C TYR K 257 -11.30 -50.44 76.85
N THR K 258 -11.66 -50.34 75.58
CA THR K 258 -10.74 -50.55 74.47
C THR K 258 -10.95 -49.49 73.40
N CYS K 259 -9.86 -48.89 72.95
CA CYS K 259 -9.89 -47.85 71.92
C CYS K 259 -9.64 -48.46 70.53
N HIS K 260 -10.38 -47.96 69.53
CA HIS K 260 -10.33 -48.50 68.17
C HIS K 260 -10.04 -47.40 67.17
N VAL K 261 -9.01 -47.59 66.34
CA VAL K 261 -8.58 -46.64 65.33
C VAL K 261 -8.73 -47.26 63.94
N GLN K 262 -9.36 -46.53 63.02
CA GLN K 262 -9.50 -46.95 61.63
C GLN K 262 -8.88 -45.89 60.74
N HIS K 263 -8.02 -46.32 59.80
CA HIS K 263 -7.32 -45.37 58.94
C HIS K 263 -7.04 -46.00 57.57
N GLU K 264 -6.85 -45.14 56.57
CA GLU K 264 -6.41 -45.57 55.25
C GLU K 264 -5.01 -46.17 55.25
N GLY K 265 -4.19 -45.86 56.25
CA GLY K 265 -2.85 -46.40 56.37
C GLY K 265 -2.72 -47.64 57.21
N LEU K 266 -3.82 -48.28 57.57
CA LEU K 266 -3.79 -49.42 58.45
C LEU K 266 -4.28 -50.66 57.72
N PRO K 267 -3.52 -51.76 57.74
CA PRO K 267 -3.99 -53.01 57.11
C PRO K 267 -5.29 -53.47 57.74
N LYS K 268 -5.24 -53.78 59.04
CA LYS K 268 -6.45 -54.03 59.81
C LYS K 268 -6.50 -53.11 61.03
N PRO K 269 -7.71 -52.74 61.46
CA PRO K 269 -7.86 -51.74 62.53
C PRO K 269 -7.17 -52.11 63.84
N LEU K 270 -6.72 -51.08 64.55
CA LEU K 270 -6.04 -51.20 65.82
C LEU K 270 -7.02 -51.27 67.00
N THR K 271 -6.58 -51.96 68.06
CA THR K 271 -7.27 -52.01 69.34
C THR K 271 -6.25 -51.80 70.45
N LEU K 272 -6.57 -50.96 71.43
CA LEU K 272 -5.65 -50.64 72.52
C LEU K 272 -6.33 -50.73 73.88
N ARG K 273 -5.70 -51.46 74.80
CA ARG K 273 -5.99 -51.35 76.24
C ARG K 273 -4.94 -50.47 76.91
N TRP K 274 -5.26 -50.10 78.15
CA TRP K 274 -4.25 -49.58 79.06
C TRP K 274 -3.54 -50.73 79.78
N GLU K 275 -2.25 -50.54 80.05
CA GLU K 275 -1.42 -51.55 80.66
C GLU K 275 -0.61 -50.97 81.80
N MET L 1 -27.38 -12.77 60.27
CA MET L 1 -25.93 -12.68 60.40
C MET L 1 -25.46 -13.52 61.58
N ILE L 2 -24.75 -14.59 61.29
CA ILE L 2 -24.40 -15.60 62.28
C ILE L 2 -23.06 -15.25 62.91
N GLN L 3 -22.95 -15.47 64.22
CA GLN L 3 -21.69 -15.36 64.94
C GLN L 3 -21.51 -16.62 65.75
N ARG L 4 -20.31 -17.19 65.68
CA ARG L 4 -19.96 -18.40 66.40
C ARG L 4 -18.63 -18.19 67.11
N THR L 5 -18.53 -18.67 68.37
CA THR L 5 -17.31 -18.39 69.10
C THR L 5 -16.29 -19.50 68.84
N PRO L 6 -14.99 -19.21 68.88
CA PRO L 6 -14.00 -20.18 68.39
C PRO L 6 -13.76 -21.31 69.39
N LYS L 7 -12.93 -22.27 68.96
CA LYS L 7 -12.57 -23.46 69.72
C LYS L 7 -11.05 -23.54 69.78
N ILE L 8 -10.49 -23.19 70.94
CA ILE L 8 -9.05 -23.07 71.11
C ILE L 8 -8.47 -24.43 71.49
N GLN L 9 -7.49 -24.90 70.72
CA GLN L 9 -6.67 -26.04 71.07
C GLN L 9 -5.23 -25.58 71.20
N VAL L 10 -4.64 -25.81 72.37
CA VAL L 10 -3.24 -25.48 72.61
C VAL L 10 -2.50 -26.79 72.84
N TYR L 11 -1.47 -27.02 72.04
CA TYR L 11 -0.82 -28.32 72.02
C TYR L 11 0.56 -28.15 71.39
N SER L 12 1.35 -29.21 71.49
CA SER L 12 2.65 -29.25 70.84
C SER L 12 2.56 -30.06 69.57
N ARG L 13 3.41 -29.71 68.59
CA ARG L 13 3.44 -30.45 67.34
C ARG L 13 3.98 -31.86 67.56
N HIS L 14 5.19 -31.95 68.07
CA HIS L 14 5.88 -33.19 68.39
C HIS L 14 5.70 -33.54 69.86
N PRO L 15 5.72 -34.85 70.18
CA PRO L 15 5.66 -35.29 71.58
C PRO L 15 6.63 -34.54 72.48
N ALA L 16 6.09 -33.79 73.46
CA ALA L 16 6.93 -32.89 74.23
C ALA L 16 8.01 -33.67 74.98
N GLU L 17 9.23 -33.18 74.89
CA GLU L 17 10.36 -33.75 75.62
C GLU L 17 11.19 -32.55 76.07
N ASN L 18 11.44 -32.44 77.37
CA ASN L 18 12.01 -31.23 77.93
C ASN L 18 13.41 -30.97 77.38
N GLY L 19 13.71 -29.68 77.16
CA GLY L 19 14.99 -29.27 76.66
C GLY L 19 15.17 -29.37 75.16
N LYS L 20 14.37 -30.18 74.47
CA LYS L 20 14.50 -30.38 73.04
C LYS L 20 13.54 -29.46 72.29
N SER L 21 14.00 -28.95 71.15
CA SER L 21 13.24 -27.96 70.41
C SER L 21 11.95 -28.57 69.86
N ASN L 22 10.88 -27.78 69.87
CA ASN L 22 9.57 -28.25 69.50
C ASN L 22 8.82 -27.12 68.79
N PHE L 23 7.51 -27.28 68.67
CA PHE L 23 6.66 -26.26 68.06
C PHE L 23 5.39 -26.14 68.89
N LEU L 24 4.99 -24.90 69.19
CA LEU L 24 3.79 -24.63 69.96
C LEU L 24 2.67 -24.21 69.01
N ASN L 25 1.60 -24.98 68.97
CA ASN L 25 0.46 -24.69 68.09
C ASN L 25 -0.75 -24.24 68.90
N CYS L 26 -1.49 -23.28 68.35
CA CYS L 26 -2.81 -22.90 68.85
C CYS L 26 -3.75 -22.95 67.65
N TYR L 27 -4.57 -23.98 67.59
CA TYR L 27 -5.47 -24.21 66.47
C TYR L 27 -6.85 -23.67 66.83
N VAL L 28 -7.24 -22.56 66.23
CA VAL L 28 -8.49 -21.87 66.51
C VAL L 28 -9.44 -22.13 65.35
N SER L 29 -10.64 -22.63 65.66
CA SER L 29 -11.54 -23.13 64.64
C SER L 29 -12.98 -22.90 65.06
N GLY L 30 -13.89 -23.09 64.11
CA GLY L 30 -15.31 -23.02 64.37
C GLY L 30 -15.89 -21.64 64.52
N PHE L 31 -15.09 -20.59 64.40
CA PHE L 31 -15.57 -19.24 64.64
C PHE L 31 -16.09 -18.60 63.36
N HIS L 32 -16.77 -17.46 63.55
CA HIS L 32 -17.29 -16.59 62.50
C HIS L 32 -17.82 -15.33 63.19
N PRO L 33 -17.50 -14.13 62.70
CA PRO L 33 -16.70 -13.86 61.49
C PRO L 33 -15.20 -14.09 61.63
N SER L 34 -14.45 -13.59 60.64
CA SER L 34 -13.05 -13.95 60.46
C SER L 34 -12.11 -13.08 61.30
N ASP L 35 -12.45 -11.81 61.47
CA ASP L 35 -11.64 -10.87 62.24
C ASP L 35 -11.42 -11.41 63.64
N ILE L 36 -10.17 -11.73 64.00
CA ILE L 36 -9.90 -12.42 65.26
C ILE L 36 -8.46 -12.13 65.70
N GLU L 37 -8.29 -11.94 67.01
CA GLU L 37 -6.98 -11.75 67.64
C GLU L 37 -6.51 -13.07 68.25
N VAL L 38 -5.25 -13.42 68.01
CA VAL L 38 -4.62 -14.59 68.61
C VAL L 38 -3.18 -14.26 68.96
N ASP L 39 -2.84 -14.31 70.25
CA ASP L 39 -1.48 -14.17 70.73
C ASP L 39 -1.05 -15.44 71.46
N LEU L 40 0.24 -15.73 71.38
CA LEU L 40 0.84 -16.85 72.11
C LEU L 40 1.64 -16.31 73.29
N LEU L 41 1.59 -17.02 74.42
CA LEU L 41 2.12 -16.49 75.67
C LEU L 41 3.14 -17.44 76.28
N LYS L 42 4.32 -16.92 76.60
CA LYS L 42 5.29 -17.59 77.46
C LYS L 42 5.21 -16.94 78.84
N ASN L 43 4.76 -17.72 79.84
CA ASN L 43 4.57 -17.17 81.19
C ASN L 43 3.60 -16.00 81.14
N GLY L 44 4.15 -14.80 81.02
CA GLY L 44 3.38 -13.58 80.97
C GLY L 44 3.42 -12.97 79.59
N GLU L 45 4.63 -12.86 79.04
CA GLU L 45 4.89 -12.08 77.85
C GLU L 45 4.22 -12.72 76.63
N ARG L 46 4.27 -11.99 75.52
CA ARG L 46 3.74 -12.45 74.24
C ARG L 46 4.91 -12.88 73.37
N ILE L 47 4.83 -14.09 72.81
CA ILE L 47 5.86 -14.46 71.85
C ILE L 47 5.69 -13.61 70.61
N GLU L 48 6.81 -13.20 70.02
CA GLU L 48 6.79 -12.20 68.96
C GLU L 48 6.81 -12.84 67.58
N LYS L 49 7.72 -13.80 67.37
CA LYS L 49 7.80 -14.51 66.10
C LYS L 49 6.67 -15.55 66.04
N VAL L 50 5.46 -15.03 65.85
CA VAL L 50 4.24 -15.84 65.81
C VAL L 50 3.65 -15.66 64.42
N GLU L 51 3.69 -16.70 63.62
CA GLU L 51 3.11 -16.72 62.29
C GLU L 51 1.89 -17.64 62.31
N HIS L 52 0.95 -17.38 61.40
CA HIS L 52 -0.27 -18.19 61.35
C HIS L 52 -0.46 -18.73 59.94
N SER L 53 -1.58 -19.42 59.75
CA SER L 53 -1.88 -20.10 58.50
C SER L 53 -2.70 -19.18 57.60
N ASP L 54 -3.34 -19.75 56.59
CA ASP L 54 -4.17 -19.02 55.66
C ASP L 54 -5.64 -19.19 56.05
N LEU L 55 -6.43 -18.15 55.82
CA LEU L 55 -7.81 -18.16 56.25
C LEU L 55 -8.61 -19.16 55.42
N SER L 56 -9.11 -20.21 56.07
CA SER L 56 -9.94 -21.23 55.43
C SER L 56 -11.14 -21.50 56.32
N PHE L 57 -12.09 -22.29 55.81
CA PHE L 57 -13.27 -22.56 56.61
C PHE L 57 -13.76 -23.98 56.38
N SER L 58 -14.54 -24.46 57.34
CA SER L 58 -15.06 -25.83 57.34
C SER L 58 -16.34 -25.89 56.50
N LYS L 59 -17.00 -27.04 56.53
CA LYS L 59 -18.22 -27.23 55.76
C LYS L 59 -19.35 -26.35 56.27
N ASP L 60 -19.32 -25.98 57.56
CA ASP L 60 -20.35 -25.13 58.15
C ASP L 60 -20.06 -23.64 58.00
N TRP L 61 -19.14 -23.26 57.11
CA TRP L 61 -18.72 -21.88 56.85
C TRP L 61 -17.94 -21.27 58.02
N SER L 62 -17.66 -22.03 59.07
CA SER L 62 -16.84 -21.55 60.17
C SER L 62 -15.36 -21.59 59.82
N PHE L 63 -14.63 -20.56 60.24
CA PHE L 63 -13.24 -20.38 59.87
C PHE L 63 -12.33 -21.22 60.77
N TYR L 64 -11.07 -21.39 60.34
CA TYR L 64 -10.06 -22.01 61.19
C TYR L 64 -8.67 -21.50 60.82
N LEU L 65 -7.93 -21.05 61.83
CA LEU L 65 -6.54 -20.65 61.69
C LEU L 65 -5.65 -21.54 62.55
N LEU L 66 -4.35 -21.50 62.28
CA LEU L 66 -3.35 -22.19 63.07
C LEU L 66 -2.18 -21.25 63.34
N TYR L 67 -2.03 -20.86 64.59
CA TYR L 67 -0.88 -20.07 65.02
C TYR L 67 0.18 -20.98 65.61
N TYR L 68 1.44 -20.63 65.37
CA TYR L 68 2.54 -21.51 65.76
C TYR L 68 3.82 -20.72 65.87
N THR L 69 4.69 -21.17 66.78
CA THR L 69 6.02 -20.62 66.98
C THR L 69 6.91 -21.74 67.50
N GLU L 70 8.22 -21.55 67.34
CA GLU L 70 9.16 -22.53 67.85
C GLU L 70 9.42 -22.26 69.32
N PHE L 71 9.56 -23.32 70.12
CA PHE L 71 9.73 -23.17 71.56
C PHE L 71 10.32 -24.46 72.13
N THR L 72 10.68 -24.39 73.40
CA THR L 72 11.32 -25.50 74.11
C THR L 72 10.67 -25.73 75.47
N PRO L 73 9.96 -26.85 75.68
CA PRO L 73 9.20 -27.03 76.92
C PRO L 73 10.12 -27.27 78.12
N THR L 74 9.82 -26.56 79.22
CA THR L 74 10.49 -26.68 80.50
C THR L 74 9.58 -27.34 81.52
N GLU L 75 10.17 -27.72 82.66
CA GLU L 75 9.38 -28.23 83.77
C GLU L 75 8.57 -27.14 84.44
N LYS L 76 9.17 -25.96 84.63
CA LYS L 76 8.55 -24.88 85.38
C LYS L 76 8.07 -23.73 84.48
N ASP L 77 7.87 -23.99 83.19
CA ASP L 77 7.47 -22.94 82.26
C ASP L 77 6.03 -23.16 81.82
N GLU L 78 5.38 -22.06 81.42
CA GLU L 78 3.96 -22.07 81.16
C GLU L 78 3.67 -21.32 79.88
N TYR L 79 3.09 -22.02 78.90
CA TYR L 79 2.71 -21.45 77.63
C TYR L 79 1.19 -21.46 77.53
N ALA L 80 0.67 -20.52 76.77
CA ALA L 80 -0.78 -20.36 76.71
C ALA L 80 -1.12 -19.66 75.41
N CYS L 81 -2.40 -19.74 75.04
CA CYS L 81 -2.91 -19.09 73.85
C CYS L 81 -3.98 -18.10 74.29
N ARG L 82 -3.79 -16.84 73.90
CA ARG L 82 -4.72 -15.78 74.25
C ARG L 82 -5.54 -15.47 73.02
N VAL L 83 -6.85 -15.55 73.15
CA VAL L 83 -7.76 -15.39 72.02
C VAL L 83 -8.83 -14.38 72.41
N ASN L 84 -9.01 -13.35 71.59
CA ASN L 84 -10.14 -12.45 71.73
C ASN L 84 -10.86 -12.37 70.38
N HIS L 85 -12.18 -12.47 70.43
CA HIS L 85 -13.04 -12.43 69.26
C HIS L 85 -14.07 -11.33 69.50
N VAL L 86 -14.93 -11.09 68.50
CA VAL L 86 -16.02 -10.14 68.70
C VAL L 86 -17.13 -10.77 69.53
N THR L 87 -17.20 -12.10 69.58
CA THR L 87 -18.17 -12.79 70.41
C THR L 87 -17.67 -12.97 71.84
N LEU L 88 -16.43 -12.59 72.12
CA LEU L 88 -15.86 -12.64 73.46
C LEU L 88 -15.72 -11.22 73.98
N SER L 89 -16.36 -10.94 75.12
CA SER L 89 -16.13 -9.68 75.81
C SER L 89 -14.75 -9.67 76.46
N GLN L 90 -14.41 -10.76 77.15
CA GLN L 90 -13.10 -10.90 77.77
C GLN L 90 -12.28 -11.93 77.02
N PRO L 91 -11.03 -11.64 76.69
CA PRO L 91 -10.20 -12.59 75.94
C PRO L 91 -10.01 -13.89 76.71
N LYS L 92 -10.31 -15.01 76.06
CA LYS L 92 -10.15 -16.31 76.71
C LYS L 92 -8.71 -16.79 76.57
N ILE L 93 -8.19 -17.39 77.65
CA ILE L 93 -6.79 -17.81 77.72
C ILE L 93 -6.76 -19.28 78.12
N VAL L 94 -6.40 -20.15 77.18
CA VAL L 94 -6.17 -21.56 77.45
C VAL L 94 -4.68 -21.77 77.65
N LYS L 95 -4.32 -22.44 78.73
CA LYS L 95 -2.93 -22.76 79.04
C LYS L 95 -2.54 -24.08 78.37
N TRP L 96 -1.26 -24.28 78.18
CA TRP L 96 -0.83 -25.51 77.50
C TRP L 96 -0.74 -26.60 78.55
N ASP L 97 -1.26 -27.77 78.23
CA ASP L 97 -1.18 -28.99 79.06
C ASP L 97 -0.49 -29.99 78.15
N ARG L 98 0.43 -30.79 78.69
CA ARG L 98 1.20 -31.69 77.80
C ARG L 98 0.38 -32.89 77.38
N ASP L 99 -0.73 -33.18 78.06
CA ASP L 99 -1.58 -34.31 77.66
C ASP L 99 -2.88 -33.77 77.06
N MET L 100 -2.78 -32.94 76.03
CA MET L 100 -3.96 -32.35 75.37
C MET L 100 -3.56 -31.74 74.02
N HIS M 1 -6.03 -25.36 39.69
CA HIS M 1 -6.69 -24.73 38.55
C HIS M 1 -8.18 -24.56 38.81
N MET M 2 -8.54 -23.40 39.35
CA MET M 2 -9.92 -23.10 39.67
C MET M 2 -10.70 -22.74 38.40
N THR M 3 -12.00 -22.55 38.56
CA THR M 3 -12.84 -22.23 37.41
C THR M 3 -12.67 -20.78 37.03
N GLU M 4 -13.23 -20.44 35.87
CA GLU M 4 -13.27 -19.08 35.38
C GLU M 4 -14.70 -18.56 35.39
N VAL M 5 -15.66 -19.40 35.75
CA VAL M 5 -17.08 -19.11 35.59
C VAL M 5 -17.52 -18.44 36.88
N VAL M 6 -17.45 -17.11 36.89
CA VAL M 6 -17.91 -16.29 38.01
C VAL M 6 -18.87 -15.24 37.47
N ARG M 7 -19.95 -14.99 38.21
CA ARG M 7 -20.93 -13.99 37.82
C ARG M 7 -21.33 -13.20 39.05
N HIS M 8 -22.03 -12.09 38.82
CA HIS M 8 -22.42 -11.21 39.89
C HIS M 8 -23.53 -11.86 40.71
N CYS M 9 -24.05 -11.12 41.68
CA CYS M 9 -25.15 -11.60 42.50
C CYS M 9 -26.35 -10.68 42.37
N ALA N 3 -37.29 3.52 27.26
CA ALA N 3 -37.44 4.02 25.89
C ALA N 3 -36.33 5.01 25.55
N GLY N 4 -35.10 4.52 25.47
CA GLY N 4 -34.00 5.37 25.04
C GLY N 4 -32.92 5.60 26.08
N VAL N 5 -31.67 5.72 25.63
CA VAL N 5 -30.55 6.05 26.51
C VAL N 5 -30.11 7.45 26.15
N ALA N 6 -30.22 8.36 27.11
CA ALA N 6 -30.09 9.79 26.86
C ALA N 6 -28.67 10.27 27.14
N GLN N 7 -28.18 11.17 26.27
CA GLN N 7 -26.82 11.67 26.36
C GLN N 7 -26.79 13.15 26.01
N SER N 8 -26.05 13.93 26.81
CA SER N 8 -25.97 15.37 26.68
C SER N 8 -24.53 15.82 26.79
N PRO N 9 -24.08 16.75 25.93
CA PRO N 9 -24.83 17.35 24.83
C PRO N 9 -24.55 16.62 23.51
N ARG N 10 -25.39 16.88 22.50
CA ARG N 10 -25.18 16.29 21.18
C ARG N 10 -23.74 16.48 20.69
N TYR N 11 -23.29 17.74 20.66
CA TYR N 11 -21.96 18.04 20.19
C TYR N 11 -21.38 19.16 21.04
N LYS N 12 -20.07 19.09 21.26
CA LYS N 12 -19.36 20.08 22.05
C LYS N 12 -17.95 20.21 21.49
N ILE N 13 -17.58 21.44 21.15
CA ILE N 13 -16.23 21.76 20.69
C ILE N 13 -15.50 22.40 21.85
N ILE N 14 -14.26 21.95 22.08
CA ILE N 14 -13.42 22.48 23.14
C ILE N 14 -12.01 22.69 22.60
N GLU N 15 -11.29 23.58 23.27
CA GLU N 15 -9.93 23.93 22.89
C GLU N 15 -8.97 22.80 23.24
N LYS N 16 -7.95 23.08 24.04
CA LYS N 16 -7.04 22.06 24.53
C LYS N 16 -6.79 22.32 26.01
N ARG N 17 -6.51 21.25 26.76
CA ARG N 17 -6.25 21.33 28.19
C ARG N 17 -7.45 21.87 28.96
N GLN N 18 -8.57 22.07 28.27
CA GLN N 18 -9.78 22.68 28.79
C GLN N 18 -10.63 21.64 29.53
N SER N 19 -11.83 22.05 29.96
CA SER N 19 -12.77 21.16 30.63
C SER N 19 -13.97 20.88 29.75
N VAL N 20 -14.56 19.69 29.93
CA VAL N 20 -15.77 19.28 29.23
C VAL N 20 -16.39 18.14 30.02
N ALA N 21 -17.72 18.11 30.10
CA ALA N 21 -18.42 17.07 30.86
C ALA N 21 -19.62 16.58 30.07
N PHE N 22 -19.75 15.27 29.95
CA PHE N 22 -20.86 14.64 29.24
C PHE N 22 -21.77 13.97 30.25
N TRP N 23 -23.08 14.18 30.12
CA TRP N 23 -24.06 13.55 30.99
C TRP N 23 -24.84 12.47 30.24
N CYS N 24 -25.18 11.40 30.97
CA CYS N 24 -25.92 10.27 30.41
C CYS N 24 -26.92 9.73 31.42
N ASN N 25 -28.12 9.42 30.93
CA ASN N 25 -29.16 8.80 31.73
C ASN N 25 -29.51 7.44 31.13
N PRO N 26 -29.42 6.35 31.89
CA PRO N 26 -29.58 5.02 31.29
C PRO N 26 -31.01 4.54 31.19
N ILE N 27 -31.18 3.27 30.77
CA ILE N 27 -32.50 2.65 30.73
C ILE N 27 -33.03 2.53 32.15
N SER N 28 -34.30 2.91 32.34
CA SER N 28 -34.93 2.85 33.65
C SER N 28 -34.83 1.45 34.24
N GLY N 29 -34.15 1.34 35.37
CA GLY N 29 -34.04 0.08 36.08
C GLY N 29 -32.80 -0.73 35.77
N HIS N 30 -31.90 -0.23 34.92
CA HIS N 30 -30.69 -0.97 34.58
C HIS N 30 -29.62 -0.81 35.66
N ALA N 31 -29.11 -1.94 36.14
CA ALA N 31 -28.12 -1.92 37.21
C ALA N 31 -26.72 -1.58 36.71
N THR N 32 -26.41 -1.89 35.45
CA THR N 32 -25.07 -1.79 34.90
C THR N 32 -24.98 -0.62 33.92
N LEU N 33 -24.00 0.26 34.13
CA LEU N 33 -23.76 1.39 33.24
C LEU N 33 -22.34 1.34 32.70
N TYR N 34 -22.18 1.66 31.42
CA TYR N 34 -20.89 1.69 30.77
C TYR N 34 -20.66 3.04 30.12
N TRP N 35 -19.43 3.54 30.22
CA TRP N 35 -18.93 4.57 29.33
C TRP N 35 -17.93 3.93 28.39
N TYR N 36 -18.06 4.20 27.10
CA TYR N 36 -17.15 3.67 26.09
C TYR N 36 -16.63 4.81 25.24
N GLN N 37 -15.35 4.74 24.89
CA GLN N 37 -14.76 5.67 23.94
C GLN N 37 -14.45 4.92 22.66
N GLN N 38 -14.78 5.54 21.53
CA GLN N 38 -14.65 4.91 20.22
C GLN N 38 -14.00 5.89 19.26
N ILE N 39 -12.83 5.54 18.75
CA ILE N 39 -12.09 6.44 17.88
C ILE N 39 -12.45 6.10 16.44
N LEU N 40 -12.72 7.14 15.66
CA LEU N 40 -13.14 7.12 14.26
C LEU N 40 -13.56 5.75 13.73
N GLY N 41 -12.62 4.81 13.61
CA GLY N 41 -12.93 3.55 12.94
C GLY N 41 -12.89 2.32 13.80
N GLN N 42 -12.24 2.41 14.97
CA GLN N 42 -12.07 1.25 15.83
C GLN N 42 -13.40 0.89 16.50
N GLY N 43 -13.36 -0.15 17.32
CA GLY N 43 -14.52 -0.54 18.09
C GLY N 43 -14.58 0.14 19.44
N PRO N 44 -15.66 -0.10 20.19
CA PRO N 44 -15.76 0.50 21.53
C PRO N 44 -14.79 -0.15 22.50
N LYS N 45 -14.00 0.67 23.17
CA LYS N 45 -13.15 0.20 24.27
C LYS N 45 -13.62 0.87 25.55
N LEU N 46 -13.80 0.09 26.61
CA LEU N 46 -14.45 0.60 27.81
C LEU N 46 -13.58 1.62 28.53
N LEU N 47 -14.23 2.63 29.11
CA LEU N 47 -13.57 3.60 29.97
C LEU N 47 -13.80 3.24 31.42
N ILE N 48 -15.03 3.41 31.89
CA ILE N 48 -15.44 3.04 33.24
C ILE N 48 -16.78 2.33 33.16
N GLN N 49 -17.04 1.45 34.14
CA GLN N 49 -18.27 0.69 34.19
C GLN N 49 -18.81 0.71 35.62
N PHE N 50 -20.06 1.12 35.79
CA PHE N 50 -20.71 1.10 37.10
C PHE N 50 -21.66 -0.07 37.23
N GLN N 51 -21.82 -0.54 38.47
CA GLN N 51 -22.90 -1.43 38.89
C GLN N 51 -23.61 -0.74 40.04
N ASN N 52 -24.83 -0.30 39.80
CA ASN N 52 -25.59 0.51 40.76
C ASN N 52 -24.75 1.77 41.03
N ASN N 53 -24.59 2.18 42.28
CA ASN N 53 -23.80 3.35 42.62
C ASN N 53 -22.32 3.02 42.84
N GLY N 54 -21.87 1.83 42.44
CA GLY N 54 -20.49 1.43 42.66
C GLY N 54 -19.73 1.14 41.39
N VAL N 55 -18.40 1.06 41.48
CA VAL N 55 -17.52 0.97 40.31
C VAL N 55 -17.16 -0.49 40.08
N VAL N 56 -17.36 -0.97 38.84
CA VAL N 56 -16.99 -2.34 38.50
C VAL N 56 -15.55 -2.39 38.02
N ASP N 57 -15.27 -1.73 36.91
CA ASP N 57 -13.94 -1.74 36.30
C ASP N 57 -13.62 -0.35 35.79
N ASP N 58 -12.51 0.22 36.28
CA ASP N 58 -11.96 1.43 35.68
C ASP N 58 -10.44 1.34 35.59
N SER N 59 -9.89 0.12 35.69
CA SER N 59 -8.49 -0.10 35.39
C SER N 59 -8.14 0.30 33.96
N GLN N 60 -9.15 0.39 33.09
CA GLN N 60 -8.98 0.82 31.71
C GLN N 60 -8.97 2.35 31.59
N LEU N 61 -9.24 3.05 32.68
CA LEU N 61 -9.57 4.48 32.66
C LEU N 61 -8.33 5.34 32.80
N PRO N 62 -7.95 6.13 31.79
CA PRO N 62 -6.79 7.02 31.95
C PRO N 62 -7.06 8.11 32.97
N LYS N 63 -6.55 7.91 34.19
CA LYS N 63 -6.84 8.80 35.30
C LYS N 63 -6.01 10.09 35.27
N ASP N 64 -5.19 10.30 34.24
CA ASP N 64 -4.57 11.61 34.03
C ASP N 64 -5.61 12.71 33.98
N ARG N 65 -6.77 12.42 33.37
CA ARG N 65 -7.72 13.45 33.00
C ARG N 65 -9.16 13.07 33.34
N PHE N 66 -9.54 11.83 33.03
CA PHE N 66 -10.92 11.38 33.10
C PHE N 66 -11.36 11.07 34.53
N SER N 67 -12.66 11.26 34.78
CA SER N 67 -13.28 10.95 36.06
C SER N 67 -14.77 10.74 35.84
N ALA N 68 -15.39 9.90 36.67
CA ALA N 68 -16.79 9.56 36.50
C ALA N 68 -17.38 9.06 37.80
N GLU N 69 -18.65 9.36 38.03
CA GLU N 69 -19.38 8.90 39.21
C GLU N 69 -20.87 8.81 38.93
N ARG N 70 -21.51 7.81 39.55
CA ARG N 70 -22.94 7.60 39.43
C ARG N 70 -23.73 8.02 40.66
N LEU N 71 -23.06 8.24 41.80
CA LEU N 71 -23.67 8.76 43.02
C LEU N 71 -24.92 8.00 43.44
N LYS N 72 -26.05 8.35 42.83
CA LYS N 72 -27.34 7.81 43.18
C LYS N 72 -27.62 6.45 42.53
N GLY N 73 -26.79 6.04 41.57
CA GLY N 73 -26.97 4.77 40.90
C GLY N 73 -27.84 4.80 39.67
N VAL N 74 -28.13 5.97 39.12
CA VAL N 74 -28.94 6.07 37.91
C VAL N 74 -28.36 6.69 36.64
N ASP N 75 -28.31 8.02 36.60
CA ASP N 75 -27.51 8.76 35.64
C ASP N 75 -26.05 8.86 36.10
N SER N 76 -25.16 9.11 35.14
CA SER N 76 -23.75 9.27 35.43
C SER N 76 -23.17 10.37 34.55
N THR N 77 -22.04 10.93 34.99
CA THR N 77 -21.38 12.02 34.30
C THR N 77 -19.89 11.69 34.17
N LEU N 78 -19.30 12.15 33.06
CA LEU N 78 -17.90 11.88 32.76
C LEU N 78 -17.21 13.20 32.44
N LYS N 79 -16.21 13.55 33.23
CA LYS N 79 -15.51 14.83 33.14
C LYS N 79 -14.13 14.63 32.52
N ILE N 80 -13.64 15.65 31.81
CA ILE N 80 -12.30 15.61 31.21
C ILE N 80 -11.59 16.93 31.46
N GLN N 81 -10.73 16.98 32.48
CA GLN N 81 -9.78 18.08 32.65
C GLN N 81 -8.43 17.46 32.93
N PRO N 82 -7.43 17.64 32.06
CA PRO N 82 -7.52 18.36 30.78
C PRO N 82 -7.66 17.45 29.55
N ALA N 83 -8.02 18.04 28.41
CA ALA N 83 -8.26 17.29 27.17
C ALA N 83 -7.04 17.28 26.26
N LYS N 84 -6.63 16.10 25.83
CA LYS N 84 -5.59 15.95 24.82
C LYS N 84 -6.20 16.00 23.41
N LEU N 85 -5.34 16.24 22.42
CA LEU N 85 -5.82 16.26 21.04
C LEU N 85 -6.25 14.89 20.58
N GLU N 86 -5.66 13.83 21.14
CA GLU N 86 -6.03 12.46 20.84
C GLU N 86 -7.36 12.05 21.47
N ASP N 87 -8.04 12.97 22.16
CA ASP N 87 -9.26 12.65 22.87
C ASP N 87 -10.51 12.83 22.01
N SER N 88 -10.40 13.52 20.89
CA SER N 88 -11.52 13.66 19.96
C SER N 88 -11.99 12.29 19.51
N ALA N 89 -13.25 11.97 19.77
CA ALA N 89 -13.78 10.64 19.50
C ALA N 89 -15.28 10.67 19.75
N VAL N 90 -15.91 9.51 19.60
CA VAL N 90 -17.27 9.30 20.04
C VAL N 90 -17.24 8.80 21.47
N TYR N 91 -18.13 9.32 22.30
CA TYR N 91 -18.25 8.89 23.68
C TYR N 91 -19.64 8.29 23.87
N LEU N 92 -19.68 6.99 24.12
CA LEU N 92 -20.92 6.24 24.20
C LEU N 92 -21.26 5.96 25.65
N CYS N 93 -22.54 6.12 25.97
CA CYS N 93 -23.09 5.63 27.22
C CYS N 93 -23.95 4.42 26.91
N ALA N 94 -23.87 3.42 27.76
CA ALA N 94 -24.62 2.19 27.55
C ALA N 94 -25.05 1.64 28.88
N SER N 95 -26.20 0.98 28.87
CA SER N 95 -26.75 0.47 30.12
C SER N 95 -27.15 -0.94 29.81
N SER N 96 -26.63 -1.91 30.52
CA SER N 96 -26.94 -3.33 30.26
C SER N 96 -27.86 -3.84 31.34
N LEU N 97 -28.49 -4.97 31.10
CA LEU N 97 -29.36 -5.50 32.16
C LEU N 97 -28.79 -6.48 33.14
N ASP N 98 -28.37 -7.62 32.65
CA ASP N 98 -27.46 -8.47 33.45
C ASP N 98 -27.01 -9.58 32.52
N PRO N 99 -25.76 -10.03 32.55
CA PRO N 99 -25.28 -11.07 31.67
C PRO N 99 -26.17 -12.30 31.53
N GLY N 100 -26.29 -12.81 30.32
CA GLY N 100 -27.08 -14.00 30.07
C GLY N 100 -27.90 -13.88 28.79
N ASP N 101 -29.05 -14.57 28.75
CA ASP N 101 -29.86 -14.56 27.53
C ASP N 101 -30.43 -13.17 27.21
N THR N 102 -30.51 -12.29 28.20
CA THR N 102 -31.02 -10.93 28.01
C THR N 102 -29.99 -9.90 28.47
N GLY N 103 -28.71 -10.16 28.19
CA GLY N 103 -27.64 -9.29 28.62
C GLY N 103 -27.24 -8.24 27.61
N GLU N 104 -28.10 -7.99 26.63
CA GLU N 104 -27.83 -7.00 25.60
C GLU N 104 -27.50 -5.64 26.20
N LEU N 105 -26.67 -4.88 25.49
CA LEU N 105 -26.34 -3.51 25.84
C LEU N 105 -27.23 -2.56 25.05
N PHE N 106 -27.53 -1.42 25.66
CA PHE N 106 -28.41 -0.42 25.06
C PHE N 106 -27.61 0.87 24.98
N PHE N 107 -27.28 1.32 23.78
CA PHE N 107 -26.39 2.46 23.62
C PHE N 107 -27.17 3.72 23.32
N GLY N 108 -26.64 4.84 23.80
CA GLY N 108 -27.16 6.15 23.45
C GLY N 108 -26.58 6.64 22.14
N GLU N 109 -27.08 7.79 21.70
CA GLU N 109 -26.61 8.34 20.42
C GLU N 109 -25.16 8.79 20.46
N GLY N 110 -24.57 8.94 21.63
CA GLY N 110 -23.17 9.33 21.62
C GLY N 110 -23.00 10.84 21.73
N SER N 111 -21.85 11.24 22.27
CA SER N 111 -21.54 12.64 22.52
C SER N 111 -20.20 12.94 21.83
N ARG N 112 -20.26 13.64 20.69
CA ARG N 112 -19.12 13.80 19.81
C ARG N 112 -18.19 14.89 20.33
N LEU N 113 -17.01 14.49 20.76
CA LEU N 113 -15.97 15.41 21.19
C LEU N 113 -15.01 15.71 20.05
N THR N 114 -14.68 16.99 19.88
CA THR N 114 -13.69 17.41 18.91
C THR N 114 -12.72 18.36 19.58
N VAL N 115 -11.46 17.96 19.65
CA VAL N 115 -10.41 18.74 20.31
C VAL N 115 -9.55 19.36 19.24
N LEU N 116 -9.41 20.69 19.28
CA LEU N 116 -8.66 21.45 18.30
C LEU N 116 -7.55 22.21 19.00
N GLU N 117 -6.49 22.51 18.26
CA GLU N 117 -5.45 23.39 18.77
C GLU N 117 -6.04 24.71 19.26
N ASP N 118 -6.67 25.47 18.36
CA ASP N 118 -7.37 26.67 18.81
C ASP N 118 -8.62 26.91 17.97
N LEU N 119 -9.60 27.59 18.59
CA LEU N 119 -10.92 27.86 18.03
C LEU N 119 -10.92 28.87 16.91
N LYS N 120 -9.77 29.38 16.48
CA LYS N 120 -9.72 30.28 15.33
C LYS N 120 -10.22 29.59 14.07
N ASN N 121 -10.29 28.26 14.09
CA ASN N 121 -10.61 27.46 12.91
C ASN N 121 -12.10 27.21 12.74
N VAL N 122 -12.89 27.39 13.80
CA VAL N 122 -14.33 27.13 13.75
C VAL N 122 -15.06 28.19 12.94
N PHE N 123 -15.46 27.87 11.72
CA PHE N 123 -16.29 28.78 10.95
C PHE N 123 -17.44 28.02 10.29
N PRO N 124 -18.64 28.61 10.30
CA PRO N 124 -19.84 27.88 9.92
C PRO N 124 -19.94 27.68 8.41
N PRO N 125 -20.80 26.76 7.96
CA PRO N 125 -20.89 26.47 6.52
C PRO N 125 -21.65 27.53 5.74
N GLU N 126 -21.48 27.48 4.43
CA GLU N 126 -22.31 28.20 3.48
C GLU N 126 -23.10 27.20 2.66
N VAL N 127 -24.40 27.47 2.49
CA VAL N 127 -25.31 26.55 1.81
C VAL N 127 -25.91 27.25 0.60
N ALA N 128 -26.07 26.50 -0.49
CA ALA N 128 -26.74 26.96 -1.69
C ALA N 128 -27.14 25.72 -2.50
N VAL N 129 -28.31 25.77 -3.12
CA VAL N 129 -28.82 24.63 -3.88
C VAL N 129 -28.78 24.98 -5.37
N PHE N 130 -28.75 23.94 -6.19
CA PHE N 130 -28.63 24.08 -7.63
C PHE N 130 -29.78 23.35 -8.31
N GLU N 131 -30.55 24.08 -9.12
CA GLU N 131 -31.79 23.58 -9.68
C GLU N 131 -31.52 22.56 -10.79
N PRO N 132 -32.49 21.70 -11.10
CA PRO N 132 -32.28 20.62 -12.07
C PRO N 132 -31.97 21.13 -13.48
N SER N 133 -31.34 20.25 -14.26
CA SER N 133 -30.99 20.49 -15.66
C SER N 133 -32.24 20.51 -16.55
N GLU N 134 -32.07 21.12 -17.73
CA GLU N 134 -33.12 21.04 -18.76
C GLU N 134 -33.29 19.63 -19.28
N ALA N 135 -32.20 18.86 -19.31
CA ALA N 135 -32.19 17.60 -20.04
C ALA N 135 -32.68 16.39 -19.27
N GLU N 136 -32.67 16.42 -17.93
CA GLU N 136 -33.09 15.21 -17.24
C GLU N 136 -34.60 15.09 -17.21
N ILE N 137 -35.31 16.19 -16.93
CA ILE N 137 -36.77 16.11 -16.82
C ILE N 137 -37.39 15.64 -18.13
N SER N 138 -36.71 15.85 -19.26
CA SER N 138 -37.21 15.43 -20.56
C SER N 138 -36.70 14.07 -20.99
N HIS N 139 -35.53 13.64 -20.51
CA HIS N 139 -35.08 12.27 -20.79
C HIS N 139 -35.80 11.29 -19.89
N THR N 140 -35.60 11.40 -18.59
CA THR N 140 -36.43 10.68 -17.62
C THR N 140 -37.67 11.53 -17.38
N GLN N 141 -38.42 11.24 -16.31
CA GLN N 141 -39.46 12.13 -15.81
C GLN N 141 -39.19 12.48 -14.36
N LYS N 142 -37.91 12.65 -14.02
CA LYS N 142 -37.50 12.95 -12.66
C LYS N 142 -36.66 14.22 -12.65
N ALA N 143 -36.52 14.79 -11.45
CA ALA N 143 -35.83 16.06 -11.28
C ALA N 143 -34.98 15.98 -10.04
N THR N 144 -33.67 16.14 -10.21
CA THR N 144 -32.72 16.01 -9.11
C THR N 144 -32.19 17.36 -8.70
N LEU N 145 -32.31 17.67 -7.42
CA LEU N 145 -31.67 18.84 -6.82
C LEU N 145 -30.36 18.40 -6.16
N VAL N 146 -29.43 19.34 -6.07
CA VAL N 146 -28.16 19.10 -5.39
C VAL N 146 -27.87 20.27 -4.48
N CYS N 147 -27.43 19.97 -3.26
CA CYS N 147 -27.10 20.94 -2.23
C CYS N 147 -25.63 20.83 -1.86
N LEU N 148 -25.02 21.98 -1.57
CA LEU N 148 -23.60 22.05 -1.26
C LEU N 148 -23.42 22.74 0.08
N ALA N 149 -22.84 22.03 1.04
CA ALA N 149 -22.47 22.58 2.34
C ALA N 149 -20.94 22.68 2.34
N THR N 150 -20.44 23.89 2.08
CA THR N 150 -19.03 24.14 1.82
C THR N 150 -18.40 24.93 2.95
N GLY N 151 -17.11 24.68 3.18
CA GLY N 151 -16.29 25.52 4.04
C GLY N 151 -16.75 25.62 5.47
N PHE N 152 -16.79 24.49 6.16
CA PHE N 152 -17.15 24.43 7.56
C PHE N 152 -16.12 23.58 8.30
N TYR N 153 -15.94 23.88 9.59
CA TYR N 153 -14.99 23.11 10.37
C TYR N 153 -15.28 23.38 11.84
N PRO N 154 -15.31 22.36 12.70
CA PRO N 154 -15.02 20.95 12.41
C PRO N 154 -16.13 20.22 11.68
N ASP N 155 -16.03 18.89 11.64
CA ASP N 155 -17.01 18.05 10.95
C ASP N 155 -18.20 17.81 11.88
N HIS N 156 -18.95 18.90 12.12
CA HIS N 156 -20.16 18.87 12.95
C HIS N 156 -21.32 19.45 12.15
N VAL N 157 -21.85 18.66 11.21
CA VAL N 157 -22.93 19.11 10.35
C VAL N 157 -23.93 17.98 10.17
N GLU N 158 -25.22 18.31 10.28
CA GLU N 158 -26.30 17.43 9.87
C GLU N 158 -27.04 18.14 8.75
N LEU N 159 -27.12 17.50 7.59
CA LEU N 159 -27.78 18.08 6.43
C LEU N 159 -29.10 17.35 6.22
N SER N 160 -30.16 18.10 5.97
CA SER N 160 -31.50 17.55 5.86
C SER N 160 -32.25 18.23 4.73
N TRP N 161 -33.27 17.55 4.22
CA TRP N 161 -34.12 18.06 3.15
C TRP N 161 -35.54 18.28 3.67
N TRP N 162 -36.14 19.40 3.28
CA TRP N 162 -37.49 19.76 3.69
C TRP N 162 -38.28 20.11 2.44
N VAL N 163 -39.25 19.27 2.10
CA VAL N 163 -40.11 19.50 0.94
C VAL N 163 -41.40 20.11 1.46
N ASN N 164 -41.65 21.37 1.10
CA ASN N 164 -42.88 22.07 1.45
C ASN N 164 -43.13 22.06 2.96
N GLY N 165 -42.04 22.24 3.73
CA GLY N 165 -42.13 22.42 5.17
C GLY N 165 -41.97 21.17 6.00
N LYS N 166 -42.12 20.00 5.40
CA LYS N 166 -41.98 18.74 6.13
C LYS N 166 -40.68 18.05 5.69
N GLU N 167 -39.97 17.46 6.64
CA GLU N 167 -38.73 16.78 6.30
C GLU N 167 -39.01 15.58 5.42
N VAL N 168 -38.06 15.27 4.55
CA VAL N 168 -38.20 14.18 3.59
C VAL N 168 -36.96 13.30 3.66
N HIS N 169 -37.15 12.02 3.36
CA HIS N 169 -36.05 11.06 3.27
C HIS N 169 -36.03 10.31 1.95
N SER N 170 -37.19 9.95 1.42
CA SER N 170 -37.24 9.21 0.16
C SER N 170 -36.70 10.07 -0.98
N GLY N 171 -35.76 9.53 -1.73
CA GLY N 171 -35.13 10.27 -2.80
C GLY N 171 -34.03 11.18 -2.35
N VAL N 172 -33.41 10.92 -1.21
CA VAL N 172 -32.36 11.76 -0.66
C VAL N 172 -31.09 10.93 -0.53
N CYS N 173 -29.98 11.47 -1.01
CA CYS N 173 -28.66 11.00 -0.63
C CYS N 173 -27.84 12.16 -0.07
N THR N 174 -27.04 11.85 0.95
CA THR N 174 -26.00 12.74 1.44
C THR N 174 -24.69 11.98 1.46
N ASP N 175 -23.60 12.70 1.25
CA ASP N 175 -22.28 12.07 1.20
C ASP N 175 -22.00 11.31 2.49
N PRO N 176 -21.61 10.04 2.41
CA PRO N 176 -21.23 9.32 3.64
C PRO N 176 -20.10 9.99 4.39
N GLN N 177 -19.27 10.73 3.68
CA GLN N 177 -18.09 11.40 4.22
C GLN N 177 -17.98 12.78 3.60
N PRO N 178 -17.48 13.76 4.36
CA PRO N 178 -17.14 15.03 3.76
C PRO N 178 -15.78 14.92 3.09
N LEU N 179 -15.53 15.81 2.14
CA LEU N 179 -14.21 15.95 1.57
C LEU N 179 -13.65 17.32 1.92
N LYS N 180 -12.34 17.39 2.11
CA LYS N 180 -11.76 18.68 2.42
C LYS N 180 -11.56 19.50 1.15
N GLU N 181 -11.46 20.81 1.35
CA GLU N 181 -11.24 21.75 0.26
C GLU N 181 -9.77 21.88 -0.08
N GLN N 182 -8.91 21.60 0.89
CA GLN N 182 -7.46 21.49 0.67
C GLN N 182 -7.07 20.17 1.33
N PRO N 183 -7.26 19.05 0.63
CA PRO N 183 -7.18 17.74 1.31
C PRO N 183 -5.86 17.46 2.03
N ALA N 184 -4.78 18.16 1.68
CA ALA N 184 -3.49 17.99 2.34
C ALA N 184 -3.29 18.92 3.54
N LEU N 185 -3.91 20.10 3.51
CA LEU N 185 -3.76 21.10 4.56
C LEU N 185 -4.04 20.57 5.96
N ASN N 186 -3.42 21.27 6.93
CA ASN N 186 -3.50 20.97 8.35
C ASN N 186 -4.79 21.49 8.98
N ASP N 187 -5.03 22.80 8.86
CA ASP N 187 -6.23 23.44 9.40
C ASP N 187 -7.36 23.44 8.36
N SER N 188 -7.59 22.29 7.74
CA SER N 188 -8.39 22.25 6.53
C SER N 188 -9.86 22.48 6.81
N ARG N 189 -10.55 23.02 5.81
CA ARG N 189 -11.97 23.34 5.88
C ARG N 189 -12.75 22.31 5.06
N TYR N 190 -13.89 21.88 5.58
CA TYR N 190 -14.61 20.79 4.93
C TYR N 190 -15.67 21.32 3.97
N ALA N 191 -16.19 20.42 3.15
CA ALA N 191 -17.25 20.71 2.21
C ALA N 191 -18.03 19.43 1.95
N LEU N 192 -19.35 19.53 1.89
CA LEU N 192 -20.22 18.37 1.77
C LEU N 192 -21.26 18.58 0.69
N SER N 193 -21.82 17.47 0.23
CA SER N 193 -22.74 17.44 -0.90
C SER N 193 -23.91 16.52 -0.60
N SER N 194 -25.03 16.77 -1.28
CA SER N 194 -26.23 15.97 -1.08
C SER N 194 -27.11 16.05 -2.34
N ARG N 195 -28.03 15.10 -2.43
CA ARG N 195 -28.86 14.93 -3.62
C ARG N 195 -30.30 14.68 -3.21
N LEU N 196 -31.23 15.41 -3.81
CA LEU N 196 -32.67 15.19 -3.63
C LEU N 196 -33.33 14.98 -4.99
N ARG N 197 -33.96 13.82 -5.18
CA ARG N 197 -34.61 13.46 -6.43
C ARG N 197 -36.11 13.32 -6.24
N VAL N 198 -36.87 13.92 -7.15
CA VAL N 198 -38.32 13.82 -7.21
C VAL N 198 -38.71 13.65 -8.67
N SER N 199 -40.02 13.53 -8.94
CA SER N 199 -40.49 13.42 -10.32
C SER N 199 -40.34 14.76 -11.04
N ALA N 200 -40.46 14.70 -12.37
CA ALA N 200 -40.45 15.93 -13.16
C ALA N 200 -41.73 16.72 -12.94
N THR N 201 -42.88 16.04 -12.92
CA THR N 201 -44.14 16.72 -12.71
C THR N 201 -44.17 17.47 -11.38
N PHE N 202 -43.43 16.97 -10.40
CA PHE N 202 -43.39 17.58 -9.07
C PHE N 202 -42.55 18.86 -9.08
N TRP N 203 -41.33 18.79 -9.62
CA TRP N 203 -40.49 19.99 -9.70
C TRP N 203 -41.14 21.08 -10.54
N GLN N 204 -41.97 20.71 -11.50
CA GLN N 204 -42.59 21.65 -12.43
C GLN N 204 -43.81 22.34 -11.84
N ASN N 205 -44.07 22.16 -10.54
CA ASN N 205 -45.22 22.75 -9.87
C ASN N 205 -44.79 23.96 -9.06
N PRO N 206 -45.26 25.16 -9.38
CA PRO N 206 -44.68 26.37 -8.79
C PRO N 206 -44.97 26.56 -7.32
N ARG N 207 -45.96 25.86 -6.77
CA ARG N 207 -46.29 25.98 -5.36
C ARG N 207 -45.41 25.09 -4.47
N ASN N 208 -44.39 24.46 -5.02
CA ASN N 208 -43.61 23.47 -4.29
C ASN N 208 -42.29 24.09 -3.86
N HIS N 209 -41.97 23.94 -2.57
CA HIS N 209 -40.87 24.65 -1.93
C HIS N 209 -39.84 23.62 -1.48
N PHE N 210 -38.61 23.77 -1.97
CA PHE N 210 -37.52 22.86 -1.65
C PHE N 210 -36.46 23.62 -0.88
N ARG N 211 -36.01 23.05 0.23
CA ARG N 211 -35.03 23.71 1.08
C ARG N 211 -34.07 22.69 1.68
N CYS N 212 -32.77 22.93 1.48
CA CYS N 212 -31.71 22.15 2.09
C CYS N 212 -31.27 22.80 3.38
N GLN N 213 -31.23 22.04 4.47
CA GLN N 213 -30.93 22.55 5.80
C GLN N 213 -29.72 21.84 6.38
N VAL N 214 -28.72 22.61 6.78
CA VAL N 214 -27.53 22.10 7.45
C VAL N 214 -27.56 22.62 8.88
N GLN N 215 -27.60 21.70 9.85
CA GLN N 215 -27.43 22.09 11.24
C GLN N 215 -25.96 22.01 11.59
N PHE N 216 -25.43 23.09 12.13
CA PHE N 216 -24.04 23.20 12.53
C PHE N 216 -23.95 23.28 14.04
N TYR N 217 -23.05 22.51 14.63
CA TYR N 217 -22.84 22.50 16.06
C TYR N 217 -21.48 23.14 16.31
N GLY N 218 -21.47 24.39 16.74
CA GLY N 218 -20.22 25.10 16.93
C GLY N 218 -19.89 25.30 18.39
N LEU N 219 -19.89 26.55 18.82
CA LEU N 219 -19.55 26.91 20.19
C LEU N 219 -20.81 27.33 20.92
N SER N 220 -20.83 27.13 22.23
CA SER N 220 -21.94 27.66 23.01
C SER N 220 -21.76 29.16 23.22
N GLU N 221 -22.79 29.78 23.82
CA GLU N 221 -22.68 31.19 24.16
C GLU N 221 -21.69 31.41 25.29
N ASN N 222 -21.40 30.36 26.06
CA ASN N 222 -20.45 30.48 27.16
C ASN N 222 -19.07 30.90 26.67
N ASP N 223 -18.68 30.45 25.48
CA ASP N 223 -17.41 30.84 24.89
C ASP N 223 -17.45 32.30 24.43
N GLU N 224 -16.28 32.93 24.38
CA GLU N 224 -16.15 34.32 23.97
C GLU N 224 -15.42 34.40 22.63
N TRP N 225 -15.98 35.18 21.71
CA TRP N 225 -15.44 35.35 20.36
C TRP N 225 -15.05 36.81 20.19
N THR N 226 -13.81 37.04 19.76
CA THR N 226 -13.26 38.38 19.58
C THR N 226 -12.45 38.41 18.30
N GLN N 227 -13.06 37.94 17.21
CA GLN N 227 -12.46 37.99 15.89
C GLN N 227 -13.00 39.12 15.03
N ASP N 228 -14.04 39.83 15.48
CA ASP N 228 -14.79 40.78 14.65
C ASP N 228 -15.23 40.16 13.34
N ARG N 229 -15.38 38.83 13.33
CA ARG N 229 -15.72 38.06 12.14
C ARG N 229 -16.92 37.16 12.39
N ALA N 230 -17.93 37.71 13.10
CA ALA N 230 -19.22 37.05 13.30
C ALA N 230 -19.11 35.85 14.22
N LYS N 231 -19.74 35.93 15.39
CA LYS N 231 -19.61 34.86 16.38
C LYS N 231 -20.13 33.55 15.80
N PRO N 232 -19.29 32.51 15.68
CA PRO N 232 -19.72 31.25 15.06
C PRO N 232 -20.31 30.26 16.06
N VAL N 233 -21.61 30.36 16.31
CA VAL N 233 -22.27 29.55 17.31
C VAL N 233 -23.11 28.47 16.62
N THR N 234 -23.62 27.55 17.42
CA THR N 234 -24.52 26.51 16.93
C THR N 234 -25.74 27.17 16.29
N GLN N 235 -25.93 26.91 14.99
CA GLN N 235 -26.91 27.64 14.19
C GLN N 235 -27.39 26.72 13.07
N ILE N 236 -28.22 27.29 12.18
CA ILE N 236 -28.75 26.60 11.02
C ILE N 236 -28.51 27.48 9.80
N VAL N 237 -28.01 26.88 8.72
CA VAL N 237 -27.80 27.57 7.45
C VAL N 237 -28.59 26.84 6.39
N SER N 238 -29.49 27.56 5.71
CA SER N 238 -30.38 26.97 4.72
C SER N 238 -30.29 27.74 3.41
N ALA N 239 -30.83 27.12 2.37
CA ALA N 239 -31.00 27.72 1.06
C ALA N 239 -32.23 27.11 0.40
N GLU N 240 -32.90 27.87 -0.45
CA GLU N 240 -34.21 27.49 -0.94
C GLU N 240 -34.23 27.43 -2.47
N ALA N 241 -35.38 26.97 -2.98
CA ALA N 241 -35.77 27.05 -4.38
C ALA N 241 -37.24 26.67 -4.46
N TRP N 242 -37.95 27.30 -5.39
CA TRP N 242 -39.31 26.92 -5.73
C TRP N 242 -39.31 26.30 -7.12
N GLY N 243 -40.35 25.51 -7.40
CA GLY N 243 -40.44 24.86 -8.68
C GLY N 243 -40.65 25.86 -9.81
N ARG N 244 -40.26 25.45 -11.02
CA ARG N 244 -40.34 26.33 -12.18
C ARG N 244 -40.83 25.51 -13.35
N ALA N 245 -42.03 25.82 -13.84
CA ALA N 245 -42.63 25.08 -14.95
C ALA N 245 -42.09 25.58 -16.29
N LYS O 4 -3.55 -11.53 23.34
CA LYS O 4 -4.96 -11.38 23.64
C LYS O 4 -5.59 -10.21 22.91
N ILE O 5 -6.20 -10.49 21.76
CA ILE O 5 -6.73 -9.48 20.85
C ILE O 5 -8.07 -9.96 20.32
N GLU O 6 -8.68 -9.13 19.46
CA GLU O 6 -10.01 -9.41 18.92
C GLU O 6 -10.00 -8.88 17.49
N GLN O 7 -9.91 -9.78 16.53
CA GLN O 7 -9.74 -9.42 15.13
C GLN O 7 -11.06 -9.58 14.39
N ASN O 8 -11.53 -8.51 13.77
CA ASN O 8 -12.75 -8.59 12.97
C ASN O 8 -12.34 -8.77 11.50
N SER O 9 -12.97 -8.03 10.59
CA SER O 9 -12.58 -8.08 9.19
C SER O 9 -11.88 -6.78 8.80
N GLU O 10 -11.90 -6.45 7.51
CA GLU O 10 -11.35 -5.19 7.00
C GLU O 10 -12.04 -4.80 5.69
N ALA O 11 -13.12 -4.01 5.82
CA ALA O 11 -13.74 -3.30 4.71
C ALA O 11 -14.33 -4.18 3.58
N LEU O 12 -15.62 -4.49 3.66
CA LEU O 12 -16.34 -5.27 2.66
C LEU O 12 -17.36 -4.44 1.89
N ASN O 13 -17.75 -4.98 0.73
CA ASN O 13 -18.88 -4.49 -0.07
C ASN O 13 -19.25 -5.54 -1.11
N ILE O 14 -20.55 -5.76 -1.30
CA ILE O 14 -21.05 -6.74 -2.28
C ILE O 14 -22.36 -6.25 -2.90
N GLN O 15 -22.95 -7.07 -3.78
CA GLN O 15 -24.20 -6.81 -4.49
C GLN O 15 -25.44 -7.26 -3.70
N GLU O 16 -26.58 -6.71 -4.10
CA GLU O 16 -27.89 -7.16 -3.65
C GLU O 16 -28.09 -8.65 -3.96
N GLY O 17 -29.01 -9.28 -3.24
CA GLY O 17 -29.29 -10.68 -3.47
C GLY O 17 -28.18 -11.58 -2.95
N LYS O 18 -26.94 -11.23 -3.29
CA LYS O 18 -25.78 -11.91 -2.75
C LYS O 18 -25.80 -11.82 -1.23
N THR O 19 -25.37 -12.90 -0.57
CA THR O 19 -25.31 -12.92 0.89
C THR O 19 -23.97 -12.41 1.38
N ALA O 20 -24.01 -11.58 2.42
CA ALA O 20 -22.80 -10.99 3.00
C ALA O 20 -22.29 -11.87 4.14
N THR O 21 -20.97 -12.03 4.20
CA THR O 21 -20.32 -12.81 5.25
C THR O 21 -19.39 -11.93 6.06
N LEU O 22 -19.64 -11.85 7.36
CA LEU O 22 -18.79 -11.14 8.31
C LEU O 22 -18.14 -12.14 9.26
N THR O 23 -16.83 -12.01 9.47
CA THR O 23 -16.08 -12.89 10.35
C THR O 23 -15.59 -12.09 11.56
N CYS O 24 -15.45 -12.78 12.70
CA CYS O 24 -14.95 -12.17 13.94
C CYS O 24 -14.06 -13.16 14.66
N ASN O 25 -12.78 -12.81 14.78
CA ASN O 25 -11.80 -13.64 15.48
C ASN O 25 -11.36 -12.98 16.78
N TYR O 26 -11.17 -13.80 17.82
CA TYR O 26 -10.60 -13.39 19.08
C TYR O 26 -9.53 -14.40 19.46
N THR O 27 -8.50 -13.94 20.17
CA THR O 27 -7.43 -14.81 20.60
C THR O 27 -7.17 -14.62 22.09
N ASN O 28 -6.91 -15.73 22.78
CA ASN O 28 -6.60 -15.74 24.21
C ASN O 28 -7.81 -15.31 25.04
N TYR O 29 -9.00 -15.78 24.63
CA TYR O 29 -10.25 -15.52 25.32
C TYR O 29 -11.03 -16.83 25.38
N SER O 30 -12.19 -16.79 26.02
CA SER O 30 -13.19 -17.85 26.06
C SER O 30 -14.40 -17.29 26.79
N PRO O 31 -15.48 -16.97 26.07
CA PRO O 31 -16.46 -16.00 26.60
C PRO O 31 -17.83 -16.55 26.98
N ALA O 32 -18.22 -17.68 26.38
CA ALA O 32 -19.53 -18.32 26.57
C ALA O 32 -20.67 -17.51 25.99
N TYR O 33 -20.42 -16.26 25.59
CA TYR O 33 -21.43 -15.44 24.93
C TYR O 33 -20.78 -14.53 23.91
N LEU O 34 -21.30 -14.55 22.68
CA LEU O 34 -20.95 -13.63 21.62
C LEU O 34 -22.14 -12.73 21.31
N GLN O 35 -21.86 -11.50 20.89
CA GLN O 35 -22.90 -10.54 20.51
C GLN O 35 -22.47 -9.76 19.27
N TRP O 36 -23.48 -9.34 18.50
CA TRP O 36 -23.27 -8.57 17.28
C TRP O 36 -24.07 -7.28 17.34
N TYR O 37 -23.48 -6.21 16.83
CA TYR O 37 -24.08 -4.87 16.88
C TYR O 37 -24.01 -4.23 15.50
N ARG O 38 -24.93 -3.30 15.26
CA ARG O 38 -25.03 -2.59 14.01
C ARG O 38 -24.99 -1.09 14.31
N GLN O 39 -23.95 -0.42 13.83
CA GLN O 39 -23.78 1.00 14.07
C GLN O 39 -23.86 1.75 12.76
N ASP O 40 -24.67 2.76 12.72
CA ASP O 40 -24.64 3.52 11.49
C ASP O 40 -23.78 4.76 11.67
N PRO O 41 -23.13 5.23 10.61
CA PRO O 41 -22.51 6.56 10.67
C PRO O 41 -23.55 7.59 11.08
N GLY O 42 -23.21 8.36 12.11
CA GLY O 42 -24.18 9.06 12.92
C GLY O 42 -24.39 8.45 14.28
N ARG O 43 -23.58 7.45 14.64
CA ARG O 43 -23.31 7.03 16.02
C ARG O 43 -24.45 6.28 16.70
N GLY O 44 -24.10 5.38 17.61
CA GLY O 44 -25.06 4.66 18.40
C GLY O 44 -25.25 3.22 17.95
N PRO O 45 -24.47 2.31 18.54
CA PRO O 45 -24.65 0.88 18.27
C PRO O 45 -26.02 0.39 18.73
N VAL O 46 -26.59 -0.53 17.97
CA VAL O 46 -27.85 -1.17 18.30
C VAL O 46 -27.66 -2.68 18.21
N PHE O 47 -28.14 -3.40 19.22
CA PHE O 47 -27.84 -4.81 19.37
C PHE O 47 -28.51 -5.63 18.26
N LEU O 48 -27.91 -6.78 17.95
CA LEU O 48 -28.40 -7.61 16.86
C LEU O 48 -28.70 -9.03 17.31
N LEU O 49 -27.67 -9.85 17.49
CA LEU O 49 -27.85 -11.24 17.92
C LEU O 49 -26.93 -11.58 19.09
N LEU O 50 -27.22 -12.75 19.69
CA LEU O 50 -26.61 -13.15 20.96
C LEU O 50 -26.66 -14.67 21.03
N ILE O 51 -25.49 -15.30 20.98
CA ILE O 51 -25.39 -16.76 20.92
C ILE O 51 -24.45 -17.24 22.01
N ARG O 52 -24.89 -18.23 22.79
CA ARG O 52 -24.06 -18.80 23.83
C ARG O 52 -23.28 -20.00 23.29
N GLU O 53 -22.33 -20.47 24.09
CA GLU O 53 -21.30 -21.36 23.55
C GLU O 53 -21.80 -22.77 23.33
N ASN O 54 -22.78 -23.24 24.11
CA ASN O 54 -23.31 -24.58 23.85
C ASN O 54 -24.21 -24.64 22.63
N GLU O 55 -24.59 -23.50 22.07
CA GLU O 55 -25.34 -23.41 20.83
C GLU O 55 -24.42 -23.44 19.60
N LYS O 56 -25.04 -23.59 18.44
CA LYS O 56 -24.44 -23.30 17.14
C LYS O 56 -25.55 -22.94 16.16
N GLU O 57 -25.30 -21.88 15.38
CA GLU O 57 -26.27 -21.27 14.48
C GLU O 57 -27.53 -20.79 15.18
N LYS O 58 -27.79 -19.50 15.10
CA LYS O 58 -29.00 -18.89 15.63
C LYS O 58 -29.52 -17.94 14.56
N ARG O 59 -30.80 -18.04 14.26
CA ARG O 59 -31.40 -17.39 13.10
C ARG O 59 -32.30 -16.23 13.49
N LYS O 60 -32.21 -15.15 12.71
CA LYS O 60 -33.13 -14.02 12.80
C LYS O 60 -33.42 -13.64 11.36
N GLU O 61 -34.45 -14.27 10.78
CA GLU O 61 -34.79 -14.11 9.38
C GLU O 61 -33.54 -14.14 8.50
N ARG O 62 -33.09 -12.98 8.02
CA ARG O 62 -31.90 -12.93 7.17
C ARG O 62 -30.61 -12.79 7.97
N LEU O 63 -30.68 -12.84 9.30
CA LEU O 63 -29.49 -12.77 10.13
C LEU O 63 -29.09 -14.19 10.52
N LYS O 64 -27.82 -14.51 10.33
CA LYS O 64 -27.32 -15.88 10.46
C LYS O 64 -25.97 -15.83 11.16
N VAL O 65 -25.93 -16.30 12.41
CA VAL O 65 -24.71 -16.29 13.20
C VAL O 65 -24.46 -17.67 13.79
N THR O 66 -23.19 -18.05 13.87
CA THR O 66 -22.75 -19.32 14.43
C THR O 66 -21.59 -19.07 15.38
N PHE O 67 -21.40 -19.97 16.34
CA PHE O 67 -20.35 -19.81 17.35
C PHE O 67 -19.61 -21.12 17.51
N ASP O 68 -18.35 -21.13 17.12
CA ASP O 68 -17.46 -22.28 17.25
C ASP O 68 -16.63 -22.07 18.50
N THR O 69 -16.95 -22.85 19.55
CA THR O 69 -16.30 -22.66 20.85
C THR O 69 -14.80 -22.82 20.76
N THR O 70 -14.33 -23.89 20.11
CA THR O 70 -12.91 -24.22 20.13
C THR O 70 -12.11 -23.45 19.08
N LEU O 71 -12.73 -23.11 17.95
CA LEU O 71 -12.02 -22.36 16.92
C LEU O 71 -11.84 -20.89 17.29
N LYS O 72 -12.53 -20.42 18.34
CA LYS O 72 -12.43 -19.04 18.82
C LYS O 72 -12.77 -18.03 17.72
N GLN O 73 -13.94 -18.20 17.11
CA GLN O 73 -14.35 -17.35 16.00
C GLN O 73 -15.84 -17.54 15.78
N SER O 74 -16.54 -16.44 15.43
CA SER O 74 -17.94 -16.49 15.10
C SER O 74 -18.17 -15.78 13.76
N LEU O 75 -19.10 -16.32 12.97
CA LEU O 75 -19.37 -15.84 11.62
C LEU O 75 -20.79 -15.30 11.55
N PHE O 76 -20.92 -14.14 10.90
CA PHE O 76 -22.21 -13.45 10.76
C PHE O 76 -22.56 -13.37 9.28
N HIS O 77 -23.77 -13.80 8.94
CA HIS O 77 -24.22 -13.91 7.55
C HIS O 77 -25.52 -13.13 7.38
N ILE O 78 -25.51 -12.14 6.49
CA ILE O 78 -26.73 -11.53 5.97
C ILE O 78 -27.05 -12.13 4.61
N THR O 79 -28.21 -12.76 4.49
CA THR O 79 -28.70 -13.24 3.21
C THR O 79 -29.70 -12.22 2.65
N ALA O 80 -29.88 -12.26 1.33
CA ALA O 80 -30.79 -11.34 0.64
C ALA O 80 -30.44 -9.88 0.93
N SER O 81 -29.15 -9.58 0.93
CA SER O 81 -28.67 -8.28 1.38
C SER O 81 -29.28 -7.14 0.57
N GLN O 82 -29.69 -6.10 1.28
CA GLN O 82 -30.22 -4.84 0.75
C GLN O 82 -29.19 -3.74 0.91
N PRO O 83 -29.27 -2.68 0.09
CA PRO O 83 -28.50 -1.47 0.43
C PRO O 83 -28.95 -0.88 1.74
N ALA O 84 -30.18 -1.18 2.18
CA ALA O 84 -30.60 -0.81 3.52
C ALA O 84 -29.77 -1.53 4.59
N ASP O 85 -29.22 -2.70 4.27
CA ASP O 85 -28.37 -3.39 5.23
C ASP O 85 -26.98 -2.79 5.33
N SER O 86 -26.62 -1.86 4.45
CA SER O 86 -25.28 -1.32 4.46
C SER O 86 -25.08 -0.43 5.69
N ALA O 87 -24.18 -0.84 6.57
CA ALA O 87 -23.79 -0.11 7.76
C ALA O 87 -22.54 -0.78 8.32
N THR O 88 -22.09 -0.36 9.49
CA THR O 88 -20.95 -0.96 10.14
C THR O 88 -21.40 -1.95 11.20
N TYR O 89 -20.59 -2.99 11.42
CA TYR O 89 -20.96 -4.12 12.27
C TYR O 89 -19.83 -4.40 13.25
N LEU O 90 -20.17 -4.50 14.52
CA LEU O 90 -19.19 -4.62 15.59
C LEU O 90 -19.32 -5.97 16.26
N CYS O 91 -18.18 -6.58 16.57
CA CYS O 91 -18.13 -7.79 17.37
C CYS O 91 -17.82 -7.43 18.81
N ALA O 92 -18.37 -8.21 19.74
CA ALA O 92 -18.21 -7.92 21.17
C ALA O 92 -18.27 -9.21 21.97
N LEU O 93 -17.31 -9.38 22.88
CA LEU O 93 -17.24 -10.54 23.76
C LEU O 93 -17.69 -10.19 25.17
N ASP O 94 -18.10 -11.22 25.90
CA ASP O 94 -18.61 -11.10 27.28
C ASP O 94 -17.66 -11.88 28.18
N ILE O 95 -16.74 -11.18 28.82
CA ILE O 95 -15.75 -11.80 29.69
C ILE O 95 -16.27 -11.78 31.12
N TYR O 96 -16.11 -12.89 31.82
CA TYR O 96 -16.55 -12.98 33.20
C TYR O 96 -15.86 -11.91 34.05
N PRO O 97 -16.60 -11.24 34.95
CA PRO O 97 -18.02 -11.48 35.24
C PRO O 97 -18.92 -10.60 34.37
N HIS O 98 -18.48 -9.37 34.08
CA HIS O 98 -19.32 -8.39 33.40
C HIS O 98 -18.49 -7.34 32.66
N ASP O 99 -17.35 -7.74 32.12
CA ASP O 99 -16.54 -6.84 31.29
C ASP O 99 -16.94 -7.08 29.83
N MET O 100 -17.52 -6.06 29.19
CA MET O 100 -17.96 -6.15 27.81
C MET O 100 -16.93 -5.46 26.93
N ARG O 101 -16.04 -6.24 26.33
CA ARG O 101 -14.97 -5.71 25.50
C ARG O 101 -15.31 -5.97 24.03
N PHE O 102 -15.28 -4.91 23.23
CA PHE O 102 -15.74 -4.95 21.86
C PHE O 102 -14.58 -5.18 20.89
N GLY O 103 -14.88 -5.83 19.78
CA GLY O 103 -13.94 -5.94 18.68
C GLY O 103 -13.87 -4.66 17.87
N ALA O 104 -13.08 -4.71 16.80
CA ALA O 104 -12.96 -3.58 15.89
C ALA O 104 -14.14 -3.53 14.93
N GLY O 105 -14.08 -2.62 13.96
CA GLY O 105 -15.15 -2.47 12.98
C GLY O 105 -14.95 -3.26 11.70
N THR O 106 -16.07 -3.73 11.14
CA THR O 106 -16.18 -4.09 9.73
C THR O 106 -17.14 -3.12 9.05
N ARG O 107 -16.65 -2.38 8.05
CA ARG O 107 -17.50 -1.43 7.34
C ARG O 107 -18.08 -2.12 6.11
N LEU O 108 -19.42 -2.23 6.06
CA LEU O 108 -20.13 -2.85 4.96
C LEU O 108 -20.86 -1.82 4.11
N THR O 109 -20.85 -2.03 2.79
CA THR O 109 -21.68 -1.28 1.85
C THR O 109 -22.24 -2.26 0.83
N VAL O 110 -23.55 -2.41 0.79
CA VAL O 110 -24.21 -3.42 -0.05
C VAL O 110 -24.68 -2.75 -1.34
N LYS O 111 -24.02 -3.08 -2.44
CA LYS O 111 -24.32 -2.47 -3.73
C LYS O 111 -25.74 -2.82 -4.17
N PRO O 112 -26.47 -1.88 -4.75
CA PRO O 112 -27.85 -2.16 -5.16
C PRO O 112 -27.92 -2.90 -6.49
N ASN O 113 -28.99 -3.67 -6.64
CA ASN O 113 -29.37 -4.25 -7.93
C ASN O 113 -29.93 -3.13 -8.80
N ILE O 114 -29.08 -2.57 -9.67
CA ILE O 114 -29.52 -1.53 -10.59
C ILE O 114 -30.57 -2.11 -11.53
N GLN O 115 -31.77 -1.53 -11.49
CA GLN O 115 -32.93 -2.14 -12.12
C GLN O 115 -32.71 -2.30 -13.63
N ASN O 116 -32.57 -1.18 -14.34
CA ASN O 116 -32.11 -1.15 -15.72
C ASN O 116 -31.42 0.20 -15.94
N PRO O 117 -30.09 0.22 -16.07
CA PRO O 117 -29.38 1.50 -16.07
C PRO O 117 -29.68 2.37 -17.28
N ASP O 118 -29.32 3.65 -17.16
CA ASP O 118 -29.51 4.67 -18.19
C ASP O 118 -28.59 5.86 -17.89
N PRO O 119 -27.28 5.65 -17.93
CA PRO O 119 -26.34 6.66 -17.42
C PRO O 119 -26.27 7.93 -18.25
N ALA O 120 -26.07 9.05 -17.54
CA ALA O 120 -26.01 10.38 -18.15
C ALA O 120 -25.29 11.33 -17.21
N VAL O 121 -24.73 12.41 -17.77
CA VAL O 121 -24.08 13.49 -17.02
C VAL O 121 -24.72 14.82 -17.40
N TYR O 122 -25.46 15.41 -16.47
CA TYR O 122 -26.20 16.66 -16.61
C TYR O 122 -25.51 17.81 -15.88
N GLN O 123 -25.75 19.05 -16.35
CA GLN O 123 -25.38 20.25 -15.60
C GLN O 123 -26.59 20.84 -14.87
N LEU O 124 -26.40 21.15 -13.59
CA LEU O 124 -27.44 21.76 -12.76
C LEU O 124 -27.28 23.28 -12.74
N ARG O 125 -28.42 23.98 -12.71
CA ARG O 125 -28.45 25.43 -12.78
C ARG O 125 -27.66 26.11 -11.65
N ASP O 126 -26.89 27.13 -12.02
CA ASP O 126 -26.07 27.85 -11.05
C ASP O 126 -26.95 28.49 -9.97
N SER O 127 -26.43 28.50 -8.74
CA SER O 127 -27.03 29.29 -7.67
C SER O 127 -26.64 30.75 -7.78
N LYS O 128 -27.60 31.64 -7.51
CA LYS O 128 -27.31 33.07 -7.46
C LYS O 128 -26.45 33.47 -6.27
N SER O 129 -26.01 32.52 -5.44
CA SER O 129 -25.27 32.85 -4.22
C SER O 129 -23.95 32.12 -4.07
N SER O 130 -23.54 31.32 -5.07
CA SER O 130 -22.21 30.70 -5.09
C SER O 130 -21.65 30.76 -6.49
N ASP O 131 -20.33 30.69 -6.59
CA ASP O 131 -19.64 30.75 -7.88
C ASP O 131 -19.51 29.40 -8.58
N LYS O 132 -19.79 28.28 -7.91
CA LYS O 132 -19.53 26.98 -8.50
C LYS O 132 -20.54 26.65 -9.60
N SER O 133 -20.15 25.70 -10.45
CA SER O 133 -21.03 25.05 -11.40
C SER O 133 -21.05 23.55 -11.10
N VAL O 134 -22.21 22.93 -11.23
CA VAL O 134 -22.45 21.59 -10.71
C VAL O 134 -22.91 20.67 -11.84
N CYS O 135 -22.17 19.58 -12.06
CA CYS O 135 -22.55 18.51 -12.96
C CYS O 135 -22.90 17.25 -12.16
N LEU O 136 -23.75 16.40 -12.72
CA LEU O 136 -24.25 15.21 -12.05
C LEU O 136 -24.16 13.97 -12.93
N PHE O 137 -23.52 12.91 -12.41
CA PHE O 137 -23.42 11.61 -13.08
C PHE O 137 -24.44 10.67 -12.43
N THR O 138 -25.41 10.19 -13.19
CA THR O 138 -26.54 9.51 -12.58
C THR O 138 -27.05 8.37 -13.46
N ASP O 139 -27.75 7.43 -12.81
CA ASP O 139 -28.55 6.37 -13.45
C ASP O 139 -27.70 5.26 -14.07
N PHE O 140 -26.55 4.94 -13.47
CA PHE O 140 -25.67 3.91 -13.99
C PHE O 140 -25.72 2.67 -13.11
N ASP O 141 -25.18 1.57 -13.64
CA ASP O 141 -25.19 0.28 -12.98
C ASP O 141 -24.08 0.16 -11.92
N SER O 142 -24.26 -0.82 -11.03
CA SER O 142 -23.40 -0.94 -9.85
C SER O 142 -21.97 -1.33 -10.21
N GLN O 143 -21.73 -1.80 -11.43
CA GLN O 143 -20.37 -2.11 -11.88
C GLN O 143 -19.45 -0.90 -11.78
N THR O 144 -19.96 0.29 -12.13
CA THR O 144 -19.14 1.48 -12.31
C THR O 144 -18.41 1.93 -11.04
N ASN O 145 -17.15 2.36 -11.22
CA ASN O 145 -16.32 2.96 -10.17
C ASN O 145 -15.87 4.37 -10.58
N VAL O 146 -15.76 5.25 -9.58
CA VAL O 146 -15.48 6.68 -9.76
C VAL O 146 -14.23 7.10 -8.99
N SER O 147 -13.33 7.83 -9.65
CA SER O 147 -12.15 8.42 -9.03
C SER O 147 -12.32 9.94 -8.94
N GLN O 148 -11.68 10.56 -7.94
CA GLN O 148 -11.59 12.01 -7.91
C GLN O 148 -10.69 12.54 -9.03
N SER O 149 -10.80 13.85 -9.28
CA SER O 149 -10.07 14.52 -10.34
C SER O 149 -8.74 15.10 -9.84
N LYS O 150 -7.82 15.30 -10.80
CA LYS O 150 -6.47 15.80 -10.55
C LYS O 150 -6.38 17.31 -10.33
N ASP O 151 -7.40 18.08 -10.69
CA ASP O 151 -7.34 19.53 -10.52
C ASP O 151 -7.40 19.94 -9.05
N SER O 152 -6.70 21.04 -8.73
CA SER O 152 -6.68 21.59 -7.38
C SER O 152 -7.96 22.33 -7.04
N ASP O 153 -8.64 22.92 -8.03
CA ASP O 153 -9.88 23.65 -7.80
C ASP O 153 -11.10 22.87 -8.25
N VAL O 154 -11.01 21.55 -8.34
CA VAL O 154 -12.13 20.69 -8.72
C VAL O 154 -12.34 19.65 -7.62
N TYR O 155 -13.56 19.59 -7.10
CA TYR O 155 -13.94 18.70 -6.02
C TYR O 155 -14.93 17.68 -6.58
N ILE O 156 -14.78 16.41 -6.21
CA ILE O 156 -15.63 15.34 -6.76
C ILE O 156 -15.91 14.32 -5.66
N THR O 157 -17.19 14.03 -5.45
CA THR O 157 -17.65 13.11 -4.41
C THR O 157 -17.89 11.71 -4.97
N ASP O 158 -17.75 10.72 -4.10
CA ASP O 158 -17.98 9.33 -4.47
C ASP O 158 -19.47 9.07 -4.67
N LYS O 159 -19.78 8.02 -5.44
CA LYS O 159 -21.17 7.73 -5.80
C LYS O 159 -21.99 7.35 -4.56
N CYS O 160 -23.30 7.22 -4.79
CA CYS O 160 -24.26 7.10 -3.71
C CYS O 160 -25.60 6.62 -4.25
N VAL O 161 -26.35 5.92 -3.41
CA VAL O 161 -27.61 5.30 -3.81
C VAL O 161 -28.73 6.24 -3.39
N LEU O 162 -29.88 6.10 -4.06
CA LEU O 162 -30.97 7.08 -3.98
C LEU O 162 -32.28 6.30 -3.97
N ASP O 163 -32.81 6.03 -2.78
CA ASP O 163 -34.05 5.24 -2.67
C ASP O 163 -35.25 6.14 -2.85
N MET O 164 -35.67 6.30 -4.11
CA MET O 164 -36.93 6.96 -4.39
C MET O 164 -38.04 5.98 -4.04
N ARG O 165 -38.26 5.79 -2.74
CA ARG O 165 -39.09 4.68 -2.25
C ARG O 165 -40.46 4.68 -2.91
N SER O 166 -41.07 5.86 -3.05
CA SER O 166 -42.43 6.02 -3.55
C SER O 166 -42.70 5.20 -4.80
N MET O 167 -41.71 5.05 -5.68
CA MET O 167 -41.90 4.30 -6.92
C MET O 167 -40.93 3.13 -7.04
N ASP O 168 -40.64 2.48 -5.91
CA ASP O 168 -39.85 1.25 -5.85
C ASP O 168 -38.65 1.33 -6.80
N PHE O 169 -37.83 2.37 -6.59
CA PHE O 169 -36.81 2.76 -7.54
C PHE O 169 -35.51 3.10 -6.82
N LYS O 170 -34.39 2.57 -7.30
CA LYS O 170 -33.07 2.91 -6.80
C LYS O 170 -32.18 3.34 -7.97
N SER O 171 -31.29 4.29 -7.72
CA SER O 171 -30.38 4.78 -8.75
C SER O 171 -29.15 5.41 -8.10
N ASN O 172 -28.03 5.35 -8.81
CA ASN O 172 -26.76 5.95 -8.38
C ASN O 172 -26.62 7.40 -8.82
N SER O 173 -25.71 8.11 -8.17
CA SER O 173 -25.42 9.50 -8.48
C SER O 173 -24.13 9.92 -7.78
N ALA O 174 -23.38 10.79 -8.43
CA ALA O 174 -22.18 11.40 -7.86
C ALA O 174 -22.01 12.78 -8.46
N VAL O 175 -21.64 13.75 -7.63
CA VAL O 175 -21.69 15.15 -8.01
C VAL O 175 -20.27 15.70 -8.13
N ALA O 176 -20.06 16.52 -9.15
CA ALA O 176 -18.79 17.19 -9.39
C ALA O 176 -19.06 18.68 -9.54
N TRP O 177 -18.38 19.49 -8.72
CA TRP O 177 -18.53 20.93 -8.75
C TRP O 177 -17.15 21.58 -8.83
N SER O 178 -17.10 22.72 -9.50
CA SER O 178 -15.85 23.48 -9.58
C SER O 178 -16.16 24.93 -9.91
N ASN O 179 -15.19 25.79 -9.60
CA ASN O 179 -15.26 27.22 -9.89
C ASN O 179 -14.21 27.65 -10.91
N LYS O 180 -13.45 26.70 -11.47
CA LYS O 180 -12.51 27.01 -12.54
C LYS O 180 -13.24 27.47 -13.79
N SER O 181 -12.66 28.47 -14.46
CA SER O 181 -13.25 28.98 -15.69
C SER O 181 -13.18 27.96 -16.81
N ASP O 182 -12.08 27.18 -16.86
CA ASP O 182 -11.87 26.16 -17.87
C ASP O 182 -12.58 24.84 -17.55
N PHE O 183 -13.62 24.88 -16.74
CA PHE O 183 -14.36 23.71 -16.30
C PHE O 183 -15.66 23.56 -17.09
N ALA O 184 -15.99 22.32 -17.42
CA ALA O 184 -17.21 21.99 -18.15
C ALA O 184 -17.58 20.56 -17.80
N CYS O 185 -18.87 20.23 -17.99
CA CYS O 185 -19.37 18.94 -17.53
C CYS O 185 -18.83 17.79 -18.38
N ALA O 186 -18.89 17.93 -19.71
CA ALA O 186 -18.58 16.82 -20.61
C ALA O 186 -17.23 16.19 -20.31
N ASN O 187 -16.29 16.95 -19.73
CA ASN O 187 -15.05 16.31 -19.27
C ASN O 187 -14.58 17.01 -17.99
N ALA O 188 -15.24 16.65 -16.90
CA ALA O 188 -14.70 16.71 -15.55
C ALA O 188 -14.58 15.32 -14.95
N PHE O 189 -15.32 14.36 -15.50
CA PHE O 189 -15.25 12.96 -15.11
C PHE O 189 -14.28 12.15 -15.96
N ASN O 190 -13.54 12.79 -16.88
CA ASN O 190 -12.60 12.06 -17.73
C ASN O 190 -11.23 11.95 -17.08
N ASN O 191 -11.21 11.89 -15.75
CA ASN O 191 -10.10 11.37 -14.98
C ASN O 191 -10.57 10.10 -14.29
N SER O 192 -11.63 9.51 -14.85
CA SER O 192 -12.32 8.32 -14.40
C SER O 192 -12.85 7.60 -15.63
N ILE O 193 -13.15 6.31 -15.47
CA ILE O 193 -13.63 5.47 -16.57
C ILE O 193 -15.12 5.64 -16.83
N ILE O 194 -15.48 6.49 -17.79
CA ILE O 194 -16.88 6.68 -18.17
C ILE O 194 -17.29 5.59 -19.16
N PRO O 195 -18.46 4.99 -19.02
CA PRO O 195 -19.01 4.18 -20.11
C PRO O 195 -19.12 5.01 -21.38
N GLU O 196 -18.75 4.41 -22.52
CA GLU O 196 -18.79 5.17 -23.77
C GLU O 196 -20.23 5.48 -24.14
N ASP O 197 -21.14 4.55 -23.89
CA ASP O 197 -22.56 4.71 -24.21
C ASP O 197 -23.33 5.38 -23.06
N THR O 198 -22.75 6.44 -22.52
CA THR O 198 -23.38 7.29 -21.51
C THR O 198 -23.88 8.56 -22.18
N PHE O 199 -25.13 8.93 -21.91
CA PHE O 199 -25.79 10.00 -22.66
C PHE O 199 -25.32 11.38 -22.19
N PHE O 200 -24.90 12.21 -23.14
CA PHE O 200 -24.48 13.59 -22.89
C PHE O 200 -25.30 14.58 -23.71
N PRO O 201 -26.24 15.30 -23.10
CA PRO O 201 -26.94 16.37 -23.83
C PRO O 201 -26.05 17.61 -23.94
N SER O 202 -26.50 18.57 -24.75
CA SER O 202 -25.71 19.77 -25.00
C SER O 202 -26.54 21.01 -24.69
N PRO O 203 -25.97 21.99 -23.94
CA PRO O 203 -26.64 23.23 -23.54
C PRO O 203 -27.21 24.01 -24.72
N GLY P 1 11.65 32.07 -61.30
CA GLY P 1 11.56 32.84 -60.07
C GLY P 1 12.06 32.07 -58.86
N SER P 2 12.62 32.79 -57.89
CA SER P 2 13.13 32.16 -56.69
C SER P 2 12.00 32.02 -55.66
N HIS P 3 12.27 31.25 -54.62
CA HIS P 3 11.25 30.96 -53.61
C HIS P 3 11.92 30.73 -52.26
N SER P 4 11.10 30.75 -51.23
CA SER P 4 11.59 30.61 -49.87
C SER P 4 10.48 30.09 -48.98
N MET P 5 10.84 29.18 -48.08
CA MET P 5 9.98 28.74 -47.00
C MET P 5 10.59 29.19 -45.68
N ARG P 6 9.81 29.88 -44.87
CA ARG P 6 10.32 30.43 -43.62
C ARG P 6 9.40 30.05 -42.47
N TYR P 7 9.96 30.02 -41.27
CA TYR P 7 9.22 29.73 -40.05
C TYR P 7 9.59 30.76 -38.98
N PHE P 8 8.57 31.33 -38.34
CA PHE P 8 8.75 32.38 -37.34
C PHE P 8 8.12 31.94 -36.02
N PHE P 9 8.91 31.94 -34.96
CA PHE P 9 8.47 31.53 -33.63
C PHE P 9 8.67 32.69 -32.65
N THR P 10 7.65 32.98 -31.85
CA THR P 10 7.72 34.02 -30.83
C THR P 10 7.26 33.47 -29.49
N SER P 11 7.95 33.85 -28.42
CA SER P 11 7.66 33.33 -27.09
C SER P 11 7.89 34.43 -26.07
N VAL P 12 6.82 34.90 -25.42
CA VAL P 12 6.87 36.02 -24.48
C VAL P 12 6.43 35.53 -23.10
N SER P 13 7.26 35.80 -22.10
CA SER P 13 7.00 35.32 -20.74
C SER P 13 5.96 36.17 -20.03
N ARG P 14 5.29 35.57 -19.06
CA ARG P 14 4.27 36.24 -18.26
C ARG P 14 4.41 35.80 -16.81
N PRO P 15 5.08 36.61 -15.97
CA PRO P 15 5.24 36.22 -14.57
C PRO P 15 3.90 36.26 -13.85
N GLY P 16 3.60 35.18 -13.11
CA GLY P 16 2.35 35.09 -12.37
C GLY P 16 1.13 34.80 -13.20
N ARG P 17 1.22 35.00 -14.51
CA ARG P 17 0.10 34.76 -15.42
C ARG P 17 0.21 33.41 -16.12
N GLY P 18 0.88 32.44 -15.49
CA GLY P 18 0.94 31.07 -15.97
C GLY P 18 2.11 30.80 -16.89
N GLU P 19 1.89 30.01 -17.93
CA GLU P 19 2.98 29.66 -18.83
C GLU P 19 3.20 30.77 -19.84
N PRO P 20 4.44 30.95 -20.31
CA PRO P 20 4.69 31.97 -21.32
C PRO P 20 4.00 31.63 -22.63
N ARG P 21 3.52 32.66 -23.32
CA ARG P 21 2.77 32.50 -24.55
C ARG P 21 3.68 32.17 -25.74
N PHE P 22 3.28 31.16 -26.51
CA PHE P 22 4.04 30.70 -27.67
C PHE P 22 3.19 30.79 -28.93
N ILE P 23 3.77 31.34 -30.00
CA ILE P 23 3.10 31.47 -31.29
C ILE P 23 4.09 31.15 -32.41
N ALA P 24 3.71 30.24 -33.30
CA ALA P 24 4.51 29.86 -34.46
C ALA P 24 3.70 30.05 -35.74
N VAL P 25 4.39 30.47 -36.81
CA VAL P 25 3.77 30.71 -38.12
C VAL P 25 4.74 30.27 -39.22
N GLY P 26 4.19 29.75 -40.31
CA GLY P 26 5.00 29.28 -41.42
C GLY P 26 4.63 29.98 -42.73
N TYR P 27 5.65 30.28 -43.53
CA TYR P 27 5.46 30.99 -44.80
C TYR P 27 6.14 30.24 -45.92
N VAL P 28 5.51 30.25 -47.10
CA VAL P 28 6.17 29.96 -48.36
C VAL P 28 6.06 31.22 -49.22
N ASP P 29 7.20 31.75 -49.65
CA ASP P 29 7.28 33.11 -50.19
C ASP P 29 6.62 34.09 -49.23
N ASP P 30 5.56 34.74 -49.68
CA ASP P 30 4.87 35.75 -48.89
C ASP P 30 3.53 35.26 -48.36
N THR P 31 3.20 33.98 -48.54
CA THR P 31 1.91 33.43 -48.14
C THR P 31 2.07 32.61 -46.86
N GLN P 32 1.36 33.02 -45.81
CA GLN P 32 1.34 32.25 -44.57
C GLN P 32 0.46 31.02 -44.74
N PHE P 33 0.92 29.88 -44.19
CA PHE P 33 0.18 28.64 -44.42
C PHE P 33 -0.03 27.75 -43.20
N VAL P 34 0.61 28.02 -42.05
CA VAL P 34 0.36 27.26 -40.83
C VAL P 34 0.50 28.18 -39.64
N ARG P 35 -0.08 27.77 -38.50
CA ARG P 35 0.11 28.55 -37.28
C ARG P 35 -0.11 27.66 -36.06
N PHE P 36 0.38 28.16 -34.93
CA PHE P 36 0.19 27.56 -33.63
C PHE P 36 0.08 28.68 -32.61
N ASP P 37 -0.69 28.44 -31.56
CA ASP P 37 -0.95 29.47 -30.56
C ASP P 37 -1.19 28.76 -29.23
N SER P 38 -0.26 28.92 -28.29
CA SER P 38 -0.36 28.18 -27.03
C SER P 38 -1.61 28.55 -26.25
N ASP P 39 -2.16 29.74 -26.49
CA ASP P 39 -3.40 30.17 -25.88
C ASP P 39 -4.63 29.73 -26.66
N ALA P 40 -4.46 29.19 -27.87
CA ALA P 40 -5.59 28.86 -28.71
C ALA P 40 -6.30 27.61 -28.19
N ALA P 41 -7.48 27.34 -28.74
CA ALA P 41 -8.33 26.28 -28.24
C ALA P 41 -7.73 24.91 -28.54
N SER P 42 -7.38 24.67 -29.81
CA SER P 42 -7.08 23.31 -30.26
C SER P 42 -5.84 22.73 -29.62
N GLN P 43 -4.91 23.56 -29.15
CA GLN P 43 -3.58 23.11 -28.74
C GLN P 43 -2.94 22.22 -29.79
N ARG P 44 -3.19 22.55 -31.06
CA ARG P 44 -2.77 21.68 -32.15
C ARG P 44 -2.51 22.53 -33.38
N MET P 45 -1.49 22.16 -34.14
CA MET P 45 -1.05 22.97 -35.27
C MET P 45 -2.10 22.97 -36.38
N GLU P 46 -2.57 24.18 -36.74
CA GLU P 46 -3.64 24.45 -37.68
C GLU P 46 -3.08 24.85 -39.04
N PRO P 47 -3.87 24.71 -40.10
CA PRO P 47 -3.52 25.30 -41.39
C PRO P 47 -4.03 26.74 -41.50
N ARG P 48 -3.42 27.48 -42.44
CA ARG P 48 -3.86 28.85 -42.70
C ARG P 48 -3.79 29.22 -44.18
N ALA P 49 -3.61 28.24 -45.08
CA ALA P 49 -3.71 28.43 -46.51
C ALA P 49 -4.37 27.17 -47.05
N PRO P 50 -5.28 27.30 -48.01
CA PRO P 50 -6.08 26.13 -48.43
C PRO P 50 -5.26 24.97 -48.97
N TRP P 51 -4.18 25.25 -49.69
CA TRP P 51 -3.42 24.22 -50.39
C TRP P 51 -2.63 23.31 -49.47
N ILE P 52 -2.70 23.50 -48.15
CA ILE P 52 -1.94 22.67 -47.21
C ILE P 52 -2.81 21.66 -46.47
N GLU P 53 -4.14 21.73 -46.62
CA GLU P 53 -5.00 20.68 -46.09
C GLU P 53 -4.91 19.39 -46.88
N GLN P 54 -4.23 19.40 -48.02
CA GLN P 54 -4.00 18.17 -48.78
C GLN P 54 -3.24 17.13 -47.97
N GLU P 55 -2.61 17.54 -46.87
CA GLU P 55 -1.79 16.65 -46.06
C GLU P 55 -2.67 15.79 -45.15
N GLY P 56 -2.25 14.54 -44.97
CA GLY P 56 -2.93 13.64 -44.08
C GLY P 56 -2.66 13.94 -42.62
N PRO P 57 -3.26 13.13 -41.73
CA PRO P 57 -2.99 13.30 -40.29
C PRO P 57 -1.62 12.82 -39.86
N GLU P 58 -0.94 11.99 -40.67
CA GLU P 58 0.43 11.59 -40.35
C GLU P 58 1.35 12.80 -40.26
N TYR P 59 1.04 13.86 -40.99
CA TYR P 59 1.81 15.09 -41.03
C TYR P 59 1.45 16.03 -39.88
N TRP P 60 0.16 16.28 -39.67
CA TRP P 60 -0.25 17.22 -38.64
C TRP P 60 0.15 16.71 -37.26
N ASP P 61 0.15 15.40 -37.06
CA ASP P 61 0.70 14.82 -35.83
C ASP P 61 2.12 15.32 -35.60
N GLY P 62 2.94 15.33 -36.65
CA GLY P 62 4.32 15.77 -36.56
C GLY P 62 4.48 17.21 -36.16
N GLU P 63 4.03 18.13 -37.02
CA GLU P 63 4.10 19.56 -36.73
C GLU P 63 3.41 19.94 -35.42
N THR P 64 2.55 19.08 -34.86
CA THR P 64 2.03 19.36 -33.52
C THR P 64 3.04 18.92 -32.46
N ARG P 65 3.67 17.76 -32.64
CA ARG P 65 4.69 17.31 -31.71
C ARG P 65 5.91 18.22 -31.76
N LYS P 66 6.34 18.60 -32.97
CA LYS P 66 7.54 19.43 -33.10
C LYS P 66 7.34 20.81 -32.50
N VAL P 67 6.17 21.41 -32.71
CA VAL P 67 5.96 22.78 -32.23
C VAL P 67 5.85 22.82 -30.72
N LYS P 68 5.32 21.76 -30.10
CA LYS P 68 5.36 21.69 -28.64
C LYS P 68 6.79 21.49 -28.14
N ALA P 69 7.66 20.90 -28.96
CA ALA P 69 9.08 20.86 -28.61
C ALA P 69 9.68 22.25 -28.67
N HIS P 70 9.52 22.95 -29.80
CA HIS P 70 9.91 24.36 -29.88
C HIS P 70 9.34 25.16 -28.71
N SER P 71 8.04 25.00 -28.45
CA SER P 71 7.39 25.78 -27.41
C SER P 71 8.06 25.58 -26.06
N GLN P 72 8.25 24.32 -25.65
CA GLN P 72 8.90 24.03 -24.38
C GLN P 72 10.42 24.12 -24.45
N THR P 73 11.00 24.39 -25.61
CA THR P 73 12.40 24.78 -25.64
C THR P 73 12.56 26.24 -25.29
N HIS P 74 11.84 27.12 -26.00
CA HIS P 74 11.84 28.54 -25.67
C HIS P 74 11.38 28.78 -24.24
N ARG P 75 10.48 27.92 -23.74
CA ARG P 75 10.01 28.04 -22.36
C ARG P 75 11.15 27.88 -21.37
N VAL P 76 12.00 26.89 -21.59
CA VAL P 76 13.17 26.72 -20.73
C VAL P 76 14.18 27.83 -21.02
N ASP P 77 14.28 28.22 -22.29
CA ASP P 77 15.25 29.24 -22.68
C ASP P 77 15.02 30.55 -21.94
N LEU P 78 13.75 30.93 -21.77
CA LEU P 78 13.44 32.13 -20.98
C LEU P 78 13.99 32.03 -19.57
N GLY P 79 13.75 30.90 -18.90
CA GLY P 79 14.31 30.69 -17.58
C GLY P 79 15.82 30.61 -17.56
N THR P 80 16.42 30.09 -18.64
CA THR P 80 17.86 30.05 -18.74
C THR P 80 18.46 31.44 -18.96
N LEU P 81 17.95 32.17 -19.96
CA LEU P 81 18.53 33.46 -20.31
C LEU P 81 18.30 34.49 -19.21
N ARG P 82 17.13 34.46 -18.55
CA ARG P 82 16.90 35.36 -17.42
C ARG P 82 18.02 35.22 -16.39
N GLY P 83 18.53 34.00 -16.20
CA GLY P 83 19.66 33.76 -15.33
C GLY P 83 20.99 34.15 -15.95
N TYR P 84 21.14 33.91 -17.27
CA TYR P 84 22.35 34.35 -17.97
C TYR P 84 22.59 35.83 -17.78
N TYR P 85 21.53 36.63 -17.77
CA TYR P 85 21.63 38.09 -17.69
C TYR P 85 21.34 38.62 -16.30
N ASN P 86 21.04 37.73 -15.34
CA ASN P 86 20.78 38.12 -13.94
C ASN P 86 19.61 39.09 -13.84
N GLN P 87 18.49 38.69 -14.45
CA GLN P 87 17.26 39.45 -14.42
C GLN P 87 16.30 38.80 -13.43
N SER P 88 15.36 39.59 -12.93
CA SER P 88 14.37 39.04 -12.03
C SER P 88 13.21 38.43 -12.81
N GLU P 89 12.54 37.47 -12.17
CA GLU P 89 11.36 36.83 -12.76
C GLU P 89 10.09 37.62 -12.48
N ALA P 90 10.17 38.95 -12.61
CA ALA P 90 9.02 39.85 -12.51
C ALA P 90 8.69 40.54 -13.82
N GLY P 91 9.69 40.75 -14.68
CA GLY P 91 9.46 41.39 -15.97
C GLY P 91 9.21 40.42 -17.10
N SER P 92 8.53 40.92 -18.13
CA SER P 92 8.20 40.14 -19.30
C SER P 92 9.37 40.14 -20.29
N HIS P 93 9.72 38.95 -20.79
CA HIS P 93 10.85 38.79 -21.67
C HIS P 93 10.41 38.06 -22.94
N THR P 94 11.19 38.26 -24.01
CA THR P 94 10.77 37.88 -25.36
C THR P 94 11.87 37.08 -26.04
N VAL P 95 11.53 35.88 -26.50
CA VAL P 95 12.41 35.05 -27.32
C VAL P 95 11.78 34.89 -28.69
N GLN P 96 12.56 35.13 -29.74
CA GLN P 96 12.13 34.92 -31.11
C GLN P 96 13.08 33.96 -31.82
N ARG P 97 12.57 33.34 -32.89
CA ARG P 97 13.33 32.34 -33.61
C ARG P 97 12.85 32.29 -35.06
N MET P 98 13.80 32.17 -35.98
CA MET P 98 13.49 32.24 -37.41
C MET P 98 14.43 31.31 -38.16
N TYR P 99 13.87 30.48 -39.05
CA TYR P 99 14.69 29.66 -39.92
C TYR P 99 13.90 29.30 -41.17
N GLY P 100 14.66 29.02 -42.23
CA GLY P 100 14.04 28.67 -43.50
C GLY P 100 15.11 28.44 -44.55
N CYS P 101 14.65 28.32 -45.80
CA CYS P 101 15.56 28.00 -46.90
C CYS P 101 15.06 28.64 -48.19
N ASP P 102 15.99 29.12 -49.01
CA ASP P 102 15.68 29.73 -50.28
C ASP P 102 16.20 28.87 -51.43
N VAL P 103 15.53 28.99 -52.59
CA VAL P 103 15.90 28.27 -53.80
C VAL P 103 15.88 29.22 -54.99
N GLY P 104 16.53 28.81 -56.08
CA GLY P 104 16.62 29.61 -57.28
C GLY P 104 15.41 29.46 -58.19
N SER P 105 15.57 29.92 -59.43
CA SER P 105 14.50 29.78 -60.42
C SER P 105 14.31 28.34 -60.85
N ASP P 106 15.39 27.57 -60.91
CA ASP P 106 15.38 26.14 -61.17
C ASP P 106 15.07 25.32 -59.93
N TRP P 107 14.63 25.97 -58.85
CA TRP P 107 14.26 25.34 -57.59
C TRP P 107 15.43 24.58 -56.96
N ARG P 108 16.66 24.88 -57.37
CA ARG P 108 17.86 24.35 -56.72
C ARG P 108 18.12 25.13 -55.44
N PHE P 109 18.70 24.45 -54.46
CA PHE P 109 19.05 25.10 -53.20
C PHE P 109 19.87 26.35 -53.45
N LEU P 110 19.62 27.38 -52.66
CA LEU P 110 20.28 28.68 -52.80
C LEU P 110 21.03 29.10 -51.56
N ARG P 111 20.40 29.05 -50.39
CA ARG P 111 20.98 29.49 -49.12
C ARG P 111 20.04 29.19 -47.97
N GLY P 112 20.59 28.92 -46.78
CA GLY P 112 19.79 28.66 -45.61
C GLY P 112 20.10 29.66 -44.50
N TYR P 113 19.22 29.68 -43.49
CA TYR P 113 19.44 30.53 -42.34
C TYR P 113 18.63 30.03 -41.14
N HIS P 114 19.20 30.24 -39.96
CA HIS P 114 18.58 29.96 -38.66
C HIS P 114 19.19 30.92 -37.67
N GLN P 115 18.36 31.57 -36.85
CA GLN P 115 18.89 32.59 -35.95
C GLN P 115 17.91 32.92 -34.83
N TYR P 116 18.49 33.28 -33.68
CA TYR P 116 17.83 33.41 -32.39
C TYR P 116 17.94 34.85 -31.90
N ALA P 117 17.01 35.26 -31.03
CA ALA P 117 17.02 36.61 -30.49
C ALA P 117 16.33 36.65 -29.14
N TYR P 118 16.90 37.43 -28.21
CA TYR P 118 16.34 37.62 -26.88
C TYR P 118 16.05 39.10 -26.65
N ASP P 119 14.80 39.42 -26.32
CA ASP P 119 14.39 40.76 -25.91
C ASP P 119 14.67 41.82 -26.97
N GLY P 120 14.45 41.46 -28.24
CA GLY P 120 14.52 42.42 -29.33
C GLY P 120 15.88 42.60 -29.95
N LYS P 121 16.91 41.96 -29.43
CA LYS P 121 18.27 42.09 -29.92
C LYS P 121 18.81 40.73 -30.34
N ASP P 122 19.81 40.75 -31.22
CA ASP P 122 20.45 39.53 -31.67
C ASP P 122 20.96 38.73 -30.49
N TYR P 123 20.93 37.39 -30.64
CA TYR P 123 21.53 36.55 -29.62
C TYR P 123 22.56 35.63 -30.25
N ILE P 124 22.11 34.73 -31.12
CA ILE P 124 22.98 33.83 -31.86
C ILE P 124 22.37 33.64 -33.24
N ALA P 125 23.20 33.19 -34.18
CA ALA P 125 22.76 33.09 -35.56
C ALA P 125 23.70 32.17 -36.33
N LEU P 126 23.11 31.20 -37.03
CA LEU P 126 23.90 30.35 -37.92
C LEU P 126 24.44 31.18 -39.09
N LYS P 127 25.74 31.08 -39.33
CA LYS P 127 26.38 31.82 -40.41
C LYS P 127 25.96 31.26 -41.77
N GLU P 128 26.32 31.99 -42.83
CA GLU P 128 25.87 31.64 -44.18
C GLU P 128 26.35 30.25 -44.61
N ASP P 129 27.51 29.81 -44.13
CA ASP P 129 28.03 28.49 -44.51
C ASP P 129 27.44 27.37 -43.66
N LEU P 130 26.51 27.67 -42.76
CA LEU P 130 25.78 26.66 -41.99
C LEU P 130 26.70 25.74 -41.21
N ARG P 131 27.92 26.19 -40.91
CA ARG P 131 28.90 25.37 -40.23
C ARG P 131 29.45 26.01 -38.96
N SER P 132 28.99 27.20 -38.59
CA SER P 132 29.36 27.77 -37.30
C SER P 132 28.33 28.82 -36.90
N TRP P 133 28.40 29.22 -35.64
CA TRP P 133 27.47 30.15 -35.04
C TRP P 133 28.12 31.53 -34.89
N THR P 134 27.27 32.55 -34.75
CA THR P 134 27.73 33.90 -34.47
C THR P 134 27.03 34.38 -33.20
N ALA P 135 27.80 34.45 -32.11
CA ALA P 135 27.30 34.98 -30.85
C ALA P 135 27.46 36.50 -30.83
N ALA P 136 26.40 37.20 -30.43
CA ALA P 136 26.40 38.65 -30.32
C ALA P 136 26.69 39.15 -28.92
N ASP P 137 26.77 38.27 -27.93
CA ASP P 137 26.83 38.65 -26.53
C ASP P 137 27.96 37.91 -25.84
N MET P 138 28.30 38.39 -24.63
CA MET P 138 29.11 37.58 -23.74
C MET P 138 28.37 36.33 -23.29
N ALA P 139 27.08 36.46 -22.98
CA ALA P 139 26.27 35.31 -22.59
C ALA P 139 26.07 34.36 -23.76
N ALA P 140 25.82 34.90 -24.95
CA ALA P 140 25.56 34.06 -26.12
C ALA P 140 26.73 33.14 -26.44
N GLN P 141 27.94 33.46 -25.98
CA GLN P 141 29.05 32.52 -26.09
C GLN P 141 28.74 31.23 -25.36
N THR P 142 28.12 31.33 -24.17
CA THR P 142 27.75 30.14 -23.41
C THR P 142 26.87 29.20 -24.23
N THR P 143 25.88 29.74 -24.93
CA THR P 143 25.05 28.93 -25.82
C THR P 143 25.88 28.35 -26.96
N LYS P 144 26.67 29.20 -27.63
CA LYS P 144 27.49 28.75 -28.76
C LYS P 144 28.29 27.50 -28.39
N HIS P 145 28.98 27.53 -27.25
CA HIS P 145 29.74 26.37 -26.80
C HIS P 145 28.81 25.18 -26.62
N LYS P 146 27.67 25.40 -25.94
CA LYS P 146 26.71 24.32 -25.70
C LYS P 146 26.23 23.70 -27.00
N TRP P 147 26.04 24.51 -28.05
CA TRP P 147 25.55 23.96 -29.31
C TRP P 147 26.67 23.37 -30.15
N GLU P 148 27.89 23.88 -30.05
CA GLU P 148 29.02 23.22 -30.68
C GLU P 148 29.23 21.83 -30.10
N ALA P 149 28.99 21.67 -28.79
CA ALA P 149 29.20 20.38 -28.15
C ALA P 149 28.15 19.35 -28.55
N ALA P 150 27.00 19.79 -29.04
CA ALA P 150 25.96 18.87 -29.49
C ALA P 150 25.87 18.82 -31.01
N HIS P 151 26.76 19.52 -31.71
CA HIS P 151 26.87 19.48 -33.16
C HIS P 151 25.56 19.90 -33.83
N VAL P 152 24.87 20.86 -33.20
CA VAL P 152 23.57 21.31 -33.69
C VAL P 152 23.67 21.86 -35.10
N ALA P 153 24.71 22.66 -35.38
CA ALA P 153 24.88 23.21 -36.71
C ALA P 153 24.97 22.11 -37.76
N GLU P 154 25.70 21.04 -37.44
CA GLU P 154 25.83 19.91 -38.36
C GLU P 154 24.47 19.31 -38.69
N GLN P 155 23.58 19.22 -37.71
CA GLN P 155 22.27 18.61 -37.89
C GLN P 155 21.23 19.58 -38.42
N LEU P 156 21.35 20.87 -38.07
CA LEU P 156 20.48 21.88 -38.68
C LEU P 156 20.76 22.03 -40.16
N ARG P 157 22.03 21.89 -40.56
CA ARG P 157 22.36 21.99 -41.98
C ARG P 157 21.67 20.89 -42.77
N ALA P 158 21.64 19.67 -42.21
CA ALA P 158 20.93 18.58 -42.85
C ALA P 158 19.48 18.96 -43.14
N TYR P 159 18.81 19.58 -42.17
CA TYR P 159 17.45 20.07 -42.40
C TYR P 159 17.43 21.23 -43.37
N LEU P 160 18.40 22.15 -43.25
CA LEU P 160 18.36 23.36 -44.05
C LEU P 160 18.67 23.06 -45.51
N GLU P 161 19.72 22.28 -45.75
CA GLU P 161 20.12 21.94 -47.11
C GLU P 161 19.27 20.82 -47.70
N GLY P 162 18.61 20.02 -46.86
CA GLY P 162 17.84 18.88 -47.32
C GLY P 162 16.35 18.98 -47.15
N THR P 163 15.86 18.50 -46.00
CA THR P 163 14.41 18.39 -45.75
C THR P 163 13.65 19.67 -46.09
N CYS P 164 14.27 20.84 -45.89
CA CYS P 164 13.55 22.09 -46.08
C CYS P 164 13.23 22.36 -47.55
N VAL P 165 14.20 22.14 -48.44
CA VAL P 165 13.98 22.46 -49.84
C VAL P 165 13.12 21.42 -50.53
N GLU P 166 13.13 20.18 -50.02
CA GLU P 166 12.21 19.17 -50.55
C GLU P 166 10.77 19.54 -50.26
N TRP P 167 10.45 19.80 -48.99
CA TRP P 167 9.09 20.16 -48.62
C TRP P 167 8.67 21.48 -49.23
N LEU P 168 9.61 22.38 -49.50
CA LEU P 168 9.28 23.62 -50.20
C LEU P 168 8.80 23.34 -51.62
N ARG P 169 9.50 22.45 -52.34
CA ARG P 169 9.02 22.06 -53.66
C ARG P 169 7.66 21.39 -53.56
N ARG P 170 7.53 20.44 -52.63
CA ARG P 170 6.22 19.87 -52.32
C ARG P 170 5.18 20.95 -52.11
N TYR P 171 5.51 21.95 -51.28
CA TYR P 171 4.53 22.99 -50.97
C TYR P 171 4.18 23.81 -52.21
N LEU P 172 5.21 24.21 -52.98
CA LEU P 172 4.95 24.93 -54.22
C LEU P 172 4.22 24.07 -55.23
N GLU P 173 4.56 22.78 -55.28
CA GLU P 173 3.97 21.88 -56.28
C GLU P 173 2.52 21.54 -55.94
N ASN P 174 2.19 21.43 -54.65
CA ASN P 174 0.81 21.13 -54.26
C ASN P 174 -0.11 22.34 -54.48
N GLY P 175 0.37 23.55 -54.21
CA GLY P 175 -0.47 24.73 -54.30
C GLY P 175 -0.03 25.67 -55.41
N LYS P 176 0.43 25.09 -56.52
CA LYS P 176 0.87 25.86 -57.67
C LYS P 176 -0.20 26.84 -58.16
N GLU P 177 -1.48 26.54 -57.89
CA GLU P 177 -2.54 27.53 -58.05
C GLU P 177 -2.22 28.82 -57.30
N THR P 178 -1.84 28.72 -56.03
CA THR P 178 -1.75 29.88 -55.15
C THR P 178 -0.32 30.42 -55.06
N LEU P 179 0.63 29.57 -54.64
CA LEU P 179 1.98 30.05 -54.37
C LEU P 179 2.77 30.37 -55.64
N GLN P 180 2.37 29.87 -56.79
CA GLN P 180 3.13 30.06 -58.02
C GLN P 180 2.51 31.09 -58.95
N ARG P 181 1.54 31.86 -58.49
CA ARG P 181 0.96 32.91 -59.30
C ARG P 181 1.89 34.11 -59.36
N THR P 182 1.56 35.06 -60.25
CA THR P 182 2.33 36.29 -60.40
C THR P 182 1.35 37.38 -60.84
N ASP P 183 0.81 38.10 -59.84
CA ASP P 183 -0.16 39.16 -60.08
C ASP P 183 0.56 40.49 -60.24
N ALA P 184 0.34 41.15 -61.37
CA ALA P 184 1.02 42.39 -61.70
C ALA P 184 0.31 43.59 -61.07
N PRO P 185 1.03 44.69 -60.85
CA PRO P 185 0.46 45.81 -60.10
C PRO P 185 -0.63 46.54 -60.87
N LYS P 186 -1.61 47.05 -60.13
CA LYS P 186 -2.73 47.82 -60.67
C LYS P 186 -2.40 49.30 -60.45
N THR P 187 -1.66 49.88 -61.39
CA THR P 187 -1.05 51.18 -61.19
C THR P 187 -1.95 52.31 -61.68
N HIS P 188 -1.87 53.43 -60.98
CA HIS P 188 -2.47 54.70 -61.42
C HIS P 188 -1.79 55.80 -60.63
N MET P 189 -2.06 57.04 -61.05
CA MET P 189 -1.44 58.22 -60.43
C MET P 189 -2.51 59.23 -60.08
N THR P 190 -2.49 59.70 -58.84
CA THR P 190 -3.37 60.76 -58.37
C THR P 190 -2.57 62.04 -58.13
N HIS P 191 -3.27 63.16 -58.06
CA HIS P 191 -2.65 64.48 -58.02
C HIS P 191 -3.41 65.32 -57.00
N HIS P 192 -2.74 65.68 -55.91
CA HIS P 192 -3.38 66.34 -54.78
C HIS P 192 -2.77 67.73 -54.59
N ALA P 193 -3.58 68.76 -54.84
CA ALA P 193 -3.14 70.14 -54.70
C ALA P 193 -3.08 70.52 -53.22
N VAL P 194 -1.87 70.79 -52.73
CA VAL P 194 -1.72 71.30 -51.37
C VAL P 194 -2.11 72.77 -51.32
N SER P 195 -1.35 73.60 -52.02
CA SER P 195 -1.64 75.04 -52.13
C SER P 195 -1.71 75.37 -53.62
N ASP P 196 -1.48 76.64 -53.94
CA ASP P 196 -1.31 77.03 -55.34
C ASP P 196 0.09 76.76 -55.86
N HIS P 197 1.03 76.44 -54.98
CA HIS P 197 2.45 76.36 -55.32
C HIS P 197 2.95 74.93 -55.43
N GLU P 198 2.69 74.08 -54.44
CA GLU P 198 3.14 72.70 -54.48
C GLU P 198 1.95 71.77 -54.69
N ALA P 199 2.24 70.57 -55.20
CA ALA P 199 1.22 69.56 -55.45
C ALA P 199 1.86 68.19 -55.29
N THR P 200 1.15 67.28 -54.63
CA THR P 200 1.65 65.96 -54.33
C THR P 200 1.29 64.98 -55.44
N LEU P 201 2.29 64.29 -55.98
CA LEU P 201 2.09 63.24 -56.97
C LEU P 201 2.26 61.89 -56.27
N ARG P 202 1.16 61.16 -56.13
CA ARG P 202 1.16 59.84 -55.49
C ARG P 202 1.02 58.77 -56.56
N CYS P 203 1.90 57.78 -56.53
CA CYS P 203 1.98 56.74 -57.57
C CYS P 203 1.65 55.41 -56.92
N TRP P 204 0.49 54.85 -57.27
CA TRP P 204 -0.07 53.69 -56.58
C TRP P 204 0.30 52.38 -57.27
N ALA P 205 0.33 51.31 -56.47
CA ALA P 205 0.44 49.94 -56.98
C ALA P 205 -0.41 49.06 -56.06
N LEU P 206 -1.49 48.52 -56.60
CA LEU P 206 -2.43 47.73 -55.81
C LEU P 206 -2.51 46.30 -56.31
N SER P 207 -2.75 45.39 -55.37
CA SER P 207 -3.09 44.00 -55.65
C SER P 207 -2.01 43.32 -56.51
N PHE P 208 -0.87 43.05 -55.87
CA PHE P 208 0.20 42.31 -56.51
C PHE P 208 0.78 41.29 -55.54
N TYR P 209 1.47 40.30 -56.10
CA TYR P 209 2.16 39.22 -55.41
C TYR P 209 3.27 38.69 -56.31
N PRO P 210 4.49 38.50 -55.78
CA PRO P 210 4.92 38.68 -54.39
C PRO P 210 5.07 40.14 -53.98
N ALA P 211 5.36 40.40 -52.71
CA ALA P 211 5.37 41.76 -52.19
C ALA P 211 6.62 42.53 -52.57
N GLU P 212 7.58 41.88 -53.23
CA GLU P 212 8.83 42.53 -53.62
C GLU P 212 8.58 43.40 -54.84
N ILE P 213 8.68 44.72 -54.66
CA ILE P 213 8.44 45.70 -55.72
C ILE P 213 9.44 46.83 -55.56
N THR P 214 9.57 47.64 -56.61
CA THR P 214 10.56 48.71 -56.64
C THR P 214 9.87 49.96 -57.20
N LEU P 215 9.65 50.94 -56.33
CA LEU P 215 9.08 52.22 -56.73
C LEU P 215 10.13 53.32 -56.65
N THR P 216 10.16 54.16 -57.68
CA THR P 216 11.14 55.22 -57.79
C THR P 216 10.53 56.40 -58.53
N TRP P 217 11.00 57.60 -58.17
CA TRP P 217 10.62 58.83 -58.86
C TRP P 217 11.80 59.35 -59.66
N GLN P 218 11.50 60.04 -60.76
CA GLN P 218 12.53 60.51 -61.67
C GLN P 218 12.13 61.86 -62.25
N ARG P 219 12.81 62.91 -61.81
CA ARG P 219 12.63 64.24 -62.38
C ARG P 219 13.51 64.38 -63.62
N ASP P 220 12.89 64.76 -64.74
CA ASP P 220 13.55 64.97 -66.04
C ASP P 220 14.27 63.73 -66.55
N GLY P 221 14.10 62.57 -65.91
CA GLY P 221 14.80 61.35 -66.28
C GLY P 221 15.79 60.88 -65.23
N GLU P 222 16.42 61.81 -64.52
CA GLU P 222 17.36 61.43 -63.47
C GLU P 222 16.62 61.32 -62.14
N ASP P 223 17.09 60.39 -61.31
CA ASP P 223 16.34 59.95 -60.14
C ASP P 223 16.06 61.08 -59.17
N GLN P 224 14.80 61.18 -58.75
CA GLN P 224 14.39 62.09 -57.69
C GLN P 224 14.18 61.30 -56.40
N THR P 225 14.80 61.77 -55.32
CA THR P 225 14.68 61.15 -54.02
C THR P 225 14.41 62.16 -52.92
N GLN P 226 14.59 63.45 -53.19
CA GLN P 226 14.22 64.52 -52.29
C GLN P 226 12.71 64.73 -52.34
N ASP P 227 12.16 65.19 -51.21
CA ASP P 227 10.74 65.54 -51.09
C ASP P 227 9.85 64.34 -51.39
N THR P 228 10.29 63.14 -51.04
CA THR P 228 9.55 61.93 -51.34
C THR P 228 9.08 61.22 -50.07
N GLU P 229 8.07 60.39 -50.27
CA GLU P 229 7.58 59.47 -49.25
C GLU P 229 7.36 58.13 -49.95
N LEU P 230 7.61 57.06 -49.22
CA LEU P 230 7.58 55.72 -49.79
C LEU P 230 7.16 54.78 -48.66
N VAL P 231 5.89 54.44 -48.63
CA VAL P 231 5.33 53.68 -47.52
C VAL P 231 5.76 52.22 -47.62
N GLU P 232 5.80 51.59 -46.45
CA GLU P 232 6.18 50.19 -46.34
C GLU P 232 5.14 49.32 -47.02
N THR P 233 5.60 48.34 -47.82
CA THR P 233 4.70 47.44 -48.53
C THR P 233 3.69 46.83 -47.57
N ARG P 234 2.40 46.92 -47.93
CA ARG P 234 1.39 46.57 -46.95
C ARG P 234 0.49 45.45 -47.46
N PRO P 235 0.04 44.56 -46.56
CA PRO P 235 -0.86 43.47 -46.97
C PRO P 235 -2.26 44.00 -47.20
N ALA P 236 -2.85 43.64 -48.33
CA ALA P 236 -4.23 44.01 -48.60
C ALA P 236 -5.18 43.25 -47.69
N GLY P 237 -4.97 41.94 -47.57
CA GLY P 237 -5.88 41.09 -46.82
C GLY P 237 -6.31 39.89 -47.65
N ASP P 238 -6.51 40.12 -48.94
CA ASP P 238 -6.88 39.09 -49.90
C ASP P 238 -5.67 38.31 -50.44
N GLY P 239 -4.51 38.40 -49.79
CA GLY P 239 -3.33 37.71 -50.27
C GLY P 239 -2.55 38.45 -51.34
N THR P 240 -2.88 39.70 -51.63
CA THR P 240 -2.10 40.58 -52.49
C THR P 240 -1.48 41.70 -51.64
N PHE P 241 -0.77 42.61 -52.30
CA PHE P 241 -0.04 43.66 -51.58
C PHE P 241 -0.22 45.01 -52.25
N GLN P 242 0.00 46.07 -51.46
CA GLN P 242 -0.14 47.46 -51.89
C GLN P 242 1.10 48.26 -51.48
N LYS P 243 1.40 49.28 -52.27
CA LYS P 243 2.51 50.18 -51.98
C LYS P 243 2.31 51.44 -52.82
N TRP P 244 2.63 52.59 -52.24
CA TRP P 244 2.64 53.82 -53.03
C TRP P 244 3.90 54.62 -52.71
N ALA P 245 4.16 55.61 -53.56
CA ALA P 245 5.29 56.50 -53.43
C ALA P 245 4.83 57.88 -53.82
N ALA P 246 5.13 58.87 -52.99
CA ALA P 246 4.69 60.24 -53.21
C ALA P 246 5.88 61.15 -53.47
N VAL P 247 5.59 62.28 -54.10
CA VAL P 247 6.58 63.33 -54.33
C VAL P 247 5.83 64.65 -54.39
N VAL P 248 6.36 65.65 -53.70
CA VAL P 248 5.78 66.98 -53.70
C VAL P 248 6.52 67.81 -54.74
N VAL P 249 5.77 68.49 -55.60
CA VAL P 249 6.36 69.10 -56.80
C VAL P 249 5.82 70.52 -56.95
N PRO P 250 6.60 71.39 -57.62
CA PRO P 250 6.11 72.74 -57.86
C PRO P 250 4.97 72.75 -58.85
N SER P 251 4.09 73.74 -58.72
CA SER P 251 2.97 73.88 -59.62
C SER P 251 3.45 74.10 -61.05
N GLY P 252 2.86 73.36 -61.98
CA GLY P 252 3.20 73.47 -63.38
C GLY P 252 4.26 72.51 -63.87
N GLN P 253 5.09 71.97 -62.97
CA GLN P 253 6.15 71.04 -63.34
C GLN P 253 5.74 69.58 -63.14
N GLU P 254 4.44 69.31 -63.03
CA GLU P 254 3.97 67.95 -62.75
C GLU P 254 4.50 66.95 -63.77
N GLN P 255 4.63 67.37 -65.03
CA GLN P 255 5.03 66.47 -66.10
C GLN P 255 6.51 66.11 -66.10
N ARG P 256 7.36 66.89 -65.42
CA ARG P 256 8.77 66.52 -65.35
C ARG P 256 8.99 65.21 -64.61
N TYR P 257 8.05 64.80 -63.78
CA TYR P 257 8.21 63.63 -62.91
C TYR P 257 7.59 62.40 -63.54
N THR P 258 8.29 61.28 -63.44
CA THR P 258 7.82 60.00 -63.97
C THR P 258 8.07 58.92 -62.93
N CYS P 259 7.03 58.12 -62.68
CA CYS P 259 7.11 57.02 -61.72
C CYS P 259 7.46 55.73 -62.44
N HIS P 260 8.31 54.92 -61.81
CA HIS P 260 8.80 53.68 -62.40
C HIS P 260 8.49 52.52 -61.46
N VAL P 261 7.82 51.50 -62.00
CA VAL P 261 7.41 50.32 -61.25
C VAL P 261 8.11 49.11 -61.83
N GLN P 262 8.74 48.31 -60.97
CA GLN P 262 9.37 47.06 -61.37
C GLN P 262 8.76 45.92 -60.56
N HIS P 263 8.37 44.85 -61.25
CA HIS P 263 7.73 43.72 -60.58
C HIS P 263 8.09 42.43 -61.30
N GLU P 264 8.01 41.32 -60.57
CA GLU P 264 8.18 40.00 -61.16
C GLU P 264 7.07 39.68 -62.16
N GLY P 265 5.93 40.36 -62.08
CA GLY P 265 4.83 40.21 -62.99
C GLY P 265 4.81 41.16 -64.16
N LEU P 266 5.89 41.89 -64.41
CA LEU P 266 5.90 42.88 -65.47
C LEU P 266 6.92 42.52 -66.54
N PRO P 267 6.51 42.45 -67.80
CA PRO P 267 7.46 42.23 -68.90
C PRO P 267 8.50 43.34 -68.92
N LYS P 268 8.04 44.58 -69.11
CA LYS P 268 8.89 45.74 -68.96
C LYS P 268 8.33 46.65 -67.87
N PRO P 269 9.20 47.37 -67.16
CA PRO P 269 8.72 48.24 -66.08
C PRO P 269 7.76 49.29 -66.61
N LEU P 270 6.79 49.65 -65.78
CA LEU P 270 5.82 50.67 -66.15
C LEU P 270 6.34 52.07 -65.82
N THR P 271 5.91 53.03 -66.64
CA THR P 271 6.20 54.45 -66.42
C THR P 271 4.89 55.23 -66.55
N LEU P 272 4.64 56.13 -65.61
CA LEU P 272 3.39 56.89 -65.56
C LEU P 272 3.68 58.37 -65.37
N ARG P 273 3.04 59.21 -66.18
CA ARG P 273 2.97 60.64 -65.94
C ARG P 273 1.63 61.02 -65.31
N TRP P 274 1.55 62.28 -64.89
CA TRP P 274 0.26 62.86 -64.55
C TRP P 274 -0.45 63.32 -65.80
N GLU P 275 -1.78 63.18 -65.80
CA GLU P 275 -2.58 63.49 -66.98
C GLU P 275 -3.82 64.30 -66.61
N MET Q 1 17.71 45.41 -24.00
CA MET Q 1 16.31 45.14 -24.29
C MET Q 1 15.71 46.29 -25.09
N ILE Q 2 15.38 46.01 -26.34
CA ILE Q 2 14.98 47.03 -27.30
C ILE Q 2 13.47 47.20 -27.26
N GLN Q 3 13.03 48.44 -27.38
CA GLN Q 3 11.62 48.76 -27.59
C GLN Q 3 11.55 49.71 -28.78
N ARG Q 4 10.62 49.42 -29.69
CA ARG Q 4 10.44 50.22 -30.89
C ARG Q 4 8.96 50.56 -31.02
N THR Q 5 8.68 51.80 -31.40
CA THR Q 5 7.27 52.14 -31.44
C THR Q 5 6.69 51.80 -32.82
N PRO Q 6 5.42 51.46 -32.92
CA PRO Q 6 4.90 50.88 -34.16
C PRO Q 6 4.69 51.93 -35.26
N LYS Q 7 4.29 51.43 -36.43
CA LYS Q 7 4.03 52.23 -37.62
C LYS Q 7 2.63 51.89 -38.10
N ILE Q 8 1.67 52.77 -37.81
CA ILE Q 8 0.27 52.51 -38.10
C ILE Q 8 -0.04 52.96 -39.53
N GLN Q 9 -0.61 52.04 -40.31
CA GLN Q 9 -1.16 52.36 -41.63
C GLN Q 9 -2.66 52.06 -41.63
N VAL Q 10 -3.45 53.05 -41.99
CA VAL Q 10 -4.91 52.92 -42.09
C VAL Q 10 -5.28 53.08 -43.56
N TYR Q 11 -5.96 52.08 -44.10
CA TYR Q 11 -6.22 52.03 -45.53
C TYR Q 11 -7.36 51.06 -45.80
N SER Q 12 -7.83 51.07 -47.04
CA SER Q 12 -8.85 50.14 -47.49
C SER Q 12 -8.22 49.02 -48.29
N ARG Q 13 -8.87 47.85 -48.25
CA ARG Q 13 -8.38 46.70 -49.02
C ARG Q 13 -8.57 46.92 -50.51
N HIS Q 14 -9.82 47.10 -50.95
CA HIS Q 14 -10.13 47.40 -52.32
C HIS Q 14 -10.29 48.91 -52.50
N PRO Q 15 -10.01 49.43 -53.72
CA PRO Q 15 -10.25 50.85 -53.98
C PRO Q 15 -11.62 51.32 -53.51
N ALA Q 16 -11.64 52.20 -52.52
CA ALA Q 16 -12.88 52.55 -51.84
C ALA Q 16 -13.87 53.18 -52.80
N GLU Q 17 -15.12 52.73 -52.71
CA GLU Q 17 -16.23 53.29 -53.48
C GLU Q 17 -17.45 53.34 -52.57
N ASN Q 18 -18.07 54.51 -52.48
CA ASN Q 18 -19.13 54.72 -51.51
C ASN Q 18 -20.32 53.78 -51.76
N GLY Q 19 -20.92 53.31 -50.68
CA GLY Q 19 -22.07 52.43 -50.74
C GLY Q 19 -21.77 50.96 -50.96
N LYS Q 20 -20.61 50.62 -51.51
CA LYS Q 20 -20.25 49.24 -51.78
C LYS Q 20 -19.36 48.71 -50.65
N SER Q 21 -19.60 47.45 -50.28
CA SER Q 21 -18.90 46.86 -49.14
C SER Q 21 -17.41 46.73 -49.41
N ASN Q 22 -16.62 46.98 -48.37
CA ASN Q 22 -15.17 47.03 -48.51
C ASN Q 22 -14.54 46.48 -47.24
N PHE Q 23 -13.24 46.74 -47.05
CA PHE Q 23 -12.53 46.34 -45.84
C PHE Q 23 -11.61 47.45 -45.38
N LEU Q 24 -11.65 47.74 -44.07
CA LEU Q 24 -10.80 48.75 -43.45
C LEU Q 24 -9.66 48.05 -42.73
N ASN Q 25 -8.42 48.34 -43.14
CA ASN Q 25 -7.25 47.70 -42.56
C ASN Q 25 -6.44 48.69 -41.72
N CYS Q 26 -5.89 48.19 -40.62
CA CYS Q 26 -4.91 48.89 -39.79
C CYS Q 26 -3.71 47.96 -39.65
N TYR Q 27 -2.64 48.26 -40.39
CA TYR Q 27 -1.45 47.43 -40.42
C TYR Q 27 -0.41 48.03 -39.48
N VAL Q 28 -0.16 47.34 -38.37
CA VAL Q 28 0.76 47.81 -37.34
C VAL Q 28 2.05 47.02 -37.46
N SER Q 29 3.17 47.74 -37.59
CA SER Q 29 4.43 47.10 -37.94
C SER Q 29 5.57 47.85 -37.29
N GLY Q 30 6.75 47.22 -37.29
CA GLY Q 30 7.96 47.84 -36.81
C GLY Q 30 8.10 47.92 -35.30
N PHE Q 31 7.11 47.44 -34.55
CA PHE Q 31 7.12 47.59 -33.11
C PHE Q 31 7.79 46.38 -32.43
N HIS Q 32 8.02 46.55 -31.13
CA HIS Q 32 8.58 45.55 -30.23
C HIS Q 32 8.53 46.13 -28.82
N PRO Q 33 8.08 45.39 -27.82
CA PRO Q 33 7.60 44.00 -27.84
C PRO Q 33 6.22 43.79 -28.47
N SER Q 34 5.65 42.60 -28.22
CA SER Q 34 4.48 42.14 -28.94
C SER Q 34 3.18 42.65 -28.34
N ASP Q 35 3.12 42.81 -27.03
CA ASP Q 35 1.92 43.32 -26.35
C ASP Q 35 1.48 44.66 -26.92
N ILE Q 36 0.32 44.70 -27.58
CA ILE Q 36 -0.14 45.92 -28.23
C ILE Q 36 -1.64 45.83 -28.40
N GLU Q 37 -2.33 46.95 -28.13
CA GLU Q 37 -3.76 47.10 -28.37
C GLU Q 37 -4.01 47.83 -29.69
N VAL Q 38 -4.96 47.32 -30.46
CA VAL Q 38 -5.39 47.94 -31.70
C VAL Q 38 -6.91 47.85 -31.76
N ASP Q 39 -7.59 48.99 -31.74
CA ASP Q 39 -9.03 49.07 -31.90
C ASP Q 39 -9.38 49.90 -33.14
N LEU Q 40 -10.50 49.58 -33.76
CA LEU Q 40 -10.99 50.28 -34.93
C LEU Q 40 -12.16 51.19 -34.58
N LEU Q 41 -12.23 52.34 -35.26
CA LEU Q 41 -13.14 53.42 -34.91
C LEU Q 41 -14.02 53.78 -36.09
N LYS Q 42 -15.35 53.74 -35.91
CA LYS Q 42 -16.33 54.30 -36.84
C LYS Q 42 -16.89 55.60 -36.30
N ASN Q 43 -16.60 56.70 -37.00
CA ASN Q 43 -17.12 58.03 -36.61
C ASN Q 43 -16.79 58.29 -35.13
N GLY Q 44 -17.63 57.85 -34.21
CA GLY Q 44 -17.36 58.02 -32.78
C GLY Q 44 -16.55 56.89 -32.16
N GLU Q 45 -17.23 55.93 -31.55
CA GLU Q 45 -16.58 54.86 -30.75
C GLU Q 45 -15.98 53.73 -31.59
N ARG Q 46 -15.48 52.73 -30.88
CA ARG Q 46 -14.80 51.57 -31.47
C ARG Q 46 -15.80 50.55 -31.97
N ILE Q 47 -15.35 49.79 -32.94
CA ILE Q 47 -15.96 48.63 -33.58
C ILE Q 47 -15.60 47.36 -32.80
N GLU Q 48 -16.54 46.42 -32.77
CA GLU Q 48 -16.46 45.26 -31.88
C GLU Q 48 -15.94 44.01 -32.59
N LYS Q 49 -16.52 43.65 -33.73
CA LYS Q 49 -16.12 42.46 -34.49
C LYS Q 49 -14.86 42.77 -35.33
N VAL Q 50 -13.74 42.86 -34.63
CA VAL Q 50 -12.45 43.18 -35.24
C VAL Q 50 -11.50 42.00 -35.00
N GLU Q 51 -11.12 41.32 -36.07
CA GLU Q 51 -10.16 40.23 -36.01
C GLU Q 51 -8.83 40.68 -36.58
N HIS Q 52 -7.76 40.02 -36.17
CA HIS Q 52 -6.41 40.37 -36.61
C HIS Q 52 -5.73 39.15 -37.20
N SER Q 53 -4.47 39.32 -37.59
CA SER Q 53 -3.69 38.28 -38.24
C SER Q 53 -2.91 37.50 -37.19
N ASP Q 54 -1.91 36.72 -37.61
CA ASP Q 54 -1.08 35.95 -36.70
C ASP Q 54 0.22 36.70 -36.42
N LEU Q 55 0.73 36.52 -35.21
CA LEU Q 55 1.91 37.28 -34.79
C LEU Q 55 3.13 36.78 -35.55
N SER Q 56 3.69 37.67 -36.37
CA SER Q 56 4.91 37.39 -37.12
C SER Q 56 5.83 38.60 -36.98
N PHE Q 57 7.06 38.47 -37.47
CA PHE Q 57 8.01 39.56 -37.34
C PHE Q 57 8.89 39.65 -38.57
N SER Q 58 9.47 40.82 -38.77
CA SER Q 58 10.31 41.10 -39.93
C SER Q 58 11.74 40.61 -39.69
N LYS Q 59 12.61 40.93 -40.65
CA LYS Q 59 14.00 40.49 -40.57
C LYS Q 59 14.74 41.14 -39.40
N ASP Q 60 14.34 42.35 -39.00
CA ASP Q 60 14.96 43.08 -37.91
C ASP Q 60 14.34 42.76 -36.54
N TRP Q 61 13.59 41.67 -36.44
CA TRP Q 61 12.89 41.18 -35.26
C TRP Q 61 11.70 42.04 -34.85
N SER Q 62 11.36 43.08 -35.61
CA SER Q 62 10.18 43.88 -35.31
C SER Q 62 8.91 43.15 -35.77
N PHE Q 63 7.85 43.25 -34.96
CA PHE Q 63 6.63 42.50 -35.20
C PHE Q 63 5.75 43.24 -36.20
N TYR Q 64 4.74 42.53 -36.72
CA TYR Q 64 3.70 43.14 -37.54
C TYR Q 64 2.40 42.35 -37.40
N LEU Q 65 1.32 43.07 -37.09
CA LEU Q 65 -0.02 42.53 -37.03
C LEU Q 65 -0.90 43.23 -38.08
N LEU Q 66 -2.05 42.63 -38.38
CA LEU Q 66 -3.03 43.25 -39.28
C LEU Q 66 -4.41 43.13 -38.66
N TYR Q 67 -4.96 44.26 -38.21
CA TYR Q 67 -6.33 44.33 -37.71
C TYR Q 67 -7.26 44.83 -38.81
N TYR Q 68 -8.47 44.28 -38.88
CA TYR Q 68 -9.36 44.58 -39.99
C TYR Q 68 -10.80 44.18 -39.68
N THR Q 69 -11.74 44.90 -40.30
CA THR Q 69 -13.16 44.57 -40.28
C THR Q 69 -13.80 45.10 -41.56
N GLU Q 70 -14.96 44.55 -41.92
CA GLU Q 70 -15.69 44.98 -43.11
C GLU Q 70 -16.54 46.21 -42.81
N PHE Q 71 -16.65 47.10 -43.80
CA PHE Q 71 -17.34 48.36 -43.60
C PHE Q 71 -17.76 48.95 -44.95
N THR Q 72 -18.52 50.03 -44.89
CA THR Q 72 -19.07 50.69 -46.08
C THR Q 72 -18.91 52.21 -46.00
N PRO Q 73 -18.04 52.80 -46.83
CA PRO Q 73 -17.74 54.24 -46.70
C PRO Q 73 -18.83 55.17 -47.23
N THR Q 74 -19.11 56.22 -46.46
CA THR Q 74 -20.01 57.31 -46.82
C THR Q 74 -19.21 58.60 -47.02
N GLU Q 75 -19.89 59.63 -47.53
CA GLU Q 75 -19.27 60.95 -47.61
C GLU Q 75 -19.06 61.55 -46.23
N LYS Q 76 -20.01 61.32 -45.32
CA LYS Q 76 -20.00 61.95 -44.00
C LYS Q 76 -19.52 61.02 -42.89
N ASP Q 77 -18.79 59.97 -43.24
CA ASP Q 77 -18.30 59.01 -42.26
C ASP Q 77 -16.78 59.11 -42.13
N GLU Q 78 -16.28 58.80 -40.93
CA GLU Q 78 -14.86 58.96 -40.62
C GLU Q 78 -14.40 57.76 -39.81
N TYR Q 79 -13.43 57.02 -40.34
CA TYR Q 79 -12.88 55.85 -39.69
C TYR Q 79 -11.44 56.09 -39.27
N ALA Q 80 -11.01 55.39 -38.23
CA ALA Q 80 -9.68 55.60 -37.66
C ALA Q 80 -9.25 54.34 -36.93
N CYS Q 81 -7.93 54.25 -36.69
CA CYS Q 81 -7.34 53.14 -35.96
C CYS Q 81 -6.65 53.64 -34.71
N ARG Q 82 -7.02 53.06 -33.56
CA ARG Q 82 -6.46 53.42 -32.27
C ARG Q 82 -5.50 52.33 -31.82
N VAL Q 83 -4.27 52.74 -31.49
CA VAL Q 83 -3.21 51.81 -31.11
C VAL Q 83 -2.61 52.31 -29.81
N ASN Q 84 -2.48 51.40 -28.84
CA ASN Q 84 -1.74 51.66 -27.61
C ASN Q 84 -0.68 50.58 -27.46
N HIS Q 85 0.54 51.01 -27.16
CA HIS Q 85 1.69 50.13 -27.00
C HIS Q 85 2.31 50.39 -25.64
N VAL Q 86 3.35 49.61 -25.30
CA VAL Q 86 4.08 49.88 -24.07
C VAL Q 86 5.00 51.08 -24.24
N THR Q 87 5.36 51.43 -25.47
CA THR Q 87 6.18 52.59 -25.78
C THR Q 87 5.36 53.87 -25.95
N LEU Q 88 4.04 53.79 -25.85
CA LEU Q 88 3.16 54.94 -26.00
C LEU Q 88 2.61 55.37 -24.66
N SER Q 89 2.86 56.63 -24.28
CA SER Q 89 2.19 57.21 -23.13
C SER Q 89 0.73 57.49 -23.45
N GLN Q 90 0.47 58.18 -24.57
CA GLN Q 90 -0.87 58.45 -25.07
C GLN Q 90 -1.10 57.69 -26.37
N PRO Q 91 -2.21 56.96 -26.48
CA PRO Q 91 -2.47 56.17 -27.70
C PRO Q 91 -2.57 57.03 -28.95
N LYS Q 92 -1.84 56.64 -29.99
CA LYS Q 92 -1.92 57.34 -31.27
C LYS Q 92 -3.10 56.85 -32.08
N ILE Q 93 -3.79 57.77 -32.75
CA ILE Q 93 -4.99 57.47 -33.53
C ILE Q 93 -4.78 58.06 -34.91
N VAL Q 94 -4.55 57.21 -35.91
CA VAL Q 94 -4.49 57.64 -37.29
C VAL Q 94 -5.87 57.43 -37.92
N LYS Q 95 -6.39 58.49 -38.54
CA LYS Q 95 -7.69 58.44 -39.19
C LYS Q 95 -7.53 57.96 -40.63
N TRP Q 96 -8.62 57.50 -41.22
CA TRP Q 96 -8.58 56.92 -42.55
C TRP Q 96 -8.69 58.01 -43.59
N ASP Q 97 -7.69 58.11 -44.45
CA ASP Q 97 -7.69 59.14 -45.52
C ASP Q 97 -7.71 58.43 -46.86
N ARG Q 98 -8.83 58.47 -47.56
CA ARG Q 98 -9.15 57.74 -48.82
C ARG Q 98 -8.08 57.67 -49.89
N ASP Q 99 -7.21 58.69 -50.00
CA ASP Q 99 -6.12 58.76 -50.99
C ASP Q 99 -4.82 58.28 -50.34
N MET Q 100 -4.92 57.69 -49.16
CA MET Q 100 -3.76 57.14 -48.42
C MET Q 100 -4.09 55.72 -47.97
N HIS R 1 6.87 21.21 -43.26
CA HIS R 1 7.71 20.40 -42.38
C HIS R 1 8.84 21.21 -41.77
N MET R 2 8.62 21.80 -40.59
CA MET R 2 9.68 22.56 -39.98
C MET R 2 10.69 21.60 -39.37
N THR R 3 11.79 22.12 -38.83
CA THR R 3 12.83 21.24 -38.36
C THR R 3 12.46 20.56 -37.06
N GLU R 4 13.29 19.60 -36.69
CA GLU R 4 13.18 18.88 -35.43
C GLU R 4 14.38 19.17 -34.53
N VAL R 5 15.35 19.93 -35.02
CA VAL R 5 16.63 20.15 -34.34
C VAL R 5 16.50 21.43 -33.54
N VAL R 6 16.08 21.31 -32.29
CA VAL R 6 16.04 22.42 -31.33
C VAL R 6 16.73 21.98 -30.05
N ARG R 7 17.48 22.89 -29.44
CA ARG R 7 18.19 22.58 -28.22
C ARG R 7 18.06 23.72 -27.22
N HIS R 8 18.47 23.44 -25.98
CA HIS R 8 18.35 24.39 -24.88
C HIS R 8 19.36 25.51 -25.08
N CYS R 9 19.46 26.40 -24.08
CA CYS R 9 20.42 27.49 -24.12
C CYS R 9 21.42 27.43 -22.98
N ALA S 3 32.14 13.61 -8.19
CA ALA S 3 32.55 12.31 -7.68
C ALA S 3 31.47 11.68 -6.80
N GLY S 4 30.34 11.33 -7.42
CA GLY S 4 29.26 10.62 -6.76
C GLY S 4 27.95 11.37 -6.72
N VAL S 5 26.84 10.65 -6.88
CA VAL S 5 25.49 11.20 -6.82
C VAL S 5 24.79 10.60 -5.61
N ALA S 6 24.34 11.47 -4.70
CA ALA S 6 23.86 11.05 -3.38
C ALA S 6 22.35 10.89 -3.37
N GLN S 7 21.88 9.85 -2.69
CA GLN S 7 20.47 9.50 -2.58
C GLN S 7 20.17 9.00 -1.18
N SER S 8 19.06 9.46 -0.61
CA SER S 8 18.69 9.10 0.76
C SER S 8 17.20 8.74 0.78
N PRO S 9 16.82 7.62 1.40
CA PRO S 9 17.65 6.57 2.02
C PRO S 9 17.86 5.37 1.10
N ARG S 10 18.83 4.51 1.44
CA ARG S 10 19.02 3.26 0.71
C ARG S 10 17.71 2.48 0.60
N TYR S 11 17.06 2.25 1.74
CA TYR S 11 15.82 1.49 1.82
C TYR S 11 14.89 2.19 2.81
N LYS S 12 13.59 2.16 2.52
CA LYS S 12 12.58 2.80 3.37
C LYS S 12 11.27 2.05 3.24
N ILE S 13 10.71 1.63 4.37
CA ILE S 13 9.41 0.99 4.42
C ILE S 13 8.38 1.98 4.93
N ILE S 14 7.23 2.05 4.26
CA ILE S 14 6.12 2.89 4.70
C ILE S 14 4.82 2.12 4.50
N GLU S 15 3.83 2.45 5.34
CA GLU S 15 2.51 1.86 5.29
C GLU S 15 1.70 2.49 4.14
N LYS S 16 0.55 1.87 3.86
CA LYS S 16 -0.35 2.43 2.84
C LYS S 16 -0.85 3.81 3.25
N ARG S 17 -1.11 4.65 2.26
CA ARG S 17 -1.65 5.99 2.42
C ARG S 17 -0.75 6.90 3.24
N GLN S 18 0.46 6.43 3.57
CA GLN S 18 1.39 7.18 4.39
C GLN S 18 2.13 8.21 3.52
N SER S 19 3.06 8.93 4.11
CA SER S 19 3.89 9.87 3.37
C SER S 19 5.32 9.36 3.33
N VAL S 20 6.04 9.74 2.28
CA VAL S 20 7.45 9.39 2.13
C VAL S 20 8.08 10.39 1.17
N ALA S 21 9.31 10.78 1.48
CA ALA S 21 10.03 11.78 0.70
C ALA S 21 11.47 11.35 0.52
N PHE S 22 11.96 11.44 -0.72
CA PHE S 22 13.34 11.09 -1.05
C PHE S 22 14.13 12.35 -1.38
N TRP S 23 15.33 12.44 -0.83
CA TRP S 23 16.22 13.56 -1.09
C TRP S 23 17.35 13.10 -2.00
N CYS S 24 17.79 13.98 -2.88
CA CYS S 24 18.88 13.70 -3.81
C CYS S 24 19.74 14.94 -4.00
N ASN S 25 21.05 14.74 -3.98
CA ASN S 25 22.00 15.81 -4.27
C ASN S 25 22.79 15.43 -5.51
N PRO S 26 22.80 16.27 -6.57
CA PRO S 26 23.41 15.84 -7.84
C PRO S 26 24.90 16.13 -7.92
N ILE S 27 25.50 15.87 -9.09
CA ILE S 27 26.88 16.21 -9.32
C ILE S 27 27.02 17.74 -9.32
N SER S 28 28.04 18.23 -8.61
CA SER S 28 28.29 19.67 -8.53
C SER S 28 28.43 20.29 -9.92
N GLY S 29 27.57 21.25 -10.23
CA GLY S 29 27.65 21.99 -11.47
C GLY S 29 26.78 21.47 -12.59
N HIS S 30 26.01 20.41 -12.36
CA HIS S 30 25.15 19.85 -13.38
C HIS S 30 23.86 20.67 -13.45
N ALA S 31 23.53 21.15 -14.66
CA ALA S 31 22.36 22.00 -14.82
C ALA S 31 21.07 21.18 -14.83
N THR S 32 21.14 19.92 -15.25
CA THR S 32 19.97 19.08 -15.47
C THR S 32 19.88 17.99 -14.41
N LEU S 33 18.72 17.87 -13.78
CA LEU S 33 18.46 16.83 -12.79
C LEU S 33 17.25 16.01 -13.22
N TYR S 34 17.35 14.69 -13.05
CA TYR S 34 16.28 13.76 -13.41
C TYR S 34 15.87 12.94 -12.20
N TRP S 35 14.57 12.71 -12.06
CA TRP S 35 14.02 11.67 -11.20
C TRP S 35 13.47 10.55 -12.08
N TYR S 36 13.80 9.30 -11.75
CA TYR S 36 13.34 8.15 -12.49
C TYR S 36 12.73 7.12 -11.54
N GLN S 37 11.67 6.45 -12.00
CA GLN S 37 11.09 5.31 -11.31
C GLN S 37 11.39 4.03 -12.08
N GLN S 38 11.79 2.97 -11.36
CA GLN S 38 12.20 1.73 -12.00
C GLN S 38 11.60 0.54 -11.26
N ILE S 39 10.72 -0.21 -11.94
CA ILE S 39 9.98 -1.32 -11.35
C ILE S 39 10.65 -2.66 -11.66
N LEU S 40 10.65 -3.55 -10.66
CA LEU S 40 11.15 -4.93 -10.71
C LEU S 40 12.31 -5.16 -11.68
N GLY S 41 12.02 -5.42 -12.94
CA GLY S 41 13.02 -5.80 -13.92
C GLY S 41 13.18 -4.82 -15.05
N GLN S 42 12.18 -3.95 -15.20
CA GLN S 42 12.09 -3.05 -16.34
C GLN S 42 13.15 -1.96 -16.28
N GLY S 43 13.13 -1.10 -17.28
CA GLY S 43 14.00 0.05 -17.36
C GLY S 43 13.46 1.31 -16.71
N PRO S 44 14.28 2.37 -16.71
CA PRO S 44 13.85 3.64 -16.11
C PRO S 44 12.76 4.34 -16.92
N LYS S 45 11.73 4.79 -16.20
CA LYS S 45 10.70 5.68 -16.73
C LYS S 45 10.89 7.02 -16.05
N LEU S 46 10.93 8.10 -16.83
CA LEU S 46 11.18 9.39 -16.22
C LEU S 46 9.96 9.80 -15.40
N LEU S 47 10.21 10.43 -14.25
CA LEU S 47 9.14 10.99 -13.45
C LEU S 47 9.03 12.49 -13.73
N ILE S 48 10.02 13.25 -13.26
CA ILE S 48 10.10 14.67 -13.54
C ILE S 48 11.56 15.00 -13.86
N GLN S 49 11.77 16.04 -14.67
CA GLN S 49 13.11 16.45 -15.08
C GLN S 49 13.25 17.95 -14.91
N PHE S 50 14.28 18.37 -14.19
CA PHE S 50 14.56 19.78 -13.96
C PHE S 50 15.73 20.26 -14.82
N GLN S 51 15.70 21.56 -15.16
CA GLN S 51 16.85 22.27 -15.69
C GLN S 51 17.07 23.49 -14.79
N ASN S 52 18.17 23.48 -14.04
CA ASN S 52 18.46 24.51 -13.04
C ASN S 52 17.31 24.44 -12.01
N ASN S 53 16.76 25.58 -11.61
CA ASN S 53 15.66 25.63 -10.65
C ASN S 53 14.29 25.49 -11.31
N GLY S 54 14.25 25.11 -12.59
CA GLY S 54 12.99 25.03 -13.31
C GLY S 54 12.67 23.64 -13.85
N VAL S 55 11.40 23.43 -14.22
CA VAL S 55 10.89 22.12 -14.60
C VAL S 55 10.87 22.01 -16.12
N VAL S 56 11.48 20.95 -16.65
CA VAL S 56 11.46 20.69 -18.08
C VAL S 56 10.24 19.82 -18.43
N ASP S 57 10.17 18.64 -17.83
CA ASP S 57 9.13 17.66 -18.15
C ASP S 57 8.61 17.03 -16.87
N ASP S 58 7.29 17.13 -16.67
CA ASP S 58 6.62 16.37 -15.63
C ASP S 58 5.29 15.83 -16.15
N SER S 59 5.10 15.79 -17.48
CA SER S 59 3.95 15.12 -18.05
C SER S 59 3.89 13.64 -17.69
N GLN S 60 5.02 13.06 -17.31
CA GLN S 60 5.06 11.68 -16.87
C GLN S 60 4.76 11.53 -15.38
N LEU S 61 4.63 12.64 -14.65
CA LEU S 61 4.54 12.60 -13.21
C LEU S 61 3.07 12.53 -12.80
N PRO S 62 2.59 11.40 -12.28
CA PRO S 62 1.20 11.34 -11.83
C PRO S 62 0.99 12.18 -10.58
N LYS S 63 0.44 13.39 -10.73
CA LYS S 63 0.26 14.28 -9.59
C LYS S 63 -0.88 13.85 -8.68
N ASP S 64 -1.48 12.67 -8.92
CA ASP S 64 -2.42 12.11 -7.96
C ASP S 64 -1.83 12.09 -6.55
N ARG S 65 -0.54 11.76 -6.46
CA ARG S 65 0.15 11.55 -5.19
C ARG S 65 1.52 12.19 -5.23
N PHE S 66 2.23 12.05 -6.34
CA PHE S 66 3.62 12.48 -6.43
C PHE S 66 3.75 14.00 -6.55
N SER S 67 4.86 14.50 -6.04
CA SER S 67 5.24 15.90 -6.13
C SER S 67 6.76 15.98 -5.97
N ALA S 68 7.36 16.97 -6.61
CA ALA S 68 8.82 17.08 -6.60
C ALA S 68 9.22 18.52 -6.93
N GLU S 69 10.30 18.98 -6.31
CA GLU S 69 10.79 20.33 -6.56
C GLU S 69 12.29 20.43 -6.28
N ARG S 70 12.95 21.30 -7.05
CA ARG S 70 14.37 21.57 -6.89
C ARG S 70 14.65 22.89 -6.20
N LEU S 71 13.66 23.77 -6.09
CA LEU S 71 13.76 25.01 -5.30
C LEU S 71 15.00 25.83 -5.63
N LYS S 72 16.11 25.49 -4.99
CA LYS S 72 17.35 26.25 -5.07
C LYS S 72 18.19 25.90 -6.30
N GLY S 73 17.86 24.82 -7.01
CA GLY S 73 18.58 24.41 -8.19
C GLY S 73 19.75 23.49 -7.99
N VAL S 74 19.88 22.86 -6.84
CA VAL S 74 20.94 21.89 -6.60
C VAL S 74 20.59 20.47 -6.17
N ASP S 75 20.19 20.32 -4.91
CA ASP S 75 19.46 19.16 -4.44
C ASP S 75 17.96 19.31 -4.69
N SER S 76 17.27 18.18 -4.73
CA SER S 76 15.83 18.17 -4.95
C SER S 76 15.20 17.07 -4.10
N THR S 77 13.90 17.20 -3.90
CA THR S 77 13.15 16.27 -3.05
C THR S 77 11.92 15.77 -3.80
N LEU S 78 11.55 14.52 -3.53
CA LEU S 78 10.43 13.87 -4.19
C LEU S 78 9.51 13.28 -3.13
N LYS S 79 8.27 13.78 -3.07
CA LYS S 79 7.30 13.34 -2.07
C LYS S 79 6.18 12.52 -2.72
N ILE S 80 5.52 11.71 -1.88
CA ILE S 80 4.36 10.91 -2.28
C ILE S 80 3.30 11.12 -1.21
N GLN S 81 2.27 11.91 -1.52
CA GLN S 81 1.13 12.08 -0.61
C GLN S 81 -0.17 11.69 -1.30
N PRO S 82 -0.80 10.56 -0.97
CA PRO S 82 -0.30 9.49 -0.10
C PRO S 82 0.21 8.34 -0.96
N ALA S 83 0.90 7.35 -0.40
CA ALA S 83 1.50 6.30 -1.21
C ALA S 83 0.55 5.12 -1.38
N LYS S 84 0.32 4.74 -2.64
CA LYS S 84 -0.42 3.54 -2.98
C LYS S 84 0.52 2.33 -3.05
N LEU S 85 -0.09 1.14 -3.03
CA LEU S 85 0.69 -0.09 -3.04
C LEU S 85 1.43 -0.31 -4.35
N GLU S 86 0.94 0.27 -5.45
CA GLU S 86 1.61 0.14 -6.74
C GLU S 86 2.90 0.94 -6.82
N ASP S 87 3.31 1.60 -5.74
CA ASP S 87 4.45 2.49 -5.73
C ASP S 87 5.76 1.80 -5.38
N SER S 88 5.71 0.55 -4.89
CA SER S 88 6.92 -0.18 -4.58
C SER S 88 7.82 -0.25 -5.81
N ALA S 89 9.02 0.32 -5.71
CA ALA S 89 9.91 0.45 -6.85
C ALA S 89 11.27 0.96 -6.38
N VAL S 90 12.18 1.10 -7.34
CA VAL S 90 13.44 1.81 -7.17
C VAL S 90 13.23 3.25 -7.64
N TYR S 91 13.79 4.20 -6.89
CA TYR S 91 13.69 5.61 -7.26
C TYR S 91 15.09 6.14 -7.51
N LEU S 92 15.36 6.51 -8.75
CA LEU S 92 16.68 6.92 -9.21
C LEU S 92 16.75 8.43 -9.38
N CYS S 93 17.85 9.01 -8.92
CA CYS S 93 18.21 10.39 -9.21
C CYS S 93 19.38 10.41 -10.18
N ALA S 94 19.34 11.33 -11.13
CA ALA S 94 20.41 11.42 -12.11
C ALA S 94 20.62 12.87 -12.49
N SER S 95 21.88 13.20 -12.81
CA SER S 95 22.26 14.54 -13.19
C SER S 95 23.10 14.49 -14.46
N SER S 96 22.96 15.49 -15.30
CA SER S 96 23.76 15.43 -16.53
C SER S 96 24.13 16.84 -16.95
N LEU S 97 25.09 16.95 -17.85
CA LEU S 97 25.48 18.27 -18.41
C LEU S 97 24.60 18.52 -19.63
N ASP S 98 24.74 19.66 -20.31
CA ASP S 98 23.86 19.83 -21.48
C ASP S 98 24.23 18.84 -22.57
N PRO S 99 23.25 18.36 -23.34
CA PRO S 99 23.43 17.38 -24.35
C PRO S 99 24.54 17.57 -25.36
N GLY S 100 24.94 16.48 -25.96
CA GLY S 100 26.08 16.50 -26.87
C GLY S 100 27.09 15.42 -26.53
N ASP S 101 28.35 15.72 -26.86
CA ASP S 101 29.45 14.79 -26.63
C ASP S 101 29.70 14.53 -25.15
N THR S 102 29.19 15.39 -24.27
CA THR S 102 29.35 15.23 -22.83
C THR S 102 28.00 15.13 -22.14
N GLY S 103 27.05 14.45 -22.76
CA GLY S 103 25.72 14.34 -22.23
C GLY S 103 25.43 13.13 -21.38
N GLU S 104 26.45 12.41 -20.95
CA GLU S 104 26.28 11.24 -20.10
C GLU S 104 25.51 11.58 -18.82
N LEU S 105 24.73 10.62 -18.35
CA LEU S 105 23.95 10.75 -17.12
C LEU S 105 24.70 10.12 -15.95
N PHE S 106 24.48 10.67 -14.76
CA PHE S 106 25.17 10.22 -13.55
C PHE S 106 24.13 9.80 -12.53
N PHE S 107 24.06 8.51 -12.24
CA PHE S 107 23.00 7.95 -11.41
C PHE S 107 23.48 7.69 -9.99
N GLY S 108 22.56 7.83 -9.04
CA GLY S 108 22.83 7.44 -7.68
C GLY S 108 22.55 5.96 -7.45
N GLU S 109 22.89 5.49 -6.25
CA GLU S 109 22.67 4.08 -5.92
C GLU S 109 21.19 3.72 -5.81
N GLY S 110 20.29 4.68 -5.77
CA GLY S 110 18.89 4.31 -5.76
C GLY S 110 18.30 4.27 -4.37
N SER S 111 17.00 4.48 -4.29
CA SER S 111 16.27 4.56 -3.03
C SER S 111 15.11 3.57 -3.10
N ARG S 112 15.26 2.42 -2.43
CA ARG S 112 14.32 1.31 -2.58
C ARG S 112 13.14 1.55 -1.63
N LEU S 113 11.99 1.90 -2.20
CA LEU S 113 10.76 2.07 -1.44
C LEU S 113 9.94 0.79 -1.55
N THR S 114 9.41 0.32 -0.42
CA THR S 114 8.52 -0.83 -0.39
C THR S 114 7.31 -0.47 0.45
N VAL S 115 6.13 -0.48 -0.17
CA VAL S 115 4.89 -0.09 0.47
C VAL S 115 4.12 -1.35 0.81
N LEU S 116 3.69 -1.47 2.06
CA LEU S 116 3.06 -2.69 2.53
C LEU S 116 1.63 -2.42 2.98
N GLU S 117 0.81 -3.46 2.86
CA GLU S 117 -0.55 -3.42 3.42
C GLU S 117 -0.49 -3.04 4.89
N ASP S 118 0.15 -3.88 5.71
CA ASP S 118 0.45 -3.55 7.08
C ASP S 118 1.79 -4.17 7.47
N LEU S 119 2.43 -3.53 8.43
CA LEU S 119 3.75 -3.79 8.99
C LEU S 119 3.79 -5.04 9.85
N LYS S 120 2.70 -5.80 9.90
CA LYS S 120 2.65 -7.00 10.73
C LYS S 120 3.71 -8.01 10.32
N ASN S 121 4.14 -7.98 9.05
CA ASN S 121 4.99 -9.02 8.51
C ASN S 121 6.47 -8.67 8.52
N VAL S 122 6.84 -7.41 8.77
CA VAL S 122 8.24 -7.02 8.71
C VAL S 122 8.99 -7.77 9.81
N PHE S 123 9.77 -8.78 9.41
CA PHE S 123 10.54 -9.52 10.39
C PHE S 123 11.97 -9.69 9.92
N PRO S 124 12.94 -9.54 10.83
CA PRO S 124 14.35 -9.51 10.42
C PRO S 124 14.83 -10.91 10.09
N PRO S 125 15.97 -11.03 9.42
CA PRO S 125 16.46 -12.36 9.04
C PRO S 125 17.06 -13.07 10.23
N GLU S 126 17.19 -14.39 10.09
CA GLU S 126 18.00 -15.19 10.98
C GLU S 126 19.18 -15.72 10.18
N VAL S 127 20.37 -15.61 10.75
CA VAL S 127 21.60 -15.97 10.06
C VAL S 127 22.29 -17.07 10.84
N ALA S 128 22.88 -18.02 10.11
CA ALA S 128 23.70 -19.07 10.69
C ALA S 128 24.55 -19.63 9.56
N VAL S 129 25.80 -19.95 9.87
CA VAL S 129 26.71 -20.47 8.87
C VAL S 129 26.95 -21.93 9.17
N PHE S 130 27.31 -22.67 8.13
CA PHE S 130 27.53 -24.11 8.22
C PHE S 130 28.93 -24.38 7.73
N GLU S 131 29.74 -25.02 8.58
CA GLU S 131 31.15 -25.16 8.28
C GLU S 131 31.34 -26.13 7.12
N PRO S 132 32.47 -26.07 6.43
CA PRO S 132 32.61 -26.83 5.19
C PRO S 132 32.47 -28.33 5.46
N SER S 133 32.05 -29.05 4.42
CA SER S 133 32.01 -30.50 4.54
C SER S 133 33.44 -30.99 4.62
N GLU S 134 33.73 -31.79 5.64
CA GLU S 134 35.06 -32.39 5.73
C GLU S 134 35.31 -33.39 4.62
N ALA S 135 34.27 -33.77 3.88
CA ALA S 135 34.45 -34.66 2.74
C ALA S 135 34.97 -33.92 1.51
N GLU S 136 34.74 -32.61 1.41
CA GLU S 136 35.26 -31.85 0.28
C GLU S 136 36.72 -31.46 0.51
N ILE S 137 37.05 -31.00 1.72
CA ILE S 137 38.40 -30.47 1.96
C ILE S 137 39.45 -31.53 1.67
N SER S 138 39.06 -32.81 1.77
CA SER S 138 39.97 -33.92 1.48
C SER S 138 39.87 -34.39 0.03
N HIS S 139 38.74 -34.16 -0.64
CA HIS S 139 38.65 -34.45 -2.07
C HIS S 139 39.32 -33.36 -2.88
N THR S 140 38.81 -32.13 -2.79
CA THR S 140 39.49 -30.99 -3.37
C THR S 140 40.56 -30.50 -2.42
N GLN S 141 41.07 -29.30 -2.64
CA GLN S 141 41.92 -28.61 -1.68
C GLN S 141 41.31 -27.27 -1.28
N LYS S 142 39.99 -27.20 -1.32
CA LYS S 142 39.24 -26.01 -1.00
C LYS S 142 38.17 -26.33 0.02
N ALA S 143 37.63 -25.28 0.63
CA ALA S 143 36.65 -25.38 1.70
C ALA S 143 35.58 -24.34 1.46
N THR S 144 34.34 -24.77 1.26
CA THR S 144 33.25 -23.88 0.94
C THR S 144 32.38 -23.70 2.17
N LEU S 145 32.20 -22.45 2.58
CA LEU S 145 31.27 -22.10 3.63
C LEU S 145 29.96 -21.66 2.99
N VAL S 146 28.87 -21.84 3.71
CA VAL S 146 27.55 -21.43 3.23
C VAL S 146 26.84 -20.69 4.35
N CYS S 147 26.20 -19.58 3.99
CA CYS S 147 25.48 -18.74 4.93
C CYS S 147 24.01 -18.73 4.54
N LEU S 148 23.13 -18.73 5.54
CA LEU S 148 21.69 -18.81 5.32
C LEU S 148 21.01 -17.65 6.03
N ALA S 149 20.31 -16.83 5.25
CA ALA S 149 19.48 -15.75 5.78
C ALA S 149 18.02 -16.18 5.60
N THR S 150 17.41 -16.66 6.67
CA THR S 150 16.11 -17.32 6.61
C THR S 150 15.04 -16.45 7.26
N GLY S 151 13.83 -16.52 6.72
CA GLY S 151 12.66 -15.95 7.36
C GLY S 151 12.72 -14.45 7.59
N PHE S 152 12.81 -13.67 6.51
CA PHE S 152 12.84 -12.22 6.60
C PHE S 152 11.85 -11.62 5.62
N TYR S 153 11.42 -10.39 5.93
CA TYR S 153 10.47 -9.68 5.07
C TYR S 153 10.50 -8.20 5.37
N PRO S 154 10.54 -7.32 4.36
CA PRO S 154 10.60 -7.57 2.91
C PRO S 154 11.99 -7.96 2.43
N ASP S 155 12.23 -7.88 1.13
CA ASP S 155 13.53 -8.20 0.54
C ASP S 155 14.43 -6.96 0.62
N HIS S 156 14.86 -6.67 1.84
CA HIS S 156 15.79 -5.58 2.14
C HIS S 156 16.99 -6.19 2.85
N VAL S 157 17.87 -6.83 2.08
CA VAL S 157 19.02 -7.52 2.66
C VAL S 157 20.27 -7.25 1.82
N GLU S 158 21.36 -6.92 2.50
CA GLU S 158 22.70 -6.89 1.93
C GLU S 158 23.54 -7.90 2.69
N LEU S 159 24.12 -8.85 1.99
CA LEU S 159 24.94 -9.88 2.62
C LEU S 159 26.41 -9.65 2.27
N SER S 160 27.27 -9.78 3.27
CA SER S 160 28.70 -9.53 3.11
C SER S 160 29.48 -10.60 3.86
N TRP S 161 30.72 -10.81 3.43
CA TRP S 161 31.61 -11.77 4.06
C TRP S 161 32.83 -11.05 4.64
N TRP S 162 33.23 -11.44 5.84
CA TRP S 162 34.34 -10.78 6.53
C TRP S 162 35.34 -11.85 6.99
N VAL S 163 36.53 -11.82 6.40
CA VAL S 163 37.60 -12.74 6.76
C VAL S 163 38.54 -12.02 7.72
N ASN S 164 38.60 -12.51 8.96
CA ASN S 164 39.51 -11.99 9.98
C ASN S 164 39.32 -10.49 10.19
N GLY S 165 38.07 -10.03 10.13
CA GLY S 165 37.71 -8.67 10.49
C GLY S 165 37.70 -7.69 9.34
N LYS S 166 38.36 -7.99 8.24
CA LYS S 166 38.39 -7.10 7.08
C LYS S 166 37.60 -7.76 5.96
N GLU S 167 36.79 -6.98 5.25
CA GLU S 167 35.93 -7.55 4.22
C GLU S 167 36.73 -8.13 3.07
N VAL S 168 36.16 -9.16 2.45
CA VAL S 168 36.76 -9.89 1.34
C VAL S 168 35.72 -10.00 0.23
N HIS S 169 36.18 -10.10 -1.00
CA HIS S 169 35.27 -10.29 -2.13
C HIS S 169 35.63 -11.49 -2.98
N SER S 170 36.91 -11.77 -3.17
CA SER S 170 37.31 -12.90 -4.01
C SER S 170 36.84 -14.22 -3.42
N GLY S 171 36.19 -15.02 -4.26
CA GLY S 171 35.66 -16.30 -3.80
C GLY S 171 34.31 -16.25 -3.13
N VAL S 172 33.50 -15.23 -3.41
CA VAL S 172 32.19 -15.07 -2.80
C VAL S 172 31.12 -15.09 -3.88
N CYS S 173 30.07 -15.87 -3.64
CA CYS S 173 28.80 -15.73 -4.34
C CYS S 173 27.68 -15.45 -3.35
N THR S 174 26.75 -14.60 -3.75
CA THR S 174 25.47 -14.45 -3.08
C THR S 174 24.37 -14.64 -4.11
N ASP S 175 23.26 -15.23 -3.66
CA ASP S 175 22.16 -15.50 -4.58
C ASP S 175 21.66 -14.19 -5.18
N PRO S 176 21.56 -14.08 -6.51
CA PRO S 176 21.00 -12.87 -7.10
C PRO S 176 19.58 -12.60 -6.65
N GLN S 177 18.83 -13.64 -6.26
CA GLN S 177 17.44 -13.48 -5.89
C GLN S 177 17.09 -14.35 -4.70
N PRO S 178 16.22 -13.86 -3.81
CA PRO S 178 15.71 -14.70 -2.73
C PRO S 178 14.54 -15.55 -3.18
N LEU S 179 14.29 -16.62 -2.43
CA LEU S 179 13.08 -17.41 -2.57
C LEU S 179 12.24 -17.30 -1.31
N LYS S 180 10.93 -17.35 -1.46
CA LYS S 180 10.05 -17.30 -0.30
C LYS S 180 9.93 -18.67 0.34
N GLU S 181 9.49 -18.68 1.60
CA GLU S 181 9.37 -19.91 2.37
C GLU S 181 8.03 -20.62 2.14
N GLN S 182 6.97 -19.87 1.85
CA GLN S 182 5.67 -20.41 1.43
C GLN S 182 5.19 -19.62 0.23
N PRO S 183 5.61 -20.00 -0.99
CA PRO S 183 5.37 -19.16 -2.16
C PRO S 183 3.89 -18.84 -2.39
N ALA S 184 3.01 -19.61 -1.76
CA ALA S 184 1.58 -19.39 -1.87
C ALA S 184 1.09 -18.33 -0.89
N LEU S 185 1.75 -18.16 0.25
CA LEU S 185 1.46 -17.00 1.07
C LEU S 185 1.80 -15.75 0.26
N ASN S 186 1.00 -14.69 0.42
CA ASN S 186 1.25 -13.50 -0.37
C ASN S 186 2.35 -12.66 0.27
N ASP S 187 2.18 -12.35 1.55
CA ASP S 187 3.17 -11.62 2.33
C ASP S 187 4.18 -12.59 2.93
N SER S 188 4.67 -13.49 2.08
CA SER S 188 5.46 -14.63 2.53
C SER S 188 6.85 -14.19 2.95
N ARG S 189 7.50 -15.02 3.75
CA ARG S 189 8.80 -14.68 4.31
C ARG S 189 9.90 -15.25 3.42
N TYR S 190 10.94 -14.45 3.21
CA TYR S 190 11.95 -14.73 2.21
C TYR S 190 13.12 -15.50 2.82
N ALA S 191 13.99 -16.03 1.96
CA ALA S 191 15.18 -16.74 2.42
C ALA S 191 16.26 -16.65 1.37
N LEU S 192 17.49 -16.40 1.81
CA LEU S 192 18.61 -16.17 0.90
C LEU S 192 19.83 -16.96 1.37
N SER S 193 20.75 -17.19 0.43
CA SER S 193 21.91 -18.03 0.67
C SER S 193 23.14 -17.39 0.04
N SER S 194 24.31 -17.73 0.58
CA SER S 194 25.56 -17.20 0.06
C SER S 194 26.71 -18.15 0.40
N ARG S 195 27.82 -17.96 -0.31
CA ARG S 195 28.95 -18.89 -0.28
C ARG S 195 30.27 -18.15 -0.18
N LEU S 196 31.15 -18.60 0.71
CA LEU S 196 32.54 -18.16 0.76
C LEU S 196 33.42 -19.38 0.61
N ARG S 197 34.24 -19.40 -0.43
CA ARG S 197 35.12 -20.52 -0.73
C ARG S 197 36.55 -20.06 -0.55
N VAL S 198 37.34 -20.88 0.15
CA VAL S 198 38.74 -20.62 0.41
C VAL S 198 39.51 -21.91 0.17
N SER S 199 40.83 -21.84 0.34
CA SER S 199 41.61 -23.07 0.23
C SER S 199 41.34 -23.96 1.44
N ALA S 200 41.75 -25.22 1.33
CA ALA S 200 41.65 -26.12 2.48
C ALA S 200 42.66 -25.71 3.55
N THR S 201 43.89 -25.40 3.14
CA THR S 201 44.92 -24.98 4.09
C THR S 201 44.49 -23.74 4.86
N PHE S 202 43.67 -22.89 4.26
CA PHE S 202 43.20 -21.67 4.92
C PHE S 202 42.17 -22.02 5.98
N TRP S 203 41.17 -22.84 5.62
CA TRP S 203 40.16 -23.24 6.60
C TRP S 203 40.77 -23.99 7.76
N GLN S 204 41.91 -24.63 7.57
CA GLN S 204 42.52 -25.45 8.61
C GLN S 204 43.33 -24.65 9.62
N ASN S 205 43.29 -23.30 9.56
CA ASN S 205 44.07 -22.46 10.45
C ASN S 205 43.20 -21.81 11.52
N PRO S 206 43.41 -22.13 12.80
CA PRO S 206 42.50 -21.64 13.85
C PRO S 206 42.62 -20.16 14.13
N ARG S 207 43.68 -19.50 13.67
CA ARG S 207 43.82 -18.06 13.87
C ARG S 207 43.06 -17.27 12.82
N ASN S 208 42.33 -17.95 11.94
CA ASN S 208 41.60 -17.32 10.85
C ASN S 208 40.11 -17.36 11.18
N HIS S 209 39.45 -16.21 11.08
CA HIS S 209 38.10 -16.03 11.58
C HIS S 209 37.15 -15.70 10.42
N PHE S 210 36.09 -16.49 10.30
CA PHE S 210 35.10 -16.32 9.23
C PHE S 210 33.76 -15.94 9.83
N ARG S 211 33.14 -14.90 9.27
CA ARG S 211 31.85 -14.41 9.75
C ARG S 211 31.04 -13.89 8.57
N CYS S 212 29.81 -14.39 8.44
CA CYS S 212 28.86 -13.91 7.44
C CYS S 212 27.97 -12.83 8.07
N GLN S 213 27.84 -11.71 7.37
CA GLN S 213 27.12 -10.54 7.89
C GLN S 213 25.99 -10.18 6.94
N VAL S 214 24.78 -10.15 7.48
CA VAL S 214 23.57 -9.75 6.75
C VAL S 214 23.05 -8.46 7.37
N GLN S 215 22.99 -7.40 6.58
CA GLN S 215 22.33 -6.17 6.99
C GLN S 215 20.87 -6.19 6.58
N PHE S 216 20.00 -5.88 7.52
CA PHE S 216 18.56 -5.82 7.31
C PHE S 216 18.10 -4.37 7.41
N TYR S 217 17.27 -3.95 6.46
CA TYR S 217 16.73 -2.59 6.44
C TYR S 217 15.24 -2.74 6.74
N GLY S 218 14.84 -2.43 7.97
CA GLY S 218 13.46 -2.61 8.36
C GLY S 218 12.72 -1.30 8.58
N LEU S 219 12.36 -1.03 9.82
CA LEU S 219 11.60 0.15 10.17
C LEU S 219 12.51 1.17 10.83
N SER S 220 12.15 2.45 10.69
CA SER S 220 12.83 3.45 11.48
C SER S 220 12.28 3.41 12.90
N GLU S 221 12.91 4.19 13.79
CA GLU S 221 12.40 4.28 15.15
C GLU S 221 11.10 5.06 15.23
N ASN S 222 10.84 5.93 14.25
CA ASN S 222 9.65 6.77 14.24
C ASN S 222 8.36 5.95 14.13
N ASP S 223 8.41 4.79 13.48
CA ASP S 223 7.22 3.98 13.25
C ASP S 223 6.61 3.47 14.56
N GLU S 224 5.43 2.87 14.44
CA GLU S 224 4.63 2.42 15.56
C GLU S 224 4.72 0.89 15.65
N TRP S 225 5.11 0.38 16.82
CA TRP S 225 5.25 -1.06 17.01
C TRP S 225 4.38 -1.53 18.16
N THR S 226 3.51 -2.51 17.89
CA THR S 226 2.60 -3.04 18.91
C THR S 226 2.36 -4.54 18.70
N GLN S 227 3.44 -5.32 18.60
CA GLN S 227 3.34 -6.78 18.62
C GLN S 227 3.68 -7.37 19.99
N ASP S 228 4.25 -6.57 20.90
CA ASP S 228 4.87 -7.09 22.12
C ASP S 228 5.86 -8.23 21.79
N ARG S 229 6.37 -8.23 20.56
CA ARG S 229 7.23 -9.29 20.04
C ARG S 229 8.49 -8.74 19.40
N ALA S 230 9.11 -7.73 20.02
CA ALA S 230 10.43 -7.21 19.65
C ALA S 230 10.42 -6.46 18.32
N LYS S 231 10.66 -5.16 18.37
CA LYS S 231 10.56 -4.30 17.20
C LYS S 231 11.60 -4.66 16.13
N PRO S 232 11.18 -4.96 14.89
CA PRO S 232 12.13 -5.36 13.83
C PRO S 232 12.67 -4.19 13.04
N VAL S 233 13.79 -3.61 13.48
CA VAL S 233 14.34 -2.40 12.88
C VAL S 233 15.57 -2.73 12.06
N THR S 234 16.08 -1.71 11.36
CA THR S 234 17.33 -1.83 10.63
C THR S 234 18.44 -2.26 11.57
N GLN S 235 19.00 -3.43 11.31
CA GLN S 235 19.92 -4.09 12.23
C GLN S 235 20.88 -4.95 11.42
N ILE S 236 21.74 -5.68 12.14
CA ILE S 236 22.71 -6.59 11.54
C ILE S 236 22.62 -7.93 12.27
N VAL S 237 22.56 -9.02 11.49
CA VAL S 237 22.56 -10.37 12.03
C VAL S 237 23.73 -11.12 11.40
N SER S 238 24.62 -11.64 12.24
CA SER S 238 25.83 -12.31 11.79
C SER S 238 25.92 -13.70 12.40
N ALA S 239 26.84 -14.49 11.86
CA ALA S 239 27.20 -15.78 12.42
C ALA S 239 28.66 -16.08 12.08
N GLU S 240 29.34 -16.79 12.96
CA GLU S 240 30.79 -16.96 12.88
C GLU S 240 31.19 -18.43 12.84
N ALA S 241 32.48 -18.62 12.61
CA ALA S 241 33.17 -19.89 12.76
C ALA S 241 34.66 -19.62 12.64
N TRP S 242 35.46 -20.40 13.37
CA TRP S 242 36.91 -20.37 13.24
C TRP S 242 37.36 -21.66 12.56
N GLY S 243 38.56 -21.63 11.99
CA GLY S 243 39.07 -22.78 11.28
C GLY S 243 39.34 -23.95 12.20
N ARG S 244 39.32 -25.15 11.60
CA ARG S 244 39.46 -26.40 12.34
C ARG S 244 40.34 -27.34 11.52
N ALA S 245 41.51 -27.68 12.07
CA ALA S 245 42.46 -28.55 11.38
C ALA S 245 42.09 -30.03 11.52
N LYS T 4 5.39 4.27 -31.17
CA LYS T 4 6.54 4.91 -30.54
C LYS T 4 7.06 4.11 -29.36
N ILE T 5 8.00 3.21 -29.60
CA ILE T 5 8.49 2.29 -28.58
C ILE T 5 10.00 2.13 -28.75
N GLU T 6 10.58 1.31 -27.88
CA GLU T 6 12.03 1.09 -27.85
C GLU T 6 12.24 -0.34 -27.40
N GLN T 7 12.62 -1.21 -28.33
CA GLN T 7 12.74 -2.64 -28.05
C GLN T 7 14.20 -3.00 -27.87
N ASN T 8 14.50 -3.63 -26.74
CA ASN T 8 15.83 -4.16 -26.43
C ASN T 8 15.89 -5.62 -26.87
N SER T 9 16.44 -6.55 -26.08
CA SER T 9 16.37 -7.96 -26.36
C SER T 9 15.42 -8.60 -25.33
N GLU T 10 15.61 -9.87 -25.04
CA GLU T 10 14.89 -10.49 -23.90
C GLU T 10 15.75 -11.64 -23.38
N ALA T 11 16.57 -11.32 -22.38
CA ALA T 11 17.32 -12.29 -21.59
C ALA T 11 18.27 -13.11 -22.47
N LEU T 12 19.49 -12.60 -22.67
CA LEU T 12 20.47 -13.31 -23.47
C LEU T 12 21.63 -13.77 -22.59
N ASN T 13 22.36 -14.76 -23.09
CA ASN T 13 23.54 -15.26 -22.40
C ASN T 13 24.39 -16.07 -23.36
N ILE T 14 25.70 -15.99 -23.16
CA ILE T 14 26.68 -16.69 -23.98
C ILE T 14 27.77 -17.22 -23.08
N GLN T 15 28.72 -17.92 -23.67
CA GLN T 15 29.88 -18.45 -22.97
C GLN T 15 31.00 -17.42 -23.01
N GLU T 16 32.00 -17.62 -22.15
CA GLU T 16 33.23 -16.83 -22.20
C GLU T 16 33.83 -16.88 -23.59
N GLY T 17 34.68 -15.90 -23.92
CA GLY T 17 35.31 -15.83 -25.26
C GLY T 17 34.46 -15.35 -26.41
N LYS T 18 33.25 -15.92 -26.58
CA LYS T 18 32.31 -15.38 -27.56
C LYS T 18 32.03 -13.91 -27.29
N THR T 19 31.84 -13.15 -28.36
CA THR T 19 31.53 -11.75 -28.23
C THR T 19 30.01 -11.59 -28.09
N ALA T 20 29.59 -10.73 -27.17
CA ALA T 20 28.18 -10.56 -26.89
C ALA T 20 27.61 -9.46 -27.78
N THR T 21 26.42 -9.69 -28.31
CA THR T 21 25.71 -8.70 -29.11
C THR T 21 24.39 -8.38 -28.43
N LEU T 22 24.22 -7.12 -28.06
CA LEU T 22 22.98 -6.61 -27.49
C LEU T 22 22.36 -5.66 -28.50
N THR T 23 21.07 -5.81 -28.75
CA THR T 23 20.40 -5.00 -29.75
C THR T 23 19.42 -4.03 -29.08
N CYS T 24 19.23 -2.88 -29.72
CA CYS T 24 18.26 -1.88 -29.28
C CYS T 24 17.66 -1.28 -30.55
N ASN T 25 16.40 -1.59 -30.81
CA ASN T 25 15.67 -1.06 -31.94
C ASN T 25 14.60 -0.11 -31.43
N TYR T 26 14.41 0.99 -32.17
CA TYR T 26 13.38 1.95 -31.85
C TYR T 26 12.56 2.27 -33.09
N THR T 27 11.30 2.60 -32.86
CA THR T 27 10.38 2.96 -33.92
C THR T 27 9.71 4.27 -33.56
N ASN T 28 9.48 5.06 -34.59
CA ASN T 28 8.82 6.37 -34.44
C ASN T 28 9.59 7.19 -33.42
N TYR T 29 10.89 7.35 -33.68
CA TYR T 29 11.88 8.21 -32.98
C TYR T 29 12.97 8.55 -34.00
N SER T 30 13.81 9.54 -33.68
CA SER T 30 14.97 9.95 -34.52
C SER T 30 15.82 10.86 -33.65
N PRO T 31 16.96 10.41 -33.11
CA PRO T 31 17.65 11.18 -32.10
C PRO T 31 19.08 11.75 -32.14
N ALA T 32 19.89 11.39 -33.10
CA ALA T 32 21.27 11.88 -33.27
C ALA T 32 22.20 11.50 -32.13
N TYR T 33 21.73 10.90 -31.05
CA TYR T 33 22.62 10.44 -30.00
C TYR T 33 22.05 9.20 -29.33
N LEU T 34 22.86 8.14 -29.26
CA LEU T 34 22.58 6.94 -28.49
C LEU T 34 23.55 6.80 -27.33
N GLN T 35 23.07 6.15 -26.27
CA GLN T 35 23.88 5.90 -25.09
C GLN T 35 23.59 4.48 -24.61
N TRP T 36 24.61 3.85 -24.03
CA TRP T 36 24.50 2.51 -23.49
C TRP T 36 24.98 2.52 -22.05
N TYR T 37 24.29 1.76 -21.21
CA TYR T 37 24.54 1.76 -19.77
C TYR T 37 24.61 0.33 -19.28
N ARG T 38 25.30 0.16 -18.15
CA ARG T 38 25.45 -1.13 -17.50
C ARG T 38 24.94 -0.97 -16.07
N GLN T 39 23.88 -1.68 -15.74
CA GLN T 39 23.27 -1.57 -14.42
C GLN T 39 23.50 -2.88 -13.69
N ASP T 40 23.99 -2.77 -12.51
CA ASP T 40 24.15 -4.06 -11.88
C ASP T 40 23.00 -4.32 -10.92
N PRO T 41 22.61 -5.58 -10.76
CA PRO T 41 21.76 -5.93 -9.61
C PRO T 41 22.49 -5.47 -8.36
N GLY T 42 21.80 -4.67 -7.56
CA GLY T 42 22.46 -3.81 -6.61
C GLY T 42 22.48 -2.36 -7.03
N ARG T 43 21.69 -1.99 -8.06
CA ARG T 43 21.23 -0.62 -8.26
C ARG T 43 22.29 0.32 -8.82
N GLY T 44 21.88 1.28 -9.65
CA GLY T 44 22.77 2.31 -10.12
C GLY T 44 23.27 2.11 -11.54
N PRO T 45 22.59 2.71 -12.53
CA PRO T 45 23.11 2.68 -13.90
C PRO T 45 24.44 3.40 -14.00
N VAL T 46 25.33 2.88 -14.85
CA VAL T 46 26.63 3.50 -15.11
C VAL T 46 26.82 3.63 -16.62
N PHE T 47 27.30 4.80 -17.05
CA PHE T 47 27.40 5.10 -18.46
C PHE T 47 28.50 4.25 -19.11
N LEU T 48 28.35 3.99 -20.41
CA LEU T 48 29.31 3.16 -21.12
C LEU T 48 29.85 3.90 -22.34
N LEU T 49 29.08 3.94 -23.42
CA LEU T 49 29.47 4.63 -24.64
C LEU T 49 28.36 5.52 -25.15
N LEU T 50 28.72 6.36 -26.12
CA LEU T 50 27.86 7.44 -26.58
C LEU T 50 28.26 7.74 -28.02
N ILE T 51 27.37 7.47 -28.96
CA ILE T 51 27.67 7.55 -30.39
C ILE T 51 26.62 8.44 -31.06
N ARG T 52 27.09 9.42 -31.82
CA ARG T 52 26.17 10.31 -32.53
C ARG T 52 25.93 9.81 -33.95
N GLU T 53 24.95 10.44 -34.62
CA GLU T 53 24.38 9.84 -35.83
C GLU T 53 25.30 10.00 -37.05
N ASN T 54 26.07 11.08 -37.13
CA ASN T 54 26.99 11.23 -38.26
C ASN T 54 28.23 10.35 -38.13
N GLU T 55 28.44 9.75 -36.96
CA GLU T 55 29.51 8.77 -36.75
C GLU T 55 29.05 7.38 -37.19
N LYS T 56 30.01 6.45 -37.19
CA LYS T 56 29.70 5.04 -37.29
C LYS T 56 30.83 4.25 -36.63
N GLU T 57 30.45 3.28 -35.80
CA GLU T 57 31.36 2.50 -34.96
C GLU T 57 32.12 3.35 -33.95
N LYS T 58 32.18 2.87 -32.70
CA LYS T 58 32.97 3.50 -31.64
C LYS T 58 33.67 2.41 -30.85
N ARG T 59 34.98 2.58 -30.63
CA ARG T 59 35.80 1.54 -30.01
C ARG T 59 36.21 1.97 -28.62
N LYS T 60 36.05 1.07 -27.64
CA LYS T 60 36.60 1.28 -26.30
C LYS T 60 37.00 -0.10 -25.77
N GLU T 61 38.28 -0.43 -25.92
CA GLU T 61 38.80 -1.75 -25.53
C GLU T 61 37.88 -2.88 -25.96
N ARG T 62 37.18 -3.52 -25.03
CA ARG T 62 36.28 -4.60 -25.43
C ARG T 62 34.86 -4.12 -25.74
N LEU T 63 34.62 -2.82 -25.72
CA LEU T 63 33.30 -2.27 -26.02
C LEU T 63 33.28 -1.77 -27.46
N LYS T 64 32.27 -2.20 -28.20
CA LYS T 64 32.17 -1.94 -29.64
C LYS T 64 30.71 -1.65 -29.94
N VAL T 65 30.41 -0.41 -30.35
CA VAL T 65 29.02 0.00 -30.56
C VAL T 65 28.85 0.53 -31.97
N THR T 66 27.67 0.31 -32.53
CA THR T 66 27.32 0.76 -33.87
C THR T 66 26.00 1.51 -33.79
N PHE T 67 25.84 2.48 -34.68
CA PHE T 67 24.66 3.34 -34.71
C PHE T 67 24.23 3.50 -36.16
N ASP T 68 23.11 2.90 -36.52
CA ASP T 68 22.59 2.95 -37.89
C ASP T 68 21.46 3.99 -37.93
N THR T 69 21.76 5.13 -38.55
CA THR T 69 20.83 6.24 -38.60
C THR T 69 19.51 5.85 -39.27
N THR T 70 19.60 5.22 -40.44
CA THR T 70 18.42 4.96 -41.26
C THR T 70 17.66 3.72 -40.84
N LEU T 71 18.35 2.70 -40.33
CA LEU T 71 17.68 1.49 -39.87
C LEU T 71 17.00 1.65 -38.51
N LYS T 72 17.28 2.73 -37.78
CA LYS T 72 16.71 2.95 -36.45
C LYS T 72 17.09 1.79 -35.51
N GLN T 73 18.39 1.59 -35.36
CA GLN T 73 18.91 0.43 -34.64
C GLN T 73 20.33 0.72 -34.18
N SER T 74 20.64 0.28 -32.95
CA SER T 74 22.00 0.34 -32.42
C SER T 74 22.37 -1.02 -31.85
N LEU T 75 23.61 -1.43 -32.08
CA LEU T 75 24.12 -2.72 -31.64
C LEU T 75 25.29 -2.50 -30.69
N PHE T 76 25.30 -3.21 -29.58
CA PHE T 76 26.36 -3.10 -28.58
C PHE T 76 27.08 -4.44 -28.49
N HIS T 77 28.40 -4.41 -28.59
CA HIS T 77 29.21 -5.62 -28.67
C HIS T 77 30.26 -5.61 -27.57
N ILE T 78 30.22 -6.61 -26.70
CA ILE T 78 31.33 -6.92 -25.81
C ILE T 78 32.12 -8.07 -26.42
N THR T 79 33.39 -7.84 -26.71
CA THR T 79 34.29 -8.87 -27.17
C THR T 79 35.10 -9.43 -26.00
N ALA T 80 35.58 -10.66 -26.16
CA ALA T 80 36.37 -11.33 -25.13
C ALA T 80 35.63 -11.38 -23.80
N SER T 81 34.33 -11.71 -23.88
CA SER T 81 33.44 -11.55 -22.74
C SER T 81 33.91 -12.34 -21.52
N GLN T 82 33.84 -11.69 -20.36
CA GLN T 82 34.11 -12.23 -19.04
C GLN T 82 32.82 -12.43 -18.27
N PRO T 83 32.79 -13.32 -17.27
CA PRO T 83 31.66 -13.32 -16.35
C PRO T 83 31.55 -12.02 -15.56
N ALA T 84 32.66 -11.28 -15.41
CA ALA T 84 32.60 -9.94 -14.84
C ALA T 84 31.73 -9.01 -15.66
N ASP T 85 31.57 -9.28 -16.96
CA ASP T 85 30.72 -8.45 -17.81
C ASP T 85 29.23 -8.73 -17.58
N SER T 86 28.89 -9.77 -16.83
CA SER T 86 27.49 -10.16 -16.67
C SER T 86 26.75 -9.15 -15.81
N ALA T 87 25.76 -8.49 -16.42
CA ALA T 87 24.86 -7.53 -15.76
C ALA T 87 23.74 -7.25 -16.76
N THR T 88 22.90 -6.28 -16.44
CA THR T 88 21.88 -5.84 -17.37
C THR T 88 22.37 -4.60 -18.11
N TYR T 89 21.91 -4.43 -19.34
CA TYR T 89 22.41 -3.37 -20.21
C TYR T 89 21.24 -2.60 -20.79
N LEU T 90 21.31 -1.27 -20.66
CA LEU T 90 20.19 -0.40 -20.97
C LEU T 90 20.50 0.47 -22.18
N CYS T 91 19.50 0.64 -23.02
CA CYS T 91 19.52 1.54 -24.16
C CYS T 91 18.86 2.87 -23.79
N ALA T 92 19.33 3.95 -24.41
CA ALA T 92 18.79 5.27 -24.13
C ALA T 92 18.93 6.16 -25.34
N LEU T 93 17.84 6.82 -25.73
CA LEU T 93 17.87 7.76 -26.85
C LEU T 93 17.85 9.19 -26.34
N ASP T 94 18.37 10.10 -27.15
CA ASP T 94 18.47 11.52 -26.81
C ASP T 94 17.61 12.26 -27.84
N ILE T 95 16.37 12.52 -27.47
CA ILE T 95 15.40 13.17 -28.33
C ILE T 95 15.33 14.65 -27.99
N TYR T 96 15.24 15.49 -29.02
CA TYR T 96 15.21 16.93 -28.81
C TYR T 96 14.05 17.32 -27.90
N PRO T 97 14.26 18.25 -26.95
CA PRO T 97 15.53 18.95 -26.79
C PRO T 97 16.44 18.20 -25.82
N HIS T 98 15.85 17.59 -24.79
CA HIS T 98 16.60 16.98 -23.70
C HIS T 98 15.80 15.87 -23.03
N ASP T 99 15.02 15.12 -23.82
CA ASP T 99 14.28 13.97 -23.30
C ASP T 99 15.15 12.74 -23.46
N MET T 100 15.55 12.15 -22.35
CA MET T 100 16.41 10.97 -22.34
C MET T 100 15.53 9.76 -22.00
N ARG T 101 15.12 9.04 -23.03
CA ARG T 101 14.20 7.91 -22.90
C ARG T 101 14.97 6.60 -23.01
N PHE T 102 14.78 5.74 -22.00
CA PHE T 102 15.50 4.50 -21.85
C PHE T 102 14.68 3.33 -22.37
N GLY T 103 15.37 2.31 -22.89
CA GLY T 103 14.75 1.05 -23.18
C GLY T 103 14.60 0.22 -21.91
N ALA T 104 14.07 -0.99 -22.10
CA ALA T 104 14.00 -1.95 -21.00
C ALA T 104 15.38 -2.59 -20.83
N GLY T 105 15.46 -3.64 -20.04
CA GLY T 105 16.73 -4.31 -19.83
C GLY T 105 16.98 -5.40 -20.86
N THR T 106 18.25 -5.55 -21.21
CA THR T 106 18.79 -6.78 -21.79
C THR T 106 19.69 -7.38 -20.73
N ARG T 107 19.35 -8.58 -20.26
CA ARG T 107 20.11 -9.22 -19.21
C ARG T 107 21.18 -10.11 -19.82
N LEU T 108 22.44 -9.83 -19.51
CA LEU T 108 23.54 -10.66 -19.95
C LEU T 108 24.08 -11.43 -18.75
N THR T 109 24.39 -12.71 -18.98
CA THR T 109 25.11 -13.53 -18.02
C THR T 109 26.11 -14.36 -18.80
N VAL T 110 27.40 -14.13 -18.54
CA VAL T 110 28.46 -14.76 -19.30
C VAL T 110 28.90 -15.98 -18.49
N LYS T 111 28.44 -17.16 -18.92
CA LYS T 111 28.72 -18.43 -18.21
C LYS T 111 30.22 -18.63 -18.16
N PRO T 112 30.81 -19.12 -17.05
CA PRO T 112 32.25 -19.13 -16.91
C PRO T 112 32.95 -20.22 -17.71
N ASN T 113 34.28 -20.11 -17.78
CA ASN T 113 35.11 -21.13 -18.46
C ASN T 113 35.19 -22.33 -17.52
N ILE T 114 34.16 -23.17 -17.44
CA ILE T 114 34.30 -24.33 -16.53
C ILE T 114 35.49 -24.99 -17.24
N GLN T 115 36.63 -25.07 -16.54
CA GLN T 115 37.86 -25.72 -17.05
C GLN T 115 37.78 -27.24 -16.88
N ASN T 116 38.31 -27.76 -15.79
CA ASN T 116 38.22 -29.23 -15.56
C ASN T 116 37.19 -29.44 -14.45
N PRO T 117 35.93 -29.80 -14.77
CA PRO T 117 34.90 -29.96 -13.75
C PRO T 117 35.04 -31.15 -12.79
N ASP T 118 34.19 -31.17 -11.75
CA ASP T 118 34.24 -32.20 -10.73
C ASP T 118 32.94 -32.15 -9.92
N PRO T 119 31.80 -32.46 -10.53
CA PRO T 119 30.52 -32.24 -9.86
C PRO T 119 30.36 -33.16 -8.66
N ALA T 120 29.78 -32.62 -7.59
CA ALA T 120 29.66 -33.35 -6.34
C ALA T 120 28.57 -32.71 -5.49
N VAL T 121 28.05 -33.50 -4.55
CA VAL T 121 27.05 -33.03 -3.58
C VAL T 121 27.61 -33.30 -2.18
N TYR T 122 27.95 -32.24 -1.47
CA TYR T 122 28.52 -32.33 -0.12
C TYR T 122 27.45 -31.92 0.89
N GLN T 123 27.49 -32.53 2.08
CA GLN T 123 26.70 -32.05 3.21
C GLN T 123 27.57 -31.25 4.16
N LEU T 124 27.09 -30.08 4.55
CA LEU T 124 27.83 -29.18 5.42
C LEU T 124 27.48 -29.41 6.88
N ARG T 125 28.49 -29.27 7.74
CA ARG T 125 28.31 -29.50 9.16
C ARG T 125 27.25 -28.54 9.71
N ASP T 126 26.34 -29.07 10.52
CA ASP T 126 25.23 -28.28 11.04
C ASP T 126 25.70 -27.06 11.83
N SER T 127 24.92 -26.00 11.72
CA SER T 127 25.07 -24.87 12.64
C SER T 127 24.44 -25.23 13.98
N LYS T 128 25.11 -24.83 15.06
CA LYS T 128 24.55 -25.07 16.38
C LYS T 128 23.31 -24.23 16.66
N SER T 129 22.82 -23.44 15.69
CA SER T 129 21.73 -22.52 15.92
C SER T 129 20.58 -22.70 14.94
N SER T 130 20.62 -23.73 14.10
CA SER T 130 19.49 -24.05 13.24
C SER T 130 19.29 -25.55 13.21
N ASP T 131 18.06 -25.96 12.96
CA ASP T 131 17.66 -27.36 12.86
C ASP T 131 17.94 -27.94 11.48
N LYS T 132 18.34 -27.09 10.55
CA LYS T 132 18.44 -27.48 9.15
C LYS T 132 19.65 -28.38 8.93
N SER T 133 19.59 -29.13 7.83
CA SER T 133 20.76 -29.81 7.28
C SER T 133 20.93 -29.30 5.86
N VAL T 134 22.17 -29.04 5.47
CA VAL T 134 22.45 -28.29 4.25
C VAL T 134 23.38 -29.11 3.38
N CYS T 135 22.96 -29.36 2.14
CA CYS T 135 23.81 -29.96 1.13
C CYS T 135 24.20 -28.90 0.10
N LEU T 136 25.38 -29.08 -0.52
CA LEU T 136 25.89 -28.13 -1.48
C LEU T 136 26.32 -28.89 -2.73
N PHE T 137 25.76 -28.49 -3.87
CA PHE T 137 26.02 -29.09 -5.18
C PHE T 137 26.95 -28.17 -5.97
N THR T 138 28.13 -28.68 -6.34
CA THR T 138 29.19 -27.78 -6.80
C THR T 138 30.05 -28.38 -7.91
N ASP T 139 30.73 -27.48 -8.63
CA ASP T 139 31.84 -27.75 -9.56
C ASP T 139 31.47 -28.30 -10.95
N PHE T 140 30.32 -27.95 -11.48
CA PHE T 140 29.86 -28.43 -12.78
C PHE T 140 29.87 -27.32 -13.83
N ASP T 141 29.73 -27.74 -15.10
CA ASP T 141 29.69 -26.81 -16.22
C ASP T 141 28.29 -26.23 -16.41
N SER T 142 28.23 -25.16 -17.21
CA SER T 142 27.01 -24.38 -17.36
C SER T 142 25.88 -25.15 -18.05
N GLN T 143 26.16 -26.30 -18.68
CA GLN T 143 25.09 -27.12 -19.22
C GLN T 143 24.05 -27.45 -18.16
N THR T 144 24.51 -27.79 -16.97
CA THR T 144 23.62 -28.27 -15.93
C THR T 144 22.64 -27.18 -15.51
N ASN T 145 21.39 -27.57 -15.31
CA ASN T 145 20.35 -26.71 -14.77
C ASN T 145 19.93 -27.28 -13.44
N VAL T 146 19.57 -26.40 -12.51
CA VAL T 146 19.23 -26.81 -11.16
C VAL T 146 17.76 -26.47 -10.96
N SER T 147 16.98 -27.46 -10.56
CA SER T 147 15.55 -27.29 -10.37
C SER T 147 15.22 -27.31 -8.89
N GLN T 148 14.11 -26.67 -8.54
CA GLN T 148 13.59 -26.71 -7.20
C GLN T 148 13.12 -28.13 -6.87
N SER T 149 12.93 -28.40 -5.58
CA SER T 149 12.48 -29.71 -5.17
C SER T 149 10.96 -29.75 -5.11
N LYS T 150 10.40 -30.94 -5.31
CA LYS T 150 8.96 -31.12 -5.26
C LYS T 150 8.40 -31.14 -3.85
N ASP T 151 9.26 -31.32 -2.84
CA ASP T 151 8.79 -31.28 -1.46
C ASP T 151 8.42 -29.85 -1.09
N SER T 152 7.38 -29.71 -0.28
CA SER T 152 6.94 -28.38 0.12
C SER T 152 7.85 -27.75 1.16
N ASP T 153 8.52 -28.55 1.97
CA ASP T 153 9.40 -28.06 3.01
C ASP T 153 10.89 -28.18 2.66
N VAL T 154 11.21 -28.23 1.37
CA VAL T 154 12.60 -28.31 0.91
C VAL T 154 12.90 -27.16 -0.03
N TYR T 155 13.98 -26.43 0.26
CA TYR T 155 14.38 -25.26 -0.50
C TYR T 155 15.67 -25.54 -1.25
N ILE T 156 15.73 -25.08 -2.50
CA ILE T 156 16.88 -25.26 -3.37
C ILE T 156 17.04 -23.98 -4.18
N THR T 157 18.21 -23.37 -4.11
CA THR T 157 18.47 -22.10 -4.76
C THR T 157 19.13 -22.31 -6.11
N ASP T 158 18.93 -21.34 -7.00
CA ASP T 158 19.49 -21.45 -8.34
C ASP T 158 21.01 -21.30 -8.27
N LYS T 159 21.67 -21.83 -9.30
CA LYS T 159 23.13 -21.91 -9.33
C LYS T 159 23.76 -20.52 -9.38
N CYS T 160 25.08 -20.48 -9.23
CA CYS T 160 25.79 -19.22 -9.04
C CYS T 160 27.28 -19.41 -9.26
N VAL T 161 27.93 -18.33 -9.68
CA VAL T 161 29.34 -18.34 -10.08
C VAL T 161 30.21 -17.88 -8.91
N LEU T 162 31.48 -18.29 -8.93
CA LEU T 162 32.37 -18.15 -7.77
C LEU T 162 33.77 -17.79 -8.24
N ASP T 163 34.10 -16.50 -8.25
CA ASP T 163 35.41 -16.02 -8.70
C ASP T 163 36.42 -16.03 -7.55
N MET T 164 37.11 -17.17 -7.38
CA MET T 164 38.25 -17.27 -6.48
C MET T 164 39.45 -16.61 -7.16
N ARG T 165 39.42 -15.26 -7.16
CA ARG T 165 40.30 -14.47 -8.02
C ARG T 165 41.77 -14.84 -7.87
N SER T 166 42.24 -15.02 -6.63
CA SER T 166 43.66 -15.18 -6.35
C SER T 166 44.34 -16.22 -7.26
N MET T 167 43.66 -17.32 -7.57
CA MET T 167 44.29 -18.36 -8.40
C MET T 167 43.43 -18.70 -9.61
N ASP T 168 42.80 -17.68 -10.20
CA ASP T 168 42.04 -17.80 -11.46
C ASP T 168 41.18 -19.06 -11.48
N PHE T 169 40.24 -19.13 -10.55
CA PHE T 169 39.44 -20.33 -10.34
C PHE T 169 37.98 -19.94 -10.24
N LYS T 170 37.14 -20.61 -11.04
CA LYS T 170 35.68 -20.43 -10.97
C LYS T 170 35.01 -21.78 -10.84
N SER T 171 33.87 -21.79 -10.14
CA SER T 171 33.07 -23.01 -9.99
C SER T 171 31.63 -22.60 -9.69
N ASN T 172 30.71 -23.44 -10.14
CA ASN T 172 29.29 -23.23 -9.84
C ASN T 172 28.91 -23.96 -8.55
N SER T 173 27.80 -23.54 -7.96
CA SER T 173 27.31 -24.13 -6.72
C SER T 173 25.88 -23.68 -6.47
N ALA T 174 25.11 -24.57 -5.84
CA ALA T 174 23.73 -24.29 -5.45
C ALA T 174 23.43 -25.06 -4.18
N VAL T 175 22.66 -24.44 -3.28
CA VAL T 175 22.50 -24.89 -1.91
C VAL T 175 21.09 -25.42 -1.72
N ALA T 176 20.98 -26.54 -0.99
CA ALA T 176 19.70 -27.13 -0.64
C ALA T 176 19.68 -27.40 0.85
N TRP T 177 18.69 -26.85 1.55
CA TRP T 177 18.54 -27.07 2.99
C TRP T 177 17.09 -27.40 3.32
N SER T 178 16.92 -28.26 4.31
CA SER T 178 15.60 -28.56 4.85
C SER T 178 15.74 -29.17 6.24
N ASN T 179 14.65 -29.11 6.99
CA ASN T 179 14.61 -29.65 8.34
C ASN T 179 13.69 -30.85 8.47
N LYS T 180 13.12 -31.32 7.35
CA LYS T 180 12.35 -32.55 7.37
C LYS T 180 13.25 -33.73 7.72
N SER T 181 12.70 -34.67 8.50
CA SER T 181 13.48 -35.84 8.90
C SER T 181 13.85 -36.69 7.69
N ASP T 182 12.97 -36.76 6.69
CA ASP T 182 13.20 -37.54 5.49
C ASP T 182 14.08 -36.83 4.48
N PHE T 183 14.81 -35.80 4.87
CA PHE T 183 15.64 -35.05 3.93
C PHE T 183 17.09 -35.47 4.09
N ALA T 184 17.75 -35.69 2.96
CA ALA T 184 19.14 -36.12 2.93
C ALA T 184 19.72 -35.74 1.57
N CYS T 185 21.05 -35.72 1.51
CA CYS T 185 21.72 -35.24 0.29
C CYS T 185 21.47 -36.18 -0.88
N ALA T 186 21.57 -37.50 -0.65
CA ALA T 186 21.58 -38.47 -1.74
C ALA T 186 20.44 -38.27 -2.72
N ASN T 187 19.30 -37.74 -2.27
CA ASN T 187 18.27 -37.30 -3.23
C ASN T 187 17.47 -36.15 -2.61
N ALA T 188 18.05 -34.95 -2.69
CA ALA T 188 17.30 -33.72 -2.63
C ALA T 188 17.36 -32.96 -3.96
N PHE T 189 18.37 -33.29 -4.73
CA PHE T 189 18.51 -32.76 -6.11
C PHE T 189 17.95 -33.82 -7.05
N ASN T 190 16.91 -34.52 -6.59
CA ASN T 190 16.27 -35.60 -7.39
C ASN T 190 15.03 -35.05 -8.09
N ASN T 191 15.12 -33.83 -8.60
CA ASN T 191 14.06 -33.16 -9.41
C ASN T 191 14.85 -32.38 -10.43
N SER T 192 16.11 -32.77 -10.63
CA SER T 192 16.97 -32.05 -11.56
C SER T 192 17.79 -33.05 -12.36
N ILE T 193 18.22 -32.62 -13.55
CA ILE T 193 19.06 -33.45 -14.40
C ILE T 193 20.50 -33.29 -13.95
N ILE T 194 20.94 -34.16 -13.06
CA ILE T 194 22.30 -34.11 -12.52
C ILE T 194 23.24 -34.80 -13.50
N PRO T 195 24.42 -34.26 -13.76
CA PRO T 195 25.46 -35.06 -14.43
C PRO T 195 25.68 -36.35 -13.64
N GLU T 196 25.80 -37.46 -14.35
CA GLU T 196 25.81 -38.75 -13.65
C GLU T 196 27.08 -38.95 -12.83
N ASP T 197 28.23 -38.49 -13.32
CA ASP T 197 29.44 -38.72 -12.54
C ASP T 197 29.54 -37.66 -11.46
N THR T 198 28.45 -37.47 -10.73
CA THR T 198 28.40 -36.54 -9.62
C THR T 198 28.73 -37.32 -8.36
N PHE T 199 29.78 -36.91 -7.67
CA PHE T 199 30.32 -37.72 -6.59
C PHE T 199 29.54 -37.44 -5.31
N PHE T 200 29.10 -38.51 -4.65
CA PHE T 200 28.44 -38.41 -3.36
C PHE T 200 29.31 -39.18 -2.38
N PRO T 201 30.05 -38.50 -1.51
CA PRO T 201 30.86 -39.23 -0.53
C PRO T 201 29.95 -39.81 0.55
N SER T 202 30.53 -40.64 1.38
CA SER T 202 29.71 -41.30 2.38
C SER T 202 30.25 -40.96 3.75
N PRO T 203 29.41 -40.48 4.67
CA PRO T 203 29.78 -40.06 6.03
C PRO T 203 30.50 -41.13 6.83
#